data_9DL7
#
_entry.id   9DL7
#
_cell.length_a   101.135
_cell.length_b   101.867
_cell.length_c   126.557
_cell.angle_alpha   90.00
_cell.angle_beta   106.38
_cell.angle_gamma   90.00
#
_symmetry.space_group_name_H-M   'P 1 21 1'
#
loop_
_entity.id
_entity.type
_entity.pdbx_description
1 polymer 'Bifunctional protein PutA'
2 non-polymer 'FLAVIN-ADENINE DINUCLEOTIDE'
3 non-polymer DI(HYDROXYETHYL)ETHER
4 non-polymer 'TRIETHYLENE GLYCOL'
5 non-polymer 1-(4-fluorophenyl)thiourea
6 non-polymer 'FORMIC ACID'
7 non-polymer 'SULFATE ION'
8 water water
#
_entity_poly.entity_id   1
_entity_poly.type   'polypeptide(L)'
_entity_poly.pdbx_seq_one_letter_code
;SMMSPNPLQKPAIDAAPAPFADFAPPVRPQSTLRRAITAAYRRPETECLPPLVEAATQSKEIRDAAASTARKLIEALRGK
HSGSGVEGLVQEYSLSSQEGVALMCLAEALLRIPDTATRDALIRDKIADGNWKSHLGGSRSLFVNAATWGLVVTGKLTST
VNDRSLAAALTRLISRCGEPVIRRGVDMAMRMMGEQFVTGETIREALKRSKELEEKGFSYSYDMLGEAATTAADAERYYR
DYESAIHAIGKASAGRGIYEGPGISIKLSALHPRYSRAQAARVMGELLPRVKALALLAKNYDIGLNIDAEEADRLELSLD
LLEVLCLDGDLSGWNGMGFVVQAYGKRCPFVLDFIIDLARRSGRRIMVRLVKGAYWDAEIKRAQLDGLADFPVFTRKIHT
DVSYIACAAKLLAATDVVFPQFATHNAQTLAAIYHMAGKDFHVGKYEFQCLHGMGEPLYEEVVGRGKLDRPCRIYAPVGT
HETLLAYLVRRLLENGANSSFVHRINDPKVSIDELIADPVEVVRAMPVVGAKHDRIALPAELFGDARTNSAGLDLSNEET
LASLTEALRESAAMKWTALPQLATGPAAGETRTVLNPGDHRDVVGSVTETSEEDARRAVRLAADAAPDWAAVPPSERAAC
LDRAAELMQARMPTLLGLIIREAGKSALNAIAEVREAIDFLRYYAEQTRRTLGPGHGPLGPIVCISPWNFPLAIFTGQIA
AALVAGNPVLAKPAEETPLIAAEGVRILREAGIPASALQLLPGDGRVGAALVAAAETAGVMFTGSTEVARLIQAQLADRL
SPAGRPIPLIAETGGQNAMIVDSSALAEQVVGDVITSAFDSAGQRCSALRVLCLQEDVADRILTMLKGALHELHIGRTDR
LSVDVGPVITSEAKDNIEKHIERMRGLGRKVEQIGLASETGVGTFVPPTIIELEKLSDLQREVFGPVLHVIRYRRDDLDR
LVDDVNATGYGLTFGLHTRLDETIAHVTSRIKAGNLYINRNIIGAVVGVQPFGGRGLSGTGPKAGGPLYLGRLVTTAPVP
PQHSSVHTDPVLLDFAKWLDGKGARAEAEAARNAGSSSALGLDLELPGPVGERNLYTLHARGRILLVPATESGLYHQLAA
ALATGNSVAIDAASGLQASLKNLPQTVGLRVSWSKDWAADGPFAGALVEGDAERIRAVNKAIAALPGPLLLVQAASSGEI
ARNPDAYCLNWLVEEVSASINTAAAGGNASLMAIG
;
_entity_poly.pdbx_strand_id   A,B
#
loop_
_chem_comp.id
_chem_comp.type
_chem_comp.name
_chem_comp.formula
8P4 non-polymer 1-(4-fluorophenyl)thiourea 'C7 H7 F N2 S'
FAD non-polymer 'FLAVIN-ADENINE DINUCLEOTIDE' 'C27 H33 N9 O15 P2'
FMT non-polymer 'FORMIC ACID' 'C H2 O2'
PEG non-polymer DI(HYDROXYETHYL)ETHER 'C4 H10 O3'
PGE non-polymer 'TRIETHYLENE GLYCOL' 'C6 H14 O4'
SO4 non-polymer 'SULFATE ION' 'O4 S -2'
#
# COMPACT_ATOMS: atom_id res chain seq x y z
N ALA A 16 -46.59 -7.06 -38.82
CA ALA A 16 -45.19 -7.18 -38.43
C ALA A 16 -44.52 -5.81 -38.42
N PRO A 17 -44.18 -5.31 -37.24
CA PRO A 17 -43.58 -3.97 -37.15
C PRO A 17 -42.21 -3.94 -37.81
N ALA A 18 -41.97 -2.87 -38.57
CA ALA A 18 -40.68 -2.71 -39.23
C ALA A 18 -39.58 -2.63 -38.18
N PRO A 19 -38.45 -3.33 -38.39
CA PRO A 19 -37.38 -3.30 -37.37
C PRO A 19 -36.85 -1.90 -37.15
N PHE A 20 -36.76 -1.50 -35.87
CA PHE A 20 -36.16 -0.25 -35.41
C PHE A 20 -36.96 0.98 -35.82
N ALA A 21 -38.17 0.80 -36.36
CA ALA A 21 -38.96 1.97 -36.76
C ALA A 21 -39.37 2.81 -35.56
N ASP A 22 -39.37 2.25 -34.36
CA ASP A 22 -39.72 2.95 -33.13
C ASP A 22 -38.61 2.82 -32.09
N PHE A 23 -37.34 2.86 -32.52
CA PHE A 23 -36.24 2.53 -31.61
C PHE A 23 -36.22 3.46 -30.41
N ALA A 24 -36.17 4.77 -30.66
CA ALA A 24 -35.97 5.76 -29.60
C ALA A 24 -36.47 7.15 -30.00
N PRO A 25 -37.71 7.27 -30.48
CA PRO A 25 -38.20 8.59 -30.91
C PRO A 25 -38.17 9.57 -29.76
N PRO A 26 -37.72 10.80 -29.99
CA PRO A 26 -37.65 11.78 -28.89
C PRO A 26 -39.02 12.21 -28.42
N VAL A 27 -39.05 12.72 -27.19
CA VAL A 27 -40.30 13.22 -26.62
C VAL A 27 -40.89 14.32 -27.50
N ARG A 28 -40.05 15.22 -28.01
CA ARG A 28 -40.51 16.29 -28.89
C ARG A 28 -39.44 16.60 -29.91
N PRO A 29 -39.79 17.22 -31.03
CA PRO A 29 -38.76 17.69 -31.97
C PRO A 29 -37.80 18.64 -31.27
N GLN A 30 -36.52 18.50 -31.57
CA GLN A 30 -35.47 19.22 -30.84
C GLN A 30 -35.30 20.61 -31.43
N SER A 31 -35.64 21.63 -30.64
CA SER A 31 -35.48 23.01 -31.06
C SER A 31 -34.00 23.36 -31.23
N THR A 32 -33.75 24.47 -31.91
CA THR A 32 -32.40 25.04 -31.97
C THR A 32 -31.76 25.10 -30.59
N LEU A 33 -32.50 25.59 -29.59
CA LEU A 33 -31.94 25.73 -28.25
C LEU A 33 -31.66 24.39 -27.60
N ARG A 34 -32.52 23.40 -27.83
CA ARG A 34 -32.27 22.07 -27.29
C ARG A 34 -31.09 21.41 -27.97
N ARG A 35 -30.94 21.63 -29.29
CA ARG A 35 -29.81 21.05 -30.00
C ARG A 35 -28.49 21.65 -29.52
N ALA A 36 -28.48 22.93 -29.15
CA ALA A 36 -27.23 23.53 -28.68
C ALA A 36 -26.83 22.95 -27.31
N ILE A 37 -27.82 22.59 -26.50
CA ILE A 37 -27.55 21.84 -25.27
C ILE A 37 -26.88 20.51 -25.60
N THR A 38 -27.49 19.73 -26.49
CA THR A 38 -26.97 18.39 -26.76
C THR A 38 -25.57 18.44 -27.35
N ALA A 39 -25.32 19.42 -28.23
CA ALA A 39 -24.02 19.57 -28.85
C ALA A 39 -22.91 19.76 -27.82
N ALA A 40 -23.22 20.35 -26.67
CA ALA A 40 -22.24 20.65 -25.64
C ALA A 40 -22.04 19.53 -24.62
N TYR A 41 -22.75 18.41 -24.78
CA TYR A 41 -22.80 17.35 -23.77
C TYR A 41 -21.40 16.94 -23.31
N ARG A 42 -20.53 16.61 -24.25
CA ARG A 42 -19.18 16.14 -23.94
C ARG A 42 -18.12 16.96 -24.69
N ARG A 43 -18.36 18.25 -24.84
CA ARG A 43 -17.43 19.11 -25.57
C ARG A 43 -16.09 19.17 -24.85
N PRO A 44 -14.97 19.22 -25.58
CA PRO A 44 -13.65 19.32 -24.92
C PRO A 44 -13.57 20.47 -23.94
N GLU A 45 -12.92 20.20 -22.80
CA GLU A 45 -12.81 21.22 -21.76
C GLU A 45 -12.07 22.45 -22.26
N THR A 46 -11.07 22.28 -23.14
CA THR A 46 -10.37 23.42 -23.73
C THR A 46 -11.29 24.27 -24.62
N GLU A 47 -12.38 23.71 -25.12
CA GLU A 47 -13.32 24.51 -25.90
C GLU A 47 -14.39 25.14 -25.03
N CYS A 48 -14.72 24.52 -23.90
CA CYS A 48 -15.74 25.07 -23.00
C CYS A 48 -15.25 26.33 -22.29
N LEU A 49 -14.01 26.32 -21.82
CA LEU A 49 -13.60 27.31 -20.82
C LEU A 49 -13.44 28.73 -21.37
N PRO A 50 -12.84 28.96 -22.55
CA PRO A 50 -12.60 30.36 -22.99
C PRO A 50 -13.86 31.21 -23.02
N PRO A 51 -15.00 30.74 -23.56
CA PRO A 51 -16.20 31.57 -23.49
C PRO A 51 -16.72 31.75 -22.07
N LEU A 52 -16.50 30.78 -21.18
CA LEU A 52 -16.85 30.99 -19.78
C LEU A 52 -15.96 32.05 -19.16
N VAL A 53 -14.64 31.97 -19.39
CA VAL A 53 -13.73 33.00 -18.91
C VAL A 53 -14.17 34.39 -19.36
N GLU A 54 -14.51 34.53 -20.65
CA GLU A 54 -14.91 35.84 -21.15
C GLU A 54 -16.20 36.31 -20.48
N ALA A 55 -17.16 35.41 -20.31
CA ALA A 55 -18.45 35.78 -19.73
C ALA A 55 -18.33 36.14 -18.25
N ALA A 56 -17.37 35.53 -17.55
CA ALA A 56 -17.18 35.78 -16.12
C ALA A 56 -16.23 36.94 -15.85
N THR A 57 -15.73 37.61 -16.89
CA THR A 57 -14.74 38.66 -16.70
C THR A 57 -15.39 39.93 -16.19
N GLN A 58 -14.86 40.47 -15.10
CA GLN A 58 -15.37 41.68 -14.49
C GLN A 58 -14.28 42.74 -14.44
N SER A 59 -14.69 43.99 -14.26
CA SER A 59 -13.76 45.12 -14.29
C SER A 59 -12.78 45.04 -13.13
N LYS A 60 -11.66 45.75 -13.29
CA LYS A 60 -10.64 45.78 -12.25
C LYS A 60 -11.24 46.25 -10.92
N GLU A 61 -12.00 47.35 -10.94
CA GLU A 61 -12.61 47.87 -9.72
C GLU A 61 -13.52 46.83 -9.09
N ILE A 62 -14.34 46.15 -9.88
CA ILE A 62 -15.25 45.15 -9.34
C ILE A 62 -14.47 44.00 -8.72
N ARG A 63 -13.38 43.57 -9.38
CA ARG A 63 -12.58 42.50 -8.82
C ARG A 63 -11.92 42.92 -7.51
N ASP A 64 -11.49 44.18 -7.42
CA ASP A 64 -10.92 44.68 -6.16
C ASP A 64 -11.96 44.69 -5.05
N ALA A 65 -13.14 45.26 -5.32
CA ALA A 65 -14.20 45.27 -4.32
C ALA A 65 -14.61 43.86 -3.94
N ALA A 66 -14.69 42.95 -4.91
CA ALA A 66 -15.06 41.57 -4.60
C ALA A 66 -14.03 40.92 -3.67
N ALA A 67 -12.74 41.14 -3.92
CA ALA A 67 -11.72 40.55 -3.05
C ALA A 67 -11.79 41.11 -1.64
N SER A 68 -12.14 42.39 -1.51
CA SER A 68 -12.30 42.97 -0.17
C SER A 68 -13.49 42.36 0.56
N THR A 69 -14.63 42.25 -0.13
CA THR A 69 -15.81 41.66 0.50
C THR A 69 -15.56 40.21 0.92
N ALA A 70 -14.90 39.43 0.05
CA ALA A 70 -14.62 38.04 0.39
C ALA A 70 -13.64 37.94 1.56
N ARG A 71 -12.68 38.87 1.64
CA ARG A 71 -11.76 38.86 2.77
C ARG A 71 -12.48 39.18 4.07
N LYS A 72 -13.42 40.13 4.03
CA LYS A 72 -14.20 40.45 5.22
C LYS A 72 -15.05 39.26 5.66
N LEU A 73 -15.68 38.57 4.72
CA LEU A 73 -16.51 37.42 5.07
C LEU A 73 -15.67 36.27 5.62
N ILE A 74 -14.53 35.98 4.99
CA ILE A 74 -13.71 34.86 5.42
C ILE A 74 -13.07 35.14 6.76
N GLU A 75 -12.74 36.41 7.03
CA GLU A 75 -12.23 36.80 8.35
C GLU A 75 -13.29 36.60 9.43
N ALA A 76 -14.51 37.07 9.18
CA ALA A 76 -15.61 36.81 10.11
C ALA A 76 -15.78 35.32 10.36
N LEU A 77 -15.76 34.52 9.28
CA LEU A 77 -15.95 33.08 9.42
C LEU A 77 -14.88 32.45 10.30
N ARG A 78 -13.63 32.86 10.14
CA ARG A 78 -12.55 32.26 10.90
C ARG A 78 -12.51 32.75 12.34
N GLY A 79 -13.13 33.89 12.63
CA GLY A 79 -13.18 34.38 13.99
C GLY A 79 -14.41 33.90 14.75
N LYS A 80 -14.85 32.67 14.48
CA LYS A 80 -15.98 32.07 15.19
C LYS A 80 -16.10 30.60 14.81
N GLY A 85 -17.23 20.49 18.14
CA GLY A 85 -18.32 19.59 18.50
C GLY A 85 -17.80 18.20 18.79
N VAL A 86 -17.83 17.32 17.78
CA VAL A 86 -17.20 16.01 17.95
C VAL A 86 -15.74 16.19 18.32
N GLU A 87 -15.10 17.26 17.85
CA GLU A 87 -13.69 17.48 18.14
C GLU A 87 -13.46 17.73 19.62
N GLY A 88 -14.40 18.44 20.28
CA GLY A 88 -14.29 18.65 21.70
C GLY A 88 -14.48 17.37 22.50
N LEU A 89 -15.32 16.46 22.01
CA LEU A 89 -15.51 15.18 22.68
C LEU A 89 -14.25 14.32 22.55
N VAL A 90 -13.71 14.23 21.34
CA VAL A 90 -12.45 13.51 21.13
C VAL A 90 -11.36 14.06 22.03
N GLN A 91 -11.28 15.38 22.14
CA GLN A 91 -10.26 15.99 22.98
C GLN A 91 -10.50 15.67 24.45
N GLU A 92 -11.75 15.81 24.91
CA GLU A 92 -12.01 15.69 26.34
C GLU A 92 -11.69 14.31 26.86
N TYR A 93 -11.97 13.27 26.07
CA TYR A 93 -11.76 11.91 26.52
C TYR A 93 -10.54 11.26 25.91
N SER A 94 -9.69 12.05 25.25
CA SER A 94 -8.44 11.55 24.65
C SER A 94 -8.72 10.37 23.72
N LEU A 95 -9.76 10.49 22.93
CA LEU A 95 -10.18 9.44 22.02
C LEU A 95 -9.30 9.42 20.79
N SER A 96 -8.97 8.22 20.32
CA SER A 96 -8.40 8.07 19.00
C SER A 96 -9.50 8.23 17.96
N SER A 97 -9.10 8.31 16.69
CA SER A 97 -10.07 8.44 15.60
C SER A 97 -11.01 7.23 15.58
N GLN A 98 -10.46 6.03 15.67
CA GLN A 98 -11.33 4.85 15.66
C GLN A 98 -12.26 4.82 16.88
N GLU A 99 -11.79 5.29 18.04
CA GLU A 99 -12.67 5.32 19.21
C GLU A 99 -13.80 6.32 19.02
N GLY A 100 -13.50 7.51 18.49
CA GLY A 100 -14.55 8.46 18.21
C GLY A 100 -15.60 7.89 17.25
N VAL A 101 -15.14 7.22 16.18
CA VAL A 101 -16.07 6.60 15.24
C VAL A 101 -16.90 5.53 15.93
N ALA A 102 -16.23 4.65 16.69
CA ALA A 102 -16.95 3.58 17.36
C ALA A 102 -17.96 4.12 18.36
N LEU A 103 -17.56 5.15 19.11
CA LEU A 103 -18.47 5.79 20.05
C LEU A 103 -19.71 6.31 19.34
N MET A 104 -19.54 7.00 18.22
CA MET A 104 -20.69 7.54 17.51
C MET A 104 -21.57 6.43 16.95
N CYS A 105 -20.96 5.31 16.52
CA CYS A 105 -21.77 4.17 16.08
C CYS A 105 -22.57 3.60 17.24
N LEU A 106 -21.97 3.59 18.44
CA LEU A 106 -22.68 3.09 19.60
C LEU A 106 -23.80 4.03 19.99
N ALA A 107 -23.53 5.34 19.95
CA ALA A 107 -24.57 6.32 20.25
C ALA A 107 -25.73 6.19 19.27
N GLU A 108 -25.43 6.06 17.97
CA GLU A 108 -26.48 5.87 16.98
C GLU A 108 -27.39 4.70 17.36
N ALA A 109 -26.78 3.56 17.71
CA ALA A 109 -27.56 2.37 18.02
C ALA A 109 -28.37 2.55 19.30
N LEU A 110 -27.79 3.21 20.31
CA LEU A 110 -28.53 3.50 21.53
C LEU A 110 -29.72 4.41 21.25
N LEU A 111 -29.55 5.37 20.35
CA LEU A 111 -30.65 6.26 19.99
C LEU A 111 -31.76 5.56 19.22
N ARG A 112 -31.49 4.38 18.67
CA ARG A 112 -32.57 3.59 18.06
C ARG A 112 -33.50 2.99 19.10
N ILE A 113 -33.05 2.85 20.34
CA ILE A 113 -33.93 2.44 21.44
C ILE A 113 -34.98 3.53 21.64
N PRO A 114 -36.28 3.20 21.54
CA PRO A 114 -37.30 4.26 21.57
C PRO A 114 -37.36 5.04 22.88
N ASP A 115 -37.50 4.34 24.00
CA ASP A 115 -37.80 4.98 25.28
C ASP A 115 -36.52 5.46 25.97
N THR A 116 -36.50 6.74 26.35
CA THR A 116 -35.30 7.34 26.93
C THR A 116 -34.88 6.62 28.21
N ALA A 117 -35.82 6.38 29.12
CA ALA A 117 -35.46 5.73 30.37
C ALA A 117 -34.93 4.31 30.14
N THR A 118 -35.44 3.62 29.13
CA THR A 118 -34.91 2.30 28.78
C THR A 118 -33.46 2.41 28.32
N ARG A 119 -33.20 3.34 27.41
CA ARG A 119 -31.83 3.57 26.93
C ARG A 119 -30.89 3.89 28.08
N ASP A 120 -31.32 4.80 28.97
CA ASP A 120 -30.48 5.18 30.11
C ASP A 120 -30.24 4.00 31.04
N ALA A 121 -31.22 3.10 31.17
CA ALA A 121 -31.05 1.91 31.99
C ALA A 121 -30.06 0.95 31.35
N LEU A 122 -30.12 0.79 30.02
CA LEU A 122 -29.19 -0.09 29.34
C LEU A 122 -27.77 0.45 29.43
N ILE A 123 -27.61 1.77 29.34
CA ILE A 123 -26.29 2.37 29.46
C ILE A 123 -25.72 2.13 30.85
N ARG A 124 -26.50 2.44 31.89
CA ARG A 124 -26.01 2.33 33.26
C ARG A 124 -25.78 0.88 33.67
N ASP A 125 -26.71 -0.02 33.33
CA ASP A 125 -26.70 -1.37 33.86
C ASP A 125 -26.11 -2.42 32.93
N LYS A 126 -25.77 -2.07 31.70
CA LYS A 126 -25.28 -3.08 30.77
C LYS A 126 -24.17 -2.58 29.85
N ILE A 127 -24.40 -1.47 29.15
CA ILE A 127 -23.41 -0.99 28.18
C ILE A 127 -22.14 -0.53 28.90
N ALA A 128 -22.28 0.35 29.90
CA ALA A 128 -21.13 0.87 30.62
C ALA A 128 -20.35 -0.22 31.35
N ASP A 129 -20.88 -1.43 31.45
CA ASP A 129 -20.19 -2.55 32.06
C ASP A 129 -19.43 -3.38 31.04
N GLY A 130 -19.28 -2.88 29.81
CA GLY A 130 -18.61 -3.60 28.74
C GLY A 130 -19.50 -4.51 27.93
N ASN A 131 -20.62 -4.95 28.49
CA ASN A 131 -21.54 -5.84 27.78
C ASN A 131 -22.31 -5.09 26.71
N TRP A 132 -21.60 -4.55 25.72
CA TRP A 132 -22.25 -3.80 24.64
C TRP A 132 -22.64 -4.71 23.48
N LYS A 133 -21.92 -5.82 23.28
CA LYS A 133 -22.26 -6.75 22.22
C LYS A 133 -23.62 -7.40 22.49
N SER A 134 -23.92 -7.67 23.76
CA SER A 134 -25.10 -8.46 24.12
C SER A 134 -26.39 -7.80 23.64
N HIS A 135 -26.55 -6.50 23.91
CA HIS A 135 -27.83 -5.84 23.68
C HIS A 135 -27.99 -5.29 22.26
N LEU A 136 -26.90 -4.91 21.61
CA LEU A 136 -27.00 -4.23 20.33
C LEU A 136 -26.19 -4.94 19.24
N ARG A 140 -27.64 -7.02 13.17
CA ARG A 140 -26.79 -6.15 12.38
C ARG A 140 -25.64 -5.59 13.22
N SER A 141 -24.49 -5.41 12.57
CA SER A 141 -23.33 -4.82 13.23
C SER A 141 -23.66 -3.43 13.77
N LEU A 142 -23.05 -3.10 14.92
CA LEU A 142 -23.06 -1.73 15.41
C LEU A 142 -22.50 -0.76 14.39
N PHE A 143 -21.61 -1.23 13.52
CA PHE A 143 -20.75 -0.37 12.74
C PHE A 143 -21.19 -0.25 11.28
N VAL A 144 -22.46 -0.53 11.00
CA VAL A 144 -22.92 -0.53 9.61
C VAL A 144 -22.75 0.84 8.98
N ASN A 145 -22.87 1.92 9.75
CA ASN A 145 -22.78 3.28 9.25
C ASN A 145 -21.47 3.96 9.65
N ALA A 146 -20.46 3.17 10.00
CA ALA A 146 -19.18 3.72 10.45
C ALA A 146 -18.52 4.58 9.38
N ALA A 147 -18.72 4.27 8.11
CA ALA A 147 -18.12 5.07 7.04
C ALA A 147 -18.58 6.53 7.15
N THR A 148 -19.87 6.73 7.45
CA THR A 148 -20.40 8.07 7.62
C THR A 148 -19.81 8.74 8.84
N TRP A 149 -19.79 8.05 9.98
CA TRP A 149 -19.17 8.61 11.17
C TRP A 149 -17.67 8.81 10.99
N GLY A 150 -17.01 7.92 10.26
CA GLY A 150 -15.62 8.15 9.92
C GLY A 150 -15.42 9.47 9.21
N LEU A 151 -16.29 9.79 8.25
CA LEU A 151 -16.19 11.06 7.55
C LEU A 151 -16.44 12.23 8.50
N VAL A 152 -17.42 12.07 9.39
CA VAL A 152 -17.68 13.09 10.42
C VAL A 152 -16.45 13.29 11.30
N VAL A 153 -15.83 12.20 11.75
CA VAL A 153 -14.78 12.31 12.77
C VAL A 153 -13.44 12.71 12.16
N THR A 154 -13.10 12.14 10.99
CA THR A 154 -11.77 12.30 10.44
C THR A 154 -11.73 13.10 9.15
N GLY A 155 -12.87 13.36 8.52
CA GLY A 155 -12.86 14.00 7.22
C GLY A 155 -12.44 13.11 6.08
N LYS A 156 -12.25 11.81 6.33
CA LYS A 156 -11.85 10.87 5.30
C LYS A 156 -12.96 9.83 5.11
N LEU A 157 -13.17 9.42 3.87
CA LEU A 157 -14.20 8.45 3.54
C LEU A 157 -13.56 7.13 3.14
N THR A 158 -14.17 6.03 3.58
CA THR A 158 -13.81 4.70 3.12
C THR A 158 -15.08 4.00 2.66
N SER A 159 -14.95 3.09 1.69
CA SER A 159 -16.14 2.39 1.22
C SER A 159 -16.59 1.32 2.20
N THR A 160 -15.64 0.67 2.86
CA THR A 160 -15.95 -0.36 3.84
C THR A 160 -15.28 -0.04 5.18
N VAL A 161 -15.66 -0.83 6.17
CA VAL A 161 -15.52 -0.49 7.58
C VAL A 161 -14.68 -1.57 8.24
N ASN A 162 -13.65 -1.16 8.98
CA ASN A 162 -12.85 -2.17 9.70
C ASN A 162 -13.54 -2.42 11.03
N ASP A 163 -14.48 -3.37 11.02
CA ASP A 163 -15.31 -3.58 12.20
C ASP A 163 -14.55 -4.23 13.35
N ARG A 164 -13.46 -4.95 13.07
CA ARG A 164 -12.67 -5.49 14.17
C ARG A 164 -11.90 -4.41 14.87
N SER A 165 -11.37 -3.44 14.11
CA SER A 165 -10.73 -2.28 14.70
C SER A 165 -11.71 -1.47 15.53
N LEU A 166 -12.92 -1.26 15.01
CA LEU A 166 -13.91 -0.47 15.73
C LEU A 166 -14.40 -1.20 16.98
N ALA A 167 -14.56 -2.52 16.90
CA ALA A 167 -14.99 -3.26 18.08
C ALA A 167 -13.93 -3.22 19.18
N ALA A 168 -12.66 -3.37 18.80
CA ALA A 168 -11.57 -3.18 19.77
C ALA A 168 -11.58 -1.78 20.36
N ALA A 169 -11.79 -0.76 19.51
CA ALA A 169 -11.77 0.61 20.01
C ALA A 169 -12.92 0.85 20.98
N LEU A 170 -14.10 0.32 20.66
CA LEU A 170 -15.26 0.54 21.53
C LEU A 170 -15.05 -0.12 22.89
N THR A 171 -14.59 -1.36 22.90
CA THR A 171 -14.25 -2.03 24.16
C THR A 171 -13.21 -1.22 24.95
N ARG A 172 -12.15 -0.77 24.26
CA ARG A 172 -11.10 -0.01 24.92
C ARG A 172 -11.66 1.25 25.58
N LEU A 173 -12.44 2.04 24.82
CA LEU A 173 -12.86 3.33 25.36
C LEU A 173 -13.88 3.15 26.47
N ILE A 174 -14.75 2.15 26.38
CA ILE A 174 -15.70 1.92 27.46
C ILE A 174 -14.97 1.45 28.72
N SER A 175 -14.01 0.53 28.57
CA SER A 175 -13.29 0.03 29.73
C SER A 175 -12.47 1.13 30.40
N ARG A 176 -12.06 2.14 29.64
CA ARG A 176 -11.21 3.23 30.12
C ARG A 176 -12.02 4.38 30.71
N CYS A 177 -13.12 4.75 30.06
CA CYS A 177 -13.86 5.95 30.44
C CYS A 177 -15.25 5.69 30.98
N GLY A 178 -15.82 4.51 30.73
CA GLY A 178 -17.10 4.17 31.37
C GLY A 178 -18.31 4.96 30.88
N GLU A 179 -19.36 4.93 31.71
CA GLU A 179 -20.62 5.60 31.38
C GLU A 179 -20.48 7.06 30.97
N PRO A 180 -19.63 7.89 31.60
CA PRO A 180 -19.56 9.30 31.19
C PRO A 180 -19.31 9.52 29.70
N VAL A 181 -18.45 8.71 29.07
CA VAL A 181 -18.19 8.95 27.67
C VAL A 181 -19.34 8.44 26.80
N ILE A 182 -20.06 7.40 27.25
CA ILE A 182 -21.22 6.91 26.51
C ILE A 182 -22.33 7.96 26.52
N ARG A 183 -22.60 8.54 27.69
CA ARG A 183 -23.61 9.60 27.78
C ARG A 183 -23.26 10.79 26.91
N ARG A 184 -22.00 11.21 26.90
CA ARG A 184 -21.58 12.32 26.04
C ARG A 184 -21.71 11.96 24.56
N GLY A 185 -21.34 10.74 24.18
CA GLY A 185 -21.54 10.34 22.80
C GLY A 185 -22.99 10.39 22.40
N VAL A 186 -23.87 9.86 23.25
CA VAL A 186 -25.30 9.85 22.94
C VAL A 186 -25.82 11.27 22.74
N ASP A 187 -25.41 12.19 23.61
CA ASP A 187 -25.86 13.58 23.47
C ASP A 187 -25.35 14.19 22.17
N MET A 188 -24.10 13.90 21.81
CA MET A 188 -23.54 14.45 20.58
C MET A 188 -24.27 13.91 19.35
N ALA A 189 -24.47 12.59 19.30
CA ALA A 189 -25.11 12.00 18.12
C ALA A 189 -26.55 12.50 18.00
N MET A 190 -27.21 12.75 19.12
CA MET A 190 -28.60 13.19 19.09
C MET A 190 -28.72 14.61 18.54
N ARG A 191 -27.81 15.50 18.91
CA ARG A 191 -27.81 16.85 18.37
C ARG A 191 -27.45 16.85 16.89
N MET A 192 -26.51 15.99 16.49
CA MET A 192 -26.07 16.01 15.10
C MET A 192 -27.12 15.42 14.18
N MET A 193 -27.73 14.30 14.57
CA MET A 193 -28.68 13.62 13.70
C MET A 193 -30.06 14.26 13.69
N GLY A 194 -30.47 14.86 14.81
CA GLY A 194 -31.81 15.41 14.89
C GLY A 194 -31.89 16.91 14.67
N GLU A 195 -30.72 17.58 14.69
CA GLU A 195 -30.69 19.04 14.62
C GLU A 195 -29.68 19.61 13.63
N GLN A 196 -28.59 18.91 13.35
CA GLN A 196 -27.51 19.39 12.47
C GLN A 196 -27.58 18.78 11.07
N PHE A 197 -27.74 17.47 10.99
CA PHE A 197 -27.86 16.83 9.68
C PHE A 197 -29.21 17.13 9.06
N VAL A 198 -30.26 17.16 9.86
CA VAL A 198 -31.58 17.52 9.38
C VAL A 198 -32.05 18.72 10.16
N THR A 199 -32.86 19.54 9.50
CA THR A 199 -33.56 20.60 10.22
C THR A 199 -34.56 20.01 11.20
N GLY A 200 -35.21 18.92 10.80
CA GLY A 200 -36.17 18.27 11.67
C GLY A 200 -36.38 16.84 11.22
N GLU A 201 -36.89 16.04 12.15
CA GLU A 201 -37.21 14.64 11.87
C GLU A 201 -38.47 14.53 11.00
N THR A 202 -39.41 15.46 11.16
CA THR A 202 -40.62 15.52 10.37
C THR A 202 -40.79 16.94 9.84
N ILE A 203 -41.61 17.10 8.81
CA ILE A 203 -41.87 18.44 8.29
C ILE A 203 -42.45 19.33 9.38
N ARG A 204 -43.29 18.77 10.24
CA ARG A 204 -43.84 19.55 11.34
C ARG A 204 -42.75 20.07 12.26
N GLU A 205 -41.80 19.18 12.63
CA GLU A 205 -40.70 19.59 13.49
C GLU A 205 -39.80 20.60 12.80
N ALA A 206 -39.46 20.35 11.53
CA ALA A 206 -38.60 21.27 10.81
C ALA A 206 -39.24 22.65 10.70
N LEU A 207 -40.55 22.69 10.45
CA LEU A 207 -41.24 23.98 10.34
C LEU A 207 -41.19 24.75 11.65
N LYS A 208 -41.28 24.04 12.78
CA LYS A 208 -41.21 24.73 14.07
C LYS A 208 -39.82 25.30 14.30
N ARG A 209 -38.79 24.61 13.81
CA ARG A 209 -37.42 25.06 14.02
C ARG A 209 -36.99 26.14 13.03
N SER A 210 -37.75 26.39 11.97
CA SER A 210 -37.42 27.42 11.00
C SER A 210 -37.81 28.82 11.45
N LYS A 211 -38.71 28.94 12.43
CA LYS A 211 -39.21 30.26 12.82
C LYS A 211 -38.07 31.19 13.23
N GLU A 212 -37.03 30.65 13.88
CA GLU A 212 -35.97 31.48 14.42
C GLU A 212 -35.22 32.23 13.32
N LEU A 213 -34.65 31.49 12.37
CA LEU A 213 -33.88 32.15 11.32
C LEU A 213 -34.77 32.86 10.31
N GLU A 214 -36.04 32.47 10.20
CA GLU A 214 -36.97 33.25 9.38
C GLU A 214 -37.17 34.64 9.96
N GLU A 215 -37.23 34.74 11.30
CA GLU A 215 -37.36 36.04 11.94
C GLU A 215 -36.09 36.89 11.75
N LYS A 216 -34.96 36.27 11.40
CA LYS A 216 -33.73 36.99 11.09
C LYS A 216 -33.54 37.26 9.60
N GLY A 217 -34.50 36.86 8.76
CA GLY A 217 -34.46 37.21 7.34
C GLY A 217 -34.09 36.08 6.39
N PHE A 218 -33.96 34.85 6.88
CA PHE A 218 -33.78 33.72 6.00
C PHE A 218 -35.12 33.20 5.52
N SER A 219 -35.08 32.38 4.48
CA SER A 219 -36.22 31.58 4.04
C SER A 219 -35.75 30.14 3.97
N TYR A 220 -36.68 29.24 3.63
CA TYR A 220 -36.42 27.81 3.67
C TYR A 220 -36.95 27.13 2.42
N SER A 221 -36.25 26.07 2.04
CA SER A 221 -36.73 25.09 1.07
C SER A 221 -36.51 23.71 1.67
N TYR A 222 -37.58 22.93 1.82
CA TYR A 222 -37.51 21.68 2.55
C TYR A 222 -37.30 20.52 1.59
N ASP A 223 -36.36 19.63 1.94
CA ASP A 223 -36.03 18.45 1.16
C ASP A 223 -36.41 17.22 1.96
N MET A 224 -37.42 16.49 1.47
CA MET A 224 -37.94 15.32 2.16
C MET A 224 -37.10 14.07 1.92
N LEU A 225 -35.95 14.22 1.27
CA LEU A 225 -34.87 13.23 1.21
C LEU A 225 -35.20 12.00 0.39
N GLY A 226 -36.32 11.99 -0.34
CA GLY A 226 -36.56 10.89 -1.27
C GLY A 226 -35.68 10.99 -2.49
N GLU A 227 -35.19 9.84 -2.96
CA GLU A 227 -34.56 9.76 -4.27
C GLU A 227 -34.38 8.29 -4.66
N ALA A 228 -34.27 8.09 -5.97
CA ALA A 228 -33.93 6.79 -6.56
C ALA A 228 -34.90 5.70 -6.07
N ALA A 229 -36.18 5.94 -6.32
CA ALA A 229 -37.17 4.90 -6.06
C ALA A 229 -36.85 3.64 -6.86
N THR A 230 -36.96 2.50 -6.18
CA THR A 230 -36.69 1.18 -6.75
C THR A 230 -37.96 0.45 -7.20
N THR A 231 -39.10 0.72 -6.57
CA THR A 231 -40.34 0.02 -6.84
C THR A 231 -41.45 1.05 -7.02
N ALA A 232 -42.57 0.60 -7.58
CA ALA A 232 -43.78 1.44 -7.60
C ALA A 232 -44.17 1.88 -6.19
N ALA A 233 -44.03 0.99 -5.20
CA ALA A 233 -44.43 1.36 -3.84
C ALA A 233 -43.53 2.44 -3.27
N ASP A 234 -42.23 2.38 -3.57
CA ASP A 234 -41.33 3.42 -3.09
C ASP A 234 -41.68 4.76 -3.71
N ALA A 235 -41.97 4.78 -5.01
CA ALA A 235 -42.31 6.03 -5.67
C ALA A 235 -43.58 6.61 -5.09
N GLU A 236 -44.56 5.75 -4.80
CA GLU A 236 -45.81 6.21 -4.20
C GLU A 236 -45.57 6.72 -2.78
N ARG A 237 -44.71 6.06 -2.01
CA ARG A 237 -44.38 6.54 -0.67
C ARG A 237 -43.73 7.92 -0.73
N TYR A 238 -42.77 8.11 -1.63
CA TYR A 238 -42.17 9.43 -1.77
C TYR A 238 -43.20 10.46 -2.24
N TYR A 239 -44.10 10.07 -3.16
CA TYR A 239 -45.14 10.99 -3.60
C TYR A 239 -45.99 11.43 -2.42
N ARG A 240 -46.45 10.49 -1.60
CA ARG A 240 -47.35 10.93 -0.55
C ARG A 240 -46.60 11.72 0.52
N ASP A 241 -45.30 11.47 0.68
CA ASP A 241 -44.47 12.31 1.55
C ASP A 241 -44.38 13.74 1.04
N TYR A 242 -44.13 13.90 -0.27
CA TYR A 242 -44.10 15.23 -0.88
C TYR A 242 -45.44 15.95 -0.73
N GLU A 243 -46.53 15.24 -1.02
CA GLU A 243 -47.85 15.84 -0.94
C GLU A 243 -48.14 16.33 0.47
N SER A 244 -47.82 15.51 1.48
CA SER A 244 -48.08 15.90 2.87
C SER A 244 -47.18 17.07 3.27
N ALA A 245 -45.92 17.06 2.84
CA ALA A 245 -45.05 18.20 3.11
C ALA A 245 -45.56 19.47 2.46
N ILE A 246 -46.06 19.39 1.22
CA ILE A 246 -46.54 20.60 0.55
C ILE A 246 -47.69 21.23 1.34
N HIS A 247 -48.61 20.39 1.84
CA HIS A 247 -49.70 20.93 2.67
C HIS A 247 -49.15 21.56 3.94
N ALA A 248 -48.21 20.89 4.60
CA ALA A 248 -47.65 21.41 5.83
C ALA A 248 -46.91 22.73 5.59
N ILE A 249 -46.09 22.77 4.53
CA ILE A 249 -45.35 23.98 4.20
C ILE A 249 -46.31 25.10 3.78
N GLY A 250 -47.30 24.78 2.95
CA GLY A 250 -48.25 25.80 2.53
C GLY A 250 -49.09 26.35 3.66
N LYS A 251 -49.41 25.51 4.66
CA LYS A 251 -50.13 25.99 5.83
C LYS A 251 -49.27 26.94 6.66
N ALA A 252 -48.00 26.57 6.84
CA ALA A 252 -47.07 27.41 7.56
C ALA A 252 -46.75 28.68 6.79
N SER A 253 -46.66 28.59 5.46
CA SER A 253 -46.36 29.77 4.65
C SER A 253 -47.38 30.85 4.90
N ALA A 254 -48.66 30.47 4.99
CA ALA A 254 -49.74 31.39 5.35
C ALA A 254 -49.76 32.62 4.45
N GLY A 255 -49.60 32.40 3.15
CA GLY A 255 -49.72 33.47 2.18
C GLY A 255 -48.52 34.37 2.04
N ARG A 256 -47.34 33.96 2.51
CA ARG A 256 -46.16 34.79 2.35
C ARG A 256 -45.64 34.82 0.92
N GLY A 257 -46.06 33.89 0.07
CA GLY A 257 -45.65 33.90 -1.32
C GLY A 257 -44.34 33.16 -1.51
N ILE A 258 -43.92 33.11 -2.77
CA ILE A 258 -42.83 32.22 -3.16
C ILE A 258 -41.45 32.78 -2.83
N TYR A 259 -41.32 34.08 -2.57
CA TYR A 259 -40.02 34.67 -2.30
C TYR A 259 -39.75 34.77 -0.82
N GLU A 260 -40.69 35.32 -0.04
CA GLU A 260 -40.52 35.43 1.39
C GLU A 260 -40.93 34.17 2.15
N GLY A 261 -41.77 33.32 1.55
CA GLY A 261 -42.24 32.13 2.22
C GLY A 261 -41.43 30.90 1.86
N PRO A 262 -41.67 29.81 2.58
CA PRO A 262 -40.91 28.58 2.35
C PRO A 262 -41.43 27.83 1.13
N GLY A 263 -40.54 26.99 0.59
CA GLY A 263 -40.88 26.11 -0.50
C GLY A 263 -40.39 24.70 -0.29
N ILE A 264 -40.51 23.87 -1.33
CA ILE A 264 -40.14 22.47 -1.27
C ILE A 264 -39.24 22.17 -2.45
N SER A 265 -38.35 21.18 -2.27
CA SER A 265 -37.48 20.66 -3.31
C SER A 265 -37.77 19.17 -3.48
N ILE A 266 -37.89 18.73 -4.73
CA ILE A 266 -38.23 17.35 -5.04
C ILE A 266 -37.19 16.80 -6.00
N LYS A 267 -37.01 15.50 -5.97
CA LYS A 267 -36.17 14.81 -6.93
C LYS A 267 -37.07 13.94 -7.81
N LEU A 268 -36.94 14.08 -9.13
CA LEU A 268 -37.79 13.32 -10.02
C LEU A 268 -37.56 11.81 -9.88
N SER A 269 -36.31 11.40 -9.59
CA SER A 269 -36.03 9.98 -9.41
C SER A 269 -36.76 9.39 -8.22
N ALA A 270 -37.25 10.21 -7.28
CA ALA A 270 -38.05 9.69 -6.19
C ALA A 270 -39.46 9.31 -6.64
N LEU A 271 -39.92 9.84 -7.77
CA LEU A 271 -41.33 9.74 -8.14
C LEU A 271 -41.63 8.68 -9.18
N HIS A 272 -40.61 8.00 -9.72
CA HIS A 272 -40.88 6.94 -10.65
C HIS A 272 -39.69 5.99 -10.57
N PRO A 273 -39.91 4.67 -10.54
CA PRO A 273 -38.76 3.74 -10.46
C PRO A 273 -37.96 3.64 -11.75
N ARG A 274 -38.50 4.08 -12.88
CA ARG A 274 -37.76 3.99 -14.13
C ARG A 274 -37.59 5.37 -14.75
N TYR A 275 -36.97 6.27 -14.02
CA TYR A 275 -36.74 7.63 -14.52
C TYR A 275 -35.46 7.64 -15.35
N SER A 276 -35.62 7.54 -16.66
CA SER A 276 -34.46 7.50 -17.55
C SER A 276 -34.91 7.76 -18.98
N ARG A 277 -33.96 8.18 -19.81
CA ARG A 277 -34.25 8.44 -21.21
C ARG A 277 -34.76 7.17 -21.91
N ALA A 278 -34.21 6.00 -21.57
CA ALA A 278 -34.67 4.78 -22.21
C ALA A 278 -36.14 4.53 -21.96
N GLN A 279 -36.67 5.05 -20.86
CA GLN A 279 -38.07 4.88 -20.47
C GLN A 279 -38.85 6.18 -20.62
N ALA A 280 -38.49 7.00 -21.61
CA ALA A 280 -39.05 8.34 -21.73
C ALA A 280 -40.56 8.30 -21.85
N ALA A 281 -41.09 7.32 -22.59
CA ALA A 281 -42.55 7.20 -22.73
C ALA A 281 -43.21 7.05 -21.37
N ARG A 282 -42.69 6.15 -20.52
CA ARG A 282 -43.28 5.98 -19.20
C ARG A 282 -43.07 7.22 -18.34
N VAL A 283 -41.94 7.91 -18.52
CA VAL A 283 -41.68 9.12 -17.77
C VAL A 283 -42.71 10.19 -18.10
N MET A 284 -42.98 10.40 -19.39
CA MET A 284 -43.98 11.41 -19.75
C MET A 284 -45.41 10.97 -19.39
N GLY A 285 -45.70 9.67 -19.49
CA GLY A 285 -47.05 9.20 -19.21
C GLY A 285 -47.35 9.00 -17.74
N GLU A 286 -46.34 8.71 -16.92
CA GLU A 286 -46.60 8.33 -15.53
C GLU A 286 -45.96 9.26 -14.51
N LEU A 287 -44.73 9.70 -14.75
CA LEU A 287 -44.08 10.60 -13.81
C LEU A 287 -44.58 12.04 -13.98
N LEU A 288 -44.72 12.51 -15.22
CA LEU A 288 -45.16 13.89 -15.46
C LEU A 288 -46.48 14.22 -14.77
N PRO A 289 -47.55 13.42 -14.90
CA PRO A 289 -48.79 13.78 -14.18
C PRO A 289 -48.62 13.87 -12.67
N ARG A 290 -47.69 13.11 -12.09
CA ARG A 290 -47.42 13.20 -10.66
C ARG A 290 -46.77 14.52 -10.30
N VAL A 291 -45.75 14.94 -11.04
CA VAL A 291 -45.16 16.24 -10.77
C VAL A 291 -46.21 17.34 -10.96
N LYS A 292 -47.05 17.21 -11.99
CA LYS A 292 -48.11 18.19 -12.18
C LYS A 292 -49.05 18.25 -10.98
N ALA A 293 -49.41 17.10 -10.41
CA ALA A 293 -50.33 17.14 -9.26
C ALA A 293 -49.68 17.83 -8.06
N LEU A 294 -48.38 17.58 -7.84
CA LEU A 294 -47.67 18.26 -6.76
C LEU A 294 -47.56 19.76 -7.02
N ALA A 295 -47.25 20.13 -8.27
CA ALA A 295 -47.13 21.54 -8.61
C ALA A 295 -48.47 22.26 -8.45
N LEU A 296 -49.57 21.58 -8.79
CA LEU A 296 -50.90 22.18 -8.58
C LEU A 296 -51.16 22.48 -7.11
N LEU A 297 -50.74 21.59 -6.21
CA LEU A 297 -50.89 21.84 -4.78
C LEU A 297 -49.98 22.99 -4.33
N ALA A 298 -48.74 23.02 -4.83
CA ALA A 298 -47.87 24.16 -4.52
C ALA A 298 -48.46 25.45 -5.07
N LYS A 299 -49.08 25.39 -6.27
CA LYS A 299 -49.75 26.57 -6.81
C LYS A 299 -50.84 27.07 -5.87
N ASN A 300 -51.64 26.15 -5.33
CA ASN A 300 -52.79 26.56 -4.51
CA ASN A 300 -52.78 26.61 -4.54
C ASN A 300 -52.35 27.24 -3.22
N TYR A 301 -51.20 26.87 -2.67
CA TYR A 301 -50.65 27.53 -1.48
C TYR A 301 -49.68 28.64 -1.82
N ASP A 302 -49.29 28.78 -3.09
CA ASP A 302 -48.35 29.79 -3.57
C ASP A 302 -47.00 29.68 -2.88
N ILE A 303 -46.41 28.48 -2.99
CA ILE A 303 -45.09 28.21 -2.46
C ILE A 303 -44.21 27.78 -3.61
N GLY A 304 -42.91 27.83 -3.39
CA GLY A 304 -41.99 27.35 -4.39
C GLY A 304 -41.96 25.83 -4.45
N LEU A 305 -41.76 25.31 -5.67
CA LEU A 305 -41.56 23.88 -5.89
C LEU A 305 -40.38 23.77 -6.83
N ASN A 306 -39.30 23.23 -6.31
CA ASN A 306 -38.03 23.18 -7.03
C ASN A 306 -37.74 21.75 -7.44
N ILE A 307 -37.38 21.57 -8.70
CA ILE A 307 -36.95 20.27 -9.23
C ILE A 307 -35.44 20.20 -9.13
N ASP A 308 -34.94 19.32 -8.25
CA ASP A 308 -33.51 19.16 -8.04
C ASP A 308 -32.88 18.48 -9.25
N ALA A 309 -31.58 18.74 -9.44
CA ALA A 309 -30.84 18.20 -10.55
C ALA A 309 -30.03 16.98 -10.10
N GLU A 310 -29.99 15.97 -10.97
CA GLU A 310 -29.39 14.71 -10.60
C GLU A 310 -28.29 14.35 -11.60
N GLU A 311 -28.24 13.10 -12.05
CA GLU A 311 -27.12 12.68 -12.88
C GLU A 311 -27.21 13.33 -14.26
N ALA A 312 -26.05 13.39 -14.93
CA ALA A 312 -25.98 14.08 -16.22
C ALA A 312 -26.90 13.47 -17.26
N ASP A 313 -27.17 12.16 -17.20
CA ASP A 313 -27.97 11.54 -18.25
C ASP A 313 -29.47 11.74 -18.02
N ARG A 314 -29.83 12.47 -16.97
CA ARG A 314 -31.20 12.86 -16.71
C ARG A 314 -31.46 14.34 -16.96
N LEU A 315 -30.42 15.14 -17.23
CA LEU A 315 -30.60 16.57 -17.43
C LEU A 315 -31.64 16.86 -18.52
N GLU A 316 -31.36 16.37 -19.74
CA GLU A 316 -32.16 16.82 -20.87
C GLU A 316 -33.56 16.22 -20.84
N LEU A 317 -33.71 15.01 -20.28
CA LEU A 317 -35.05 14.48 -20.01
C LEU A 317 -35.83 15.35 -19.03
N SER A 318 -35.18 15.82 -17.97
CA SER A 318 -35.89 16.70 -17.04
C SER A 318 -36.33 18.00 -17.71
N LEU A 319 -35.66 18.41 -18.77
CA LEU A 319 -36.09 19.61 -19.50
C LEU A 319 -37.42 19.37 -20.22
N ASP A 320 -37.63 18.16 -20.73
CA ASP A 320 -38.91 17.89 -21.38
C ASP A 320 -40.06 18.00 -20.39
N LEU A 321 -39.84 17.56 -19.14
CA LEU A 321 -40.88 17.73 -18.13
C LEU A 321 -41.06 19.19 -17.77
N LEU A 322 -39.95 19.93 -17.63
CA LEU A 322 -40.06 21.35 -17.30
C LEU A 322 -40.86 22.10 -18.36
N GLU A 323 -40.63 21.76 -19.64
CA GLU A 323 -41.30 22.43 -20.73
C GLU A 323 -42.81 22.17 -20.71
N VAL A 324 -43.21 20.91 -20.49
CA VAL A 324 -44.63 20.60 -20.43
C VAL A 324 -45.28 21.33 -19.26
N LEU A 325 -44.66 21.27 -18.08
CA LEU A 325 -45.24 21.90 -16.91
C LEU A 325 -45.37 23.42 -17.12
N CYS A 326 -44.33 24.05 -17.64
CA CYS A 326 -44.39 25.50 -17.79
C CYS A 326 -45.40 25.93 -18.85
N LEU A 327 -45.73 25.06 -19.79
CA LEU A 327 -46.71 25.38 -20.82
C LEU A 327 -48.11 24.89 -20.45
N ASP A 328 -48.27 24.21 -19.32
CA ASP A 328 -49.56 23.65 -18.94
C ASP A 328 -50.44 24.75 -18.34
N GLY A 329 -51.59 25.00 -18.98
CA GLY A 329 -52.45 26.10 -18.53
C GLY A 329 -53.00 25.93 -17.13
N ASP A 330 -53.15 24.69 -16.67
CA ASP A 330 -53.65 24.47 -15.32
C ASP A 330 -52.72 25.04 -14.26
N LEU A 331 -51.45 25.27 -14.59
CA LEU A 331 -50.48 25.80 -13.63
C LEU A 331 -50.28 27.31 -13.76
N SER A 332 -51.07 27.97 -14.61
CA SER A 332 -50.87 29.38 -14.88
C SER A 332 -51.15 30.22 -13.64
N GLY A 333 -50.52 31.40 -13.57
CA GLY A 333 -50.72 32.32 -12.47
C GLY A 333 -49.84 32.08 -11.26
N TRP A 334 -48.91 31.14 -11.36
CA TRP A 334 -48.04 30.75 -10.26
C TRP A 334 -46.62 30.75 -10.78
N ASN A 335 -45.72 31.47 -10.11
CA ASN A 335 -44.32 31.57 -10.50
C ASN A 335 -43.40 30.75 -9.59
N GLY A 336 -43.96 29.80 -8.85
CA GLY A 336 -43.19 29.06 -7.87
C GLY A 336 -42.39 27.90 -8.42
N MET A 337 -42.56 27.55 -9.70
CA MET A 337 -41.83 26.43 -10.28
CA MET A 337 -41.83 26.44 -10.27
C MET A 337 -40.35 26.76 -10.38
N GLY A 338 -39.51 25.87 -9.83
CA GLY A 338 -38.08 26.09 -9.82
C GLY A 338 -37.35 24.90 -10.42
N PHE A 339 -36.12 25.17 -10.86
CA PHE A 339 -35.32 24.18 -11.57
C PHE A 339 -33.85 24.43 -11.29
N VAL A 340 -33.12 23.36 -10.94
CA VAL A 340 -31.70 23.43 -10.65
C VAL A 340 -30.90 23.19 -11.94
N VAL A 341 -29.86 23.99 -12.12
CA VAL A 341 -28.86 23.77 -13.17
C VAL A 341 -27.48 23.67 -12.49
N GLN A 342 -26.65 22.74 -12.97
CA GLN A 342 -25.38 22.42 -12.32
C GLN A 342 -24.24 23.07 -13.09
N ALA A 343 -23.53 23.98 -12.45
CA ALA A 343 -22.45 24.68 -13.14
C ALA A 343 -21.26 23.78 -13.41
N TYR A 344 -21.12 22.65 -12.71
CA TYR A 344 -20.00 21.81 -13.13
C TYR A 344 -20.27 21.09 -14.45
N GLY A 345 -21.43 21.29 -15.04
CA GLY A 345 -21.82 20.60 -16.27
C GLY A 345 -21.50 21.45 -17.48
N LYS A 346 -21.00 20.81 -18.54
CA LYS A 346 -20.61 21.53 -19.74
C LYS A 346 -21.79 22.14 -20.48
N ARG A 347 -23.00 21.68 -20.23
CA ARG A 347 -24.17 22.19 -20.92
C ARG A 347 -24.80 23.38 -20.22
N CYS A 348 -24.35 23.68 -19.01
CA CYS A 348 -25.04 24.65 -18.15
C CYS A 348 -25.44 25.95 -18.83
N PRO A 349 -24.57 26.68 -19.54
CA PRO A 349 -25.02 27.95 -20.13
C PRO A 349 -26.07 27.77 -21.22
N PHE A 350 -26.01 26.67 -21.98
CA PHE A 350 -27.00 26.41 -22.99
C PHE A 350 -28.31 25.95 -22.38
N VAL A 351 -28.23 25.24 -21.25
CA VAL A 351 -29.44 24.93 -20.48
C VAL A 351 -30.07 26.21 -19.99
N LEU A 352 -29.25 27.14 -19.52
CA LEU A 352 -29.80 28.42 -19.06
C LEU A 352 -30.44 29.20 -20.21
N ASP A 353 -29.80 29.21 -21.39
CA ASP A 353 -30.43 29.85 -22.55
C ASP A 353 -31.82 29.26 -22.80
N PHE A 354 -31.91 27.93 -22.75
CA PHE A 354 -33.19 27.27 -23.01
C PHE A 354 -34.22 27.65 -21.95
N ILE A 355 -33.81 27.68 -20.68
CA ILE A 355 -34.77 27.96 -19.60
C ILE A 355 -35.25 29.39 -19.68
N ILE A 356 -34.34 30.33 -19.96
CA ILE A 356 -34.73 31.74 -20.04
C ILE A 356 -35.71 31.95 -21.18
N ASP A 357 -35.49 31.29 -22.32
CA ASP A 357 -36.42 31.34 -23.44
C ASP A 357 -37.75 30.69 -23.09
N LEU A 358 -37.71 29.57 -22.37
CA LEU A 358 -38.95 28.95 -21.91
C LEU A 358 -39.70 29.89 -20.98
N ALA A 359 -38.97 30.59 -20.10
CA ALA A 359 -39.62 31.56 -19.23
C ALA A 359 -40.31 32.66 -20.03
N ARG A 360 -39.65 33.16 -21.09
CA ARG A 360 -40.26 34.19 -21.92
C ARG A 360 -41.50 33.67 -22.64
N ARG A 361 -41.40 32.47 -23.24
CA ARG A 361 -42.53 31.91 -23.99
C ARG A 361 -43.73 31.67 -23.09
N SER A 362 -43.50 31.07 -21.94
CA SER A 362 -44.59 30.69 -21.04
C SER A 362 -45.10 31.86 -20.24
N GLY A 363 -44.30 32.92 -20.09
CA GLY A 363 -44.68 33.99 -19.17
C GLY A 363 -44.50 33.65 -17.70
N ARG A 364 -43.82 32.56 -17.37
CA ARG A 364 -43.58 32.17 -15.99
C ARG A 364 -42.16 32.56 -15.59
N ARG A 365 -42.02 33.20 -14.44
CA ARG A 365 -40.72 33.61 -13.94
C ARG A 365 -40.07 32.42 -13.24
N ILE A 366 -39.36 31.60 -14.02
CA ILE A 366 -38.85 30.34 -13.49
C ILE A 366 -37.81 30.63 -12.42
N MET A 367 -37.92 29.93 -11.29
CA MET A 367 -36.90 30.03 -10.25
C MET A 367 -35.76 29.10 -10.65
N VAL A 368 -34.56 29.66 -10.84
CA VAL A 368 -33.43 28.88 -11.33
C VAL A 368 -32.40 28.83 -10.22
N ARG A 369 -32.18 27.65 -9.67
CA ARG A 369 -31.18 27.49 -8.61
C ARG A 369 -29.88 27.09 -9.28
N LEU A 370 -28.88 27.95 -9.20
CA LEU A 370 -27.56 27.66 -9.76
C LEU A 370 -26.73 27.00 -8.67
N VAL A 371 -26.24 25.78 -8.94
CA VAL A 371 -25.39 25.05 -8.01
C VAL A 371 -24.15 24.64 -8.78
N LYS A 372 -23.15 24.15 -8.05
CA LYS A 372 -22.00 23.59 -8.74
C LYS A 372 -22.29 22.14 -9.17
N GLY A 373 -22.57 21.25 -8.23
CA GLY A 373 -23.03 19.91 -8.56
C GLY A 373 -22.53 18.86 -7.58
N ALA A 374 -23.35 17.83 -7.36
CA ALA A 374 -23.17 16.90 -6.26
C ALA A 374 -22.74 15.49 -6.68
N TYR A 375 -22.62 15.22 -7.98
CA TYR A 375 -22.40 13.85 -8.44
C TYR A 375 -21.07 13.68 -9.15
N TRP A 376 -20.09 14.55 -8.88
CA TRP A 376 -18.88 14.61 -9.69
C TRP A 376 -18.19 13.24 -9.81
N ASP A 377 -17.87 12.62 -8.67
CA ASP A 377 -17.18 11.32 -8.67
C ASP A 377 -17.91 10.30 -9.51
N ALA A 378 -19.22 10.23 -9.35
CA ALA A 378 -20.00 9.24 -10.09
C ALA A 378 -20.01 9.53 -11.58
N GLU A 379 -19.97 10.82 -11.98
CA GLU A 379 -19.93 11.15 -13.40
C GLU A 379 -18.61 10.72 -14.02
N ILE A 380 -17.50 10.98 -13.32
CA ILE A 380 -16.19 10.56 -13.84
C ILE A 380 -16.18 9.06 -14.04
N LYS A 381 -16.60 8.30 -13.02
CA LYS A 381 -16.58 6.84 -13.10
C LYS A 381 -17.48 6.34 -14.22
N ARG A 382 -18.67 6.90 -14.35
CA ARG A 382 -19.61 6.41 -15.35
C ARG A 382 -19.09 6.62 -16.77
N ALA A 383 -18.51 7.80 -17.04
CA ALA A 383 -18.02 8.08 -18.38
C ALA A 383 -16.89 7.13 -18.73
N GLN A 384 -16.02 6.85 -17.76
CA GLN A 384 -14.95 5.88 -17.99
C GLN A 384 -15.51 4.49 -18.25
N LEU A 385 -16.48 4.04 -17.45
CA LEU A 385 -17.06 2.72 -17.69
C LEU A 385 -17.67 2.60 -19.08
N ASP A 386 -18.33 3.66 -19.55
CA ASP A 386 -19.08 3.61 -20.80
C ASP A 386 -18.22 3.96 -22.01
N GLY A 387 -16.95 4.26 -21.81
CA GLY A 387 -16.05 4.52 -22.94
C GLY A 387 -16.48 5.69 -23.80
N LEU A 388 -16.99 6.74 -23.17
CA LEU A 388 -17.54 7.84 -23.92
C LEU A 388 -16.44 8.83 -24.28
N ALA A 389 -16.78 9.74 -25.21
CA ALA A 389 -15.78 10.63 -25.79
C ALA A 389 -15.12 11.51 -24.75
N ASP A 390 -15.88 11.98 -23.77
CA ASP A 390 -15.36 12.90 -22.77
C ASP A 390 -16.33 12.87 -21.60
N PHE A 391 -16.02 13.66 -20.59
CA PHE A 391 -16.87 13.80 -19.42
C PHE A 391 -17.94 14.85 -19.67
N PRO A 392 -19.10 14.67 -19.04
CA PRO A 392 -20.17 15.68 -19.09
C PRO A 392 -20.02 16.76 -18.03
N VAL A 393 -18.96 16.68 -17.23
CA VAL A 393 -18.65 17.66 -16.20
C VAL A 393 -17.21 18.08 -16.39
N PHE A 394 -16.86 19.20 -15.79
CA PHE A 394 -15.47 19.63 -15.77
C PHE A 394 -14.66 18.69 -14.88
N THR A 395 -13.34 18.65 -15.12
CA THR A 395 -12.46 17.82 -14.32
C THR A 395 -11.56 18.62 -13.39
N ARG A 396 -11.53 19.94 -13.51
CA ARG A 396 -10.83 20.81 -12.58
C ARG A 396 -11.85 21.63 -11.81
N LYS A 397 -11.71 21.66 -10.48
CA LYS A 397 -12.66 22.40 -9.65
C LYS A 397 -12.70 23.87 -10.03
N ILE A 398 -11.56 24.44 -10.43
CA ILE A 398 -11.55 25.86 -10.76
C ILE A 398 -12.35 26.14 -12.03
N HIS A 399 -12.49 25.14 -12.92
CA HIS A 399 -13.32 25.34 -14.10
C HIS A 399 -14.78 25.46 -13.72
N THR A 400 -15.22 24.61 -12.79
CA THR A 400 -16.57 24.71 -12.24
C THR A 400 -16.81 26.10 -11.64
N ASP A 401 -15.81 26.66 -10.93
CA ASP A 401 -15.97 27.99 -10.36
C ASP A 401 -16.14 29.06 -11.44
N VAL A 402 -15.34 28.99 -12.51
CA VAL A 402 -15.50 29.94 -13.61
C VAL A 402 -16.85 29.76 -14.28
N SER A 403 -17.24 28.50 -14.50
CA SER A 403 -18.56 28.22 -15.07
C SER A 403 -19.66 28.84 -14.22
N TYR A 404 -19.57 28.68 -12.89
CA TYR A 404 -20.59 29.22 -12.00
C TYR A 404 -20.71 30.74 -12.14
N ILE A 405 -19.57 31.44 -12.11
CA ILE A 405 -19.59 32.89 -12.25
C ILE A 405 -20.12 33.29 -13.63
N ALA A 406 -19.69 32.56 -14.66
CA ALA A 406 -20.16 32.86 -16.01
C ALA A 406 -21.68 32.70 -16.11
N CYS A 407 -22.20 31.62 -15.53
CA CYS A 407 -23.63 31.37 -15.61
C CYS A 407 -24.42 32.34 -14.73
N ALA A 408 -23.84 32.74 -13.60
CA ALA A 408 -24.47 33.77 -12.77
C ALA A 408 -24.59 35.08 -13.52
N ALA A 409 -23.57 35.44 -14.31
CA ALA A 409 -23.66 36.63 -15.15
C ALA A 409 -24.83 36.54 -16.11
N LYS A 410 -25.03 35.38 -16.73
CA LYS A 410 -26.14 35.22 -17.65
C LYS A 410 -27.47 35.36 -16.91
N LEU A 411 -27.54 34.79 -15.72
CA LEU A 411 -28.77 34.84 -14.93
C LEU A 411 -29.08 36.26 -14.47
N LEU A 412 -28.05 37.00 -14.05
CA LEU A 412 -28.28 38.36 -13.58
C LEU A 412 -28.72 39.30 -14.69
N ALA A 413 -28.43 38.97 -15.94
CA ALA A 413 -28.93 39.78 -17.04
C ALA A 413 -30.37 39.46 -17.38
N ALA A 414 -30.98 38.48 -16.70
CA ALA A 414 -32.30 38.01 -17.08
C ALA A 414 -33.25 37.99 -15.89
N THR A 415 -33.01 38.84 -14.88
CA THR A 415 -33.84 38.80 -13.68
C THR A 415 -35.27 39.25 -13.93
N ASP A 416 -35.56 39.89 -15.05
CA ASP A 416 -36.95 40.21 -15.36
C ASP A 416 -37.76 38.98 -15.74
N VAL A 417 -37.13 37.91 -16.24
CA VAL A 417 -37.88 36.75 -16.67
C VAL A 417 -37.57 35.49 -15.86
N VAL A 418 -36.48 35.43 -15.11
CA VAL A 418 -36.22 34.34 -14.19
C VAL A 418 -35.82 34.91 -12.83
N PHE A 419 -35.96 34.08 -11.81
CA PHE A 419 -35.56 34.41 -10.44
C PHE A 419 -34.29 33.62 -10.14
N PRO A 420 -33.11 34.22 -10.18
CA PRO A 420 -31.89 33.46 -9.91
C PRO A 420 -31.71 33.20 -8.42
N GLN A 421 -31.17 32.01 -8.12
CA GLN A 421 -30.96 31.55 -6.76
C GLN A 421 -29.55 30.98 -6.69
N PHE A 422 -28.65 31.73 -6.07
CA PHE A 422 -27.22 31.39 -6.12
C PHE A 422 -26.86 30.56 -4.89
N ALA A 423 -26.88 29.24 -5.08
CA ALA A 423 -26.60 28.28 -4.02
C ALA A 423 -25.09 28.07 -3.94
N THR A 424 -24.46 28.61 -2.90
CA THR A 424 -23.04 28.38 -2.71
C THR A 424 -22.62 28.71 -1.28
N HIS A 425 -21.62 27.96 -0.80
CA HIS A 425 -20.97 28.22 0.48
C HIS A 425 -19.60 28.86 0.31
N ASN A 426 -19.23 29.20 -0.93
CA ASN A 426 -17.91 29.71 -1.25
C ASN A 426 -17.95 31.23 -1.15
N ALA A 427 -17.22 31.78 -0.17
CA ALA A 427 -17.29 33.21 0.07
C ALA A 427 -16.78 34.02 -1.11
N GLN A 428 -15.82 33.48 -1.87
CA GLN A 428 -15.31 34.19 -3.05
C GLN A 428 -16.35 34.23 -4.15
N THR A 429 -17.02 33.09 -4.41
CA THR A 429 -18.12 33.05 -5.36
C THR A 429 -19.21 34.05 -4.98
N LEU A 430 -19.64 34.01 -3.71
CA LEU A 430 -20.64 34.93 -3.20
C LEU A 430 -20.25 36.38 -3.46
N ALA A 431 -19.03 36.76 -3.07
CA ALA A 431 -18.60 38.15 -3.23
C ALA A 431 -18.60 38.56 -4.70
N ALA A 432 -18.13 37.68 -5.57
CA ALA A 432 -18.08 38.00 -7.00
C ALA A 432 -19.47 38.29 -7.54
N ILE A 433 -20.45 37.47 -7.15
CA ILE A 433 -21.82 37.64 -7.63
C ILE A 433 -22.45 38.87 -7.01
N TYR A 434 -22.27 39.04 -5.70
CA TYR A 434 -22.80 40.20 -5.00
C TYR A 434 -22.38 41.51 -5.68
N HIS A 435 -21.09 41.63 -6.02
CA HIS A 435 -20.66 42.86 -6.69
C HIS A 435 -21.08 42.87 -8.16
N MET A 436 -21.20 41.70 -8.79
CA MET A 436 -21.67 41.65 -10.17
C MET A 436 -23.09 42.18 -10.27
N ALA A 437 -23.92 41.88 -9.26
CA ALA A 437 -25.34 42.22 -9.31
C ALA A 437 -25.59 43.73 -9.17
N GLY A 438 -24.65 44.48 -8.63
CA GLY A 438 -24.81 45.91 -8.51
C GLY A 438 -25.65 46.32 -7.31
N LYS A 439 -25.97 47.62 -7.26
CA LYS A 439 -26.58 48.22 -6.08
C LYS A 439 -28.10 48.19 -6.08
N ASP A 440 -28.74 48.09 -7.23
CA ASP A 440 -30.20 48.02 -7.28
C ASP A 440 -30.66 46.62 -6.84
N PHE A 441 -31.34 46.55 -5.70
CA PHE A 441 -31.85 45.27 -5.23
C PHE A 441 -33.26 45.43 -4.67
N HIS A 442 -34.02 44.35 -4.78
CA HIS A 442 -35.32 44.24 -4.12
C HIS A 442 -35.61 42.76 -3.93
N VAL A 443 -36.37 42.44 -2.88
CA VAL A 443 -36.75 41.05 -2.66
C VAL A 443 -37.52 40.57 -3.88
N GLY A 444 -37.13 39.39 -4.39
CA GLY A 444 -37.66 38.85 -5.63
C GLY A 444 -36.79 39.09 -6.85
N LYS A 445 -35.76 39.92 -6.75
CA LYS A 445 -34.85 40.09 -7.88
C LYS A 445 -33.93 38.87 -8.02
N TYR A 446 -33.27 38.48 -6.93
CA TYR A 446 -32.54 37.22 -6.84
C TYR A 446 -32.33 36.92 -5.36
N GLU A 447 -31.74 35.76 -5.08
CA GLU A 447 -31.45 35.38 -3.70
C GLU A 447 -30.22 34.50 -3.71
N PHE A 448 -29.63 34.35 -2.52
CA PHE A 448 -28.62 33.32 -2.30
C PHE A 448 -29.29 32.13 -1.63
N GLN A 449 -28.56 31.00 -1.61
CA GLN A 449 -29.01 29.80 -0.93
C GLN A 449 -27.83 29.10 -0.29
N CYS A 450 -28.13 28.31 0.75
CA CYS A 450 -27.14 27.55 1.51
C CYS A 450 -27.82 26.33 2.12
N LEU A 451 -27.01 25.39 2.59
CA LEU A 451 -27.52 24.19 3.24
C LEU A 451 -27.69 24.43 4.75
N HIS A 452 -28.72 23.82 5.31
CA HIS A 452 -28.94 23.84 6.76
C HIS A 452 -27.73 23.28 7.49
N GLY A 453 -27.33 23.95 8.56
CA GLY A 453 -26.17 23.55 9.33
C GLY A 453 -24.88 24.10 8.77
N MET A 454 -24.71 24.02 7.45
CA MET A 454 -23.43 24.34 6.84
C MET A 454 -23.28 25.83 6.58
N GLY A 455 -24.27 26.45 5.93
CA GLY A 455 -24.09 27.79 5.40
C GLY A 455 -24.46 28.95 6.30
N GLU A 456 -25.17 28.71 7.40
CA GLU A 456 -25.58 29.83 8.25
C GLU A 456 -24.42 30.69 8.74
N PRO A 457 -23.27 30.15 9.19
CA PRO A 457 -22.17 31.04 9.60
C PRO A 457 -21.80 32.06 8.53
N LEU A 458 -21.74 31.62 7.26
CA LEU A 458 -21.45 32.56 6.18
C LEU A 458 -22.58 33.56 5.99
N TYR A 459 -23.81 33.05 5.84
CA TYR A 459 -24.89 33.94 5.45
C TYR A 459 -25.46 34.75 6.61
N GLU A 460 -25.09 34.44 7.85
CA GLU A 460 -25.35 35.39 8.93
C GLU A 460 -24.56 36.68 8.73
N GLU A 461 -23.49 36.64 7.94
CA GLU A 461 -22.71 37.80 7.55
C GLU A 461 -23.27 38.48 6.30
N VAL A 462 -24.44 38.05 5.81
CA VAL A 462 -24.97 38.47 4.52
C VAL A 462 -26.37 39.03 4.68
N VAL A 463 -27.26 38.22 5.27
CA VAL A 463 -28.65 38.60 5.44
C VAL A 463 -28.77 39.75 6.43
N GLY A 464 -29.66 40.67 6.15
CA GLY A 464 -29.97 41.69 7.14
C GLY A 464 -29.43 43.05 6.73
N ARG A 465 -30.16 44.09 7.13
CA ARG A 465 -29.78 45.45 6.76
C ARG A 465 -28.44 45.87 7.34
N GLY A 466 -27.95 45.17 8.36
CA GLY A 466 -26.66 45.47 8.94
C GLY A 466 -25.50 44.75 8.31
N LYS A 467 -25.77 43.89 7.32
CA LYS A 467 -24.71 43.12 6.69
C LYS A 467 -24.60 43.48 5.22
N LEU A 468 -24.95 42.55 4.34
CA LEU A 468 -24.98 42.83 2.91
C LEU A 468 -26.39 43.06 2.39
N ASP A 469 -27.40 42.79 3.21
CA ASP A 469 -28.81 43.01 2.89
C ASP A 469 -29.23 42.24 1.64
N ARG A 470 -28.82 40.98 1.57
CA ARG A 470 -29.27 40.05 0.54
C ARG A 470 -29.89 38.83 1.20
N PRO A 471 -31.04 38.36 0.73
CA PRO A 471 -31.70 37.23 1.37
C PRO A 471 -31.02 35.91 1.04
N CYS A 472 -31.17 34.95 1.94
CA CYS A 472 -30.62 33.60 1.75
C CYS A 472 -31.70 32.58 2.08
N ARG A 473 -31.90 31.62 1.19
CA ARG A 473 -32.83 30.52 1.43
C ARG A 473 -32.06 29.30 1.89
N ILE A 474 -32.51 28.70 2.98
CA ILE A 474 -31.84 27.56 3.60
C ILE A 474 -32.45 26.27 3.07
N TYR A 475 -31.63 25.42 2.47
CA TYR A 475 -32.05 24.09 2.04
C TYR A 475 -32.07 23.17 3.26
N ALA A 476 -33.25 22.73 3.66
CA ALA A 476 -33.48 22.10 4.96
C ALA A 476 -33.84 20.63 4.77
N PRO A 477 -32.92 19.70 4.96
CA PRO A 477 -33.26 18.28 4.87
C PRO A 477 -34.19 17.89 6.01
N VAL A 478 -35.10 16.98 5.72
CA VAL A 478 -36.14 16.57 6.65
C VAL A 478 -36.23 15.05 6.61
N GLY A 479 -36.04 14.39 7.75
CA GLY A 479 -36.10 12.95 7.76
C GLY A 479 -35.51 12.36 9.01
N THR A 480 -35.80 11.07 9.22
CA THR A 480 -35.38 10.36 10.42
C THR A 480 -33.93 9.86 10.29
N HIS A 481 -33.48 9.13 11.32
CA HIS A 481 -32.10 8.64 11.36
C HIS A 481 -31.81 7.63 10.26
N GLU A 482 -32.80 6.82 9.90
CA GLU A 482 -32.62 5.90 8.78
C GLU A 482 -32.35 6.65 7.48
N THR A 483 -33.23 7.60 7.14
CA THR A 483 -33.11 8.30 5.86
C THR A 483 -31.87 9.19 5.81
N LEU A 484 -31.59 9.92 6.89
CA LEU A 484 -30.46 10.85 6.90
C LEU A 484 -29.14 10.13 6.62
N LEU A 485 -28.85 9.07 7.38
CA LEU A 485 -27.58 8.38 7.26
C LEU A 485 -27.39 7.73 5.89
N ALA A 486 -28.46 7.54 5.14
CA ALA A 486 -28.40 6.90 3.82
C ALA A 486 -27.44 7.63 2.90
N TYR A 487 -27.83 8.82 2.41
CA TYR A 487 -27.01 9.57 1.47
C TYR A 487 -26.29 10.74 2.11
N LEU A 488 -25.97 10.64 3.41
CA LEU A 488 -25.28 11.74 4.07
C LEU A 488 -23.83 11.84 3.62
N VAL A 489 -23.23 10.71 3.20
CA VAL A 489 -21.85 10.73 2.72
C VAL A 489 -21.71 11.75 1.59
N ARG A 490 -22.53 11.60 0.55
CA ARG A 490 -22.55 12.56 -0.56
C ARG A 490 -22.73 13.99 -0.05
N ARG A 491 -23.54 14.18 0.99
CA ARG A 491 -23.83 15.51 1.52
C ARG A 491 -22.58 16.14 2.13
N GLY A 496 -16.74 18.10 1.96
CA GLY A 496 -15.69 17.70 2.88
C GLY A 496 -14.43 17.17 2.22
N ALA A 497 -14.25 17.45 0.93
CA ALA A 497 -13.05 17.04 0.22
C ALA A 497 -12.02 18.17 0.24
N ASN A 498 -10.77 17.80 -0.07
CA ASN A 498 -9.66 18.75 0.05
C ASN A 498 -9.88 19.99 -0.80
N SER A 499 -10.61 19.87 -1.90
CA SER A 499 -10.88 20.99 -2.79
C SER A 499 -12.07 21.83 -2.36
N SER A 500 -12.85 21.35 -1.39
CA SER A 500 -14.06 22.06 -0.96
C SER A 500 -13.71 23.33 -0.18
N PHE A 501 -14.47 24.40 -0.44
CA PHE A 501 -14.32 25.62 0.35
C PHE A 501 -14.51 25.35 1.84
N VAL A 502 -15.53 24.57 2.20
CA VAL A 502 -15.84 24.35 3.61
C VAL A 502 -14.71 23.61 4.29
N HIS A 503 -14.04 22.71 3.57
CA HIS A 503 -12.86 22.06 4.13
C HIS A 503 -11.67 23.02 4.17
N ARG A 504 -11.48 23.81 3.12
CA ARG A 504 -10.31 24.68 3.04
C ARG A 504 -10.40 25.86 4.01
N ILE A 505 -11.61 26.39 4.25
CA ILE A 505 -11.74 27.48 5.21
C ILE A 505 -11.29 27.03 6.59
N ASN A 506 -11.51 25.75 6.93
CA ASN A 506 -11.10 25.17 8.19
C ASN A 506 -9.63 24.77 8.22
N ASP A 507 -8.92 24.85 7.10
CA ASP A 507 -7.52 24.43 7.02
C ASP A 507 -6.63 25.58 7.46
N PRO A 508 -5.83 25.41 8.52
CA PRO A 508 -4.96 26.52 8.96
C PRO A 508 -3.80 26.80 8.01
N LYS A 509 -3.43 25.84 7.16
CA LYS A 509 -2.38 26.03 6.17
C LYS A 509 -2.88 26.73 4.91
N VAL A 510 -4.13 27.19 4.89
CA VAL A 510 -4.71 27.91 3.76
C VAL A 510 -4.92 29.35 4.20
N SER A 511 -4.24 30.28 3.55
CA SER A 511 -4.40 31.69 3.84
C SER A 511 -5.69 32.21 3.21
N ILE A 512 -6.10 33.40 3.66
CA ILE A 512 -7.24 34.05 3.04
C ILE A 512 -6.92 34.41 1.60
N ASP A 513 -5.69 34.87 1.34
CA ASP A 513 -5.28 35.23 -0.01
C ASP A 513 -5.49 34.07 -0.98
N GLU A 514 -5.25 32.84 -0.51
CA GLU A 514 -5.54 31.67 -1.33
C GLU A 514 -7.04 31.48 -1.50
N LEU A 515 -7.83 31.92 -0.53
CA LEU A 515 -9.28 31.70 -0.57
C LEU A 515 -10.00 32.78 -1.38
N ILE A 516 -9.46 33.99 -1.44
CA ILE A 516 -10.06 35.07 -2.21
C ILE A 516 -9.46 35.16 -3.62
N ALA A 517 -8.62 34.20 -4.01
CA ALA A 517 -8.06 34.19 -5.35
C ALA A 517 -9.17 34.07 -6.39
N ASP A 518 -9.10 34.91 -7.41
CA ASP A 518 -10.09 34.94 -8.48
C ASP A 518 -9.92 33.74 -9.40
N PRO A 519 -10.82 32.76 -9.39
CA PRO A 519 -10.69 31.63 -10.33
C PRO A 519 -10.68 32.07 -11.79
N VAL A 520 -11.41 33.13 -12.13
CA VAL A 520 -11.44 33.63 -13.50
C VAL A 520 -10.05 34.04 -13.96
N GLU A 521 -9.33 34.81 -13.13
CA GLU A 521 -8.01 35.29 -13.53
C GLU A 521 -6.95 34.22 -13.41
N VAL A 522 -7.12 33.27 -12.49
CA VAL A 522 -6.20 32.12 -12.44
C VAL A 522 -6.32 31.30 -13.72
N VAL A 523 -7.54 30.97 -14.12
CA VAL A 523 -7.73 30.18 -15.34
C VAL A 523 -7.20 30.92 -16.55
N ARG A 524 -7.43 32.24 -16.62
CA ARG A 524 -7.02 32.99 -17.80
C ARG A 524 -5.50 32.96 -18.00
N ALA A 525 -4.74 32.82 -16.91
CA ALA A 525 -3.30 32.86 -16.97
C ALA A 525 -2.67 31.47 -17.12
N MET A 526 -3.46 30.41 -17.20
CA MET A 526 -2.89 29.08 -17.34
C MET A 526 -2.32 28.89 -18.75
N PRO A 527 -1.33 28.00 -18.90
CA PRO A 527 -0.72 27.81 -20.23
C PRO A 527 -1.70 27.32 -21.29
N VAL A 528 -2.59 26.40 -20.92
CA VAL A 528 -3.65 25.93 -21.79
C VAL A 528 -4.96 26.15 -21.04
N VAL A 529 -5.74 27.14 -21.46
CA VAL A 529 -7.01 27.42 -20.81
C VAL A 529 -7.95 26.24 -21.01
N GLY A 530 -8.50 25.73 -19.91
CA GLY A 530 -9.42 24.61 -19.95
C GLY A 530 -8.79 23.24 -20.07
N ALA A 531 -7.48 23.11 -19.86
CA ALA A 531 -6.84 21.80 -19.90
C ALA A 531 -7.49 20.86 -18.88
N LYS A 532 -7.70 19.61 -19.32
CA LYS A 532 -8.21 18.56 -18.45
C LYS A 532 -7.29 18.36 -17.24
N HIS A 533 -7.87 17.90 -16.13
CA HIS A 533 -7.07 17.55 -14.97
C HIS A 533 -6.02 16.50 -15.35
N ASP A 534 -4.78 16.71 -14.90
CA ASP A 534 -3.68 15.84 -15.29
C ASP A 534 -3.86 14.40 -14.82
N ARG A 535 -4.56 14.18 -13.72
CA ARG A 535 -4.59 12.87 -13.07
C ARG A 535 -5.85 12.09 -13.37
N ILE A 536 -6.72 12.59 -14.24
CA ILE A 536 -7.94 11.90 -14.62
CA ILE A 536 -7.95 11.92 -14.62
C ILE A 536 -7.82 11.49 -16.07
N ALA A 537 -8.00 10.20 -16.34
CA ALA A 537 -7.90 9.69 -17.70
C ALA A 537 -9.22 9.90 -18.44
N LEU A 538 -9.12 10.41 -19.67
CA LEU A 538 -10.23 10.28 -20.60
C LEU A 538 -10.56 8.80 -20.76
N PRO A 539 -11.84 8.46 -20.98
CA PRO A 539 -12.19 7.03 -21.10
C PRO A 539 -11.33 6.29 -22.13
N ALA A 540 -11.05 6.88 -23.28
CA ALA A 540 -10.24 6.22 -24.31
C ALA A 540 -8.80 5.98 -23.88
N GLU A 541 -8.34 6.66 -22.83
CA GLU A 541 -6.97 6.55 -22.36
C GLU A 541 -6.87 5.77 -21.05
N LEU A 542 -7.91 5.01 -20.71
CA LEU A 542 -7.96 4.32 -19.43
CA LEU A 542 -7.95 4.31 -19.43
C LEU A 542 -6.77 3.38 -19.25
N PHE A 543 -6.24 2.83 -20.34
CA PHE A 543 -5.15 1.87 -20.24
C PHE A 543 -3.81 2.46 -20.65
N GLY A 544 -3.72 3.78 -20.82
CA GLY A 544 -2.45 4.44 -21.14
C GLY A 544 -1.84 3.94 -22.45
N ASP A 545 -0.51 3.74 -22.41
CA ASP A 545 0.24 3.28 -23.57
C ASP A 545 0.02 1.82 -23.92
N ALA A 546 -0.57 1.03 -23.02
CA ALA A 546 -0.77 -0.39 -23.31
C ALA A 546 -1.67 -0.58 -24.53
N ARG A 547 -2.81 0.11 -24.55
CA ARG A 547 -3.77 -0.11 -25.63
C ARG A 547 -4.87 0.93 -25.51
N THR A 548 -5.55 1.16 -26.62
CA THR A 548 -6.65 2.12 -26.68
C THR A 548 -7.93 1.44 -26.24
N ASN A 549 -8.60 2.05 -25.26
CA ASN A 549 -9.87 1.52 -24.78
C ASN A 549 -10.91 1.57 -25.89
N SER A 550 -11.83 0.60 -25.90
CA SER A 550 -12.91 0.67 -26.87
C SER A 550 -13.84 1.82 -26.52
N ALA A 551 -14.54 2.32 -27.54
CA ALA A 551 -15.48 3.43 -27.36
C ALA A 551 -16.91 2.90 -27.41
N GLY A 552 -17.76 3.44 -26.54
CA GLY A 552 -19.17 3.13 -26.55
C GLY A 552 -19.98 4.23 -27.23
N LEU A 553 -21.28 4.22 -26.95
CA LEU A 553 -22.19 5.22 -27.47
C LEU A 553 -23.07 5.68 -26.32
N ASP A 554 -23.44 6.95 -26.34
CA ASP A 554 -24.24 7.53 -25.27
C ASP A 554 -25.71 7.44 -25.67
N LEU A 555 -26.42 6.49 -25.08
CA LEU A 555 -27.82 6.30 -25.42
C LEU A 555 -28.72 7.32 -24.75
N SER A 556 -28.16 8.30 -24.03
CA SER A 556 -28.91 9.44 -23.53
C SER A 556 -28.76 10.67 -24.43
N ASN A 557 -27.94 10.59 -25.46
CA ASN A 557 -27.65 11.72 -26.34
C ASN A 557 -28.59 11.64 -27.55
N GLU A 558 -29.43 12.67 -27.75
CA GLU A 558 -30.43 12.61 -28.81
C GLU A 558 -29.81 12.56 -30.19
N GLU A 559 -28.68 13.25 -30.39
CA GLU A 559 -28.00 13.15 -31.68
C GLU A 559 -27.56 11.72 -31.94
N THR A 560 -26.98 11.08 -30.92
CA THR A 560 -26.57 9.67 -31.04
C THR A 560 -27.77 8.78 -31.31
N LEU A 561 -28.88 9.00 -30.59
CA LEU A 561 -30.04 8.14 -30.80
C LEU A 561 -30.61 8.30 -32.21
N ALA A 562 -30.60 9.53 -32.74
CA ALA A 562 -31.12 9.78 -34.08
C ALA A 562 -30.24 9.11 -35.12
N SER A 563 -28.94 9.33 -35.01
CA SER A 563 -27.99 8.69 -35.92
C SER A 563 -28.06 7.17 -35.82
N LEU A 564 -28.18 6.65 -34.59
CA LEU A 564 -28.17 5.20 -34.41
C LEU A 564 -29.47 4.58 -34.94
N THR A 565 -30.60 5.26 -34.76
CA THR A 565 -31.86 4.76 -35.32
C THR A 565 -31.73 4.49 -36.81
N GLU A 566 -31.14 5.44 -37.55
CA GLU A 566 -30.99 5.28 -38.98
C GLU A 566 -30.02 4.15 -39.31
N ALA A 567 -28.88 4.11 -38.62
CA ALA A 567 -27.92 3.02 -38.88
C ALA A 567 -28.53 1.66 -38.55
N LEU A 568 -29.35 1.58 -37.49
CA LEU A 568 -29.98 0.32 -37.13
C LEU A 568 -31.03 -0.11 -38.16
N ARG A 569 -31.86 0.85 -38.63
CA ARG A 569 -32.81 0.53 -39.70
C ARG A 569 -32.09 0.05 -40.95
N GLU A 570 -30.95 0.67 -41.26
CA GLU A 570 -30.19 0.25 -42.44
C GLU A 570 -29.66 -1.17 -42.27
N SER A 571 -29.23 -1.54 -41.06
CA SER A 571 -28.70 -2.89 -40.86
C SER A 571 -29.77 -3.95 -41.09
N ALA A 572 -31.04 -3.60 -40.86
CA ALA A 572 -32.12 -4.56 -41.04
C ALA A 572 -32.56 -4.69 -42.49
N ALA A 573 -32.10 -3.79 -43.37
CA ALA A 573 -32.29 -3.90 -44.81
C ALA A 573 -31.12 -4.61 -45.49
N MET A 574 -30.14 -5.09 -44.73
CA MET A 574 -29.00 -5.78 -45.30
C MET A 574 -29.31 -7.27 -45.45
N LYS A 575 -28.73 -7.86 -46.49
CA LYS A 575 -28.95 -9.27 -46.78
C LYS A 575 -27.84 -10.10 -46.13
N TRP A 576 -27.91 -10.17 -44.80
CA TRP A 576 -26.90 -10.87 -44.03
C TRP A 576 -26.88 -12.36 -44.41
N THR A 577 -25.68 -12.89 -44.64
CA THR A 577 -25.52 -14.30 -44.95
C THR A 577 -24.30 -14.85 -44.22
N ALA A 578 -24.29 -16.16 -44.07
CA ALA A 578 -23.13 -16.88 -43.55
C ALA A 578 -22.97 -18.12 -44.39
N LEU A 579 -21.76 -18.37 -44.86
CA LEU A 579 -21.45 -19.49 -45.72
C LEU A 579 -20.26 -20.23 -45.15
N PRO A 580 -20.10 -21.51 -45.48
CA PRO A 580 -18.82 -22.17 -45.18
C PRO A 580 -17.74 -21.50 -46.00
N GLN A 581 -16.84 -20.78 -45.34
CA GLN A 581 -15.79 -20.02 -46.00
C GLN A 581 -14.49 -20.78 -45.81
N LEU A 582 -14.20 -21.67 -46.76
CA LEU A 582 -12.97 -22.45 -46.74
C LEU A 582 -11.82 -21.65 -47.36
N ALA A 583 -10.61 -22.18 -47.22
CA ALA A 583 -9.45 -21.52 -47.81
C ALA A 583 -9.58 -21.40 -49.33
N THR A 584 -10.25 -22.36 -49.96
CA THR A 584 -10.43 -22.41 -51.40
C THR A 584 -11.61 -21.58 -51.88
N GLY A 585 -12.37 -20.96 -50.97
CA GLY A 585 -13.51 -20.17 -51.33
C GLY A 585 -14.77 -20.63 -50.62
N PRO A 586 -15.90 -19.98 -50.93
CA PRO A 586 -17.17 -20.40 -50.32
C PRO A 586 -17.56 -21.79 -50.79
N ALA A 587 -18.30 -22.51 -49.95
CA ALA A 587 -18.74 -23.84 -50.31
C ALA A 587 -20.26 -23.89 -50.35
N ALA A 588 -20.78 -24.86 -51.10
CA ALA A 588 -22.21 -25.08 -51.17
C ALA A 588 -22.67 -25.92 -49.98
N GLY A 589 -23.97 -25.86 -49.70
CA GLY A 589 -24.49 -26.61 -48.59
C GLY A 589 -25.98 -26.36 -48.41
N GLU A 590 -26.51 -26.90 -47.32
CA GLU A 590 -27.91 -26.71 -46.98
C GLU A 590 -28.10 -25.31 -46.41
N THR A 591 -29.04 -24.56 -46.99
CA THR A 591 -29.28 -23.16 -46.66
C THR A 591 -30.60 -23.03 -45.90
N ARG A 592 -30.58 -22.29 -44.79
CA ARG A 592 -31.81 -22.02 -44.06
C ARG A 592 -31.79 -20.58 -43.56
N THR A 593 -32.95 -20.12 -43.14
CA THR A 593 -33.08 -18.74 -42.69
C THR A 593 -32.73 -18.63 -41.21
N VAL A 594 -32.28 -17.46 -40.81
CA VAL A 594 -31.98 -17.12 -39.42
C VAL A 594 -33.05 -16.14 -38.97
N LEU A 595 -33.69 -16.45 -37.85
CA LEU A 595 -34.85 -15.71 -37.38
C LEU A 595 -34.51 -14.90 -36.14
N ASN A 596 -35.20 -13.79 -35.98
CA ASN A 596 -35.13 -12.99 -34.76
C ASN A 596 -35.75 -13.78 -33.63
N PRO A 597 -35.03 -14.09 -32.54
CA PRO A 597 -35.65 -14.85 -31.46
C PRO A 597 -36.80 -14.10 -30.79
N GLY A 598 -36.78 -12.77 -30.84
CA GLY A 598 -37.88 -11.96 -30.32
C GLY A 598 -39.11 -11.90 -31.20
N ASP A 599 -39.00 -12.36 -32.45
CA ASP A 599 -40.10 -12.30 -33.41
C ASP A 599 -39.75 -13.15 -34.62
N HIS A 600 -40.27 -14.38 -34.67
CA HIS A 600 -39.87 -15.29 -35.73
C HIS A 600 -40.35 -14.87 -37.12
N ARG A 601 -41.22 -13.86 -37.21
CA ARG A 601 -41.59 -13.32 -38.51
C ARG A 601 -40.47 -12.48 -39.13
N ASP A 602 -39.52 -12.02 -38.31
CA ASP A 602 -38.46 -11.11 -38.75
C ASP A 602 -37.28 -11.98 -39.19
N VAL A 603 -37.10 -12.10 -40.50
CA VAL A 603 -36.00 -12.87 -41.07
C VAL A 603 -34.75 -11.99 -41.07
N VAL A 604 -33.69 -12.45 -40.41
CA VAL A 604 -32.47 -11.65 -40.30
C VAL A 604 -31.51 -11.95 -41.44
N GLY A 605 -31.48 -13.19 -41.91
CA GLY A 605 -30.55 -13.56 -42.95
C GLY A 605 -30.67 -15.03 -43.26
N SER A 606 -29.66 -15.57 -43.94
CA SER A 606 -29.67 -16.98 -44.27
C SER A 606 -28.28 -17.55 -44.02
N VAL A 607 -28.24 -18.79 -43.57
CA VAL A 607 -26.98 -19.47 -43.32
C VAL A 607 -26.91 -20.70 -44.21
N THR A 608 -25.76 -20.90 -44.83
CA THR A 608 -25.46 -22.14 -45.55
C THR A 608 -24.52 -22.94 -44.67
N GLU A 609 -24.91 -24.16 -44.33
CA GLU A 609 -24.23 -24.90 -43.27
C GLU A 609 -23.24 -25.88 -43.88
N THR A 610 -22.18 -26.16 -43.11
CA THR A 610 -21.03 -26.89 -43.62
C THR A 610 -21.31 -28.39 -43.61
N SER A 611 -20.93 -29.06 -44.70
CA SER A 611 -21.00 -30.51 -44.71
C SER A 611 -19.87 -31.09 -43.87
N GLU A 612 -20.12 -32.27 -43.32
CA GLU A 612 -19.09 -32.95 -42.54
C GLU A 612 -17.81 -33.13 -43.38
N GLU A 613 -17.96 -33.41 -44.67
CA GLU A 613 -16.80 -33.56 -45.54
C GLU A 613 -16.02 -32.24 -45.65
N ASP A 614 -16.72 -31.11 -45.76
CA ASP A 614 -16.03 -29.83 -45.92
C ASP A 614 -15.36 -29.38 -44.61
N ALA A 615 -15.94 -29.74 -43.46
CA ALA A 615 -15.27 -29.46 -42.19
C ALA A 615 -13.91 -30.15 -42.13
N ARG A 616 -13.87 -31.44 -42.49
CA ARG A 616 -12.61 -32.17 -42.48
C ARG A 616 -11.64 -31.62 -43.53
N ARG A 617 -12.17 -31.18 -44.68
CA ARG A 617 -11.33 -30.57 -45.69
C ARG A 617 -10.73 -29.26 -45.21
N ALA A 618 -11.51 -28.47 -44.47
CA ALA A 618 -11.00 -27.22 -43.93
C ALA A 618 -9.82 -27.45 -42.99
N VAL A 619 -9.90 -28.49 -42.15
CA VAL A 619 -8.80 -28.76 -41.23
C VAL A 619 -7.53 -29.11 -42.02
N ARG A 620 -7.68 -29.91 -43.09
CA ARG A 620 -6.51 -30.25 -43.89
C ARG A 620 -5.97 -29.02 -44.61
N LEU A 621 -6.86 -28.14 -45.08
CA LEU A 621 -6.40 -26.89 -45.68
C LEU A 621 -5.70 -26.01 -44.65
N ALA A 622 -6.22 -25.96 -43.43
CA ALA A 622 -5.57 -25.18 -42.37
C ALA A 622 -4.19 -25.77 -42.02
N ALA A 623 -4.08 -27.10 -41.94
CA ALA A 623 -2.79 -27.71 -41.69
C ALA A 623 -1.79 -27.36 -42.79
N ASP A 624 -2.24 -27.37 -44.05
CA ASP A 624 -1.34 -27.06 -45.16
CA ASP A 624 -1.36 -27.06 -45.16
C ASP A 624 -0.83 -25.63 -45.06
N ALA A 625 -1.68 -24.71 -44.61
CA ALA A 625 -1.34 -23.30 -44.51
C ALA A 625 -0.67 -22.91 -43.20
N ALA A 626 -0.60 -23.82 -42.22
CA ALA A 626 -0.07 -23.45 -40.91
C ALA A 626 1.33 -22.87 -40.95
N PRO A 627 2.32 -23.45 -41.63
CA PRO A 627 3.66 -22.84 -41.63
C PRO A 627 3.67 -21.43 -42.18
N ASP A 628 2.87 -21.16 -43.22
CA ASP A 628 2.82 -19.82 -43.81
C ASP A 628 2.33 -18.79 -42.81
N TRP A 629 1.27 -19.12 -42.06
CA TRP A 629 0.77 -18.16 -41.08
C TRP A 629 1.71 -18.04 -39.88
N ALA A 630 2.32 -19.16 -39.46
CA ALA A 630 3.27 -19.10 -38.36
C ALA A 630 4.48 -18.23 -38.71
N ALA A 631 4.80 -18.14 -40.01
CA ALA A 631 5.95 -17.34 -40.45
C ALA A 631 5.67 -15.85 -40.47
N VAL A 632 4.42 -15.42 -40.38
CA VAL A 632 4.16 -13.98 -40.28
C VAL A 632 4.63 -13.49 -38.92
N PRO A 633 5.49 -12.48 -38.86
CA PRO A 633 6.04 -12.02 -37.58
C PRO A 633 4.94 -11.68 -36.60
N PRO A 634 5.11 -12.01 -35.31
CA PRO A 634 4.05 -11.74 -34.32
C PRO A 634 3.56 -10.31 -34.33
N SER A 635 4.44 -9.33 -34.55
CA SER A 635 3.97 -7.94 -34.54
C SER A 635 3.04 -7.65 -35.71
N GLU A 636 3.23 -8.34 -36.83
CA GLU A 636 2.34 -8.14 -37.98
C GLU A 636 1.02 -8.88 -37.78
N ARG A 637 1.07 -10.06 -37.16
CA ARG A 637 -0.17 -10.72 -36.75
C ARG A 637 -0.96 -9.81 -35.82
N ALA A 638 -0.26 -9.16 -34.87
CA ALA A 638 -0.93 -8.23 -33.95
C ALA A 638 -1.51 -7.02 -34.69
N ALA A 639 -0.80 -6.53 -35.71
CA ALA A 639 -1.31 -5.43 -36.51
C ALA A 639 -2.63 -5.79 -37.18
N CYS A 640 -2.76 -7.04 -37.64
CA CYS A 640 -4.04 -7.48 -38.19
C CYS A 640 -5.14 -7.35 -37.15
N LEU A 641 -4.87 -7.83 -35.93
CA LEU A 641 -5.86 -7.71 -34.86
C LEU A 641 -6.20 -6.25 -34.59
N ASP A 642 -5.18 -5.39 -34.53
CA ASP A 642 -5.44 -3.98 -34.25
C ASP A 642 -6.25 -3.33 -35.38
N ARG A 643 -5.95 -3.71 -36.63
CA ARG A 643 -6.74 -3.19 -37.75
C ARG A 643 -8.18 -3.70 -37.67
N ALA A 644 -8.36 -4.97 -37.26
CA ALA A 644 -9.72 -5.49 -37.11
C ALA A 644 -10.50 -4.71 -36.06
N ALA A 645 -9.83 -4.36 -34.94
CA ALA A 645 -10.49 -3.59 -33.89
C ALA A 645 -10.98 -2.24 -34.41
N GLU A 646 -10.16 -1.58 -35.22
CA GLU A 646 -10.57 -0.31 -35.83
C GLU A 646 -11.78 -0.49 -36.73
N LEU A 647 -11.79 -1.54 -37.55
CA LEU A 647 -12.94 -1.80 -38.41
C LEU A 647 -14.19 -2.09 -37.59
N MET A 648 -14.05 -2.88 -36.51
CA MET A 648 -15.23 -3.15 -35.68
C MET A 648 -15.75 -1.89 -35.02
N GLN A 649 -14.83 -1.03 -34.54
CA GLN A 649 -15.25 0.21 -33.88
C GLN A 649 -15.98 1.12 -34.86
N ALA A 650 -15.45 1.26 -36.07
CA ALA A 650 -16.08 2.08 -37.10
C ALA A 650 -17.44 1.51 -37.49
N ARG A 651 -17.55 0.19 -37.55
CA ARG A 651 -18.78 -0.49 -37.95
C ARG A 651 -19.72 -0.76 -36.78
N MET A 652 -19.45 -0.20 -35.61
CA MET A 652 -20.23 -0.58 -34.43
C MET A 652 -21.73 -0.41 -34.63
N PRO A 653 -22.23 0.73 -35.14
CA PRO A 653 -23.70 0.86 -35.24
C PRO A 653 -24.34 -0.26 -36.05
N THR A 654 -23.73 -0.65 -37.18
CA THR A 654 -24.28 -1.75 -37.98
C THR A 654 -24.19 -3.09 -37.26
N LEU A 655 -23.04 -3.38 -36.62
CA LEU A 655 -22.90 -4.61 -35.85
C LEU A 655 -23.93 -4.70 -34.74
N LEU A 656 -24.24 -3.57 -34.08
CA LEU A 656 -25.30 -3.54 -33.07
C LEU A 656 -26.62 -4.04 -33.64
N GLY A 657 -26.99 -3.53 -34.82
CA GLY A 657 -28.26 -3.92 -35.40
C GLY A 657 -28.34 -5.40 -35.65
N LEU A 658 -27.24 -5.99 -36.13
CA LEU A 658 -27.24 -7.43 -36.34
C LEU A 658 -27.33 -8.18 -35.02
N ILE A 659 -26.57 -7.76 -34.01
CA ILE A 659 -26.58 -8.49 -32.74
C ILE A 659 -27.95 -8.41 -32.08
N ILE A 660 -28.60 -7.26 -32.19
CA ILE A 660 -29.91 -7.07 -31.57
C ILE A 660 -30.94 -8.04 -32.15
N ARG A 661 -30.96 -8.14 -33.49
CA ARG A 661 -31.97 -8.97 -34.16
C ARG A 661 -31.58 -10.44 -34.22
N GLU A 662 -30.30 -10.78 -34.46
CA GLU A 662 -29.96 -12.19 -34.54
C GLU A 662 -29.91 -12.86 -33.18
N ALA A 663 -29.40 -12.18 -32.15
CA ALA A 663 -29.18 -12.82 -30.87
C ALA A 663 -30.20 -12.41 -29.82
N GLY A 664 -31.10 -11.48 -30.15
CA GLY A 664 -32.11 -11.04 -29.20
C GLY A 664 -31.58 -10.16 -28.07
N LYS A 665 -30.50 -9.44 -28.30
CA LYS A 665 -29.91 -8.62 -27.24
C LYS A 665 -30.42 -7.18 -27.32
N SER A 666 -30.43 -6.51 -26.17
CA SER A 666 -30.77 -5.10 -26.11
C SER A 666 -29.61 -4.25 -26.63
N ALA A 667 -29.91 -2.97 -26.91
CA ALA A 667 -28.91 -2.09 -27.49
C ALA A 667 -27.70 -1.93 -26.58
N LEU A 668 -27.94 -1.71 -25.27
CA LEU A 668 -26.81 -1.54 -24.36
CA LEU A 668 -26.82 -1.55 -24.34
C LEU A 668 -25.92 -2.78 -24.33
N ASN A 669 -26.52 -3.97 -24.33
CA ASN A 669 -25.74 -5.20 -24.29
C ASN A 669 -25.01 -5.46 -25.60
N ALA A 670 -25.58 -5.06 -26.73
CA ALA A 670 -24.86 -5.18 -27.99
C ALA A 670 -23.66 -4.23 -28.02
N ILE A 671 -23.80 -3.02 -27.49
CA ILE A 671 -22.65 -2.12 -27.41
C ILE A 671 -21.53 -2.77 -26.60
N ALA A 672 -21.87 -3.31 -25.43
CA ALA A 672 -20.87 -3.96 -24.59
C ALA A 672 -20.23 -5.13 -25.32
N GLU A 673 -21.03 -5.88 -26.07
CA GLU A 673 -20.51 -7.01 -26.84
C GLU A 673 -19.51 -6.55 -27.91
N VAL A 674 -19.86 -5.50 -28.68
CA VAL A 674 -18.91 -5.03 -29.69
C VAL A 674 -17.66 -4.46 -29.03
N ARG A 675 -17.83 -3.68 -27.95
CA ARG A 675 -16.68 -3.20 -27.19
C ARG A 675 -15.81 -4.36 -26.70
N GLU A 676 -16.43 -5.45 -26.23
CA GLU A 676 -15.66 -6.58 -25.70
C GLU A 676 -14.83 -7.22 -26.81
N ALA A 677 -15.41 -7.32 -28.02
CA ALA A 677 -14.66 -7.86 -29.15
C ALA A 677 -13.47 -6.98 -29.47
N ILE A 678 -13.68 -5.66 -29.51
CA ILE A 678 -12.61 -4.73 -29.77
C ILE A 678 -11.53 -4.83 -28.71
N ASP A 679 -11.95 -4.94 -27.44
CA ASP A 679 -10.99 -5.04 -26.34
C ASP A 679 -10.15 -6.32 -26.46
N PHE A 680 -10.78 -7.46 -26.78
CA PHE A 680 -10.03 -8.70 -26.97
C PHE A 680 -8.98 -8.55 -28.06
N LEU A 681 -9.39 -7.96 -29.20
CA LEU A 681 -8.46 -7.81 -30.32
C LEU A 681 -7.25 -6.99 -29.89
N ARG A 682 -7.49 -5.84 -29.27
CA ARG A 682 -6.40 -4.96 -28.87
C ARG A 682 -5.60 -5.52 -27.72
N TYR A 683 -6.26 -6.24 -26.80
CA TYR A 683 -5.55 -6.81 -25.67
C TYR A 683 -4.60 -7.92 -26.12
N TYR A 684 -5.13 -8.88 -26.90
CA TYR A 684 -4.25 -9.98 -27.35
C TYR A 684 -3.18 -9.47 -28.32
N ALA A 685 -3.47 -8.39 -29.05
CA ALA A 685 -2.42 -7.78 -29.87
C ALA A 685 -1.32 -7.23 -28.99
N GLU A 686 -1.67 -6.49 -27.94
CA GLU A 686 -0.64 -5.98 -27.03
C GLU A 686 0.08 -7.10 -26.29
N GLN A 687 -0.65 -8.14 -25.85
CA GLN A 687 0.02 -9.24 -25.16
C GLN A 687 1.02 -9.92 -26.09
N THR A 688 0.67 -10.02 -27.37
CA THR A 688 1.60 -10.59 -28.35
C THR A 688 2.85 -9.73 -28.49
N ARG A 689 2.67 -8.42 -28.60
CA ARG A 689 3.82 -7.52 -28.70
C ARG A 689 4.67 -7.54 -27.44
N ARG A 690 4.09 -7.93 -26.30
CA ARG A 690 4.86 -8.03 -25.07
C ARG A 690 5.64 -9.34 -24.95
N THR A 691 5.28 -10.41 -25.70
CA THR A 691 5.74 -11.73 -25.31
C THR A 691 6.28 -12.60 -26.43
N LEU A 692 5.63 -12.64 -27.59
CA LEU A 692 5.88 -13.74 -28.52
C LEU A 692 7.10 -13.49 -29.39
N GLY A 693 7.91 -14.54 -29.54
CA GLY A 693 9.08 -14.54 -30.38
C GLY A 693 9.15 -15.81 -31.19
N PRO A 694 10.27 -16.04 -31.89
CA PRO A 694 10.35 -17.23 -32.75
C PRO A 694 10.35 -18.55 -31.98
N GLY A 695 10.80 -18.56 -30.72
CA GLY A 695 10.82 -19.77 -29.93
C GLY A 695 9.48 -20.23 -29.42
N HIS A 696 8.43 -19.41 -29.57
CA HIS A 696 7.10 -19.77 -29.09
C HIS A 696 6.30 -20.22 -30.31
N GLY A 697 6.50 -21.49 -30.66
CA GLY A 697 5.93 -22.03 -31.86
C GLY A 697 4.45 -22.29 -31.70
N PRO A 698 3.70 -22.16 -32.78
CA PRO A 698 2.27 -22.43 -32.71
C PRO A 698 1.99 -23.92 -32.51
N LEU A 699 0.79 -24.18 -32.01
CA LEU A 699 0.32 -25.56 -31.91
C LEU A 699 -0.01 -26.14 -33.28
N GLY A 700 -0.64 -25.34 -34.14
CA GLY A 700 -1.20 -25.83 -35.39
C GLY A 700 -2.66 -25.41 -35.50
N PRO A 701 -3.42 -26.05 -36.38
CA PRO A 701 -4.84 -25.68 -36.53
C PRO A 701 -5.60 -25.79 -35.21
N ILE A 702 -6.31 -24.71 -34.88
CA ILE A 702 -7.08 -24.62 -33.66
C ILE A 702 -8.55 -24.53 -34.02
N VAL A 703 -9.36 -25.38 -33.40
CA VAL A 703 -10.80 -25.35 -33.61
C VAL A 703 -11.39 -24.44 -32.54
N CYS A 704 -12.14 -23.43 -32.97
CA CYS A 704 -12.75 -22.46 -32.07
C CYS A 704 -14.25 -22.63 -32.15
N ILE A 705 -14.86 -23.06 -31.05
CA ILE A 705 -16.27 -23.33 -30.97
C ILE A 705 -16.87 -22.31 -30.03
N SER A 706 -17.76 -21.49 -30.54
CA SER A 706 -18.23 -20.34 -29.81
C SER A 706 -19.72 -20.46 -29.53
N PRO A 707 -20.20 -19.78 -28.50
CA PRO A 707 -21.62 -19.87 -28.11
C PRO A 707 -22.50 -18.79 -28.72
N TRP A 708 -23.80 -18.96 -28.52
CA TRP A 708 -24.79 -18.04 -29.10
C TRP A 708 -25.06 -16.84 -28.22
N ASN A 709 -24.63 -16.87 -26.95
CA ASN A 709 -24.96 -15.80 -26.01
C ASN A 709 -23.98 -14.63 -26.08
N PHE A 710 -22.77 -14.85 -26.57
CA PHE A 710 -21.84 -13.77 -26.91
C PHE A 710 -21.32 -14.07 -28.31
N PRO A 711 -22.18 -13.90 -29.32
CA PRO A 711 -21.87 -14.41 -30.66
C PRO A 711 -20.87 -13.59 -31.44
N LEU A 712 -20.48 -12.42 -30.96
CA LEU A 712 -19.36 -11.69 -31.53
C LEU A 712 -18.15 -11.67 -30.60
N ALA A 713 -18.37 -11.42 -29.30
CA ALA A 713 -17.26 -11.15 -28.39
C ALA A 713 -16.46 -12.41 -28.10
N ILE A 714 -17.13 -13.48 -27.66
CA ILE A 714 -16.39 -14.70 -27.35
C ILE A 714 -15.89 -15.35 -28.64
N PHE A 715 -16.71 -15.30 -29.69
CA PHE A 715 -16.28 -15.68 -31.03
C PHE A 715 -14.94 -15.01 -31.38
N THR A 716 -14.91 -13.68 -31.31
CA THR A 716 -13.71 -12.93 -31.67
C THR A 716 -12.53 -13.23 -30.74
N GLY A 717 -12.80 -13.29 -29.45
CA GLY A 717 -11.74 -13.49 -28.48
C GLY A 717 -10.97 -14.78 -28.73
N GLN A 718 -11.69 -15.90 -28.83
CA GLN A 718 -10.99 -17.18 -29.06
C GLN A 718 -10.22 -17.14 -30.36
N ILE A 719 -10.85 -16.64 -31.42
CA ILE A 719 -10.22 -16.66 -32.74
C ILE A 719 -8.99 -15.77 -32.76
N ALA A 720 -9.12 -14.56 -32.21
CA ALA A 720 -8.02 -13.61 -32.22
C ALA A 720 -6.82 -14.15 -31.45
N ALA A 721 -7.06 -14.75 -30.29
CA ALA A 721 -5.97 -15.34 -29.52
C ALA A 721 -5.26 -16.43 -30.31
N ALA A 722 -6.01 -17.37 -30.86
CA ALA A 722 -5.40 -18.45 -31.63
C ALA A 722 -4.64 -17.90 -32.83
N LEU A 723 -5.27 -16.98 -33.57
CA LEU A 723 -4.63 -16.41 -34.76
C LEU A 723 -3.34 -15.69 -34.41
N VAL A 724 -3.38 -14.83 -33.39
CA VAL A 724 -2.20 -14.03 -33.10
C VAL A 724 -1.08 -14.89 -32.50
N ALA A 725 -1.41 -16.01 -31.85
CA ALA A 725 -0.39 -16.94 -31.39
C ALA A 725 0.28 -17.69 -32.54
N GLY A 726 -0.13 -17.45 -33.78
CA GLY A 726 0.46 -18.08 -34.94
C GLY A 726 -0.25 -19.31 -35.45
N ASN A 727 -1.49 -19.55 -35.02
CA ASN A 727 -2.22 -20.74 -35.41
C ASN A 727 -3.29 -20.41 -36.44
N PRO A 728 -3.51 -21.21 -37.46
CA PRO A 728 -4.70 -21.04 -38.29
C PRO A 728 -5.91 -21.61 -37.55
N VAL A 729 -7.08 -21.08 -37.88
CA VAL A 729 -8.28 -21.27 -37.08
C VAL A 729 -9.40 -21.84 -37.93
N LEU A 730 -10.13 -22.80 -37.37
CA LEU A 730 -11.40 -23.26 -37.91
C LEU A 730 -12.45 -22.71 -36.96
N ALA A 731 -13.26 -21.77 -37.44
CA ALA A 731 -14.21 -21.05 -36.59
C ALA A 731 -15.59 -21.67 -36.79
N LYS A 732 -16.09 -22.35 -35.75
CA LYS A 732 -17.42 -22.95 -35.77
C LYS A 732 -18.32 -22.15 -34.85
N PRO A 733 -19.17 -21.27 -35.37
CA PRO A 733 -20.09 -20.50 -34.52
C PRO A 733 -21.31 -21.32 -34.14
N ALA A 734 -21.99 -20.86 -33.09
CA ALA A 734 -23.23 -21.52 -32.68
C ALA A 734 -24.22 -21.55 -33.85
N GLU A 735 -25.02 -22.62 -33.90
CA GLU A 735 -26.00 -22.78 -34.97
C GLU A 735 -26.99 -21.62 -34.99
N GLU A 736 -27.28 -21.03 -33.83
CA GLU A 736 -28.28 -19.99 -33.69
C GLU A 736 -27.80 -18.62 -34.20
N THR A 737 -26.48 -18.37 -34.20
CA THR A 737 -25.95 -17.01 -34.43
C THR A 737 -24.82 -16.99 -35.48
N PRO A 738 -25.03 -17.56 -36.66
CA PRO A 738 -23.96 -17.57 -37.68
C PRO A 738 -23.69 -16.22 -38.34
N LEU A 739 -24.66 -15.30 -38.39
CA LEU A 739 -24.50 -14.13 -39.24
C LEU A 739 -23.47 -13.16 -38.68
N ILE A 740 -23.52 -12.87 -37.37
CA ILE A 740 -22.51 -11.99 -36.80
C ILE A 740 -21.14 -12.66 -36.84
N ALA A 741 -21.08 -13.99 -36.78
CA ALA A 741 -19.79 -14.69 -36.91
C ALA A 741 -19.20 -14.47 -38.30
N ALA A 742 -20.02 -14.66 -39.35
CA ALA A 742 -19.55 -14.44 -40.70
C ALA A 742 -19.08 -13.00 -40.90
N GLU A 743 -19.81 -12.03 -40.32
CA GLU A 743 -19.38 -10.65 -40.39
C GLU A 743 -18.07 -10.43 -39.63
N GLY A 744 -17.90 -11.10 -38.49
CA GLY A 744 -16.62 -11.02 -37.78
C GLY A 744 -15.48 -11.59 -38.61
N VAL A 745 -15.71 -12.72 -39.30
CA VAL A 745 -14.65 -13.27 -40.16
C VAL A 745 -14.35 -12.32 -41.32
N ARG A 746 -15.40 -11.75 -41.94
CA ARG A 746 -15.18 -10.79 -43.02
C ARG A 746 -14.28 -9.64 -42.57
N ILE A 747 -14.53 -9.11 -41.37
CA ILE A 747 -13.72 -8.01 -40.86
C ILE A 747 -12.28 -8.44 -40.61
N LEU A 748 -12.09 -9.62 -39.99
CA LEU A 748 -10.73 -10.11 -39.76
C LEU A 748 -9.98 -10.36 -41.06
N ARG A 749 -10.66 -10.89 -42.07
CA ARG A 749 -9.98 -11.04 -43.36
C ARG A 749 -9.66 -9.68 -43.98
N GLU A 750 -10.61 -8.74 -43.93
CA GLU A 750 -10.32 -7.39 -44.42
C GLU A 750 -9.13 -6.77 -43.69
N ALA A 751 -8.96 -7.09 -42.39
CA ALA A 751 -7.84 -6.55 -41.64
C ALA A 751 -6.52 -7.21 -42.00
N GLY A 752 -6.55 -8.29 -42.77
CA GLY A 752 -5.31 -8.89 -43.24
C GLY A 752 -5.12 -10.36 -42.91
N ILE A 753 -6.03 -10.98 -42.16
CA ILE A 753 -5.91 -12.42 -41.90
C ILE A 753 -6.17 -13.16 -43.20
N PRO A 754 -5.23 -13.99 -43.68
CA PRO A 754 -5.47 -14.74 -44.91
C PRO A 754 -6.63 -15.72 -44.75
N ALA A 755 -7.31 -15.97 -45.88
CA ALA A 755 -8.39 -16.94 -45.92
C ALA A 755 -7.95 -18.32 -45.44
N SER A 756 -6.69 -18.70 -45.67
CA SER A 756 -6.24 -20.00 -45.24
C SER A 756 -6.00 -20.06 -43.75
N ALA A 757 -5.84 -18.90 -43.09
CA ALA A 757 -5.65 -18.85 -41.64
C ALA A 757 -6.96 -18.73 -40.88
N LEU A 758 -8.05 -18.36 -41.54
CA LEU A 758 -9.31 -18.19 -40.83
C LEU A 758 -10.43 -18.71 -41.72
N GLN A 759 -10.96 -19.88 -41.38
CA GLN A 759 -12.05 -20.49 -42.12
C GLN A 759 -13.29 -20.56 -41.24
N LEU A 760 -14.43 -20.20 -41.82
CA LEU A 760 -15.71 -20.17 -41.12
C LEU A 760 -16.52 -21.40 -41.51
N LEU A 761 -17.01 -22.13 -40.50
CA LEU A 761 -17.73 -23.39 -40.73
C LEU A 761 -19.03 -23.37 -39.95
N PRO A 762 -20.07 -22.71 -40.48
CA PRO A 762 -21.36 -22.70 -39.78
C PRO A 762 -22.01 -24.08 -39.79
N GLY A 763 -22.85 -24.31 -38.78
CA GLY A 763 -23.61 -25.54 -38.73
C GLY A 763 -23.85 -25.96 -37.30
N ASP A 764 -24.33 -27.20 -37.16
CA ASP A 764 -24.69 -27.74 -35.86
C ASP A 764 -23.54 -28.56 -35.30
N GLY A 765 -23.84 -29.44 -34.34
CA GLY A 765 -22.80 -30.17 -33.63
C GLY A 765 -22.10 -31.18 -34.48
N ARG A 766 -22.74 -31.66 -35.55
CA ARG A 766 -22.04 -32.52 -36.51
C ARG A 766 -20.80 -31.83 -37.05
N VAL A 767 -20.88 -30.52 -37.29
CA VAL A 767 -19.72 -29.75 -37.73
C VAL A 767 -18.69 -29.67 -36.60
N GLY A 768 -19.14 -29.31 -35.40
CA GLY A 768 -18.23 -29.26 -34.26
C GLY A 768 -17.51 -30.57 -34.04
N ALA A 769 -18.24 -31.68 -34.11
CA ALA A 769 -17.66 -32.98 -33.83
C ALA A 769 -16.64 -33.37 -34.90
N ALA A 770 -16.96 -33.10 -36.16
CA ALA A 770 -16.04 -33.40 -37.25
C ALA A 770 -14.73 -32.63 -37.09
N LEU A 771 -14.83 -31.36 -36.71
CA LEU A 771 -13.63 -30.55 -36.51
C LEU A 771 -12.79 -31.08 -35.36
N VAL A 772 -13.43 -31.41 -34.24
CA VAL A 772 -12.70 -31.85 -33.06
C VAL A 772 -11.98 -33.16 -33.35
N ALA A 773 -12.62 -34.07 -34.08
CA ALA A 773 -12.03 -35.37 -34.33
C ALA A 773 -10.95 -35.37 -35.40
N ALA A 774 -10.82 -34.30 -36.19
CA ALA A 774 -9.89 -34.33 -37.32
C ALA A 774 -8.46 -34.51 -36.81
N ALA A 775 -7.67 -35.31 -37.54
CA ALA A 775 -6.36 -35.69 -37.03
C ALA A 775 -5.43 -34.50 -36.91
N GLU A 776 -5.54 -33.49 -37.77
CA GLU A 776 -4.63 -32.36 -37.74
C GLU A 776 -5.10 -31.24 -36.81
N THR A 777 -6.17 -31.46 -36.04
CA THR A 777 -6.57 -30.49 -35.04
C THR A 777 -5.60 -30.53 -33.86
N ALA A 778 -4.98 -29.38 -33.57
CA ALA A 778 -3.91 -29.29 -32.61
C ALA A 778 -4.32 -28.65 -31.30
N GLY A 779 -5.54 -28.14 -31.21
CA GLY A 779 -6.02 -27.46 -30.03
C GLY A 779 -7.47 -27.09 -30.24
N VAL A 780 -8.25 -27.01 -29.16
CA VAL A 780 -9.67 -26.70 -29.23
C VAL A 780 -9.96 -25.63 -28.20
N MET A 781 -10.64 -24.58 -28.61
CA MET A 781 -11.13 -23.56 -27.71
C MET A 781 -12.65 -23.62 -27.76
N PHE A 782 -13.27 -23.92 -26.62
CA PHE A 782 -14.69 -24.15 -26.56
C PHE A 782 -15.26 -23.29 -25.44
N THR A 783 -16.32 -22.58 -25.76
CA THR A 783 -17.15 -21.93 -24.75
C THR A 783 -18.57 -22.39 -24.97
N GLY A 784 -19.14 -23.02 -23.94
CA GLY A 784 -20.47 -23.62 -24.06
C GLY A 784 -20.82 -24.39 -22.81
N SER A 785 -21.71 -25.36 -22.96
CA SER A 785 -22.17 -26.14 -21.81
C SER A 785 -21.10 -27.12 -21.33
N THR A 786 -21.15 -27.43 -20.02
CA THR A 786 -20.22 -28.42 -19.48
C THR A 786 -20.37 -29.78 -20.14
N GLU A 787 -21.60 -30.16 -20.51
CA GLU A 787 -21.82 -31.49 -21.06
C GLU A 787 -21.14 -31.64 -22.42
N VAL A 788 -21.26 -30.64 -23.29
CA VAL A 788 -20.57 -30.69 -24.58
C VAL A 788 -19.06 -30.61 -24.39
N ALA A 789 -18.60 -29.77 -23.44
CA ALA A 789 -17.17 -29.72 -23.17
C ALA A 789 -16.64 -31.08 -22.75
N ARG A 790 -17.42 -31.82 -21.95
CA ARG A 790 -16.97 -33.15 -21.52
C ARG A 790 -16.92 -34.12 -22.69
N LEU A 791 -17.86 -33.99 -23.63
CA LEU A 791 -17.81 -34.83 -24.83
C LEU A 791 -16.60 -34.50 -25.69
N ILE A 792 -16.23 -33.23 -25.77
CA ILE A 792 -15.05 -32.85 -26.53
C ILE A 792 -13.79 -33.41 -25.86
N GLN A 793 -13.71 -33.27 -24.53
CA GLN A 793 -12.57 -33.80 -23.79
C GLN A 793 -12.39 -35.30 -24.07
N ALA A 794 -13.49 -36.05 -24.09
CA ALA A 794 -13.38 -37.49 -24.33
C ALA A 794 -12.86 -37.78 -25.73
N GLN A 795 -13.27 -36.99 -26.72
CA GLN A 795 -12.76 -37.19 -28.07
C GLN A 795 -11.29 -36.84 -28.17
N LEU A 796 -10.86 -35.79 -27.46
CA LEU A 796 -9.47 -35.36 -27.53
C LEU A 796 -8.55 -36.31 -26.78
N ALA A 797 -9.05 -37.01 -25.75
CA ALA A 797 -8.18 -37.87 -24.95
C ALA A 797 -7.65 -39.05 -25.76
N ASP A 798 -8.30 -39.34 -26.89
CA ASP A 798 -7.86 -40.41 -27.77
C ASP A 798 -6.64 -40.02 -28.61
N ARG A 799 -6.27 -38.75 -28.63
CA ARG A 799 -5.27 -38.25 -29.57
C ARG A 799 -4.10 -37.61 -28.84
N LEU A 800 -2.96 -37.59 -29.52
CA LEU A 800 -1.77 -36.90 -29.04
C LEU A 800 -1.28 -35.94 -30.13
N SER A 801 -0.53 -34.92 -29.70
CA SER A 801 0.05 -33.96 -30.63
C SER A 801 1.18 -34.64 -31.39
N PRO A 802 1.66 -34.02 -32.48
CA PRO A 802 2.85 -34.56 -33.13
C PRO A 802 4.03 -34.74 -32.20
N ALA A 803 4.14 -33.94 -31.15
CA ALA A 803 5.20 -34.07 -30.16
C ALA A 803 4.87 -35.04 -29.05
N GLY A 804 3.70 -35.68 -29.08
CA GLY A 804 3.34 -36.66 -28.07
C GLY A 804 2.71 -36.10 -26.82
N ARG A 805 2.17 -34.89 -26.88
CA ARG A 805 1.51 -34.26 -25.75
C ARG A 805 0.00 -34.28 -25.94
N PRO A 806 -0.77 -34.17 -24.86
CA PRO A 806 -2.22 -34.03 -25.01
C PRO A 806 -2.57 -32.80 -25.84
N ILE A 807 -3.70 -32.90 -26.55
CA ILE A 807 -4.24 -31.78 -27.32
C ILE A 807 -4.82 -30.77 -26.34
N PRO A 808 -4.33 -29.53 -26.33
CA PRO A 808 -4.85 -28.54 -25.38
C PRO A 808 -6.31 -28.24 -25.65
N LEU A 809 -7.10 -28.20 -24.58
CA LEU A 809 -8.48 -27.77 -24.63
C LEU A 809 -8.67 -26.64 -23.63
N ILE A 810 -9.14 -25.50 -24.12
CA ILE A 810 -9.56 -24.39 -23.28
C ILE A 810 -11.08 -24.41 -23.33
N ALA A 811 -11.69 -24.75 -22.21
CA ALA A 811 -13.13 -24.92 -22.12
C ALA A 811 -13.64 -24.01 -21.03
N GLU A 812 -14.51 -23.08 -21.41
CA GLU A 812 -15.16 -22.17 -20.49
C GLU A 812 -16.63 -22.55 -20.43
N THR A 813 -17.10 -22.89 -19.23
CA THR A 813 -18.41 -23.52 -19.13
C THR A 813 -19.26 -22.74 -18.12
N GLY A 814 -20.36 -23.32 -17.67
CA GLY A 814 -21.31 -22.55 -16.91
C GLY A 814 -20.83 -22.23 -15.51
N GLY A 815 -21.74 -21.64 -14.73
CA GLY A 815 -21.56 -21.52 -13.31
C GLY A 815 -22.92 -21.49 -12.63
N GLN A 816 -22.91 -21.83 -11.35
CA GLN A 816 -24.08 -21.67 -10.50
C GLN A 816 -23.82 -20.50 -9.57
N ASN A 817 -23.84 -19.29 -10.15
CA ASN A 817 -23.22 -18.14 -9.52
C ASN A 817 -24.10 -17.59 -8.40
N ALA A 818 -23.47 -17.23 -7.29
CA ALA A 818 -24.16 -16.82 -6.09
C ALA A 818 -23.75 -15.41 -5.70
N MET A 819 -24.62 -14.76 -4.95
CA MET A 819 -24.32 -13.52 -4.28
C MET A 819 -24.74 -13.66 -2.83
N ILE A 820 -23.86 -13.25 -1.91
CA ILE A 820 -24.19 -13.22 -0.49
C ILE A 820 -24.36 -11.77 -0.06
N VAL A 821 -25.46 -11.50 0.63
CA VAL A 821 -25.82 -10.16 1.07
C VAL A 821 -26.06 -10.22 2.56
N ASP A 822 -25.33 -9.41 3.34
CA ASP A 822 -25.57 -9.40 4.77
C ASP A 822 -26.39 -8.16 5.16
N SER A 823 -26.64 -8.03 6.46
CA SER A 823 -27.51 -6.95 6.94
C SER A 823 -26.85 -5.57 6.89
N SER A 824 -25.57 -5.47 6.50
CA SER A 824 -24.95 -4.16 6.40
C SER A 824 -25.05 -3.57 4.99
N ALA A 825 -25.49 -4.34 4.02
CA ALA A 825 -25.56 -3.88 2.64
C ALA A 825 -26.73 -2.92 2.44
N LEU A 826 -26.59 -2.00 1.48
CA LEU A 826 -27.64 -1.05 1.15
C LEU A 826 -28.65 -1.73 0.22
N ALA A 827 -29.87 -1.91 0.71
CA ALA A 827 -30.89 -2.66 -0.02
C ALA A 827 -31.07 -2.15 -1.46
N GLU A 828 -31.11 -0.83 -1.63
CA GLU A 828 -31.36 -0.28 -2.97
C GLU A 828 -30.23 -0.63 -3.93
N GLN A 829 -28.99 -0.58 -3.45
CA GLN A 829 -27.84 -0.97 -4.28
C GLN A 829 -27.86 -2.46 -4.57
N VAL A 830 -28.17 -3.27 -3.55
CA VAL A 830 -28.31 -4.71 -3.73
C VAL A 830 -29.34 -5.03 -4.80
N VAL A 831 -30.51 -4.39 -4.73
CA VAL A 831 -31.58 -4.74 -5.66
C VAL A 831 -31.19 -4.41 -7.09
N GLY A 832 -30.56 -3.25 -7.30
CA GLY A 832 -30.13 -2.90 -8.65
C GLY A 832 -29.09 -3.86 -9.18
N ASP A 833 -28.15 -4.25 -8.33
CA ASP A 833 -27.12 -5.21 -8.75
C ASP A 833 -27.68 -6.60 -8.97
N VAL A 834 -28.71 -6.97 -8.21
CA VAL A 834 -29.33 -8.29 -8.38
C VAL A 834 -30.17 -8.34 -9.64
N ILE A 835 -31.03 -7.34 -9.84
CA ILE A 835 -31.87 -7.27 -11.05
C ILE A 835 -31.01 -7.35 -12.29
N THR A 836 -29.95 -6.55 -12.33
CA THR A 836 -29.04 -6.58 -13.47
C THR A 836 -28.33 -7.92 -13.60
N SER A 837 -27.79 -8.46 -12.49
CA SER A 837 -26.96 -9.67 -12.60
C SER A 837 -27.79 -10.89 -12.98
N ALA A 838 -29.04 -10.95 -12.53
CA ALA A 838 -29.86 -12.13 -12.81
C ALA A 838 -30.60 -12.04 -14.15
N PHE A 839 -31.06 -10.85 -14.55
CA PHE A 839 -32.00 -10.79 -15.65
C PHE A 839 -31.47 -10.08 -16.88
N ASP A 840 -30.34 -9.38 -16.78
CA ASP A 840 -29.73 -8.82 -17.97
C ASP A 840 -29.48 -9.91 -18.99
N SER A 841 -29.76 -9.60 -20.26
CA SER A 841 -29.59 -10.55 -21.36
C SER A 841 -30.42 -11.81 -21.13
N ALA A 842 -31.56 -11.64 -20.46
CA ALA A 842 -32.46 -12.75 -20.15
C ALA A 842 -31.77 -13.85 -19.35
N GLY A 843 -30.81 -13.47 -18.51
CA GLY A 843 -30.07 -14.43 -17.71
C GLY A 843 -29.20 -15.36 -18.51
N GLN A 844 -28.97 -15.05 -19.78
CA GLN A 844 -28.16 -15.91 -20.63
C GLN A 844 -26.68 -15.54 -20.61
N ARG A 845 -26.19 -14.99 -19.50
CA ARG A 845 -24.76 -14.83 -19.29
C ARG A 845 -24.23 -16.00 -18.48
N CYS A 846 -23.03 -16.47 -18.82
CA CYS A 846 -22.38 -17.48 -18.01
C CYS A 846 -22.17 -17.00 -16.59
N SER A 847 -21.96 -15.69 -16.41
CA SER A 847 -21.77 -15.04 -15.12
C SER A 847 -23.07 -14.68 -14.40
N ALA A 848 -24.23 -14.98 -14.99
CA ALA A 848 -25.49 -14.48 -14.44
C ALA A 848 -25.70 -14.98 -13.03
N LEU A 849 -26.36 -14.15 -12.22
CA LEU A 849 -26.60 -14.50 -10.83
C LEU A 849 -27.72 -15.53 -10.77
N ARG A 850 -27.40 -16.70 -10.23
CA ARG A 850 -28.37 -17.79 -10.14
C ARG A 850 -28.95 -17.96 -8.74
N VAL A 851 -28.17 -17.66 -7.69
CA VAL A 851 -28.62 -17.89 -6.33
C VAL A 851 -28.27 -16.67 -5.50
N LEU A 852 -29.29 -16.02 -4.95
CA LEU A 852 -29.11 -14.91 -4.03
C LEU A 852 -29.31 -15.39 -2.60
N CYS A 853 -28.34 -15.11 -1.74
CA CYS A 853 -28.36 -15.56 -0.35
C CYS A 853 -28.49 -14.33 0.54
N LEU A 854 -29.62 -14.22 1.23
CA LEU A 854 -29.96 -13.03 1.99
C LEU A 854 -29.89 -13.34 3.49
N GLN A 855 -29.17 -12.52 4.23
CA GLN A 855 -29.17 -12.69 5.67
C GLN A 855 -30.59 -12.51 6.18
N GLU A 856 -30.96 -13.38 7.11
CA GLU A 856 -32.36 -13.53 7.49
C GLU A 856 -32.96 -12.22 7.98
N ASP A 857 -32.17 -11.41 8.69
CA ASP A 857 -32.72 -10.18 9.27
C ASP A 857 -33.19 -9.19 8.22
N VAL A 858 -32.62 -9.22 7.01
CA VAL A 858 -32.99 -8.28 5.96
C VAL A 858 -33.65 -8.95 4.78
N ALA A 859 -33.88 -10.26 4.85
CA ALA A 859 -34.36 -11.00 3.69
C ALA A 859 -35.72 -10.52 3.22
N ASP A 860 -36.66 -10.32 4.15
CA ASP A 860 -38.02 -9.95 3.74
C ASP A 860 -38.04 -8.59 3.07
N ARG A 861 -37.31 -7.62 3.64
CA ARG A 861 -37.27 -6.27 3.08
C ARG A 861 -36.65 -6.26 1.68
N ILE A 862 -35.54 -6.96 1.51
CA ILE A 862 -34.89 -6.99 0.22
C ILE A 862 -35.73 -7.76 -0.80
N LEU A 863 -36.34 -8.87 -0.37
CA LEU A 863 -37.20 -9.63 -1.30
C LEU A 863 -38.37 -8.79 -1.79
N THR A 864 -39.02 -8.05 -0.89
CA THR A 864 -40.13 -7.20 -1.29
C THR A 864 -39.70 -6.17 -2.32
N MET A 865 -38.55 -5.54 -2.10
CA MET A 865 -38.02 -4.57 -3.03
C MET A 865 -37.64 -5.25 -4.35
N LEU A 866 -37.06 -6.44 -4.27
CA LEU A 866 -36.69 -7.17 -5.49
CA LEU A 866 -36.69 -7.19 -5.47
C LEU A 866 -37.90 -7.49 -6.35
N LYS A 867 -38.98 -7.97 -5.72
CA LYS A 867 -40.18 -8.28 -6.47
C LYS A 867 -40.77 -7.02 -7.10
N GLY A 868 -40.80 -5.91 -6.34
CA GLY A 868 -41.27 -4.67 -6.93
C GLY A 868 -40.44 -4.21 -8.10
N ALA A 869 -39.11 -4.34 -7.99
CA ALA A 869 -38.24 -3.97 -9.10
C ALA A 869 -38.44 -4.89 -10.30
N LEU A 870 -38.66 -6.18 -10.04
CA LEU A 870 -38.89 -7.14 -11.11
C LEU A 870 -40.04 -6.67 -12.00
N HIS A 871 -41.10 -6.14 -11.40
CA HIS A 871 -42.29 -5.81 -12.19
C HIS A 871 -42.15 -4.49 -12.95
N GLU A 872 -41.04 -3.77 -12.81
CA GLU A 872 -40.80 -2.58 -13.60
C GLU A 872 -40.03 -2.85 -14.89
N LEU A 873 -39.68 -4.13 -15.16
CA LEU A 873 -38.91 -4.46 -16.34
C LEU A 873 -39.80 -4.57 -17.55
N HIS A 874 -39.30 -4.08 -18.70
CA HIS A 874 -40.00 -4.16 -19.98
C HIS A 874 -39.40 -5.28 -20.79
N ILE A 875 -40.21 -6.29 -21.11
CA ILE A 875 -39.76 -7.46 -21.85
C ILE A 875 -40.41 -7.40 -23.23
N GLY A 876 -39.61 -7.53 -24.28
CA GLY A 876 -40.15 -7.48 -25.62
C GLY A 876 -39.06 -7.61 -26.67
N ARG A 877 -39.47 -7.48 -27.92
CA ARG A 877 -38.52 -7.50 -29.02
C ARG A 877 -37.54 -6.35 -28.84
N THR A 878 -36.25 -6.63 -29.06
CA THR A 878 -35.20 -5.73 -28.57
C THR A 878 -34.85 -4.59 -29.52
N ASP A 879 -35.60 -4.38 -30.60
CA ASP A 879 -35.33 -3.24 -31.47
C ASP A 879 -36.02 -1.98 -30.95
N ARG A 880 -36.22 -1.91 -29.62
CA ARG A 880 -36.74 -0.73 -28.94
C ARG A 880 -35.87 -0.42 -27.75
N LEU A 881 -35.46 0.85 -27.62
CA LEU A 881 -34.59 1.24 -26.51
C LEU A 881 -35.25 0.98 -25.17
N SER A 882 -36.59 1.03 -25.11
CA SER A 882 -37.28 0.86 -23.85
C SER A 882 -37.26 -0.58 -23.32
N VAL A 883 -36.81 -1.54 -24.12
CA VAL A 883 -36.86 -2.94 -23.69
C VAL A 883 -35.67 -3.25 -22.79
N ASP A 884 -35.94 -3.82 -21.62
CA ASP A 884 -34.88 -4.16 -20.68
C ASP A 884 -34.39 -5.59 -20.88
N VAL A 885 -35.32 -6.50 -21.11
CA VAL A 885 -35.00 -7.92 -21.22
C VAL A 885 -35.61 -8.43 -22.52
N GLY A 886 -34.79 -9.06 -23.35
CA GLY A 886 -35.27 -9.63 -24.58
C GLY A 886 -35.65 -11.09 -24.43
N PRO A 887 -35.71 -11.79 -25.56
CA PRO A 887 -36.13 -13.19 -25.56
C PRO A 887 -34.98 -14.11 -25.19
N VAL A 888 -35.33 -15.37 -24.91
CA VAL A 888 -34.28 -16.39 -24.83
C VAL A 888 -34.05 -16.86 -26.26
N ILE A 889 -32.98 -17.64 -26.49
CA ILE A 889 -32.48 -17.76 -27.85
C ILE A 889 -33.36 -18.65 -28.73
N THR A 890 -34.00 -19.68 -28.16
CA THR A 890 -34.76 -20.65 -28.95
C THR A 890 -35.98 -21.14 -28.18
N SER A 891 -36.90 -21.78 -28.92
CA SER A 891 -38.03 -22.46 -28.29
C SER A 891 -37.55 -23.56 -27.36
N GLU A 892 -36.50 -24.30 -27.75
CA GLU A 892 -35.97 -25.34 -26.88
C GLU A 892 -35.45 -24.76 -25.56
N ALA A 893 -34.71 -23.64 -25.64
CA ALA A 893 -34.28 -22.95 -24.43
C ALA A 893 -35.48 -22.57 -23.57
N LYS A 894 -36.50 -22.02 -24.21
CA LYS A 894 -37.66 -21.55 -23.46
C LYS A 894 -38.32 -22.69 -22.72
N ASP A 895 -38.58 -23.81 -23.42
CA ASP A 895 -39.23 -24.95 -22.80
C ASP A 895 -38.41 -25.53 -21.65
N ASN A 896 -37.10 -25.65 -21.85
CA ASN A 896 -36.23 -26.15 -20.78
C ASN A 896 -36.34 -25.28 -19.54
N ILE A 897 -36.28 -23.96 -19.71
CA ILE A 897 -36.36 -23.06 -18.56
C ILE A 897 -37.74 -23.15 -17.90
N GLU A 898 -38.78 -23.17 -18.71
CA GLU A 898 -40.14 -23.16 -18.14
C GLU A 898 -40.47 -24.47 -17.44
N LYS A 899 -39.89 -25.58 -17.90
CA LYS A 899 -40.05 -26.84 -17.19
C LYS A 899 -39.46 -26.76 -15.79
N HIS A 900 -38.29 -26.12 -15.65
CA HIS A 900 -37.72 -25.94 -14.33
C HIS A 900 -38.65 -25.12 -13.44
N ILE A 901 -39.17 -24.01 -13.97
CA ILE A 901 -40.02 -23.15 -13.17
C ILE A 901 -41.25 -23.89 -12.68
N GLU A 902 -41.89 -24.65 -13.58
CA GLU A 902 -43.09 -25.37 -13.19
C GLU A 902 -42.78 -26.45 -12.16
N ARG A 903 -41.63 -27.11 -12.26
CA ARG A 903 -41.27 -28.10 -11.25
C ARG A 903 -41.10 -27.45 -9.88
N MET A 904 -40.45 -26.28 -9.83
CA MET A 904 -40.33 -25.55 -8.57
C MET A 904 -41.69 -25.16 -8.04
N ARG A 905 -42.55 -24.62 -8.90
CA ARG A 905 -43.91 -24.28 -8.46
C ARG A 905 -44.65 -25.52 -8.01
N GLY A 906 -44.43 -26.65 -8.70
CA GLY A 906 -45.07 -27.88 -8.33
C GLY A 906 -44.66 -28.37 -6.95
N LEU A 907 -43.44 -28.05 -6.53
CA LEU A 907 -42.95 -28.40 -5.21
C LEU A 907 -43.41 -27.43 -4.13
N GLY A 908 -44.24 -26.46 -4.47
CA GLY A 908 -44.72 -25.52 -3.49
C GLY A 908 -43.81 -24.34 -3.22
N ARG A 909 -42.73 -24.17 -3.98
CA ARG A 909 -41.91 -22.99 -3.81
C ARG A 909 -42.64 -21.74 -4.28
N LYS A 910 -42.39 -20.64 -3.59
CA LYS A 910 -42.93 -19.35 -4.01
C LYS A 910 -42.24 -18.88 -5.28
N VAL A 911 -43.03 -18.58 -6.30
CA VAL A 911 -42.56 -18.20 -7.62
C VAL A 911 -43.18 -16.86 -7.96
N GLU A 912 -42.33 -15.86 -8.23
CA GLU A 912 -42.77 -14.54 -8.68
C GLU A 912 -42.37 -14.36 -10.13
N GLN A 913 -43.35 -13.99 -10.97
CA GLN A 913 -43.09 -13.77 -12.39
C GLN A 913 -43.77 -12.51 -12.86
N ILE A 914 -43.14 -11.82 -13.81
CA ILE A 914 -43.79 -10.67 -14.42
C ILE A 914 -44.71 -11.17 -15.54
N GLY A 915 -45.82 -10.47 -15.71
CA GLY A 915 -46.71 -10.80 -16.82
C GLY A 915 -46.12 -10.28 -18.12
N LEU A 916 -46.17 -11.10 -19.16
CA LEU A 916 -45.66 -10.73 -20.46
C LEU A 916 -46.77 -10.17 -21.35
N ALA A 917 -46.39 -9.25 -22.23
CA ALA A 917 -47.34 -8.71 -23.19
C ALA A 917 -47.67 -9.76 -24.26
N SER A 918 -48.84 -9.59 -24.88
CA SER A 918 -49.27 -10.52 -25.92
C SER A 918 -48.30 -10.51 -27.10
N GLU A 919 -47.65 -9.38 -27.37
CA GLU A 919 -46.73 -9.29 -28.48
C GLU A 919 -45.56 -10.26 -28.37
N THR A 920 -45.31 -10.80 -27.18
CA THR A 920 -44.19 -11.73 -27.03
C THR A 920 -44.48 -13.09 -27.64
N GLY A 921 -45.76 -13.40 -27.91
CA GLY A 921 -46.11 -14.68 -28.50
C GLY A 921 -45.43 -15.00 -29.82
N VAL A 922 -44.98 -13.97 -30.55
CA VAL A 922 -44.31 -14.21 -31.84
C VAL A 922 -42.84 -14.59 -31.69
N GLY A 923 -42.30 -14.53 -30.47
CA GLY A 923 -40.94 -14.95 -30.22
C GLY A 923 -40.86 -15.93 -29.08
N THR A 924 -39.68 -16.12 -28.51
CA THR A 924 -39.49 -17.11 -27.45
C THR A 924 -39.00 -16.38 -26.20
N PHE A 925 -39.94 -16.01 -25.34
CA PHE A 925 -39.64 -15.23 -24.14
C PHE A 925 -39.94 -16.06 -22.89
N VAL A 926 -39.09 -15.87 -21.87
CA VAL A 926 -39.35 -16.36 -20.53
C VAL A 926 -39.45 -15.16 -19.63
N PRO A 927 -40.53 -14.99 -18.87
CA PRO A 927 -40.60 -13.85 -17.99
C PRO A 927 -39.57 -13.97 -16.88
N PRO A 928 -38.86 -12.89 -16.58
CA PRO A 928 -38.01 -12.87 -15.38
C PRO A 928 -38.75 -13.39 -14.17
N THR A 929 -38.08 -14.28 -13.43
CA THR A 929 -38.71 -15.11 -12.42
C THR A 929 -37.86 -15.11 -11.16
N ILE A 930 -38.52 -15.06 -9.99
CA ILE A 930 -37.84 -15.21 -8.70
C ILE A 930 -38.44 -16.43 -8.02
N ILE A 931 -37.58 -17.37 -7.62
CA ILE A 931 -38.01 -18.60 -6.96
C ILE A 931 -37.33 -18.65 -5.59
N GLU A 932 -38.13 -18.75 -4.53
CA GLU A 932 -37.61 -18.80 -3.17
C GLU A 932 -37.39 -20.25 -2.75
N LEU A 933 -36.16 -20.61 -2.45
CA LEU A 933 -35.83 -21.98 -2.13
C LEU A 933 -35.65 -22.16 -0.62
N GLU A 934 -35.86 -23.39 -0.17
CA GLU A 934 -35.58 -23.72 1.23
C GLU A 934 -34.08 -23.88 1.46
N LYS A 935 -33.41 -24.65 0.61
CA LYS A 935 -31.98 -24.90 0.73
C LYS A 935 -31.31 -24.73 -0.63
N LEU A 936 -30.03 -24.36 -0.61
CA LEU A 936 -29.27 -24.29 -1.84
C LEU A 936 -29.25 -25.63 -2.57
N SER A 937 -29.47 -26.72 -1.85
CA SER A 937 -29.52 -28.05 -2.45
C SER A 937 -30.80 -28.31 -3.24
N ASP A 938 -31.84 -27.48 -3.07
CA ASP A 938 -33.02 -27.62 -3.92
C ASP A 938 -32.70 -27.38 -5.39
N LEU A 939 -31.62 -26.65 -5.67
CA LEU A 939 -31.22 -26.34 -7.04
CA LEU A 939 -31.22 -26.34 -7.04
C LEU A 939 -30.21 -27.37 -7.49
N GLN A 940 -30.61 -28.25 -8.40
CA GLN A 940 -29.77 -29.37 -8.82
C GLN A 940 -29.35 -29.30 -10.29
N ARG A 941 -29.59 -28.19 -10.99
CA ARG A 941 -29.23 -28.08 -12.39
C ARG A 941 -29.00 -26.62 -12.74
N GLU A 942 -28.10 -26.37 -13.68
CA GLU A 942 -27.95 -25.01 -14.19
C GLU A 942 -29.16 -24.66 -15.04
N VAL A 943 -29.77 -23.52 -14.76
CA VAL A 943 -30.94 -23.05 -15.49
C VAL A 943 -30.52 -21.78 -16.20
N PHE A 944 -30.30 -21.88 -17.52
CA PHE A 944 -29.66 -20.80 -18.27
C PHE A 944 -30.72 -19.85 -18.82
N GLY A 945 -31.30 -19.07 -17.91
CA GLY A 945 -32.39 -18.21 -18.25
C GLY A 945 -32.64 -17.20 -17.16
N PRO A 946 -33.66 -16.36 -17.32
CA PRO A 946 -33.89 -15.26 -16.36
C PRO A 946 -34.60 -15.76 -15.11
N VAL A 947 -33.91 -16.58 -14.32
CA VAL A 947 -34.53 -17.25 -13.18
C VAL A 947 -33.60 -17.12 -11.98
N LEU A 948 -34.01 -16.32 -11.01
CA LEU A 948 -33.23 -16.05 -9.80
C LEU A 948 -33.76 -16.91 -8.66
N HIS A 949 -32.89 -17.66 -8.01
CA HIS A 949 -33.26 -18.41 -6.83
C HIS A 949 -32.79 -17.67 -5.59
N VAL A 950 -33.62 -17.66 -4.54
CA VAL A 950 -33.35 -16.91 -3.33
C VAL A 950 -33.39 -17.86 -2.14
N ILE A 951 -32.35 -17.81 -1.31
CA ILE A 951 -32.32 -18.53 -0.04
C ILE A 951 -31.95 -17.54 1.06
N ARG A 952 -32.33 -17.87 2.28
CA ARG A 952 -32.05 -17.05 3.46
C ARG A 952 -31.08 -17.78 4.37
N TYR A 953 -30.25 -17.03 5.10
CA TYR A 953 -29.27 -17.66 5.99
C TYR A 953 -29.15 -16.87 7.29
N ARG A 954 -28.82 -17.59 8.36
CA ARG A 954 -28.51 -16.95 9.63
C ARG A 954 -27.04 -16.52 9.65
N ARG A 955 -26.77 -15.38 10.30
CA ARG A 955 -25.42 -14.81 10.26
C ARG A 955 -24.37 -15.81 10.77
N ASP A 956 -24.68 -16.54 11.86
CA ASP A 956 -23.69 -17.49 12.37
C ASP A 956 -23.43 -18.63 11.41
N ASP A 957 -24.32 -18.85 10.44
CA ASP A 957 -24.17 -19.90 9.45
C ASP A 957 -23.45 -19.45 8.18
N LEU A 958 -22.88 -18.25 8.17
CA LEU A 958 -22.22 -17.74 6.97
C LEU A 958 -21.14 -18.69 6.47
N ASP A 959 -20.29 -19.19 7.37
CA ASP A 959 -19.19 -20.04 6.93
C ASP A 959 -19.72 -21.35 6.34
N ARG A 960 -20.76 -21.90 6.94
CA ARG A 960 -21.36 -23.10 6.36
C ARG A 960 -21.99 -22.78 5.00
N LEU A 961 -22.64 -21.62 4.88
CA LEU A 961 -23.22 -21.24 3.60
C LEU A 961 -22.17 -21.18 2.50
N VAL A 962 -21.01 -20.58 2.80
CA VAL A 962 -19.93 -20.56 1.81
C VAL A 962 -19.55 -21.98 1.40
N ASP A 963 -19.51 -22.90 2.37
CA ASP A 963 -19.28 -24.31 2.04
C ASP A 963 -20.34 -24.84 1.08
N ASP A 964 -21.61 -24.50 1.32
CA ASP A 964 -22.69 -24.96 0.45
C ASP A 964 -22.52 -24.41 -0.96
N VAL A 965 -22.16 -23.13 -1.09
CA VAL A 965 -21.89 -22.55 -2.40
C VAL A 965 -20.76 -23.32 -3.08
N ASN A 966 -19.64 -23.52 -2.36
CA ASN A 966 -18.50 -24.23 -2.92
C ASN A 966 -18.87 -25.65 -3.32
N ALA A 967 -19.77 -26.29 -2.57
CA ALA A 967 -20.05 -27.71 -2.78
C ALA A 967 -20.76 -28.01 -4.10
N THR A 968 -21.27 -26.99 -4.80
CA THR A 968 -21.84 -27.21 -6.13
C THR A 968 -20.81 -27.72 -7.12
N GLY A 969 -19.52 -27.50 -6.86
CA GLY A 969 -18.47 -27.85 -7.80
C GLY A 969 -18.18 -26.78 -8.84
N TYR A 970 -19.10 -25.82 -9.03
CA TYR A 970 -18.88 -24.68 -9.91
C TYR A 970 -18.03 -23.62 -9.21
N GLY A 971 -17.63 -22.61 -9.98
CA GLY A 971 -16.80 -21.57 -9.40
C GLY A 971 -16.44 -20.51 -10.41
N LEU A 972 -17.45 -19.86 -11.00
CA LEU A 972 -17.22 -18.84 -12.00
C LEU A 972 -17.23 -17.45 -11.37
N THR A 973 -18.42 -16.89 -11.18
CA THR A 973 -18.53 -15.57 -10.59
C THR A 973 -19.20 -15.66 -9.24
N PHE A 974 -18.84 -14.74 -8.35
CA PHE A 974 -19.36 -14.71 -7.00
C PHE A 974 -19.47 -13.26 -6.58
N GLY A 975 -20.56 -12.90 -5.92
CA GLY A 975 -20.75 -11.54 -5.43
C GLY A 975 -20.92 -11.48 -3.93
N LEU A 976 -20.44 -10.38 -3.34
CA LEU A 976 -20.59 -10.17 -1.91
C LEU A 976 -20.97 -8.72 -1.68
N HIS A 977 -22.10 -8.50 -1.01
CA HIS A 977 -22.49 -7.16 -0.61
C HIS A 977 -22.38 -7.07 0.91
N THR A 978 -21.46 -6.24 1.37
CA THR A 978 -21.24 -5.99 2.79
C THR A 978 -20.38 -4.73 2.90
N ARG A 979 -20.53 -4.02 4.02
CA ARG A 979 -19.63 -2.94 4.36
C ARG A 979 -18.56 -3.36 5.38
N LEU A 980 -18.57 -4.61 5.81
CA LEU A 980 -17.75 -5.04 6.93
C LEU A 980 -16.50 -5.75 6.42
N ASP A 981 -15.32 -5.19 6.74
CA ASP A 981 -14.06 -5.79 6.28
C ASP A 981 -13.89 -7.21 6.80
N GLU A 982 -14.33 -7.47 8.04
CA GLU A 982 -14.16 -8.82 8.57
C GLU A 982 -14.94 -9.82 7.74
N THR A 983 -16.14 -9.46 7.31
CA THR A 983 -16.93 -10.34 6.44
C THR A 983 -16.27 -10.47 5.07
N ILE A 984 -15.75 -9.36 4.52
CA ILE A 984 -15.05 -9.46 3.23
C ILE A 984 -13.89 -10.42 3.32
N ALA A 985 -13.04 -10.25 4.34
CA ALA A 985 -11.85 -11.09 4.48
C ALA A 985 -12.24 -12.55 4.60
N HIS A 986 -13.21 -12.84 5.46
CA HIS A 986 -13.66 -14.21 5.68
C HIS A 986 -14.21 -14.82 4.40
N VAL A 987 -15.21 -14.17 3.81
CA VAL A 987 -15.89 -14.78 2.66
C VAL A 987 -14.96 -14.92 1.47
N THR A 988 -14.18 -13.87 1.16
CA THR A 988 -13.32 -13.97 -0.01
C THR A 988 -12.18 -14.95 0.21
N SER A 989 -11.81 -15.22 1.46
CA SER A 989 -10.76 -16.23 1.66
C SER A 989 -11.31 -17.65 1.58
N ARG A 990 -12.62 -17.84 1.76
CA ARG A 990 -13.21 -19.18 1.77
C ARG A 990 -13.90 -19.56 0.47
N ILE A 991 -14.45 -18.58 -0.28
CA ILE A 991 -15.12 -18.87 -1.54
C ILE A 991 -14.12 -19.34 -2.58
N LYS A 992 -14.51 -20.34 -3.36
CA LYS A 992 -13.68 -20.87 -4.45
C LYS A 992 -14.29 -20.48 -5.79
N ALA A 993 -13.96 -19.28 -6.28
CA ALA A 993 -14.51 -18.76 -7.53
C ALA A 993 -13.46 -17.92 -8.24
N GLY A 994 -13.52 -17.94 -9.59
CA GLY A 994 -12.53 -17.24 -10.39
C GLY A 994 -12.71 -15.74 -10.52
N ASN A 995 -13.95 -15.25 -10.38
CA ASN A 995 -14.25 -13.83 -10.53
C ASN A 995 -15.10 -13.40 -9.34
N LEU A 996 -14.51 -12.59 -8.45
CA LEU A 996 -15.20 -12.09 -7.28
C LEU A 996 -15.57 -10.63 -7.50
N TYR A 997 -16.73 -10.24 -6.97
CA TYR A 997 -17.22 -8.88 -7.11
C TYR A 997 -17.72 -8.43 -5.75
N ILE A 998 -17.24 -7.29 -5.26
CA ILE A 998 -17.61 -6.78 -3.95
CA ILE A 998 -17.62 -6.79 -3.96
C ILE A 998 -18.41 -5.49 -4.14
N ASN A 999 -19.64 -5.49 -3.64
CA ASN A 999 -20.49 -4.30 -3.63
C ASN A 999 -20.80 -3.78 -5.03
N ARG A 1000 -20.98 -4.69 -5.99
CA ARG A 1000 -21.36 -4.34 -7.36
C ARG A 1000 -22.04 -5.55 -8.00
N ASN A 1001 -22.48 -5.39 -9.25
CA ASN A 1001 -23.02 -6.57 -9.93
C ASN A 1001 -21.89 -7.55 -10.26
N ILE A 1002 -22.27 -8.74 -10.74
CA ILE A 1002 -21.28 -9.79 -11.02
C ILE A 1002 -21.16 -10.09 -12.51
N ILE A 1003 -21.60 -9.18 -13.38
CA ILE A 1003 -21.57 -9.43 -14.82
C ILE A 1003 -20.70 -8.40 -15.53
N GLY A 1004 -20.46 -8.65 -16.81
CA GLY A 1004 -19.77 -7.68 -17.64
C GLY A 1004 -18.28 -7.56 -17.36
N ALA A 1005 -17.62 -8.67 -17.06
CA ALA A 1005 -16.18 -8.65 -16.81
C ALA A 1005 -15.47 -8.02 -18.00
N VAL A 1006 -14.50 -7.14 -17.71
CA VAL A 1006 -13.84 -6.31 -18.72
C VAL A 1006 -12.48 -6.91 -19.04
N VAL A 1007 -12.17 -6.99 -20.33
CA VAL A 1007 -10.90 -7.56 -20.79
C VAL A 1007 -9.73 -6.78 -20.17
N GLY A 1008 -8.72 -7.53 -19.68
CA GLY A 1008 -7.56 -6.92 -19.04
C GLY A 1008 -7.82 -6.22 -17.73
N VAL A 1009 -9.06 -6.24 -17.23
CA VAL A 1009 -9.44 -5.58 -16.00
C VAL A 1009 -10.01 -6.57 -15.00
N GLN A 1010 -11.00 -7.35 -15.43
CA GLN A 1010 -11.45 -8.55 -14.73
C GLN A 1010 -11.25 -9.71 -15.69
N PRO A 1011 -10.03 -10.18 -15.87
CA PRO A 1011 -9.81 -11.38 -16.69
C PRO A 1011 -10.79 -12.46 -16.26
N PHE A 1012 -11.40 -13.14 -17.23
CA PHE A 1012 -12.61 -13.90 -16.96
C PHE A 1012 -12.39 -15.40 -17.16
N GLY A 1013 -12.90 -16.18 -16.22
CA GLY A 1013 -12.73 -17.61 -16.24
C GLY A 1013 -12.72 -18.20 -14.84
N GLY A 1014 -13.35 -19.36 -14.68
CA GLY A 1014 -13.52 -19.98 -13.39
C GLY A 1014 -12.74 -21.27 -13.24
N ARG A 1015 -13.06 -21.98 -12.16
CA ARG A 1015 -12.40 -23.24 -11.81
C ARG A 1015 -13.46 -24.31 -11.64
N GLY A 1016 -13.01 -25.54 -11.37
CA GLY A 1016 -13.95 -26.62 -11.11
C GLY A 1016 -14.78 -26.91 -12.35
N LEU A 1017 -16.09 -27.02 -12.18
CA LEU A 1017 -17.00 -27.27 -13.31
C LEU A 1017 -17.14 -26.07 -14.24
N SER A 1018 -16.54 -24.93 -13.91
CA SER A 1018 -16.76 -23.72 -14.70
C SER A 1018 -15.71 -23.51 -15.79
N GLY A 1019 -14.61 -24.23 -15.75
CA GLY A 1019 -13.66 -24.10 -16.82
C GLY A 1019 -12.35 -24.77 -16.49
N THR A 1020 -11.50 -24.84 -17.51
CA THR A 1020 -10.12 -25.25 -17.39
C THR A 1020 -9.17 -24.11 -17.12
N GLY A 1021 -9.54 -22.89 -17.51
CA GLY A 1021 -8.57 -21.83 -17.63
C GLY A 1021 -7.67 -22.11 -18.82
N PRO A 1022 -6.74 -21.18 -19.11
CA PRO A 1022 -6.52 -19.91 -18.40
C PRO A 1022 -7.63 -18.88 -18.69
N LYS A 1023 -7.63 -17.76 -17.97
CA LYS A 1023 -8.67 -16.76 -18.11
C LYS A 1023 -8.60 -16.05 -19.47
N ALA A 1024 -9.76 -15.90 -20.12
CA ALA A 1024 -9.86 -15.04 -21.29
C ALA A 1024 -9.65 -13.60 -20.87
N GLY A 1025 -8.99 -12.83 -21.73
CA GLY A 1025 -8.69 -11.46 -21.38
C GLY A 1025 -7.70 -11.34 -20.24
N GLY A 1026 -6.83 -12.33 -20.08
CA GLY A 1026 -5.80 -12.31 -19.07
C GLY A 1026 -4.47 -12.72 -19.67
N PRO A 1027 -3.40 -12.60 -18.89
CA PRO A 1027 -2.06 -12.66 -19.45
C PRO A 1027 -1.54 -14.08 -19.61
N LEU A 1028 -2.24 -15.09 -19.12
CA LEU A 1028 -1.83 -16.48 -19.34
C LEU A 1028 -2.46 -17.09 -20.58
N TYR A 1029 -3.38 -16.38 -21.23
CA TYR A 1029 -4.20 -16.98 -22.29
C TYR A 1029 -3.36 -17.38 -23.49
N LEU A 1030 -2.55 -16.47 -24.02
CA LEU A 1030 -1.82 -16.79 -25.26
C LEU A 1030 -0.84 -17.93 -25.03
N GLY A 1031 -0.29 -18.06 -23.83
CA GLY A 1031 0.71 -19.08 -23.58
C GLY A 1031 0.18 -20.50 -23.73
N ARG A 1032 -1.12 -20.68 -23.62
CA ARG A 1032 -1.74 -21.98 -23.84
C ARG A 1032 -1.83 -22.32 -25.32
N LEU A 1033 -1.60 -21.36 -26.22
CA LEU A 1033 -1.83 -21.57 -27.64
C LEU A 1033 -0.55 -21.71 -28.42
N VAL A 1034 0.58 -21.90 -27.72
CA VAL A 1034 1.87 -22.16 -28.32
C VAL A 1034 2.49 -23.36 -27.63
N THR A 1035 3.53 -23.91 -28.27
CA THR A 1035 4.14 -25.12 -27.73
C THR A 1035 5.09 -24.83 -26.58
N THR A 1036 5.69 -23.63 -26.55
CA THR A 1036 6.55 -23.17 -25.48
C THR A 1036 5.97 -21.85 -24.95
N ALA A 1037 5.47 -21.86 -23.73
CA ALA A 1037 4.79 -20.67 -23.21
C ALA A 1037 5.81 -19.57 -22.93
N PRO A 1038 5.51 -18.33 -23.28
CA PRO A 1038 6.38 -17.20 -22.90
C PRO A 1038 6.14 -16.82 -21.46
N VAL A 1039 6.99 -15.93 -20.95
CA VAL A 1039 6.80 -15.33 -19.64
C VAL A 1039 5.82 -14.16 -19.79
N PRO A 1040 4.64 -14.20 -19.17
CA PRO A 1040 3.70 -13.10 -19.34
C PRO A 1040 4.22 -11.82 -18.74
N PRO A 1041 3.72 -10.66 -19.19
CA PRO A 1041 3.99 -9.40 -18.49
C PRO A 1041 3.66 -9.52 -17.01
N GLN A 1042 4.50 -8.90 -16.19
CA GLN A 1042 4.33 -8.78 -14.74
C GLN A 1042 4.15 -10.12 -14.03
N HIS A 1043 4.57 -11.23 -14.62
CA HIS A 1043 4.28 -12.57 -14.11
C HIS A 1043 5.51 -13.08 -13.37
N SER A 1044 5.51 -12.94 -12.05
CA SER A 1044 6.58 -13.37 -11.17
C SER A 1044 6.09 -13.23 -9.73
N SER A 1045 6.79 -13.89 -8.82
CA SER A 1045 6.48 -13.76 -7.39
C SER A 1045 7.75 -13.91 -6.58
N VAL A 1046 7.88 -13.10 -5.53
CA VAL A 1046 9.01 -13.27 -4.62
C VAL A 1046 8.72 -14.26 -3.52
N HIS A 1047 7.51 -14.83 -3.48
CA HIS A 1047 7.13 -15.80 -2.47
C HIS A 1047 7.56 -17.19 -2.91
N THR A 1048 8.12 -17.95 -1.97
CA THR A 1048 8.47 -19.34 -2.18
C THR A 1048 7.59 -20.20 -1.28
N ASP A 1049 6.93 -21.19 -1.85
CA ASP A 1049 6.12 -22.09 -1.04
C ASP A 1049 7.00 -22.76 0.01
N PRO A 1050 6.64 -22.71 1.29
CA PRO A 1050 7.49 -23.34 2.32
C PRO A 1050 7.48 -24.86 2.29
N VAL A 1051 6.41 -25.49 1.82
CA VAL A 1051 6.41 -26.94 1.76
C VAL A 1051 7.32 -27.39 0.62
N LEU A 1052 7.30 -26.67 -0.50
CA LEU A 1052 8.32 -26.90 -1.53
C LEU A 1052 9.72 -26.84 -0.93
N LEU A 1053 9.99 -25.83 -0.10
CA LEU A 1053 11.32 -25.70 0.50
C LEU A 1053 11.64 -26.88 1.42
N ASP A 1054 10.66 -27.32 2.21
CA ASP A 1054 10.85 -28.52 3.02
C ASP A 1054 11.13 -29.73 2.15
N PHE A 1055 10.45 -29.82 1.01
CA PHE A 1055 10.64 -30.97 0.11
C PHE A 1055 12.03 -30.95 -0.52
N ALA A 1056 12.53 -29.78 -0.91
CA ALA A 1056 13.86 -29.73 -1.50
C ALA A 1056 14.94 -30.14 -0.50
N LYS A 1057 14.82 -29.70 0.77
CA LYS A 1057 15.76 -30.14 1.78
C LYS A 1057 15.66 -31.65 2.00
N TRP A 1058 14.44 -32.18 2.00
CA TRP A 1058 14.27 -33.62 2.11
C TRP A 1058 14.95 -34.35 0.95
N LEU A 1059 14.80 -33.82 -0.28
CA LEU A 1059 15.46 -34.43 -1.43
C LEU A 1059 16.96 -34.46 -1.24
N ASP A 1060 17.54 -33.34 -0.82
CA ASP A 1060 18.97 -33.31 -0.55
C ASP A 1060 19.36 -34.32 0.52
N GLY A 1061 18.53 -34.45 1.56
CA GLY A 1061 18.80 -35.44 2.59
C GLY A 1061 18.85 -36.86 2.05
N LYS A 1062 17.98 -37.18 1.10
CA LYS A 1062 17.96 -38.51 0.49
C LYS A 1062 19.04 -38.70 -0.58
N GLY A 1063 19.81 -37.68 -0.90
CA GLY A 1063 20.81 -37.78 -1.94
C GLY A 1063 20.32 -37.43 -3.33
N ALA A 1064 19.04 -37.08 -3.48
CA ALA A 1064 18.45 -36.71 -4.77
C ALA A 1064 18.80 -35.26 -5.07
N ARG A 1065 20.09 -35.06 -5.38
CA ARG A 1065 20.66 -33.72 -5.41
C ARG A 1065 20.17 -32.92 -6.62
N ALA A 1066 20.12 -33.55 -7.81
CA ALA A 1066 19.65 -32.83 -8.97
C ALA A 1066 18.17 -32.48 -8.83
N GLU A 1067 17.39 -33.39 -8.25
CA GLU A 1067 15.97 -33.14 -8.05
C GLU A 1067 15.75 -32.02 -7.04
N ALA A 1068 16.57 -31.99 -5.98
CA ALA A 1068 16.46 -30.89 -5.02
C ALA A 1068 16.71 -29.54 -5.68
N GLU A 1069 17.71 -29.47 -6.55
CA GLU A 1069 17.98 -28.23 -7.28
C GLU A 1069 16.82 -27.86 -8.21
N ALA A 1070 16.27 -28.85 -8.93
CA ALA A 1070 15.10 -28.58 -9.75
C ALA A 1070 13.94 -28.08 -8.91
N ALA A 1071 13.80 -28.62 -7.71
CA ALA A 1071 12.74 -28.19 -6.81
C ALA A 1071 12.96 -26.74 -6.38
N ARG A 1072 14.19 -26.39 -5.98
CA ARG A 1072 14.47 -24.99 -5.66
C ARG A 1072 14.19 -24.09 -6.87
N ASN A 1073 14.56 -24.54 -8.08
CA ASN A 1073 14.28 -23.75 -9.26
C ASN A 1073 12.77 -23.59 -9.50
N ALA A 1074 12.00 -24.66 -9.27
CA ALA A 1074 10.56 -24.55 -9.40
C ALA A 1074 10.01 -23.56 -8.38
N GLY A 1075 10.51 -23.60 -7.15
CA GLY A 1075 10.05 -22.65 -6.14
C GLY A 1075 10.27 -21.21 -6.55
N SER A 1076 11.41 -20.94 -7.20
CA SER A 1076 11.70 -19.59 -7.68
C SER A 1076 10.87 -19.22 -8.89
N SER A 1077 10.73 -20.14 -9.85
CA SER A 1077 10.00 -19.81 -11.07
C SER A 1077 8.50 -19.71 -10.85
N SER A 1078 7.96 -20.37 -9.82
CA SER A 1078 6.54 -20.28 -9.54
C SER A 1078 6.11 -18.82 -9.38
N ALA A 1079 4.93 -18.50 -9.91
CA ALA A 1079 4.34 -17.19 -9.71
C ALA A 1079 3.24 -17.20 -8.66
N LEU A 1080 3.13 -18.29 -7.89
CA LEU A 1080 2.24 -18.34 -6.75
C LEU A 1080 2.50 -17.15 -5.83
N GLY A 1081 1.42 -16.46 -5.45
CA GLY A 1081 1.56 -15.28 -4.62
C GLY A 1081 1.55 -13.98 -5.38
N LEU A 1082 1.59 -14.01 -6.72
CA LEU A 1082 1.44 -12.79 -7.51
CA LEU A 1082 1.44 -12.79 -7.51
C LEU A 1082 0.19 -12.05 -7.06
N ASP A 1083 0.31 -10.73 -6.90
CA ASP A 1083 -0.80 -9.93 -6.38
C ASP A 1083 -0.75 -8.56 -7.05
N LEU A 1084 -1.55 -8.36 -8.08
CA LEU A 1084 -1.47 -7.15 -8.91
C LEU A 1084 -2.76 -6.37 -8.85
N GLU A 1085 -2.65 -5.05 -8.92
CA GLU A 1085 -3.80 -4.20 -9.18
C GLU A 1085 -3.76 -3.80 -10.65
N LEU A 1086 -4.86 -4.05 -11.36
CA LEU A 1086 -5.00 -3.76 -12.78
C LEU A 1086 -5.62 -2.38 -12.98
N PRO A 1087 -5.09 -1.60 -13.92
CA PRO A 1087 -5.68 -0.29 -14.21
C PRO A 1087 -7.11 -0.42 -14.73
N GLY A 1088 -7.97 0.47 -14.25
CA GLY A 1088 -9.35 0.53 -14.64
C GLY A 1088 -9.92 1.90 -14.29
N PRO A 1089 -11.24 1.98 -14.12
CA PRO A 1089 -11.85 3.27 -13.81
C PRO A 1089 -11.60 3.69 -12.36
N VAL A 1090 -11.78 4.99 -12.12
CA VAL A 1090 -11.86 5.46 -10.74
C VAL A 1090 -13.04 4.80 -10.04
N GLY A 1091 -12.97 4.78 -8.71
CA GLY A 1091 -14.07 4.24 -7.92
C GLY A 1091 -14.19 2.74 -7.98
N GLU A 1092 -13.12 2.06 -8.39
CA GLU A 1092 -13.10 0.62 -8.44
C GLU A 1092 -11.66 0.17 -8.22
N ARG A 1093 -11.47 -0.95 -7.51
CA ARG A 1093 -10.16 -1.61 -7.40
C ARG A 1093 -10.26 -2.97 -8.05
N ASN A 1094 -9.38 -3.25 -9.01
CA ASN A 1094 -9.40 -4.50 -9.74
C ASN A 1094 -8.10 -5.24 -9.48
N LEU A 1095 -8.21 -6.40 -8.85
CA LEU A 1095 -7.08 -7.16 -8.35
C LEU A 1095 -6.98 -8.49 -9.07
N TYR A 1096 -5.74 -8.94 -9.28
CA TYR A 1096 -5.46 -10.16 -10.02
C TYR A 1096 -4.40 -10.90 -9.24
N THR A 1097 -4.69 -12.14 -8.85
CA THR A 1097 -3.85 -12.89 -7.93
C THR A 1097 -3.73 -14.33 -8.39
N LEU A 1098 -2.60 -14.96 -8.08
CA LEU A 1098 -2.35 -16.36 -8.43
C LEU A 1098 -2.29 -17.19 -7.15
N HIS A 1099 -3.15 -18.18 -7.05
CA HIS A 1099 -3.28 -19.05 -5.90
C HIS A 1099 -2.96 -20.48 -6.29
N ALA A 1100 -2.85 -21.34 -5.29
CA ALA A 1100 -2.81 -22.78 -5.57
C ALA A 1100 -4.09 -23.21 -6.26
N ARG A 1101 -3.99 -24.23 -7.11
CA ARG A 1101 -5.18 -24.76 -7.76
C ARG A 1101 -5.98 -25.67 -6.86
N GLY A 1102 -5.31 -26.48 -6.04
CA GLY A 1102 -5.99 -27.46 -5.20
C GLY A 1102 -5.17 -28.72 -5.09
N ARG A 1103 -5.76 -29.88 -5.41
CA ARG A 1103 -5.04 -31.15 -5.33
C ARG A 1103 -4.78 -31.62 -6.74
N ILE A 1104 -3.50 -31.81 -7.08
CA ILE A 1104 -3.08 -32.24 -8.41
C ILE A 1104 -2.90 -33.75 -8.41
N LEU A 1105 -3.49 -34.41 -9.40
CA LEU A 1105 -3.30 -35.84 -9.60
C LEU A 1105 -1.94 -36.05 -10.22
N LEU A 1106 -1.08 -36.83 -9.56
CA LEU A 1106 0.23 -37.16 -10.09
C LEU A 1106 0.21 -38.58 -10.61
N VAL A 1107 0.66 -38.76 -11.83
CA VAL A 1107 0.74 -40.11 -12.39
C VAL A 1107 2.18 -40.33 -12.82
N PRO A 1108 3.08 -40.64 -11.90
CA PRO A 1108 4.49 -40.81 -12.26
C PRO A 1108 4.76 -42.20 -12.82
N ALA A 1109 5.92 -42.31 -13.48
CA ALA A 1109 6.45 -43.59 -13.93
C ALA A 1109 7.74 -43.98 -13.23
N THR A 1110 8.60 -43.00 -12.90
CA THR A 1110 9.89 -43.26 -12.29
C THR A 1110 10.00 -42.43 -11.02
N GLU A 1111 10.96 -42.78 -10.16
CA GLU A 1111 11.14 -42.03 -8.91
C GLU A 1111 11.51 -40.58 -9.19
N SER A 1112 12.49 -40.35 -10.07
CA SER A 1112 12.87 -39.00 -10.42
C SER A 1112 11.70 -38.23 -11.02
N GLY A 1113 10.90 -38.89 -11.85
CA GLY A 1113 9.74 -38.22 -12.41
C GLY A 1113 8.75 -37.81 -11.34
N LEU A 1114 8.54 -38.67 -10.34
CA LEU A 1114 7.67 -38.33 -9.22
C LEU A 1114 8.23 -37.13 -8.46
N TYR A 1115 9.54 -37.14 -8.20
CA TYR A 1115 10.13 -36.02 -7.47
C TYR A 1115 9.97 -34.71 -8.22
N HIS A 1116 10.17 -34.73 -9.55
CA HIS A 1116 9.96 -33.53 -10.36
C HIS A 1116 8.50 -33.11 -10.36
N GLN A 1117 7.57 -34.06 -10.50
CA GLN A 1117 6.14 -33.70 -10.48
C GLN A 1117 5.76 -33.12 -9.13
N LEU A 1118 6.20 -33.74 -8.03
CA LEU A 1118 5.88 -33.23 -6.71
CA LEU A 1118 5.91 -33.23 -6.70
C LEU A 1118 6.46 -31.83 -6.53
N ALA A 1119 7.69 -31.61 -6.95
CA ALA A 1119 8.27 -30.27 -6.89
C ALA A 1119 7.41 -29.25 -7.64
N ALA A 1120 6.97 -29.58 -8.86
CA ALA A 1120 6.16 -28.65 -9.62
C ALA A 1120 4.88 -28.33 -8.89
N ALA A 1121 4.23 -29.35 -8.32
CA ALA A 1121 2.95 -29.12 -7.65
C ALA A 1121 3.13 -28.36 -6.34
N LEU A 1122 4.15 -28.71 -5.54
CA LEU A 1122 4.33 -28.05 -4.25
C LEU A 1122 4.76 -26.60 -4.43
N ALA A 1123 5.60 -26.32 -5.42
CA ALA A 1123 6.05 -24.95 -5.68
C ALA A 1123 4.90 -24.03 -6.07
N THR A 1124 3.79 -24.59 -6.57
CA THR A 1124 2.62 -23.78 -6.93
C THR A 1124 1.54 -23.86 -5.87
N GLY A 1125 1.89 -24.31 -4.65
CA GLY A 1125 1.02 -24.26 -3.50
C GLY A 1125 0.05 -25.41 -3.36
N ASN A 1126 0.12 -26.40 -4.24
CA ASN A 1126 -0.86 -27.46 -4.33
C ASN A 1126 -0.53 -28.61 -3.39
N SER A 1127 -1.56 -29.39 -3.07
CA SER A 1127 -1.41 -30.73 -2.54
C SER A 1127 -1.48 -31.69 -3.71
N VAL A 1128 -1.20 -32.97 -3.45
CA VAL A 1128 -1.18 -33.96 -4.53
C VAL A 1128 -1.90 -35.23 -4.11
N ALA A 1129 -2.39 -35.95 -5.10
CA ALA A 1129 -2.77 -37.35 -4.97
C ALA A 1129 -1.91 -38.13 -5.96
N ILE A 1130 -1.14 -39.08 -5.46
CA ILE A 1130 -0.19 -39.84 -6.28
C ILE A 1130 -0.81 -41.18 -6.62
N ASP A 1131 -0.76 -41.54 -7.91
CA ASP A 1131 -1.26 -42.83 -8.36
C ASP A 1131 -0.59 -43.96 -7.61
N ALA A 1132 -1.36 -44.70 -6.80
CA ALA A 1132 -0.79 -45.84 -6.07
C ALA A 1132 -0.37 -46.97 -7.00
N ALA A 1133 -0.92 -47.02 -8.22
CA ALA A 1133 -0.54 -48.08 -9.14
C ALA A 1133 0.85 -47.88 -9.74
N SER A 1134 1.46 -46.72 -9.50
CA SER A 1134 2.85 -46.51 -9.91
C SER A 1134 3.84 -47.38 -9.13
N GLY A 1135 3.47 -47.88 -7.96
CA GLY A 1135 4.39 -48.63 -7.13
C GLY A 1135 5.55 -47.84 -6.57
N LEU A 1136 5.44 -46.52 -6.46
CA LEU A 1136 6.57 -45.71 -6.03
C LEU A 1136 6.46 -45.28 -4.56
N GLN A 1137 5.67 -46.00 -3.77
CA GLN A 1137 5.48 -45.62 -2.37
C GLN A 1137 6.81 -45.60 -1.60
N ALA A 1138 7.69 -46.54 -1.87
CA ALA A 1138 8.94 -46.53 -1.11
C ALA A 1138 9.84 -45.34 -1.43
N SER A 1139 9.52 -44.56 -2.46
CA SER A 1139 10.35 -43.43 -2.83
C SER A 1139 10.12 -42.21 -1.94
N LEU A 1140 9.07 -42.24 -1.11
CA LEU A 1140 8.76 -41.10 -0.26
C LEU A 1140 8.73 -41.49 1.22
N LYS A 1141 9.73 -42.24 1.68
CA LYS A 1141 9.85 -42.55 3.10
C LYS A 1141 10.37 -41.36 3.89
N ASN A 1142 9.83 -41.18 5.10
CA ASN A 1142 10.37 -40.22 6.06
C ASN A 1142 10.24 -38.78 5.57
N LEU A 1143 9.08 -38.43 4.99
CA LEU A 1143 8.86 -37.05 4.59
C LEU A 1143 8.66 -36.17 5.81
N PRO A 1144 9.11 -34.92 5.75
CA PRO A 1144 8.71 -33.96 6.79
C PRO A 1144 7.19 -33.88 6.83
N GLN A 1145 6.66 -33.68 8.04
CA GLN A 1145 5.20 -33.69 8.22
C GLN A 1145 4.52 -32.65 7.34
N THR A 1146 5.16 -31.50 7.16
CA THR A 1146 4.62 -30.45 6.29
C THR A 1146 4.34 -30.97 4.89
N VAL A 1147 5.27 -31.76 4.35
CA VAL A 1147 5.08 -32.34 3.03
C VAL A 1147 4.08 -33.49 3.09
N GLY A 1148 4.23 -34.38 4.07
CA GLY A 1148 3.29 -35.48 4.22
C GLY A 1148 1.85 -35.03 4.31
N LEU A 1149 1.60 -33.90 4.97
CA LEU A 1149 0.25 -33.35 5.01
C LEU A 1149 -0.28 -33.03 3.62
N ARG A 1150 0.61 -32.80 2.64
CA ARG A 1150 0.17 -32.44 1.32
C ARG A 1150 0.03 -33.64 0.39
N VAL A 1151 0.49 -34.81 0.81
CA VAL A 1151 0.61 -35.97 -0.06
C VAL A 1151 -0.43 -37.00 0.36
N SER A 1152 -1.20 -37.48 -0.62
CA SER A 1152 -2.00 -38.67 -0.43
C SER A 1152 -1.75 -39.62 -1.59
N TRP A 1153 -2.16 -40.86 -1.41
CA TRP A 1153 -2.02 -41.88 -2.43
C TRP A 1153 -3.40 -42.35 -2.85
N SER A 1154 -3.58 -42.57 -4.15
CA SER A 1154 -4.90 -42.83 -4.71
C SER A 1154 -4.83 -44.09 -5.55
N LYS A 1155 -5.58 -45.11 -5.14
CA LYS A 1155 -5.81 -46.27 -6.00
C LYS A 1155 -7.01 -46.04 -6.91
N ASP A 1156 -8.05 -45.42 -6.38
CA ASP A 1156 -9.30 -45.15 -7.09
C ASP A 1156 -9.35 -43.64 -7.29
N TRP A 1157 -8.85 -43.17 -8.44
CA TRP A 1157 -8.77 -41.74 -8.70
C TRP A 1157 -10.14 -41.07 -8.56
N ALA A 1158 -11.20 -41.71 -9.07
CA ALA A 1158 -12.50 -41.05 -9.09
C ALA A 1158 -13.10 -40.92 -7.69
N ALA A 1159 -12.58 -41.66 -6.72
CA ALA A 1159 -13.07 -41.56 -5.36
C ALA A 1159 -12.36 -40.50 -4.56
N ASP A 1160 -11.17 -40.10 -4.99
CA ASP A 1160 -10.32 -39.19 -4.23
C ASP A 1160 -10.34 -37.78 -4.79
N GLY A 1161 -11.19 -37.51 -5.77
CA GLY A 1161 -11.28 -36.20 -6.36
C GLY A 1161 -12.24 -35.31 -5.59
N PRO A 1162 -12.55 -34.13 -6.14
CA PRO A 1162 -12.09 -33.62 -7.43
C PRO A 1162 -10.65 -33.16 -7.38
N PHE A 1163 -9.94 -33.36 -8.49
CA PHE A 1163 -8.62 -32.78 -8.67
C PHE A 1163 -8.72 -31.47 -9.43
N ALA A 1164 -7.62 -30.73 -9.43
CA ALA A 1164 -7.55 -29.44 -10.11
C ALA A 1164 -6.54 -29.44 -11.24
N GLY A 1165 -6.04 -30.62 -11.60
CA GLY A 1165 -5.02 -30.73 -12.62
C GLY A 1165 -4.34 -32.07 -12.50
N ALA A 1166 -3.51 -32.38 -13.50
CA ALA A 1166 -2.82 -33.66 -13.49
C ALA A 1166 -1.44 -33.50 -14.12
N LEU A 1167 -0.48 -34.24 -13.59
CA LEU A 1167 0.86 -34.34 -14.16
C LEU A 1167 1.12 -35.81 -14.45
N VAL A 1168 1.51 -36.11 -15.69
CA VAL A 1168 1.63 -37.48 -16.17
C VAL A 1168 3.04 -37.67 -16.72
N GLU A 1169 3.64 -38.82 -16.41
CA GLU A 1169 4.93 -39.20 -16.99
C GLU A 1169 4.76 -40.52 -17.74
N GLY A 1170 5.33 -40.61 -18.93
CA GLY A 1170 5.30 -41.88 -19.64
C GLY A 1170 5.61 -41.70 -21.11
N ASP A 1171 5.68 -42.84 -21.81
CA ASP A 1171 5.74 -42.80 -23.25
C ASP A 1171 4.36 -42.48 -23.83
N ALA A 1172 4.28 -42.39 -25.15
CA ALA A 1172 3.08 -41.92 -25.81
C ALA A 1172 1.88 -42.82 -25.50
N GLU A 1173 2.09 -44.14 -25.50
CA GLU A 1173 0.99 -45.05 -25.22
C GLU A 1173 0.52 -44.92 -23.77
N ARG A 1174 1.45 -44.76 -22.82
CA ARG A 1174 1.05 -44.57 -21.43
C ARG A 1174 0.32 -43.24 -21.26
N ILE A 1175 0.83 -42.18 -21.88
CA ILE A 1175 0.18 -40.87 -21.77
C ILE A 1175 -1.24 -40.93 -22.30
N ARG A 1176 -1.44 -41.57 -23.47
CA ARG A 1176 -2.78 -41.67 -24.04
CA ARG A 1176 -2.78 -41.66 -24.03
C ARG A 1176 -3.71 -42.43 -23.11
N ALA A 1177 -3.24 -43.54 -22.55
CA ALA A 1177 -4.06 -44.34 -21.65
C ALA A 1177 -4.44 -43.56 -20.40
N VAL A 1178 -3.46 -42.84 -19.83
CA VAL A 1178 -3.75 -42.01 -18.65
C VAL A 1178 -4.70 -40.87 -19.00
N ASN A 1179 -4.46 -40.19 -20.14
CA ASN A 1179 -5.34 -39.11 -20.57
C ASN A 1179 -6.77 -39.58 -20.70
N LYS A 1180 -6.97 -40.78 -21.25
CA LYS A 1180 -8.31 -41.32 -21.39
C LYS A 1180 -8.92 -41.66 -20.03
N ALA A 1181 -8.12 -42.21 -19.12
CA ALA A 1181 -8.63 -42.49 -17.79
C ALA A 1181 -8.99 -41.20 -17.05
N ILE A 1182 -8.19 -40.15 -17.21
CA ILE A 1182 -8.48 -38.89 -16.54
C ILE A 1182 -9.75 -38.26 -17.10
N ALA A 1183 -9.97 -38.38 -18.41
CA ALA A 1183 -11.17 -37.82 -19.01
C ALA A 1183 -12.44 -38.48 -18.47
N ALA A 1184 -12.33 -39.71 -17.97
CA ALA A 1184 -13.48 -40.40 -17.40
C ALA A 1184 -13.74 -40.01 -15.96
N LEU A 1185 -12.89 -39.22 -15.33
CA LEU A 1185 -13.12 -38.85 -13.93
C LEU A 1185 -14.30 -37.89 -13.86
N PRO A 1186 -15.26 -38.12 -12.98
CA PRO A 1186 -16.40 -37.20 -12.86
C PRO A 1186 -15.95 -35.85 -12.31
N GLY A 1187 -16.71 -34.83 -12.64
CA GLY A 1187 -16.45 -33.51 -12.13
C GLY A 1187 -15.70 -32.65 -13.13
N PRO A 1188 -14.73 -31.88 -12.65
CA PRO A 1188 -14.09 -30.87 -13.51
C PRO A 1188 -13.23 -31.48 -14.61
N LEU A 1189 -13.16 -30.75 -15.72
CA LEU A 1189 -12.22 -31.10 -16.79
C LEU A 1189 -10.81 -30.76 -16.34
N LEU A 1190 -9.97 -31.77 -16.15
CA LEU A 1190 -8.63 -31.53 -15.61
C LEU A 1190 -7.70 -31.04 -16.71
N LEU A 1191 -6.96 -29.98 -16.42
CA LEU A 1191 -5.85 -29.57 -17.29
C LEU A 1191 -4.70 -30.54 -17.04
N VAL A 1192 -4.37 -31.35 -18.06
CA VAL A 1192 -3.39 -32.43 -17.97
C VAL A 1192 -2.10 -31.99 -18.66
N GLN A 1193 -0.97 -32.24 -18.01
CA GLN A 1193 0.34 -32.04 -18.63
C GLN A 1193 1.10 -33.35 -18.63
N ALA A 1194 1.75 -33.66 -19.73
CA ALA A 1194 2.43 -34.93 -19.87
C ALA A 1194 3.84 -34.71 -20.36
N ALA A 1195 4.73 -35.60 -19.92
CA ALA A 1195 6.12 -35.56 -20.37
C ALA A 1195 6.68 -36.97 -20.32
N SER A 1196 7.62 -37.24 -21.22
CA SER A 1196 8.36 -38.49 -21.12
C SER A 1196 9.38 -38.40 -19.99
N SER A 1197 9.88 -39.56 -19.56
CA SER A 1197 10.96 -39.56 -18.60
C SER A 1197 12.16 -38.78 -19.14
N GLY A 1198 12.44 -38.91 -20.44
CA GLY A 1198 13.58 -38.23 -21.02
C GLY A 1198 13.38 -36.74 -21.09
N GLU A 1199 12.14 -36.30 -21.37
CA GLU A 1199 11.85 -34.87 -21.37
C GLU A 1199 12.00 -34.27 -19.99
N ILE A 1200 11.62 -35.02 -18.95
CA ILE A 1200 11.82 -34.53 -17.59
C ILE A 1200 13.31 -34.33 -17.32
N ALA A 1201 14.15 -35.22 -17.85
CA ALA A 1201 15.58 -35.10 -17.63
C ALA A 1201 16.18 -33.95 -18.42
N ARG A 1202 15.69 -33.71 -19.64
CA ARG A 1202 16.28 -32.73 -20.54
C ARG A 1202 15.75 -31.32 -20.35
N ASN A 1203 14.43 -31.18 -20.13
CA ASN A 1203 13.78 -29.88 -20.21
C ASN A 1203 13.33 -29.42 -18.83
N PRO A 1204 13.89 -28.34 -18.29
CA PRO A 1204 13.43 -27.83 -16.99
C PRO A 1204 11.98 -27.38 -17.02
N ASP A 1205 11.44 -27.05 -18.19
CA ASP A 1205 10.06 -26.67 -18.34
C ASP A 1205 9.20 -27.81 -18.89
N ALA A 1206 9.62 -29.07 -18.69
CA ALA A 1206 8.80 -30.20 -19.09
C ALA A 1206 7.36 -30.02 -18.64
N TYR A 1207 7.17 -29.62 -17.38
CA TYR A 1207 5.88 -29.20 -16.88
C TYR A 1207 5.88 -27.69 -16.77
N CYS A 1208 4.78 -27.06 -17.13
CA CYS A 1208 4.72 -25.62 -17.12
C CYS A 1208 3.97 -25.18 -15.87
N LEU A 1209 4.59 -24.30 -15.09
CA LEU A 1209 3.98 -23.88 -13.84
C LEU A 1209 2.84 -22.89 -14.03
N ASN A 1210 2.67 -22.30 -15.24
CA ASN A 1210 1.51 -21.44 -15.47
C ASN A 1210 0.22 -22.19 -15.20
N TRP A 1211 0.17 -23.46 -15.57
CA TRP A 1211 -1.09 -24.21 -15.50
C TRP A 1211 -1.29 -24.92 -14.17
N LEU A 1212 -0.43 -24.69 -13.18
CA LEU A 1212 -0.55 -25.28 -11.86
C LEU A 1212 -0.96 -24.28 -10.79
N VAL A 1213 -1.23 -23.03 -11.17
CA VAL A 1213 -1.79 -22.04 -10.27
C VAL A 1213 -3.17 -21.69 -10.78
N GLU A 1214 -3.94 -21.02 -9.93
CA GLU A 1214 -5.31 -20.62 -10.22
C GLU A 1214 -5.35 -19.09 -10.23
N GLU A 1215 -5.87 -18.52 -11.32
CA GLU A 1215 -6.05 -17.08 -11.41
C GLU A 1215 -7.34 -16.68 -10.72
N VAL A 1216 -7.27 -15.62 -9.92
CA VAL A 1216 -8.46 -15.05 -9.29
C VAL A 1216 -8.51 -13.57 -9.61
N SER A 1217 -9.68 -13.10 -10.03
CA SER A 1217 -9.91 -11.68 -10.28
C SER A 1217 -10.91 -11.23 -9.24
N ALA A 1218 -10.63 -10.10 -8.60
CA ALA A 1218 -11.54 -9.49 -7.63
C ALA A 1218 -11.77 -8.04 -8.02
N SER A 1219 -13.04 -7.63 -8.13
CA SER A 1219 -13.39 -6.28 -8.52
C SER A 1219 -14.20 -5.68 -7.39
N ILE A 1220 -13.67 -4.63 -6.76
CA ILE A 1220 -14.29 -4.02 -5.59
C ILE A 1220 -14.77 -2.62 -5.95
N ASN A 1221 -16.05 -2.37 -5.71
CA ASN A 1221 -16.63 -1.05 -5.92
C ASN A 1221 -16.29 -0.20 -4.71
N THR A 1222 -15.36 0.74 -4.87
CA THR A 1222 -14.93 1.62 -3.81
C THR A 1222 -15.64 2.96 -3.82
N ALA A 1223 -16.63 3.13 -4.69
CA ALA A 1223 -17.51 4.29 -4.60
C ALA A 1223 -18.76 3.99 -3.78
N ALA A 1224 -18.90 2.76 -3.28
CA ALA A 1224 -20.06 2.16 -2.62
C ALA A 1224 -20.38 2.77 -1.24
N ALA A 1225 -19.71 3.84 -0.80
CA ALA A 1225 -20.13 4.54 0.42
C ALA A 1225 -20.07 6.05 0.21
N ALA B 16 46.87 7.51 38.44
CA ALA B 16 45.67 7.35 37.63
C ALA B 16 45.16 8.69 37.12
N PRO B 17 44.88 8.78 35.82
CA PRO B 17 44.36 10.03 35.26
C PRO B 17 43.03 10.41 35.90
N ALA B 18 42.84 11.70 36.12
CA ALA B 18 41.58 12.19 36.66
C ALA B 18 40.47 11.95 35.65
N PRO B 19 39.29 11.52 36.10
CA PRO B 19 38.19 11.22 35.16
C PRO B 19 37.80 12.42 34.32
N PHE B 20 37.69 12.19 33.01
CA PHE B 20 37.21 13.14 32.01
C PHE B 20 38.16 14.32 31.81
N ALA B 21 39.37 14.26 32.38
CA ALA B 21 40.33 15.35 32.23
C ALA B 21 40.70 15.59 30.77
N ASP B 22 40.63 14.56 29.93
CA ASP B 22 40.95 14.67 28.51
C ASP B 22 39.82 14.10 27.69
N PHE B 23 38.58 14.51 28.00
CA PHE B 23 37.43 13.87 27.36
C PHE B 23 37.39 14.14 25.86
N ALA B 24 37.33 15.41 25.49
CA ALA B 24 37.26 15.79 24.08
C ALA B 24 37.84 17.19 23.89
N PRO B 25 39.13 17.40 24.17
CA PRO B 25 39.70 18.71 23.97
C PRO B 25 39.67 19.09 22.50
N PRO B 26 39.27 20.31 22.17
CA PRO B 26 39.23 20.74 20.77
C PRO B 26 40.63 20.81 20.16
N VAL B 27 40.67 20.80 18.83
CA VAL B 27 41.93 20.90 18.11
C VAL B 27 42.62 22.22 18.46
N ARG B 28 41.84 23.28 18.65
CA ARG B 28 42.38 24.60 18.87
C ARG B 28 41.35 25.42 19.64
N PRO B 29 41.78 26.48 20.33
CA PRO B 29 40.80 27.38 20.95
C PRO B 29 39.88 27.97 19.89
N GLN B 30 38.59 28.00 20.21
CA GLN B 30 37.59 28.38 19.23
C GLN B 30 37.52 29.91 19.12
N SER B 31 37.87 30.43 17.94
CA SER B 31 37.80 31.86 17.69
C SER B 31 36.35 32.36 17.72
N THR B 32 36.20 33.68 17.64
CA THR B 32 34.86 34.26 17.54
C THR B 32 34.13 33.77 16.29
N LEU B 33 34.83 33.73 15.15
CA LEU B 33 34.20 33.28 13.92
C LEU B 33 33.87 31.79 13.97
N ARG B 34 34.74 30.99 14.59
CA ARG B 34 34.44 29.57 14.74
C ARG B 34 33.23 29.36 15.65
N ARG B 35 33.09 30.17 16.69
CA ARG B 35 31.94 30.04 17.58
C ARG B 35 30.63 30.39 16.87
N ALA B 36 30.65 31.35 15.95
CA ALA B 36 29.42 31.74 15.26
C ALA B 36 28.95 30.63 14.33
N ILE B 37 29.89 29.92 13.71
CA ILE B 37 29.54 28.71 12.99
C ILE B 37 28.83 27.74 13.90
N THR B 38 29.44 27.42 15.04
CA THR B 38 28.91 26.37 15.90
C THR B 38 27.54 26.76 16.43
N ALA B 39 27.34 28.05 16.68
CA ALA B 39 26.07 28.56 17.18
C ALA B 39 24.93 28.36 16.19
N ALA B 40 25.24 28.29 14.90
CA ALA B 40 24.23 28.17 13.86
C ALA B 40 23.89 26.73 13.50
N TYR B 41 24.55 25.76 14.15
CA TYR B 41 24.53 24.35 13.73
C TYR B 41 23.11 23.83 13.54
N ARG B 42 22.22 24.07 14.51
CA ARG B 42 20.85 23.58 14.43
C ARG B 42 19.86 24.71 14.69
N ARG B 43 20.18 25.91 14.21
CA ARG B 43 19.33 27.07 14.45
C ARG B 43 17.96 26.86 13.82
N PRO B 44 16.88 27.29 14.46
CA PRO B 44 15.55 27.10 13.87
C PRO B 44 15.48 27.69 12.47
N GLU B 45 14.75 27.00 11.58
CA GLU B 45 14.65 27.46 10.20
C GLU B 45 13.99 28.83 10.11
N THR B 46 13.03 29.12 11.00
CA THR B 46 12.44 30.46 10.99
C THR B 46 13.43 31.54 11.41
N GLU B 47 14.53 31.19 12.08
CA GLU B 47 15.53 32.19 12.39
C GLU B 47 16.60 32.32 11.31
N CYS B 48 16.82 31.25 10.55
CA CYS B 48 17.86 31.28 9.52
C CYS B 48 17.42 32.07 8.30
N LEU B 49 16.16 31.97 7.93
CA LEU B 49 15.75 32.43 6.61
C LEU B 49 15.69 33.95 6.45
N PRO B 50 15.14 34.72 7.41
CA PRO B 50 14.99 36.18 7.18
C PRO B 50 16.31 36.87 6.85
N PRO B 51 17.42 36.61 7.54
CA PRO B 51 18.67 37.24 7.12
C PRO B 51 19.16 36.76 5.75
N LEU B 52 18.82 35.54 5.36
CA LEU B 52 19.21 35.06 4.03
C LEU B 52 18.38 35.74 2.96
N VAL B 53 17.07 35.88 3.19
CA VAL B 53 16.19 36.59 2.27
C VAL B 53 16.70 38.01 2.03
N GLU B 54 17.14 38.67 3.11
CA GLU B 54 17.60 40.04 2.99
C GLU B 54 18.88 40.13 2.16
N ALA B 55 19.80 39.18 2.35
CA ALA B 55 21.06 39.20 1.61
C ALA B 55 20.89 38.81 0.15
N ALA B 56 19.89 37.96 -0.15
CA ALA B 56 19.61 37.49 -1.50
C ALA B 56 18.62 38.36 -2.26
N THR B 57 18.18 39.48 -1.69
CA THR B 57 17.22 40.36 -2.35
C THR B 57 17.90 41.16 -3.45
N GLN B 58 17.31 41.15 -4.65
CA GLN B 58 17.81 41.93 -5.78
C GLN B 58 16.75 42.90 -6.26
N SER B 59 17.21 43.96 -6.93
CA SER B 59 16.32 44.98 -7.46
C SER B 59 15.38 44.38 -8.51
N LYS B 60 14.30 45.11 -8.81
CA LYS B 60 13.36 44.68 -9.83
C LYS B 60 14.01 44.63 -11.21
N GLU B 61 14.98 45.52 -11.47
CA GLU B 61 15.68 45.48 -12.74
C GLU B 61 16.47 44.18 -12.86
N ILE B 62 17.28 43.87 -11.85
CA ILE B 62 18.06 42.65 -11.87
C ILE B 62 17.16 41.42 -11.87
N ARG B 63 16.07 41.46 -11.09
CA ARG B 63 15.18 40.31 -11.03
C ARG B 63 14.52 40.03 -12.37
N ASP B 64 14.09 41.09 -13.08
CA ASP B 64 13.49 40.92 -14.39
C ASP B 64 14.48 40.37 -15.39
N ALA B 65 15.70 40.93 -15.43
CA ALA B 65 16.72 40.44 -16.34
C ALA B 65 17.16 39.01 -15.99
N ALA B 66 17.02 38.61 -14.72
CA ALA B 66 17.43 37.28 -14.32
C ALA B 66 16.44 36.22 -14.80
N ALA B 67 15.14 36.50 -14.66
CA ALA B 67 14.13 35.55 -15.12
C ALA B 67 14.14 35.42 -16.63
N SER B 68 14.63 36.45 -17.34
CA SER B 68 14.69 36.41 -18.79
C SER B 68 15.88 35.58 -19.25
N THR B 69 17.06 35.86 -18.68
CA THR B 69 18.21 34.97 -18.85
C THR B 69 17.85 33.53 -18.49
N ALA B 70 17.17 33.34 -17.35
CA ALA B 70 16.75 31.99 -16.97
C ALA B 70 15.74 31.42 -17.96
N ARG B 71 14.92 32.28 -18.56
CA ARG B 71 13.95 31.84 -19.57
C ARG B 71 14.66 31.24 -20.79
N LYS B 72 15.63 31.97 -21.35
CA LYS B 72 16.32 31.50 -22.54
C LYS B 72 17.05 30.18 -22.29
N LEU B 73 17.48 29.94 -21.05
CA LEU B 73 18.19 28.71 -20.74
C LEU B 73 17.26 27.51 -20.74
N ILE B 74 16.11 27.62 -20.06
CA ILE B 74 15.19 26.50 -19.98
C ILE B 74 14.61 26.16 -21.36
N GLU B 75 14.41 27.18 -22.20
CA GLU B 75 13.90 26.93 -23.54
C GLU B 75 14.97 26.27 -24.42
N ALA B 76 16.19 26.80 -24.37
CA ALA B 76 17.30 26.15 -25.07
C ALA B 76 17.51 24.72 -24.59
N LEU B 77 17.46 24.51 -23.26
CA LEU B 77 17.66 23.16 -22.74
C LEU B 77 16.55 22.22 -23.17
N ARG B 78 15.31 22.69 -23.18
CA ARG B 78 14.18 21.86 -23.58
C ARG B 78 14.08 21.71 -25.10
N GLY B 79 14.83 22.50 -25.86
CA GLY B 79 14.86 22.38 -27.30
C GLY B 79 16.05 21.58 -27.80
N LYS B 80 16.52 20.65 -26.97
CA LYS B 80 17.62 19.75 -27.31
C LYS B 80 17.27 18.33 -26.91
N HIS B 81 17.98 17.37 -27.50
CA HIS B 81 17.79 15.96 -27.17
C HIS B 81 18.17 15.66 -25.71
N GLY B 85 19.87 8.32 -24.35
CA GLY B 85 19.88 7.24 -25.33
C GLY B 85 19.13 6.00 -24.87
N VAL B 86 18.94 5.87 -23.55
CA VAL B 86 18.20 4.74 -23.02
C VAL B 86 16.73 4.84 -23.41
N GLU B 87 16.19 6.05 -23.49
CA GLU B 87 14.81 6.24 -23.93
C GLU B 87 14.59 5.69 -25.34
N GLY B 88 15.57 5.89 -26.22
CA GLY B 88 15.43 5.39 -27.58
C GLY B 88 15.58 3.88 -27.70
N LEU B 89 16.40 3.29 -26.83
CA LEU B 89 16.51 1.84 -26.79
C LEU B 89 15.21 1.21 -26.32
N VAL B 90 14.66 1.72 -25.21
CA VAL B 90 13.39 1.21 -24.69
C VAL B 90 12.29 1.36 -25.73
N GLN B 91 12.27 2.49 -26.46
CA GLN B 91 11.26 2.70 -27.48
C GLN B 91 11.48 1.79 -28.68
N GLU B 92 12.73 1.64 -29.13
CA GLU B 92 13.00 0.84 -30.32
C GLU B 92 12.56 -0.61 -30.14
N TYR B 93 12.80 -1.18 -28.96
CA TYR B 93 12.46 -2.58 -28.75
C TYR B 93 11.20 -2.76 -27.93
N SER B 94 10.43 -1.70 -27.73
CA SER B 94 9.20 -1.71 -26.95
C SER B 94 9.40 -2.43 -25.62
N LEU B 95 10.40 -1.97 -24.86
CA LEU B 95 10.72 -2.58 -23.59
C LEU B 95 9.86 -1.99 -22.49
N SER B 96 9.42 -2.85 -21.59
CA SER B 96 8.91 -2.37 -20.33
C SER B 96 10.04 -1.75 -19.53
N SER B 97 9.70 -1.03 -18.46
CA SER B 97 10.71 -0.51 -17.56
C SER B 97 11.54 -1.63 -16.93
N GLN B 98 10.87 -2.68 -16.41
CA GLN B 98 11.61 -3.79 -15.81
C GLN B 98 12.50 -4.47 -16.84
N GLU B 99 12.04 -4.54 -18.09
CA GLU B 99 12.88 -5.12 -19.12
C GLU B 99 14.09 -4.22 -19.41
N GLY B 100 13.89 -2.91 -19.39
CA GLY B 100 15.01 -2.00 -19.61
C GLY B 100 16.06 -2.12 -18.51
N VAL B 101 15.62 -2.18 -17.26
CA VAL B 101 16.56 -2.34 -16.14
C VAL B 101 17.27 -3.68 -16.22
N ALA B 102 16.51 -4.74 -16.52
CA ALA B 102 17.12 -6.07 -16.62
C ALA B 102 18.15 -6.13 -17.73
N LEU B 103 17.86 -5.49 -18.87
CA LEU B 103 18.80 -5.52 -19.99
C LEU B 103 20.09 -4.79 -19.65
N MET B 104 19.98 -3.63 -19.00
CA MET B 104 21.19 -2.91 -18.59
C MET B 104 22.00 -3.70 -17.58
N CYS B 105 21.35 -4.46 -16.69
CA CYS B 105 22.09 -5.32 -15.77
C CYS B 105 22.85 -6.38 -16.53
N LEU B 106 22.18 -7.01 -17.51
CA LEU B 106 22.86 -7.97 -18.37
C LEU B 106 24.00 -7.31 -19.13
N ALA B 107 23.79 -6.10 -19.65
CA ALA B 107 24.83 -5.44 -20.42
C ALA B 107 26.03 -5.11 -19.52
N GLU B 108 25.77 -4.74 -18.27
CA GLU B 108 26.84 -4.48 -17.32
C GLU B 108 27.65 -5.75 -17.04
N ALA B 109 26.95 -6.86 -16.80
CA ALA B 109 27.64 -8.14 -16.60
C ALA B 109 28.48 -8.51 -17.81
N LEU B 110 27.93 -8.31 -19.01
CA LEU B 110 28.67 -8.67 -20.21
C LEU B 110 29.91 -7.81 -20.42
N LEU B 111 29.86 -6.55 -19.98
CA LEU B 111 31.03 -5.70 -20.04
C LEU B 111 32.08 -6.03 -18.99
N ARG B 112 31.77 -6.89 -18.02
CA ARG B 112 32.83 -7.41 -17.17
C ARG B 112 33.71 -8.43 -17.90
N ILE B 113 33.38 -8.74 -19.14
CA ILE B 113 34.21 -9.56 -20.02
C ILE B 113 34.99 -8.61 -20.94
N PRO B 114 36.30 -8.43 -20.71
CA PRO B 114 37.01 -7.32 -21.38
C PRO B 114 37.33 -7.54 -22.85
N ASP B 115 37.44 -8.77 -23.34
CA ASP B 115 37.74 -9.00 -24.74
C ASP B 115 36.46 -8.97 -25.56
N THR B 116 36.45 -8.12 -26.60
CA THR B 116 35.26 -7.96 -27.43
C THR B 116 34.85 -9.27 -28.08
N ALA B 117 35.82 -10.02 -28.62
CA ALA B 117 35.50 -11.26 -29.31
C ALA B 117 34.95 -12.31 -28.36
N THR B 118 35.48 -12.39 -27.13
CA THR B 118 34.97 -13.34 -26.15
C THR B 118 33.54 -12.97 -25.74
N ARG B 119 33.32 -11.68 -25.46
CA ARG B 119 31.99 -11.22 -25.08
C ARG B 119 30.99 -11.45 -26.22
N ASP B 120 31.37 -11.08 -27.44
CA ASP B 120 30.47 -11.23 -28.58
C ASP B 120 30.17 -12.69 -28.88
N ALA B 121 31.12 -13.59 -28.60
CA ALA B 121 30.86 -15.01 -28.82
C ALA B 121 29.93 -15.58 -27.76
N LEU B 122 30.08 -15.14 -26.51
CA LEU B 122 29.14 -15.57 -25.47
C LEU B 122 27.72 -15.10 -25.79
N ILE B 123 27.59 -13.88 -26.34
CA ILE B 123 26.29 -13.33 -26.70
C ILE B 123 25.65 -14.15 -27.81
N ARG B 124 26.39 -14.38 -28.89
CA ARG B 124 25.83 -15.06 -30.06
C ARG B 124 25.56 -16.53 -29.78
N ASP B 125 26.32 -17.16 -28.89
CA ASP B 125 26.27 -18.60 -28.73
C ASP B 125 25.65 -19.08 -27.42
N LYS B 126 25.37 -18.18 -26.47
CA LYS B 126 24.86 -18.65 -25.18
C LYS B 126 23.73 -17.78 -24.66
N ILE B 127 23.95 -16.46 -24.64
CA ILE B 127 22.98 -15.56 -24.02
C ILE B 127 21.77 -15.35 -24.92
N ALA B 128 22.00 -15.11 -26.22
CA ALA B 128 20.89 -14.83 -27.13
C ALA B 128 19.96 -16.03 -27.31
N ASP B 129 20.32 -17.18 -26.74
CA ASP B 129 19.45 -18.36 -26.72
C ASP B 129 18.79 -18.57 -25.37
N GLY B 130 18.60 -17.48 -24.60
CA GLY B 130 17.95 -17.55 -23.31
C GLY B 130 18.77 -18.18 -22.20
N ASN B 131 19.89 -18.82 -22.51
CA ASN B 131 20.76 -19.43 -21.50
C ASN B 131 21.64 -18.33 -20.92
N TRP B 132 21.05 -17.51 -20.06
CA TRP B 132 21.78 -16.43 -19.41
C TRP B 132 22.05 -16.68 -17.94
N LYS B 133 21.21 -17.46 -17.26
CA LYS B 133 21.41 -17.70 -15.83
C LYS B 133 22.70 -18.47 -15.58
N SER B 134 22.97 -19.50 -16.38
CA SER B 134 24.15 -20.33 -16.18
C SER B 134 25.43 -19.56 -16.47
N HIS B 135 25.51 -18.93 -17.65
CA HIS B 135 26.74 -18.27 -18.07
C HIS B 135 27.05 -17.00 -17.26
N LEU B 136 26.06 -16.42 -16.60
CA LEU B 136 26.28 -15.23 -15.78
C LEU B 136 25.44 -15.29 -14.50
N ARG B 140 26.90 -14.51 -7.95
CA ARG B 140 26.23 -13.26 -7.67
C ARG B 140 25.11 -13.00 -8.67
N SER B 141 23.99 -12.48 -8.16
CA SER B 141 22.86 -12.17 -9.01
C SER B 141 23.26 -11.22 -10.14
N LEU B 142 22.66 -11.41 -11.31
CA LEU B 142 22.81 -10.45 -12.38
C LEU B 142 22.33 -9.07 -11.98
N PHE B 143 21.47 -8.98 -10.96
CA PHE B 143 20.71 -7.78 -10.68
C PHE B 143 21.21 -7.03 -9.44
N VAL B 144 22.44 -7.29 -9.02
CA VAL B 144 22.98 -6.67 -7.80
C VAL B 144 22.94 -5.14 -7.89
N ASN B 145 23.17 -4.59 -9.09
CA ASN B 145 23.18 -3.14 -9.26
C ASN B 145 21.90 -2.61 -9.90
N ALA B 146 20.81 -3.37 -9.83
CA ALA B 146 19.63 -2.97 -10.59
C ALA B 146 18.97 -1.72 -10.01
N ALA B 147 19.17 -1.44 -8.73
CA ALA B 147 18.63 -0.19 -8.19
C ALA B 147 19.24 1.01 -8.92
N THR B 148 20.52 0.92 -9.26
CA THR B 148 21.17 1.99 -10.02
C THR B 148 20.55 2.12 -11.41
N TRP B 149 20.46 1.02 -12.15
CA TRP B 149 19.85 1.08 -13.46
C TRP B 149 18.38 1.46 -13.38
N GLY B 150 17.69 1.01 -12.32
CA GLY B 150 16.33 1.45 -12.13
C GLY B 150 16.21 2.96 -12.07
N LEU B 151 17.15 3.60 -11.37
CA LEU B 151 17.20 5.06 -11.36
C LEU B 151 17.47 5.61 -12.74
N VAL B 152 18.35 4.95 -13.49
CA VAL B 152 18.69 5.41 -14.84
C VAL B 152 17.50 5.27 -15.79
N VAL B 153 16.74 4.18 -15.66
CA VAL B 153 15.70 3.87 -16.64
C VAL B 153 14.39 4.57 -16.31
N THR B 154 14.02 4.62 -15.03
CA THR B 154 12.72 5.14 -14.62
C THR B 154 12.81 6.43 -13.82
N GLY B 155 14.00 6.82 -13.39
CA GLY B 155 14.09 7.97 -12.50
C GLY B 155 13.65 7.72 -11.08
N LYS B 156 13.40 6.47 -10.70
CA LYS B 156 12.95 6.14 -9.36
C LYS B 156 13.95 5.21 -8.69
N LEU B 157 14.20 5.45 -7.42
CA LEU B 157 15.18 4.67 -6.66
C LEU B 157 14.44 3.80 -5.65
N THR B 158 14.82 2.53 -5.56
CA THR B 158 14.42 1.67 -4.46
C THR B 158 15.66 1.13 -3.78
N SER B 159 15.52 0.74 -2.51
CA SER B 159 16.68 0.22 -1.80
C SER B 159 16.95 -1.24 -2.14
N THR B 160 15.91 -1.99 -2.50
CA THR B 160 16.10 -3.37 -2.91
C THR B 160 15.42 -3.62 -4.24
N VAL B 161 15.70 -4.79 -4.79
CA VAL B 161 15.48 -5.12 -6.18
C VAL B 161 14.53 -6.32 -6.22
N ASN B 162 13.51 -6.26 -7.09
CA ASN B 162 12.65 -7.44 -7.26
C ASN B 162 13.31 -8.30 -8.32
N ASP B 163 14.16 -9.22 -7.86
CA ASP B 163 14.96 -10.00 -8.79
C ASP B 163 14.14 -11.07 -9.50
N ARG B 164 12.99 -11.47 -8.97
CA ARG B 164 12.13 -12.38 -9.73
C ARG B 164 11.47 -11.66 -10.91
N SER B 165 10.98 -10.43 -10.68
CA SER B 165 10.44 -9.63 -11.77
C SER B 165 11.51 -9.35 -12.82
N LEU B 166 12.73 -9.07 -12.37
CA LEU B 166 13.80 -8.77 -13.34
C LEU B 166 14.22 -10.01 -14.12
N ALA B 167 14.29 -11.17 -13.44
CA ALA B 167 14.64 -12.38 -14.17
C ALA B 167 13.56 -12.75 -15.17
N ALA B 168 12.30 -12.51 -14.81
CA ALA B 168 11.20 -12.74 -15.77
C ALA B 168 11.29 -11.78 -16.95
N ALA B 169 11.60 -10.51 -16.69
CA ALA B 169 11.71 -9.53 -17.75
C ALA B 169 12.86 -9.86 -18.69
N LEU B 170 13.98 -10.29 -18.13
CA LEU B 170 15.14 -10.57 -18.96
C LEU B 170 14.89 -11.76 -19.86
N THR B 171 14.30 -12.83 -19.31
CA THR B 171 13.91 -13.96 -20.15
C THR B 171 12.93 -13.52 -21.23
N ARG B 172 11.95 -12.70 -20.87
CA ARG B 172 10.95 -12.28 -21.84
C ARG B 172 11.59 -11.50 -22.98
N LEU B 173 12.47 -10.55 -22.64
CA LEU B 173 13.00 -9.67 -23.68
C LEU B 173 13.96 -10.42 -24.59
N ILE B 174 14.74 -11.35 -24.03
CA ILE B 174 15.66 -12.12 -24.88
C ILE B 174 14.87 -13.04 -25.82
N SER B 175 13.86 -13.74 -25.27
CA SER B 175 13.06 -14.62 -26.11
C SER B 175 12.30 -13.86 -27.18
N ARG B 176 11.93 -12.61 -26.90
CA ARG B 176 11.18 -11.80 -27.86
C ARG B 176 12.11 -11.19 -28.91
N CYS B 177 13.27 -10.67 -28.48
CA CYS B 177 14.09 -9.82 -29.32
C CYS B 177 15.45 -10.40 -29.66
N GLY B 178 15.95 -11.38 -28.92
CA GLY B 178 17.13 -12.09 -29.41
C GLY B 178 18.44 -11.30 -29.28
N GLU B 179 19.44 -11.74 -30.05
CA GLU B 179 20.74 -11.10 -30.03
C GLU B 179 20.72 -9.60 -30.29
N PRO B 180 19.93 -9.06 -31.23
CA PRO B 180 20.07 -7.62 -31.52
C PRO B 180 19.76 -6.71 -30.34
N VAL B 181 18.85 -7.10 -29.44
CA VAL B 181 18.60 -6.22 -28.31
C VAL B 181 19.74 -6.32 -27.30
N ILE B 182 20.36 -7.50 -27.18
CA ILE B 182 21.50 -7.65 -26.29
C ILE B 182 22.65 -6.77 -26.79
N ARG B 183 22.91 -6.79 -28.11
CA ARG B 183 24.00 -5.98 -28.65
C ARG B 183 23.76 -4.50 -28.43
N ARG B 184 22.51 -4.05 -28.60
CA ARG B 184 22.19 -2.64 -28.38
C ARG B 184 22.36 -2.24 -26.92
N GLY B 185 21.94 -3.10 -25.99
CA GLY B 185 22.10 -2.80 -24.57
C GLY B 185 23.56 -2.71 -24.16
N VAL B 186 24.40 -3.61 -24.68
CA VAL B 186 25.84 -3.55 -24.40
C VAL B 186 26.43 -2.24 -24.92
N ASP B 187 26.09 -1.88 -26.16
CA ASP B 187 26.58 -0.62 -26.72
C ASP B 187 26.13 0.56 -25.88
N MET B 188 24.91 0.50 -25.35
CA MET B 188 24.38 1.60 -24.55
C MET B 188 25.10 1.69 -23.21
N ALA B 189 25.18 0.58 -22.48
CA ALA B 189 25.87 0.58 -21.20
C ALA B 189 27.32 1.03 -21.37
N MET B 190 27.97 0.60 -22.45
CA MET B 190 29.36 0.98 -22.68
C MET B 190 29.51 2.50 -22.83
N ARG B 191 28.62 3.11 -23.63
CA ARG B 191 28.66 4.57 -23.78
C ARG B 191 28.41 5.26 -22.45
N MET B 192 27.37 4.86 -21.74
CA MET B 192 27.05 5.49 -20.46
C MET B 192 28.18 5.28 -19.45
N MET B 193 28.50 4.03 -19.15
CA MET B 193 29.44 3.74 -18.07
C MET B 193 30.84 4.24 -18.37
N GLY B 194 31.19 4.44 -19.63
CA GLY B 194 32.55 4.81 -19.97
C GLY B 194 32.73 6.25 -20.39
N GLU B 195 31.64 6.93 -20.74
CA GLU B 195 31.71 8.29 -21.28
C GLU B 195 30.73 9.27 -20.67
N GLN B 196 29.61 8.80 -20.10
CA GLN B 196 28.60 9.65 -19.47
C GLN B 196 28.78 9.72 -17.96
N PHE B 197 28.91 8.57 -17.29
CA PHE B 197 29.09 8.58 -15.83
C PHE B 197 30.49 9.06 -15.45
N VAL B 198 31.49 8.68 -16.23
CA VAL B 198 32.85 9.12 -15.96
C VAL B 198 33.37 9.81 -17.21
N THR B 199 34.33 10.70 -17.00
CA THR B 199 35.02 11.28 -18.13
C THR B 199 36.03 10.29 -18.71
N GLY B 200 36.58 9.43 -17.86
CA GLY B 200 37.49 8.40 -18.31
C GLY B 200 37.67 7.36 -17.24
N GLU B 201 38.11 6.17 -17.66
CA GLU B 201 38.39 5.10 -16.72
C GLU B 201 39.76 5.24 -16.07
N THR B 202 40.66 6.01 -16.68
CA THR B 202 41.95 6.37 -16.11
C THR B 202 42.12 7.87 -16.25
N ILE B 203 42.97 8.45 -15.39
CA ILE B 203 43.22 9.88 -15.49
C ILE B 203 43.82 10.22 -16.84
N ARG B 204 44.62 9.29 -17.40
CA ARG B 204 45.18 9.48 -18.73
C ARG B 204 44.08 9.67 -19.76
N GLU B 205 43.07 8.80 -19.73
CA GLU B 205 41.96 8.90 -20.69
C GLU B 205 41.09 10.13 -20.42
N ALA B 206 40.80 10.40 -19.15
CA ALA B 206 40.02 11.58 -18.84
C ALA B 206 40.68 12.86 -19.37
N LEU B 207 42.01 12.95 -19.23
CA LEU B 207 42.71 14.15 -19.68
C LEU B 207 42.65 14.30 -21.19
N LYS B 208 42.93 13.21 -21.92
CA LYS B 208 42.78 13.25 -23.37
C LYS B 208 41.36 13.65 -23.78
N ARG B 209 40.35 13.16 -23.06
CA ARG B 209 38.98 13.49 -23.42
C ARG B 209 38.59 14.90 -23.01
N SER B 210 39.41 15.58 -22.21
CA SER B 210 39.06 16.92 -21.76
C SER B 210 39.42 17.99 -22.78
N LYS B 211 40.25 17.66 -23.76
CA LYS B 211 40.72 18.66 -24.72
C LYS B 211 39.59 19.30 -25.50
N GLU B 212 38.53 18.54 -25.79
CA GLU B 212 37.44 19.04 -26.61
C GLU B 212 36.76 20.23 -25.95
N LEU B 213 36.26 20.05 -24.72
CA LEU B 213 35.56 21.15 -24.07
C LEU B 213 36.51 22.22 -23.57
N GLU B 214 37.78 21.88 -23.30
CA GLU B 214 38.74 22.91 -22.92
C GLU B 214 38.96 23.90 -24.06
N GLU B 215 39.00 23.41 -25.30
CA GLU B 215 39.12 24.33 -26.44
C GLU B 215 37.90 25.22 -26.58
N LYS B 216 36.74 24.79 -26.08
CA LYS B 216 35.55 25.64 -26.07
C LYS B 216 35.49 26.57 -24.87
N GLY B 217 36.42 26.46 -23.92
CA GLY B 217 36.51 27.37 -22.79
C GLY B 217 36.15 26.78 -21.44
N PHE B 218 35.77 25.50 -21.37
CA PHE B 218 35.60 24.85 -20.08
C PHE B 218 36.96 24.53 -19.47
N SER B 219 36.94 24.32 -18.15
CA SER B 219 38.07 23.74 -17.43
C SER B 219 37.57 22.53 -16.67
N TYR B 220 38.48 21.87 -15.96
CA TYR B 220 38.16 20.59 -15.35
C TYR B 220 38.69 20.51 -13.93
N SER B 221 38.00 19.72 -13.12
CA SER B 221 38.46 19.30 -11.80
C SER B 221 38.17 17.81 -11.71
N TYR B 222 39.21 16.99 -11.58
CA TYR B 222 39.04 15.55 -11.67
C TYR B 222 38.81 14.94 -10.31
N ASP B 223 37.87 14.00 -10.27
CA ASP B 223 37.46 13.29 -9.08
C ASP B 223 37.85 11.82 -9.26
N MET B 224 38.98 11.42 -8.68
CA MET B 224 39.32 10.01 -8.58
C MET B 224 38.29 9.35 -7.68
N LEU B 225 37.43 8.53 -8.26
CA LEU B 225 36.33 7.93 -7.51
C LEU B 225 36.85 7.26 -6.25
N GLY B 226 36.42 7.77 -5.10
CA GLY B 226 36.98 7.32 -3.84
C GLY B 226 36.49 8.14 -2.65
N GLU B 227 36.09 7.43 -1.60
CA GLU B 227 35.57 8.06 -0.39
C GLU B 227 35.32 6.98 0.65
N ALA B 228 35.18 7.43 1.91
CA ALA B 228 34.87 6.58 3.05
C ALA B 228 35.76 5.33 3.07
N ALA B 229 37.07 5.58 3.17
CA ALA B 229 38.00 4.48 3.39
C ALA B 229 37.58 3.69 4.63
N THR B 230 37.58 2.36 4.50
CA THR B 230 37.21 1.46 5.59
C THR B 230 38.44 0.92 6.32
N THR B 231 39.56 0.76 5.63
CA THR B 231 40.78 0.21 6.21
C THR B 231 41.94 1.14 5.92
N ALA B 232 43.05 0.92 6.64
CA ALA B 232 44.26 1.68 6.36
C ALA B 232 44.72 1.49 4.92
N ALA B 233 44.57 0.27 4.40
CA ALA B 233 45.03 0.00 3.04
C ALA B 233 44.16 0.71 2.01
N ASP B 234 42.86 0.87 2.30
CA ASP B 234 42.00 1.66 1.44
C ASP B 234 42.51 3.09 1.33
N ALA B 235 42.77 3.71 2.49
CA ALA B 235 43.17 5.11 2.54
C ALA B 235 44.51 5.30 1.87
N GLU B 236 45.45 4.37 2.08
CA GLU B 236 46.75 4.49 1.44
C GLU B 236 46.62 4.37 -0.07
N ARG B 237 45.75 3.49 -0.54
CA ARG B 237 45.51 3.38 -1.98
C ARG B 237 44.89 4.66 -2.53
N TYR B 238 43.87 5.20 -1.86
CA TYR B 238 43.27 6.45 -2.33
C TYR B 238 44.30 7.57 -2.35
N TYR B 239 45.18 7.62 -1.36
CA TYR B 239 46.24 8.61 -1.39
C TYR B 239 47.11 8.43 -2.64
N ARG B 240 47.52 7.20 -2.92
CA ARG B 240 48.39 6.99 -4.08
C ARG B 240 47.68 7.31 -5.38
N ASP B 241 46.37 7.04 -5.46
CA ASP B 241 45.58 7.43 -6.63
C ASP B 241 45.56 8.95 -6.79
N TYR B 242 45.32 9.69 -5.70
CA TYR B 242 45.35 11.14 -5.76
C TYR B 242 46.72 11.64 -6.22
N GLU B 243 47.79 11.07 -5.67
CA GLU B 243 49.15 11.48 -5.98
C GLU B 243 49.48 11.26 -7.45
N SER B 244 49.17 10.06 -7.95
CA SER B 244 49.37 9.78 -9.37
CA SER B 244 49.38 9.79 -9.37
CA SER B 244 49.37 9.78 -9.37
C SER B 244 48.57 10.74 -10.25
N ALA B 245 47.33 11.02 -9.86
CA ALA B 245 46.50 11.91 -10.64
C ALA B 245 47.06 13.34 -10.67
N ILE B 246 47.55 13.84 -9.53
CA ILE B 246 48.12 15.18 -9.49
C ILE B 246 49.30 15.29 -10.45
N HIS B 247 50.17 14.27 -10.48
CA HIS B 247 51.28 14.31 -11.43
C HIS B 247 50.77 14.42 -12.86
N ALA B 248 49.78 13.60 -13.22
CA ALA B 248 49.24 13.62 -14.58
C ALA B 248 48.57 14.94 -14.89
N ILE B 249 47.68 15.39 -14.01
CA ILE B 249 46.98 16.66 -14.24
C ILE B 249 48.00 17.80 -14.26
N GLY B 250 48.92 17.80 -13.30
CA GLY B 250 49.94 18.83 -13.25
C GLY B 250 50.74 18.92 -14.53
N LYS B 251 51.19 17.77 -15.05
CA LYS B 251 51.94 17.81 -16.31
C LYS B 251 51.05 18.27 -17.46
N ALA B 252 49.79 17.82 -17.49
CA ALA B 252 48.86 18.24 -18.54
C ALA B 252 48.51 19.72 -18.42
N SER B 253 48.41 20.23 -17.19
CA SER B 253 48.15 21.65 -16.99
C SER B 253 49.16 22.50 -17.72
N ALA B 254 50.43 22.08 -17.71
CA ALA B 254 51.51 22.72 -18.47
C ALA B 254 51.61 24.21 -18.18
N GLY B 255 51.40 24.57 -16.91
CA GLY B 255 51.59 25.94 -16.48
C GLY B 255 50.45 26.88 -16.76
N ARG B 256 49.25 26.36 -17.06
CA ARG B 256 48.12 27.24 -17.33
C ARG B 256 47.59 27.92 -16.07
N GLY B 257 48.06 27.52 -14.89
CA GLY B 257 47.64 28.15 -13.65
C GLY B 257 46.35 27.56 -13.13
N ILE B 258 45.95 28.08 -11.96
CA ILE B 258 44.85 27.47 -11.23
C ILE B 258 43.47 27.84 -11.79
N TYR B 259 43.36 28.88 -12.62
CA TYR B 259 42.06 29.31 -13.13
C TYR B 259 41.76 28.79 -14.53
N GLU B 260 42.72 28.82 -15.43
CA GLU B 260 42.52 28.28 -16.77
C GLU B 260 42.84 26.79 -16.84
N GLY B 261 43.77 26.30 -16.01
CA GLY B 261 44.20 24.93 -16.06
C GLY B 261 43.37 24.01 -15.19
N PRO B 262 43.52 22.71 -15.38
CA PRO B 262 42.73 21.73 -14.62
C PRO B 262 43.18 21.64 -13.17
N GLY B 263 42.27 21.11 -12.35
CA GLY B 263 42.59 20.79 -10.96
C GLY B 263 42.10 19.42 -10.51
N ILE B 264 42.22 19.14 -9.22
CA ILE B 264 41.78 17.87 -8.65
C ILE B 264 40.86 18.15 -7.47
N SER B 265 39.92 17.25 -7.24
CA SER B 265 39.06 17.27 -6.06
C SER B 265 39.31 16.01 -5.23
N ILE B 266 39.34 16.17 -3.91
CA ILE B 266 39.55 15.05 -3.01
C ILE B 266 38.49 15.07 -1.92
N LYS B 267 38.31 13.91 -1.29
CA LYS B 267 37.46 13.76 -0.12
C LYS B 267 38.34 13.36 1.06
N LEU B 268 38.20 14.09 2.16
CA LEU B 268 39.00 13.75 3.34
C LEU B 268 38.69 12.34 3.85
N SER B 269 37.44 11.87 3.71
CA SER B 269 37.10 10.54 4.19
C SER B 269 37.81 9.45 3.41
N ALA B 270 38.35 9.79 2.23
CA ALA B 270 39.12 8.83 1.45
C ALA B 270 40.52 8.60 1.99
N LEU B 271 41.05 9.55 2.78
CA LEU B 271 42.45 9.57 3.19
C LEU B 271 42.68 9.02 4.58
N HIS B 272 41.63 8.68 5.32
CA HIS B 272 41.80 8.09 6.64
C HIS B 272 40.57 7.26 6.97
N PRO B 273 40.71 6.08 7.58
CA PRO B 273 39.53 5.27 7.91
C PRO B 273 38.73 5.78 9.10
N ARG B 274 39.25 6.72 9.89
CA ARG B 274 38.56 7.23 11.08
C ARG B 274 38.50 8.76 11.00
N TYR B 275 37.94 9.25 9.91
CA TYR B 275 37.75 10.68 9.73
C TYR B 275 36.50 11.13 10.48
N SER B 276 36.68 11.63 11.71
CA SER B 276 35.53 12.04 12.51
C SER B 276 36.01 12.89 13.69
N ARG B 277 35.11 13.70 14.23
CA ARG B 277 35.46 14.53 15.38
C ARG B 277 35.92 13.69 16.56
N ALA B 278 35.30 12.53 16.77
CA ALA B 278 35.70 11.71 17.91
C ALA B 278 37.16 11.29 17.79
N GLN B 279 37.67 11.19 16.57
CA GLN B 279 39.06 10.79 16.32
C GLN B 279 39.92 11.97 15.88
N ALA B 280 39.59 13.17 16.36
CA ALA B 280 40.27 14.38 15.86
C ALA B 280 41.78 14.30 16.00
N ALA B 281 42.28 13.73 17.10
CA ALA B 281 43.73 13.66 17.28
C ALA B 281 44.37 12.81 16.18
N ARG B 282 43.72 11.72 15.80
CA ARG B 282 44.24 10.93 14.70
C ARG B 282 44.09 11.68 13.37
N VAL B 283 43.00 12.43 13.22
CA VAL B 283 42.80 13.19 12.00
C VAL B 283 43.91 14.21 11.82
N MET B 284 44.17 15.00 12.86
CA MET B 284 45.23 16.01 12.78
C MET B 284 46.61 15.39 12.60
N GLY B 285 46.88 14.26 13.28
CA GLY B 285 48.21 13.69 13.27
C GLY B 285 48.50 12.78 12.09
N GLU B 286 47.47 12.21 11.47
CA GLU B 286 47.68 11.23 10.41
C GLU B 286 47.05 11.62 9.09
N LEU B 287 45.84 12.15 9.10
CA LEU B 287 45.17 12.56 7.87
C LEU B 287 45.76 13.86 7.34
N LEU B 288 45.90 14.88 8.20
CA LEU B 288 46.42 16.18 7.76
C LEU B 288 47.76 16.07 7.02
N PRO B 289 48.77 15.34 7.50
CA PRO B 289 50.03 15.27 6.73
C PRO B 289 49.86 14.70 5.33
N ARG B 290 48.87 13.83 5.13
CA ARG B 290 48.61 13.34 3.78
C ARG B 290 48.02 14.44 2.88
N VAL B 291 47.06 15.23 3.39
CA VAL B 291 46.54 16.32 2.58
C VAL B 291 47.66 17.33 2.29
N LYS B 292 48.50 17.60 3.28
CA LYS B 292 49.60 18.55 3.08
C LYS B 292 50.52 18.08 1.95
N ALA B 293 50.83 16.79 1.94
CA ALA B 293 51.72 16.26 0.91
C ALA B 293 51.08 16.38 -0.47
N LEU B 294 49.78 16.14 -0.56
CA LEU B 294 49.08 16.27 -1.84
C LEU B 294 49.01 17.74 -2.26
N ALA B 295 48.76 18.64 -1.31
CA ALA B 295 48.72 20.06 -1.65
C ALA B 295 50.08 20.58 -2.05
N LEU B 296 51.15 20.03 -1.46
CA LEU B 296 52.51 20.39 -1.89
C LEU B 296 52.75 20.02 -3.35
N LEU B 297 52.27 18.85 -3.77
CA LEU B 297 52.39 18.49 -5.20
C LEU B 297 51.54 19.41 -6.06
N ALA B 298 50.32 19.73 -5.62
CA ALA B 298 49.47 20.62 -6.39
C ALA B 298 50.12 21.99 -6.55
N LYS B 299 50.75 22.48 -5.48
CA LYS B 299 51.45 23.76 -5.56
C LYS B 299 52.62 23.69 -6.54
N ASN B 300 53.36 22.59 -6.54
CA ASN B 300 54.53 22.52 -7.41
C ASN B 300 54.12 22.56 -8.88
N TYR B 301 52.96 22.02 -9.22
CA TYR B 301 52.42 22.11 -10.56
C TYR B 301 51.52 23.32 -10.77
N ASP B 302 51.23 24.05 -9.69
CA ASP B 302 50.32 25.20 -9.73
C ASP B 302 48.96 24.81 -10.32
N ILE B 303 48.37 23.78 -9.75
CA ILE B 303 47.00 23.40 -10.06
C ILE B 303 46.17 23.58 -8.80
N GLY B 304 44.85 23.61 -8.98
CA GLY B 304 43.96 23.68 -7.85
C GLY B 304 43.75 22.31 -7.21
N LEU B 305 43.58 22.32 -5.90
CA LEU B 305 43.24 21.11 -5.14
C LEU B 305 42.06 21.46 -4.26
N ASN B 306 40.92 20.84 -4.50
CA ASN B 306 39.67 21.18 -3.82
C ASN B 306 39.29 20.08 -2.83
N ILE B 307 38.90 20.50 -1.63
CA ILE B 307 38.41 19.60 -0.59
C ILE B 307 36.88 19.57 -0.66
N ASP B 308 36.34 18.44 -1.13
CA ASP B 308 34.90 18.26 -1.19
C ASP B 308 34.30 18.29 0.22
N ALA B 309 33.03 18.70 0.29
CA ALA B 309 32.32 18.73 1.54
C ALA B 309 31.45 17.48 1.67
N GLU B 310 31.40 16.92 2.87
CA GLU B 310 30.73 15.66 3.10
C GLU B 310 29.61 15.83 4.13
N GLU B 311 29.52 14.93 5.11
CA GLU B 311 28.42 14.98 6.05
C GLU B 311 28.54 16.20 6.96
N ALA B 312 27.40 16.61 7.53
CA ALA B 312 27.38 17.79 8.38
C ALA B 312 28.31 17.66 9.59
N ASP B 313 28.44 16.45 10.17
CA ASP B 313 29.27 16.34 11.36
C ASP B 313 30.77 16.33 11.05
N ARG B 314 31.16 16.49 9.79
CA ARG B 314 32.56 16.67 9.42
C ARG B 314 32.90 18.10 9.01
N LEU B 315 31.92 18.99 8.95
CA LEU B 315 32.18 20.33 8.42
C LEU B 315 33.21 21.07 9.27
N GLU B 316 32.92 21.23 10.57
CA GLU B 316 33.81 22.05 11.38
C GLU B 316 35.17 21.38 11.57
N LEU B 317 35.21 20.05 11.59
CA LEU B 317 36.48 19.34 11.65
C LEU B 317 37.35 19.68 10.45
N SER B 318 36.75 19.74 9.25
CA SER B 318 37.53 20.03 8.06
C SER B 318 38.10 21.45 8.08
N LEU B 319 37.43 22.38 8.77
CA LEU B 319 37.96 23.73 8.88
C LEU B 319 39.26 23.78 9.66
N ASP B 320 39.46 22.86 10.60
CA ASP B 320 40.74 22.80 11.32
C ASP B 320 41.87 22.37 10.39
N LEU B 321 41.59 21.48 9.44
CA LEU B 321 42.62 21.13 8.46
C LEU B 321 42.87 22.29 7.50
N LEU B 322 41.79 22.93 7.04
CA LEU B 322 41.94 24.08 6.15
C LEU B 322 42.78 25.17 6.81
N GLU B 323 42.54 25.40 8.11
CA GLU B 323 43.30 26.41 8.85
C GLU B 323 44.80 26.13 8.81
N VAL B 324 45.20 24.88 9.09
CA VAL B 324 46.61 24.55 9.10
C VAL B 324 47.20 24.67 7.70
N LEU B 325 46.46 24.21 6.69
CA LEU B 325 46.98 24.27 5.32
C LEU B 325 47.19 25.72 4.88
N CYS B 326 46.24 26.60 5.15
CA CYS B 326 46.37 27.97 4.68
C CYS B 326 47.50 28.72 5.38
N LEU B 327 47.87 28.31 6.59
CA LEU B 327 48.97 28.92 7.35
C LEU B 327 50.28 28.15 7.21
N ASP B 328 50.30 27.07 6.44
CA ASP B 328 51.52 26.30 6.25
C ASP B 328 52.47 27.06 5.32
N GLY B 329 53.62 27.45 5.84
CA GLY B 329 54.60 28.18 5.04
C GLY B 329 55.14 27.41 3.85
N ASP B 330 55.09 26.07 3.90
CA ASP B 330 55.54 25.28 2.74
C ASP B 330 54.64 25.49 1.53
N LEU B 331 53.39 25.88 1.73
CA LEU B 331 52.48 26.15 0.63
C LEU B 331 52.45 27.63 0.25
N SER B 332 53.36 28.44 0.80
CA SER B 332 53.34 29.88 0.60
C SER B 332 53.41 30.22 -0.88
N GLY B 333 52.49 31.08 -1.32
CA GLY B 333 52.45 31.51 -2.70
C GLY B 333 51.43 30.80 -3.56
N TRP B 334 50.87 29.68 -3.08
CA TRP B 334 49.93 28.89 -3.86
C TRP B 334 48.51 29.29 -3.51
N ASN B 335 47.73 29.64 -4.53
CA ASN B 335 46.33 30.00 -4.36
C ASN B 335 45.38 28.89 -4.83
N GLY B 336 45.87 27.68 -5.02
CA GLY B 336 45.00 26.66 -5.54
C GLY B 336 44.21 25.87 -4.52
N MET B 337 44.34 26.17 -3.24
CA MET B 337 43.62 25.44 -2.22
C MET B 337 42.14 25.77 -2.32
N GLY B 338 41.31 24.74 -2.45
CA GLY B 338 39.88 24.92 -2.63
C GLY B 338 39.06 24.19 -1.58
N PHE B 339 37.88 24.72 -1.30
CA PHE B 339 37.04 24.24 -0.21
C PHE B 339 35.59 24.40 -0.63
N VAL B 340 34.81 23.34 -0.45
CA VAL B 340 33.39 23.34 -0.74
C VAL B 340 32.61 23.79 0.49
N VAL B 341 31.59 24.62 0.27
CA VAL B 341 30.63 25.00 1.31
C VAL B 341 29.23 24.67 0.79
N GLN B 342 28.42 24.03 1.62
CA GLN B 342 27.11 23.52 1.21
C GLN B 342 26.01 24.50 1.65
N ALA B 343 25.31 25.07 0.67
CA ALA B 343 24.30 26.10 0.93
C ALA B 343 23.07 25.53 1.58
N TYR B 344 22.82 24.22 1.46
CA TYR B 344 21.69 23.66 2.21
C TYR B 344 21.97 23.59 3.69
N GLY B 345 23.18 23.95 4.14
CA GLY B 345 23.51 23.90 5.55
C GLY B 345 23.28 25.24 6.23
N LYS B 346 22.79 25.16 7.46
CA LYS B 346 22.45 26.36 8.23
C LYS B 346 23.68 27.16 8.62
N ARG B 347 24.85 26.53 8.60
CA ARG B 347 26.06 27.23 9.01
C ARG B 347 26.76 27.95 7.85
N CYS B 348 26.32 27.76 6.61
CA CYS B 348 27.00 28.20 5.40
C CYS B 348 27.48 29.65 5.45
N PRO B 349 26.62 30.65 5.71
CA PRO B 349 27.14 32.02 5.69
C PRO B 349 28.21 32.27 6.73
N PHE B 350 28.11 31.62 7.89
CA PHE B 350 29.12 31.80 8.93
C PHE B 350 30.41 31.06 8.59
N VAL B 351 30.29 29.94 7.90
CA VAL B 351 31.50 29.26 7.41
C VAL B 351 32.22 30.14 6.38
N LEU B 352 31.47 30.74 5.46
CA LEU B 352 32.06 31.68 4.51
C LEU B 352 32.73 32.86 5.22
N ASP B 353 32.09 33.41 6.25
CA ASP B 353 32.74 34.45 7.05
C ASP B 353 34.09 33.96 7.56
N PHE B 354 34.13 32.74 8.11
CA PHE B 354 35.37 32.21 8.63
C PHE B 354 36.41 32.04 7.53
N ILE B 355 35.99 31.50 6.37
CA ILE B 355 36.93 31.27 5.27
C ILE B 355 37.44 32.58 4.68
N ILE B 356 36.56 33.58 4.53
CA ILE B 356 37.02 34.86 4.00
C ILE B 356 38.03 35.50 4.95
N ASP B 357 37.76 35.43 6.25
CA ASP B 357 38.73 35.93 7.22
C ASP B 357 40.04 35.14 7.15
N LEU B 358 39.95 33.82 7.00
CA LEU B 358 41.16 33.00 6.94
C LEU B 358 42.00 33.37 5.72
N ALA B 359 41.34 33.62 4.59
CA ALA B 359 42.04 34.02 3.39
C ALA B 359 42.71 35.37 3.58
N ARG B 360 42.07 36.26 4.33
CA ARG B 360 42.64 37.58 4.55
C ARG B 360 43.90 37.51 5.39
N ARG B 361 43.89 36.71 6.46
CA ARG B 361 45.05 36.70 7.34
C ARG B 361 46.13 35.74 6.91
N SER B 362 45.82 34.79 6.04
CA SER B 362 46.83 33.88 5.51
C SER B 362 47.47 34.38 4.22
N GLY B 363 46.86 35.34 3.54
CA GLY B 363 47.35 35.74 2.24
C GLY B 363 47.18 34.69 1.16
N ARG B 364 46.19 33.82 1.29
CA ARG B 364 45.82 32.83 0.29
C ARG B 364 44.48 33.25 -0.31
N ARG B 365 44.40 33.33 -1.63
CA ARG B 365 43.10 33.51 -2.26
C ARG B 365 42.44 32.15 -2.36
N ILE B 366 41.55 31.85 -1.41
CA ILE B 366 40.98 30.51 -1.28
C ILE B 366 39.90 30.31 -2.33
N MET B 367 39.97 29.19 -3.05
CA MET B 367 38.92 28.83 -3.99
C MET B 367 37.74 28.23 -3.24
N VAL B 368 36.57 28.85 -3.35
CA VAL B 368 35.40 28.43 -2.59
C VAL B 368 34.35 27.92 -3.58
N ARG B 369 34.06 26.62 -3.54
CA ARG B 369 33.01 26.07 -4.37
C ARG B 369 31.72 26.07 -3.55
N LEU B 370 30.76 26.87 -3.97
CA LEU B 370 29.46 26.91 -3.31
C LEU B 370 28.56 25.90 -4.00
N VAL B 371 28.04 24.95 -3.22
CA VAL B 371 27.11 23.95 -3.75
C VAL B 371 25.85 24.02 -2.92
N LYS B 372 24.86 23.23 -3.33
CA LYS B 372 23.70 23.10 -2.45
C LYS B 372 23.94 21.98 -1.44
N GLY B 373 24.11 20.73 -1.90
CA GLY B 373 24.49 19.68 -0.97
C GLY B 373 24.00 18.29 -1.33
N ALA B 374 24.84 17.27 -1.16
CA ALA B 374 24.60 15.95 -1.72
C ALA B 374 24.06 14.94 -0.71
N TYR B 375 23.87 15.32 0.56
CA TYR B 375 23.59 14.35 1.60
C TYR B 375 22.26 14.60 2.29
N TRP B 376 21.33 15.26 1.60
CA TRP B 376 20.16 15.80 2.30
C TRP B 376 19.34 14.70 2.97
N ASP B 377 19.00 13.64 2.24
CA ASP B 377 18.19 12.57 2.83
C ASP B 377 18.88 11.95 4.05
N ALA B 378 20.19 11.74 3.97
CA ALA B 378 20.91 11.13 5.07
C ALA B 378 20.97 12.06 6.27
N GLU B 379 21.02 13.38 6.06
CA GLU B 379 21.07 14.31 7.19
C GLU B 379 19.75 14.35 7.93
N ILE B 380 18.64 14.28 7.19
CA ILE B 380 17.33 14.23 7.84
C ILE B 380 17.21 12.98 8.70
N LYS B 381 17.50 11.82 8.10
CA LYS B 381 17.42 10.57 8.86
C LYS B 381 18.32 10.60 10.09
N ARG B 382 19.54 11.11 9.96
CA ARG B 382 20.51 11.07 11.05
C ARG B 382 20.06 11.93 12.22
N ALA B 383 19.61 13.15 11.94
CA ALA B 383 19.15 14.02 13.02
C ALA B 383 17.95 13.41 13.76
N GLN B 384 17.08 12.72 13.02
CA GLN B 384 15.92 12.08 13.63
C GLN B 384 16.34 10.91 14.50
N LEU B 385 17.25 10.05 14.00
CA LEU B 385 17.76 8.94 14.80
C LEU B 385 18.42 9.42 16.09
N ASP B 386 19.17 10.53 16.02
CA ASP B 386 19.96 10.99 17.15
C ASP B 386 19.17 11.90 18.08
N GLY B 387 17.89 12.11 17.80
CA GLY B 387 17.07 12.99 18.64
C GLY B 387 17.67 14.37 18.85
N LEU B 388 18.25 14.97 17.82
CA LEU B 388 18.89 16.27 18.04
C LEU B 388 17.86 17.41 17.91
N ALA B 389 18.29 18.61 18.30
CA ALA B 389 17.34 19.71 18.47
C ALA B 389 16.65 20.08 17.16
N ASP B 390 17.39 20.04 16.07
CA ASP B 390 16.87 20.47 14.78
C ASP B 390 17.78 19.84 13.74
N PHE B 391 17.52 20.13 12.51
CA PHE B 391 18.35 19.61 11.43
C PHE B 391 19.52 20.55 11.19
N PRO B 392 20.64 20.03 10.70
CA PRO B 392 21.74 20.91 10.30
C PRO B 392 21.63 21.41 8.87
N VAL B 393 20.54 21.04 8.19
CA VAL B 393 20.23 21.48 6.83
C VAL B 393 18.80 21.99 6.82
N PHE B 394 18.47 22.73 5.77
CA PHE B 394 17.09 23.15 5.58
C PHE B 394 16.20 21.96 5.21
N THR B 395 14.89 22.13 5.39
CA THR B 395 13.91 21.09 5.10
C THR B 395 13.00 21.42 3.93
N ARG B 396 12.97 22.67 3.46
CA ARG B 396 12.30 23.02 2.21
C ARG B 396 13.35 23.34 1.15
N LYS B 397 13.16 22.79 -0.05
CA LYS B 397 14.16 23.00 -1.10
C LYS B 397 14.27 24.47 -1.47
N ILE B 398 13.19 25.23 -1.37
CA ILE B 398 13.28 26.64 -1.71
C ILE B 398 14.17 27.38 -0.72
N HIS B 399 14.28 26.88 0.52
CA HIS B 399 15.17 27.54 1.48
C HIS B 399 16.62 27.38 1.09
N THR B 400 16.99 26.20 0.61
CA THR B 400 18.34 26.00 0.12
C THR B 400 18.65 26.96 -1.02
N ASP B 401 17.70 27.14 -1.95
CA ASP B 401 17.93 28.05 -3.07
C ASP B 401 18.16 29.48 -2.58
N VAL B 402 17.37 29.93 -1.60
CA VAL B 402 17.58 31.26 -1.05
C VAL B 402 18.94 31.36 -0.37
N SER B 403 19.26 30.36 0.46
CA SER B 403 20.56 30.29 1.11
C SER B 403 21.69 30.41 0.07
N TYR B 404 21.59 29.65 -1.01
CA TYR B 404 22.63 29.65 -2.03
C TYR B 404 22.81 31.05 -2.63
N ILE B 405 21.71 31.70 -3.01
CA ILE B 405 21.80 33.02 -3.61
C ILE B 405 22.37 34.03 -2.61
N ALA B 406 22.02 33.90 -1.32
CA ALA B 406 22.53 34.82 -0.32
C ALA B 406 24.03 34.63 -0.11
N CYS B 407 24.49 33.38 -0.07
CA CYS B 407 25.91 33.13 0.11
C CYS B 407 26.70 33.55 -1.13
N ALA B 408 26.11 33.41 -2.31
CA ALA B 408 26.73 33.96 -3.52
C ALA B 408 26.96 35.46 -3.41
N ALA B 409 26.00 36.20 -2.85
CA ALA B 409 26.21 37.63 -2.66
C ALA B 409 27.37 37.90 -1.71
N LYS B 410 27.51 37.08 -0.66
CA LYS B 410 28.62 37.23 0.28
C LYS B 410 29.94 36.92 -0.40
N LEU B 411 29.97 35.89 -1.24
CA LEU B 411 31.19 35.52 -1.96
C LEU B 411 31.59 36.57 -2.97
N LEU B 412 30.63 37.06 -3.77
CA LEU B 412 30.91 38.05 -4.79
C LEU B 412 31.46 39.36 -4.22
N ALA B 413 31.25 39.63 -2.93
CA ALA B 413 31.79 40.85 -2.33
C ALA B 413 33.23 40.71 -1.85
N ALA B 414 33.79 39.49 -1.87
CA ALA B 414 35.13 39.25 -1.33
C ALA B 414 36.08 38.63 -2.36
N THR B 415 35.84 38.90 -3.65
CA THR B 415 36.61 38.25 -4.71
C THR B 415 38.09 38.59 -4.69
N ASP B 416 38.49 39.62 -3.94
CA ASP B 416 39.92 39.90 -3.81
C ASP B 416 40.62 38.80 -3.03
N VAL B 417 39.95 38.22 -2.04
CA VAL B 417 40.59 37.23 -1.18
C VAL B 417 40.01 35.84 -1.33
N VAL B 418 38.95 35.65 -2.11
CA VAL B 418 38.41 34.32 -2.38
C VAL B 418 37.97 34.26 -3.84
N PHE B 419 38.16 33.08 -4.45
CA PHE B 419 37.74 32.82 -5.82
C PHE B 419 36.44 32.02 -5.79
N PRO B 420 35.28 32.66 -5.99
CA PRO B 420 34.01 31.92 -5.89
C PRO B 420 33.79 31.01 -7.08
N GLN B 421 33.28 29.81 -6.81
CA GLN B 421 33.01 28.80 -7.82
C GLN B 421 31.58 28.30 -7.61
N PHE B 422 30.68 28.70 -8.50
CA PHE B 422 29.25 28.47 -8.29
C PHE B 422 28.81 27.20 -9.01
N ALA B 423 28.68 26.12 -8.24
CA ALA B 423 28.33 24.81 -8.77
C ALA B 423 26.82 24.62 -8.70
N THR B 424 26.17 24.58 -9.86
CA THR B 424 24.74 24.31 -9.90
C THR B 424 24.34 23.92 -11.32
N HIS B 425 23.32 23.06 -11.40
CA HIS B 425 22.68 22.73 -12.65
C HIS B 425 21.33 23.44 -12.83
N ASN B 426 21.03 24.41 -11.98
CA ASN B 426 19.71 25.03 -11.94
C ASN B 426 19.77 26.34 -12.70
N ALA B 427 19.01 26.42 -13.80
CA ALA B 427 19.07 27.59 -14.68
C ALA B 427 18.66 28.86 -13.96
N GLN B 428 17.69 28.76 -13.05
CA GLN B 428 17.26 29.94 -12.30
C GLN B 428 18.35 30.41 -11.34
N THR B 429 18.95 29.47 -10.60
CA THR B 429 20.08 29.82 -9.73
C THR B 429 21.19 30.50 -10.51
N LEU B 430 21.58 29.92 -11.65
CA LEU B 430 22.66 30.47 -12.47
C LEU B 430 22.35 31.89 -12.93
N ALA B 431 21.16 32.09 -13.50
CA ALA B 431 20.80 33.41 -14.01
C ALA B 431 20.80 34.46 -12.90
N ALA B 432 20.32 34.08 -11.71
CA ALA B 432 20.32 35.00 -10.57
C ALA B 432 21.74 35.44 -10.24
N ILE B 433 22.69 34.51 -10.22
CA ILE B 433 24.06 34.86 -9.86
C ILE B 433 24.71 35.63 -11.00
N TYR B 434 24.47 35.20 -12.23
CA TYR B 434 25.04 35.87 -13.39
C TYR B 434 24.75 37.38 -13.36
N HIS B 435 23.51 37.74 -13.06
CA HIS B 435 23.16 39.15 -13.03
C HIS B 435 23.60 39.84 -11.75
N MET B 436 23.58 39.13 -10.63
CA MET B 436 24.08 39.69 -9.39
C MET B 436 25.56 40.07 -9.51
N ALA B 437 26.33 39.27 -10.25
CA ALA B 437 27.77 39.49 -10.35
C ALA B 437 28.10 40.78 -11.09
N GLY B 438 27.21 41.24 -11.97
CA GLY B 438 27.42 42.51 -12.65
C GLY B 438 28.03 42.38 -14.03
N LYS B 439 28.81 43.38 -14.44
CA LYS B 439 29.33 43.45 -15.80
C LYS B 439 30.86 43.38 -15.89
N ASP B 440 31.58 43.89 -14.89
CA ASP B 440 33.04 43.94 -14.95
C ASP B 440 33.60 42.57 -14.60
N PHE B 441 34.08 41.84 -15.60
CA PHE B 441 34.55 40.48 -15.41
C PHE B 441 35.94 40.28 -15.98
N HIS B 442 36.71 39.44 -15.30
CA HIS B 442 37.95 38.88 -15.81
C HIS B 442 38.06 37.44 -15.32
N VAL B 443 38.68 36.58 -16.14
CA VAL B 443 38.90 35.21 -15.69
C VAL B 443 39.76 35.24 -14.44
N GLY B 444 39.37 34.46 -13.44
CA GLY B 444 39.99 34.53 -12.13
C GLY B 444 39.17 35.30 -11.10
N LYS B 445 38.16 36.06 -11.55
CA LYS B 445 37.26 36.73 -10.63
C LYS B 445 36.34 35.72 -9.94
N TYR B 446 35.52 35.02 -10.72
CA TYR B 446 34.76 33.87 -10.26
C TYR B 446 34.58 32.91 -11.43
N GLU B 447 33.92 31.79 -11.17
CA GLU B 447 33.62 30.83 -12.22
C GLU B 447 32.38 30.04 -11.83
N PHE B 448 31.81 29.35 -12.82
CA PHE B 448 30.74 28.39 -12.59
C PHE B 448 31.30 26.96 -12.59
N GLN B 449 30.51 26.03 -12.05
CA GLN B 449 30.92 24.62 -12.10
C GLN B 449 29.72 23.73 -12.37
N CYS B 450 29.98 22.56 -12.96
CA CYS B 450 28.94 21.59 -13.24
C CYS B 450 29.56 20.19 -13.24
N LEU B 451 28.70 19.18 -13.27
CA LEU B 451 29.14 17.79 -13.28
C LEU B 451 29.27 17.28 -14.71
N HIS B 452 30.27 16.43 -14.93
CA HIS B 452 30.47 15.81 -16.24
C HIS B 452 29.20 15.08 -16.67
N GLY B 453 28.88 15.21 -17.97
CA GLY B 453 27.72 14.55 -18.55
C GLY B 453 26.41 15.28 -18.32
N MET B 454 26.11 15.60 -17.06
CA MET B 454 24.83 16.21 -16.73
C MET B 454 24.82 17.71 -17.04
N GLY B 455 25.89 18.42 -16.70
CA GLY B 455 25.91 19.87 -16.72
C GLY B 455 26.20 20.54 -18.03
N GLU B 456 26.73 19.80 -19.00
CA GLU B 456 27.14 20.40 -20.27
C GLU B 456 25.98 20.97 -21.09
N PRO B 457 24.82 20.31 -21.18
CA PRO B 457 23.70 20.92 -21.92
C PRO B 457 23.38 22.34 -21.47
N LEU B 458 23.60 22.66 -20.20
CA LEU B 458 23.32 24.00 -19.70
C LEU B 458 24.47 24.97 -19.94
N TYR B 459 25.69 24.53 -19.62
CA TYR B 459 26.79 25.50 -19.59
C TYR B 459 27.39 25.77 -20.96
N GLU B 460 26.96 25.08 -22.01
CA GLU B 460 27.36 25.53 -23.33
C GLU B 460 26.69 26.84 -23.72
N GLU B 461 25.68 27.27 -22.96
CA GLU B 461 25.03 28.57 -23.15
C GLU B 461 25.67 29.67 -22.31
N VAL B 462 26.79 29.37 -21.64
CA VAL B 462 27.42 30.28 -20.68
C VAL B 462 28.85 30.61 -21.09
N VAL B 463 29.63 29.58 -21.41
CA VAL B 463 31.05 29.75 -21.70
C VAL B 463 31.21 30.37 -23.08
N GLY B 464 32.08 31.36 -23.17
CA GLY B 464 32.52 31.88 -24.45
C GLY B 464 32.02 33.29 -24.71
N ARG B 465 32.78 34.03 -25.52
CA ARG B 465 32.37 35.38 -25.92
C ARG B 465 31.03 35.38 -26.64
N GLY B 466 30.63 34.25 -27.23
CA GLY B 466 29.34 34.14 -27.88
C GLY B 466 28.16 33.88 -26.96
N LYS B 467 28.42 33.50 -25.71
CA LYS B 467 27.35 33.21 -24.76
C LYS B 467 27.28 34.27 -23.67
N LEU B 468 27.44 33.84 -22.41
CA LEU B 468 27.52 34.77 -21.30
C LEU B 468 28.95 35.16 -20.97
N ASP B 469 29.93 34.56 -21.65
CA ASP B 469 31.35 34.85 -21.42
C ASP B 469 31.73 34.58 -19.97
N ARG B 470 31.26 33.45 -19.44
CA ARG B 470 31.60 33.04 -18.09
C ARG B 470 32.11 31.60 -18.13
N PRO B 471 33.23 31.31 -17.49
CA PRO B 471 33.79 29.96 -17.58
C PRO B 471 33.08 28.97 -16.66
N CYS B 472 33.17 27.70 -17.04
CA CYS B 472 32.61 26.61 -16.26
C CYS B 472 33.66 25.53 -16.07
N ARG B 473 33.87 25.11 -14.83
CA ARG B 473 34.77 24.01 -14.51
C ARG B 473 33.95 22.75 -14.31
N ILE B 474 34.32 21.70 -15.05
CA ILE B 474 33.56 20.45 -15.07
C ILE B 474 34.16 19.49 -14.04
N TYR B 475 33.32 19.06 -13.10
CA TYR B 475 33.69 18.04 -12.13
C TYR B 475 33.67 16.68 -12.82
N ALA B 476 34.84 16.08 -12.97
CA ALA B 476 35.03 14.95 -13.88
C ALA B 476 35.38 13.68 -13.12
N PRO B 477 34.43 12.77 -12.91
CA PRO B 477 34.74 11.50 -12.25
C PRO B 477 35.65 10.65 -13.10
N VAL B 478 36.55 9.94 -12.43
CA VAL B 478 37.55 9.11 -13.09
C VAL B 478 37.67 7.81 -12.31
N GLY B 479 37.40 6.69 -12.98
CA GLY B 479 37.55 5.40 -12.35
C GLY B 479 36.69 4.34 -13.01
N THR B 480 36.67 3.17 -12.37
CA THR B 480 35.87 2.02 -12.81
C THR B 480 35.15 1.28 -11.69
N HIS B 481 35.41 1.58 -10.42
CA HIS B 481 34.94 0.75 -9.32
C HIS B 481 33.41 0.73 -9.28
N GLU B 482 32.85 -0.48 -9.42
CA GLU B 482 31.39 -0.64 -9.48
C GLU B 482 30.70 0.01 -8.29
N THR B 483 31.24 -0.19 -7.08
CA THR B 483 30.63 0.39 -5.89
C THR B 483 30.58 1.92 -5.98
N LEU B 484 31.74 2.53 -6.22
CA LEU B 484 31.83 3.98 -6.33
C LEU B 484 31.08 4.51 -7.55
N LEU B 485 30.89 3.68 -8.58
CA LEU B 485 30.10 4.10 -9.74
C LEU B 485 28.61 4.13 -9.41
N ALA B 486 28.13 3.15 -8.64
CA ALA B 486 26.75 3.22 -8.18
C ALA B 486 26.51 4.48 -7.37
N TYR B 487 27.48 4.86 -6.53
CA TYR B 487 27.37 6.09 -5.76
C TYR B 487 27.30 7.31 -6.68
N LEU B 488 28.12 7.32 -7.73
CA LEU B 488 28.16 8.48 -8.63
C LEU B 488 26.84 8.66 -9.35
N VAL B 489 26.24 7.56 -9.83
CA VAL B 489 24.98 7.66 -10.58
C VAL B 489 23.87 8.17 -9.69
N ARG B 490 23.84 7.73 -8.42
CA ARG B 490 22.83 8.20 -7.49
C ARG B 490 22.97 9.70 -7.24
N ARG B 491 24.19 10.23 -7.30
CA ARG B 491 24.39 11.66 -7.17
C ARG B 491 24.12 12.38 -8.49
N LEU B 492 24.52 11.76 -9.61
CA LEU B 492 24.22 12.34 -10.93
C LEU B 492 22.73 12.59 -11.09
N LEU B 493 21.89 11.66 -10.65
CA LEU B 493 20.46 11.74 -10.85
C LEU B 493 19.72 12.26 -9.63
N GLU B 494 20.45 12.83 -8.66
CA GLU B 494 19.85 13.49 -7.50
C GLU B 494 18.91 12.55 -6.74
N ASN B 495 19.30 11.27 -6.66
CA ASN B 495 18.48 10.24 -6.01
C ASN B 495 17.09 10.11 -6.61
N GLY B 496 16.90 10.54 -7.85
CA GLY B 496 15.57 10.53 -8.45
C GLY B 496 14.57 11.38 -7.70
N ALA B 497 15.00 12.54 -7.21
CA ALA B 497 14.12 13.44 -6.48
C ALA B 497 13.29 14.26 -7.46
N ASN B 498 11.97 14.22 -7.29
CA ASN B 498 11.08 14.99 -8.15
C ASN B 498 11.28 16.49 -7.98
N SER B 499 11.78 16.92 -6.82
CA SER B 499 12.02 18.34 -6.59
C SER B 499 13.28 18.85 -7.30
N SER B 500 14.10 17.95 -7.84
CA SER B 500 15.35 18.38 -8.44
C SER B 500 15.10 19.00 -9.81
N PHE B 501 15.90 20.02 -10.13
CA PHE B 501 15.87 20.61 -11.46
C PHE B 501 16.08 19.55 -12.53
N VAL B 502 17.00 18.61 -12.29
CA VAL B 502 17.30 17.56 -13.26
C VAL B 502 16.03 16.85 -13.69
N HIS B 503 15.19 16.48 -12.72
CA HIS B 503 13.95 15.78 -13.04
C HIS B 503 12.86 16.73 -13.58
N ARG B 504 12.85 17.98 -13.12
CA ARG B 504 11.74 18.88 -13.44
C ARG B 504 11.84 19.43 -14.85
N ILE B 505 13.07 19.71 -15.33
CA ILE B 505 13.24 20.17 -16.70
C ILE B 505 12.74 19.15 -17.71
N ASN B 506 12.62 17.88 -17.30
CA ASN B 506 12.17 16.80 -18.17
C ASN B 506 10.72 16.39 -17.93
N ASP B 507 10.05 16.97 -16.93
CA ASP B 507 8.64 16.70 -16.70
C ASP B 507 7.80 17.61 -17.59
N PRO B 508 6.96 17.06 -18.47
CA PRO B 508 6.10 17.93 -19.30
C PRO B 508 5.05 18.70 -18.50
N LYS B 509 4.75 18.28 -17.27
CA LYS B 509 3.78 19.01 -16.46
C LYS B 509 4.33 20.37 -16.03
N VAL B 510 5.58 20.40 -15.56
CA VAL B 510 6.17 21.65 -15.08
C VAL B 510 6.42 22.60 -16.25
N SER B 511 5.94 23.82 -16.12
CA SER B 511 6.07 24.87 -17.12
C SER B 511 7.31 25.71 -16.85
N ILE B 512 7.71 26.49 -17.86
CA ILE B 512 8.88 27.34 -17.71
C ILE B 512 8.65 28.42 -16.65
N ASP B 513 7.39 28.84 -16.48
CA ASP B 513 7.06 29.79 -15.42
C ASP B 513 7.40 29.19 -14.05
N GLU B 514 7.00 27.94 -13.81
CA GLU B 514 7.32 27.27 -12.56
C GLU B 514 8.84 27.21 -12.36
N LEU B 515 9.58 26.77 -13.38
CA LEU B 515 11.01 26.64 -13.24
C LEU B 515 11.71 27.99 -13.06
N ILE B 516 11.09 29.11 -13.49
CA ILE B 516 11.75 30.41 -13.44
C ILE B 516 11.36 31.22 -12.21
N ALA B 517 10.47 30.71 -11.36
CA ALA B 517 10.03 31.44 -10.18
C ALA B 517 11.21 31.79 -9.28
N ASP B 518 11.19 33.03 -8.74
CA ASP B 518 12.27 33.53 -7.89
C ASP B 518 12.09 32.98 -6.48
N PRO B 519 13.00 32.11 -6.01
CA PRO B 519 12.84 31.56 -4.65
C PRO B 519 12.85 32.62 -3.57
N VAL B 520 13.62 33.69 -3.75
CA VAL B 520 13.70 34.73 -2.73
C VAL B 520 12.34 35.39 -2.52
N GLU B 521 11.63 35.67 -3.62
CA GLU B 521 10.32 36.34 -3.49
C GLU B 521 9.22 35.37 -3.11
N VAL B 522 9.31 34.11 -3.51
CA VAL B 522 8.34 33.12 -3.06
C VAL B 522 8.44 32.93 -1.55
N VAL B 523 9.67 32.87 -1.02
CA VAL B 523 9.83 32.74 0.42
C VAL B 523 9.36 34.00 1.13
N ARG B 524 9.68 35.16 0.59
CA ARG B 524 9.30 36.41 1.23
C ARG B 524 7.78 36.52 1.40
N ALA B 525 7.02 35.94 0.49
CA ALA B 525 5.57 36.06 0.50
C ALA B 525 4.89 35.02 1.39
N MET B 526 5.63 34.05 1.92
CA MET B 526 5.00 33.01 2.70
C MET B 526 4.51 33.57 4.04
N PRO B 527 3.49 32.95 4.63
CA PRO B 527 2.93 33.51 5.88
C PRO B 527 3.91 33.49 7.03
N VAL B 528 4.71 32.44 7.15
CA VAL B 528 5.76 32.34 8.15
C VAL B 528 7.06 32.10 7.37
N VAL B 529 7.91 33.12 7.31
CA VAL B 529 9.16 32.98 6.58
C VAL B 529 10.03 31.95 7.26
N GLY B 530 10.47 30.95 6.50
CA GLY B 530 11.36 29.94 7.04
C GLY B 530 10.68 28.78 7.74
N ALA B 531 9.36 28.66 7.64
CA ALA B 531 8.66 27.53 8.23
C ALA B 531 9.21 26.20 7.73
N LYS B 532 9.42 25.27 8.67
CA LYS B 532 9.84 23.91 8.38
C LYS B 532 8.90 23.25 7.39
N HIS B 533 9.41 22.29 6.62
CA HIS B 533 8.55 21.50 5.75
C HIS B 533 7.47 20.81 6.58
N ASP B 534 6.22 20.89 6.09
CA ASP B 534 5.08 20.35 6.83
C ASP B 534 5.11 18.84 6.97
N ARG B 535 5.82 18.13 6.09
CA ARG B 535 5.81 16.69 6.10
C ARG B 535 7.08 16.09 6.72
N ILE B 536 7.96 16.91 7.28
CA ILE B 536 9.18 16.41 7.91
C ILE B 536 9.10 16.68 9.41
N ALA B 537 9.15 15.61 10.20
CA ALA B 537 9.06 15.74 11.65
C ALA B 537 10.39 16.16 12.24
N LEU B 538 10.38 17.22 13.06
CA LEU B 538 11.50 17.49 13.96
C LEU B 538 11.78 16.24 14.77
N PRO B 539 13.04 15.96 15.10
CA PRO B 539 13.33 14.72 15.86
C PRO B 539 12.47 14.59 17.12
N ALA B 540 12.21 15.71 17.81
CA ALA B 540 11.37 15.63 19.01
C ALA B 540 9.93 15.21 18.69
N GLU B 541 9.48 15.44 17.46
CA GLU B 541 8.09 15.24 17.07
C GLU B 541 7.89 13.97 16.24
N LEU B 542 8.85 13.06 16.26
CA LEU B 542 8.78 11.83 15.47
C LEU B 542 7.53 11.00 15.77
N PHE B 543 6.98 11.10 16.98
CA PHE B 543 5.84 10.28 17.36
C PHE B 543 4.54 11.07 17.42
N GLY B 544 4.54 12.30 16.91
CA GLY B 544 3.32 13.08 16.83
C GLY B 544 2.78 13.40 18.22
N ASP B 545 1.46 13.40 18.35
CA ASP B 545 0.82 13.72 19.62
C ASP B 545 0.91 12.58 20.64
N ALA B 546 1.37 11.39 20.24
CA ALA B 546 1.45 10.28 21.18
C ALA B 546 2.38 10.59 22.36
N ARG B 547 3.57 11.12 22.07
CA ARG B 547 4.57 11.39 23.11
C ARG B 547 5.73 12.14 22.47
N THR B 548 6.51 12.78 23.33
CA THR B 548 7.70 13.50 22.91
C THR B 548 8.90 12.55 22.86
N ASN B 549 9.58 12.52 21.70
CA ASN B 549 10.78 11.70 21.55
C ASN B 549 11.86 12.19 22.49
N SER B 550 12.67 11.25 23.02
CA SER B 550 13.82 11.64 23.83
C SER B 550 14.82 12.42 22.97
N ALA B 551 15.59 13.28 23.62
CA ALA B 551 16.59 14.10 22.96
C ALA B 551 17.98 13.59 23.29
N GLY B 552 18.85 13.58 22.29
CA GLY B 552 20.24 13.22 22.47
C GLY B 552 21.14 14.43 22.63
N LEU B 553 22.43 14.21 22.46
CA LEU B 553 23.41 15.30 22.51
C LEU B 553 24.33 15.15 21.32
N ASP B 554 24.72 16.27 20.73
CA ASP B 554 25.50 16.25 19.48
C ASP B 554 26.97 16.24 19.85
N LEU B 555 27.60 15.08 19.75
CA LEU B 555 29.00 14.97 20.12
C LEU B 555 29.94 15.51 19.05
N SER B 556 29.42 16.16 18.01
CA SER B 556 30.26 16.88 17.04
C SER B 556 30.22 18.39 17.28
N ASN B 557 29.40 18.83 18.21
CA ASN B 557 29.19 20.24 18.52
C ASN B 557 30.17 20.64 19.63
N GLU B 558 31.06 21.60 19.34
CA GLU B 558 32.09 21.96 20.30
C GLU B 558 31.52 22.63 21.54
N GLU B 559 30.44 23.41 21.40
CA GLU B 559 29.74 23.92 22.58
C GLU B 559 29.32 22.77 23.48
N THR B 560 28.68 21.76 22.89
CA THR B 560 28.22 20.61 23.66
C THR B 560 29.37 19.85 24.30
N LEU B 561 30.45 19.60 23.54
CA LEU B 561 31.59 18.89 24.11
C LEU B 561 32.20 19.66 25.28
N ALA B 562 32.29 20.98 25.17
CA ALA B 562 32.89 21.76 26.26
C ALA B 562 32.00 21.73 27.50
N SER B 563 30.70 21.97 27.35
CA SER B 563 29.84 21.95 28.52
C SER B 563 29.68 20.54 29.08
N LEU B 564 29.69 19.52 28.19
CA LEU B 564 29.61 18.15 28.65
C LEU B 564 30.88 17.73 29.41
N THR B 565 32.05 18.16 28.93
CA THR B 565 33.28 17.88 29.65
C THR B 565 33.18 18.37 31.10
N GLU B 566 32.63 19.56 31.30
CA GLU B 566 32.52 20.08 32.67
C GLU B 566 31.50 19.31 33.49
N ALA B 567 30.37 18.92 32.86
CA ALA B 567 29.35 18.15 33.57
C ALA B 567 29.87 16.76 33.96
N LEU B 568 30.65 16.15 33.08
CA LEU B 568 31.23 14.84 33.37
C LEU B 568 32.27 14.92 34.48
N ARG B 569 33.18 15.89 34.41
CA ARG B 569 34.12 16.15 35.49
C ARG B 569 33.40 16.35 36.83
N GLU B 570 32.37 17.21 36.83
CA GLU B 570 31.62 17.44 38.07
C GLU B 570 30.96 16.16 38.57
N SER B 571 30.48 15.31 37.65
CA SER B 571 29.81 14.07 38.06
C SER B 571 30.77 13.14 38.77
N ALA B 572 32.04 13.14 38.35
CA ALA B 572 33.01 12.28 39.02
C ALA B 572 33.42 12.80 40.38
N ALA B 573 33.08 14.04 40.72
CA ALA B 573 33.40 14.58 42.04
C ALA B 573 32.27 14.41 43.05
N MET B 574 31.10 13.92 42.61
CA MET B 574 29.99 13.71 43.53
C MET B 574 30.16 12.40 44.29
N LYS B 575 29.57 12.35 45.48
CA LYS B 575 29.51 11.14 46.30
C LYS B 575 28.30 10.31 45.86
N TRP B 576 28.56 9.27 45.07
CA TRP B 576 27.51 8.39 44.59
C TRP B 576 27.34 7.20 45.53
N THR B 577 26.10 6.97 45.98
CA THR B 577 25.81 5.86 46.87
C THR B 577 24.57 5.12 46.39
N ALA B 578 24.45 3.88 46.86
CA ALA B 578 23.23 3.08 46.70
C ALA B 578 23.00 2.34 47.99
N LEU B 579 21.80 2.41 48.51
CA LEU B 579 21.49 1.77 49.78
C LEU B 579 20.18 1.03 49.64
N PRO B 580 19.89 0.10 50.55
CA PRO B 580 18.54 -0.47 50.61
C PRO B 580 17.56 0.62 50.99
N GLN B 581 16.79 1.10 50.03
CA GLN B 581 15.82 2.19 50.25
C GLN B 581 14.45 1.55 50.45
N LEU B 582 14.10 1.31 51.72
CA LEU B 582 12.80 0.78 52.06
C LEU B 582 11.79 1.92 52.15
N ALA B 583 10.51 1.55 52.23
CA ALA B 583 9.46 2.56 52.35
C ALA B 583 9.64 3.44 53.59
N THR B 584 10.23 2.89 54.65
CA THR B 584 10.43 3.62 55.91
C THR B 584 11.75 4.37 55.96
N GLY B 585 12.59 4.25 54.94
CA GLY B 585 13.87 4.92 54.94
C GLY B 585 14.94 3.92 54.59
N PRO B 586 16.18 4.37 54.52
CA PRO B 586 17.27 3.46 54.14
C PRO B 586 17.62 2.52 55.29
N ALA B 587 18.02 1.31 54.94
CA ALA B 587 18.43 0.30 55.90
C ALA B 587 19.94 0.17 55.92
N ALA B 588 20.44 -0.40 57.02
CA ALA B 588 21.86 -0.68 57.13
C ALA B 588 22.20 -2.00 56.47
N GLY B 589 23.49 -2.20 56.22
CA GLY B 589 23.92 -3.44 55.59
C GLY B 589 25.41 -3.41 55.38
N GLU B 590 25.91 -4.43 54.69
CA GLU B 590 27.32 -4.50 54.33
C GLU B 590 27.61 -3.55 53.17
N THR B 591 28.66 -2.76 53.31
CA THR B 591 29.04 -1.76 52.32
C THR B 591 30.30 -2.20 51.58
N ARG B 592 30.31 -1.98 50.26
CA ARG B 592 31.50 -2.19 49.45
C ARG B 592 31.62 -1.11 48.40
N THR B 593 32.81 -0.98 47.84
CA THR B 593 33.09 0.08 46.87
CA THR B 593 33.10 0.07 46.87
C THR B 593 32.76 -0.40 45.46
N VAL B 594 32.24 0.52 44.65
CA VAL B 594 31.89 0.28 43.26
C VAL B 594 33.03 0.83 42.40
N LEU B 595 33.60 -0.01 41.56
CA LEU B 595 34.80 0.34 40.82
C LEU B 595 34.50 0.51 39.33
N ASN B 596 35.32 1.32 38.69
CA ASN B 596 35.26 1.49 37.24
C ASN B 596 35.83 0.25 36.58
N PRO B 597 35.04 -0.51 35.79
CA PRO B 597 35.60 -1.71 35.15
C PRO B 597 36.74 -1.40 34.18
N GLY B 598 36.84 -0.16 33.67
CA GLY B 598 37.97 0.21 32.85
C GLY B 598 39.24 0.55 33.61
N ASP B 599 39.15 0.65 34.94
CA ASP B 599 40.27 1.07 35.76
C ASP B 599 39.87 0.89 37.21
N HIS B 600 40.33 -0.19 37.84
CA HIS B 600 39.87 -0.49 39.20
C HIS B 600 40.46 0.48 40.23
N ARG B 601 41.38 1.35 39.83
CA ARG B 601 41.85 2.41 40.71
C ARG B 601 40.85 3.55 40.81
N ASP B 602 39.91 3.63 39.86
CA ASP B 602 38.92 4.70 39.79
C ASP B 602 37.71 4.25 40.58
N VAL B 603 37.56 4.78 41.79
CA VAL B 603 36.46 4.44 42.67
C VAL B 603 35.28 5.32 42.31
N VAL B 604 34.14 4.69 42.04
CA VAL B 604 32.98 5.41 41.53
C VAL B 604 32.02 5.77 42.65
N GLY B 605 31.89 4.88 43.62
CA GLY B 605 30.98 5.13 44.72
C GLY B 605 30.97 3.93 45.65
N SER B 606 29.92 3.84 46.46
CA SER B 606 29.81 2.70 47.37
C SER B 606 28.36 2.24 47.44
N VAL B 607 28.21 0.94 47.65
CA VAL B 607 26.89 0.33 47.73
C VAL B 607 26.75 -0.36 49.09
N THR B 608 25.58 -0.18 49.70
CA THR B 608 25.20 -0.92 50.89
C THR B 608 24.16 -1.95 50.46
N GLU B 609 24.45 -3.22 50.71
CA GLU B 609 23.62 -4.29 50.17
C GLU B 609 22.59 -4.74 51.19
N THR B 610 21.52 -5.34 50.68
CA THR B 610 20.32 -5.61 51.44
C THR B 610 20.45 -6.96 52.16
N SER B 611 20.05 -7.00 53.43
CA SER B 611 19.93 -8.28 54.10
C SER B 611 18.68 -8.99 53.60
N GLU B 612 18.70 -10.32 53.67
CA GLU B 612 17.54 -11.08 53.22
C GLU B 612 16.31 -10.77 54.07
N GLU B 613 16.50 -10.52 55.37
CA GLU B 613 15.38 -10.14 56.22
C GLU B 613 14.80 -8.80 55.78
N ASP B 614 15.66 -7.86 55.38
CA ASP B 614 15.17 -6.57 54.88
C ASP B 614 14.51 -6.73 53.52
N ALA B 615 15.01 -7.65 52.69
CA ALA B 615 14.33 -7.95 51.44
C ALA B 615 12.90 -8.40 51.70
N ARG B 616 12.72 -9.31 52.66
CA ARG B 616 11.36 -9.75 52.99
C ARG B 616 10.54 -8.62 53.56
N ARG B 617 11.15 -7.77 54.39
CA ARG B 617 10.40 -6.67 55.00
C ARG B 617 9.93 -5.68 53.92
N ALA B 618 10.77 -5.42 52.92
CA ALA B 618 10.36 -4.55 51.82
C ALA B 618 9.13 -5.09 51.11
N VAL B 619 9.09 -6.41 50.87
CA VAL B 619 7.92 -6.98 50.20
C VAL B 619 6.67 -6.78 51.05
N ARG B 620 6.79 -6.93 52.38
CA ARG B 620 5.62 -6.72 53.23
C ARG B 620 5.20 -5.26 53.22
N LEU B 621 6.17 -4.33 53.21
CA LEU B 621 5.86 -2.91 53.09
C LEU B 621 5.21 -2.59 51.74
N ALA B 622 5.67 -3.23 50.66
CA ALA B 622 5.02 -3.04 49.36
C ALA B 622 3.59 -3.56 49.40
N ALA B 623 3.37 -4.70 50.07
CA ALA B 623 2.03 -5.26 50.13
C ALA B 623 1.08 -4.35 50.91
N ASP B 624 1.57 -3.79 52.01
CA ASP B 624 0.73 -2.90 52.81
C ASP B 624 0.35 -1.64 52.04
N ALA B 625 1.23 -1.15 51.18
CA ALA B 625 0.95 0.06 50.43
C ALA B 625 0.34 -0.20 49.06
N ALA B 626 0.21 -1.47 48.66
CA ALA B 626 -0.32 -1.77 47.33
C ALA B 626 -1.69 -1.15 47.06
N PRO B 627 -2.69 -1.25 47.94
CA PRO B 627 -3.99 -0.64 47.61
C PRO B 627 -3.93 0.86 47.39
N ASP B 628 -3.14 1.59 48.18
CA ASP B 628 -3.03 3.03 48.01
C ASP B 628 -2.51 3.39 46.62
N TRP B 629 -1.50 2.67 46.15
CA TRP B 629 -0.92 3.00 44.85
C TRP B 629 -1.86 2.59 43.72
N ALA B 630 -2.52 1.44 43.85
CA ALA B 630 -3.51 1.02 42.87
C ALA B 630 -4.62 2.06 42.74
N ALA B 631 -4.91 2.79 43.82
CA ALA B 631 -5.98 3.78 43.83
C ALA B 631 -5.57 5.10 43.16
N VAL B 632 -4.30 5.28 42.83
CA VAL B 632 -3.91 6.48 42.09
C VAL B 632 -4.42 6.35 40.66
N PRO B 633 -5.18 7.33 40.16
CA PRO B 633 -5.71 7.23 38.79
C PRO B 633 -4.60 6.93 37.81
N PRO B 634 -4.87 6.11 36.81
CA PRO B 634 -3.82 5.77 35.83
C PRO B 634 -3.17 6.98 35.18
N SER B 635 -3.94 8.02 34.87
CA SER B 635 -3.34 9.20 34.24
C SER B 635 -2.40 9.92 35.19
N GLU B 636 -2.66 9.86 36.49
CA GLU B 636 -1.75 10.46 37.46
C GLU B 636 -0.51 9.61 37.64
N ARG B 637 -0.65 8.29 37.56
CA ARG B 637 0.55 7.45 37.57
C ARG B 637 1.42 7.70 36.34
N ALA B 638 0.78 7.79 35.17
CA ALA B 638 1.50 8.13 33.94
C ALA B 638 2.19 9.49 34.05
N ALA B 639 1.53 10.46 34.68
CA ALA B 639 2.14 11.76 34.88
C ALA B 639 3.44 11.66 35.69
N CYS B 640 3.52 10.71 36.63
CA CYS B 640 4.76 10.52 37.39
C CYS B 640 5.87 10.06 36.45
N LEU B 641 5.54 9.15 35.56
CA LEU B 641 6.54 8.68 34.61
C LEU B 641 7.01 9.80 33.70
N ASP B 642 6.07 10.64 33.24
CA ASP B 642 6.45 11.74 32.35
C ASP B 642 7.33 12.76 33.08
N ARG B 643 7.02 13.04 34.34
CA ARG B 643 7.88 13.97 35.09
C ARG B 643 9.27 13.37 35.27
N ALA B 644 9.34 12.06 35.47
CA ALA B 644 10.64 11.40 35.62
C ALA B 644 11.44 11.51 34.34
N ALA B 645 10.77 11.36 33.18
CA ALA B 645 11.47 11.49 31.90
C ALA B 645 12.01 12.90 31.73
N GLU B 646 11.23 13.92 32.11
CA GLU B 646 11.74 15.29 32.06
C GLU B 646 12.99 15.46 32.90
N LEU B 647 13.01 14.83 34.08
CA LEU B 647 14.16 14.97 34.98
C LEU B 647 15.38 14.26 34.42
N MET B 648 15.19 13.07 33.86
CA MET B 648 16.32 12.36 33.26
C MET B 648 16.85 13.09 32.05
N GLN B 649 15.95 13.68 31.26
CA GLN B 649 16.37 14.47 30.10
C GLN B 649 17.21 15.67 30.53
N ALA B 650 16.74 16.41 31.54
CA ALA B 650 17.47 17.59 32.03
C ALA B 650 18.80 17.22 32.67
N ARG B 651 18.85 16.05 33.33
CA ARG B 651 20.04 15.62 34.05
C ARG B 651 20.88 14.65 33.26
N MET B 652 20.60 14.50 31.97
CA MET B 652 21.35 13.56 31.14
C MET B 652 22.86 13.70 31.27
N PRO B 653 23.46 14.90 31.23
CA PRO B 653 24.94 14.95 31.27
C PRO B 653 25.51 14.31 32.52
N THR B 654 24.89 14.51 33.69
CA THR B 654 25.37 13.88 34.92
C THR B 654 25.12 12.37 34.90
N LEU B 655 23.95 11.94 34.39
CA LEU B 655 23.71 10.51 34.27
C LEU B 655 24.75 9.85 33.40
N LEU B 656 25.09 10.48 32.28
CA LEU B 656 26.14 9.93 31.39
C LEU B 656 27.41 9.63 32.16
N GLY B 657 27.86 10.59 32.98
CA GLY B 657 29.12 10.42 33.66
C GLY B 657 29.12 9.21 34.58
N LEU B 658 27.99 8.99 35.25
CA LEU B 658 27.87 7.80 36.10
C LEU B 658 27.85 6.52 35.28
N ILE B 659 27.11 6.51 34.16
CA ILE B 659 27.01 5.29 33.35
C ILE B 659 28.35 4.96 32.73
N ILE B 660 29.07 6.00 32.30
CA ILE B 660 30.38 5.78 31.67
C ILE B 660 31.31 5.09 32.65
N ARG B 661 31.35 5.56 33.90
CA ARG B 661 32.36 5.08 34.84
C ARG B 661 31.93 3.85 35.61
N GLU B 662 30.65 3.74 35.97
CA GLU B 662 30.20 2.56 36.70
C GLU B 662 29.99 1.38 35.78
N ALA B 663 29.50 1.61 34.57
CA ALA B 663 29.19 0.51 33.68
C ALA B 663 30.21 0.31 32.57
N GLY B 664 31.19 1.20 32.45
CA GLY B 664 32.18 1.06 31.39
C GLY B 664 31.68 1.34 29.99
N LYS B 665 30.68 2.19 29.84
CA LYS B 665 30.11 2.51 28.53
C LYS B 665 30.79 3.73 27.92
N SER B 666 30.79 3.77 26.58
CA SER B 666 31.22 4.97 25.89
C SER B 666 30.15 6.05 26.02
N ALA B 667 30.56 7.30 25.78
CA ALA B 667 29.61 8.41 25.87
C ALA B 667 28.40 8.21 24.97
N LEU B 668 28.63 7.80 23.71
CA LEU B 668 27.53 7.61 22.78
C LEU B 668 26.54 6.55 23.28
N ASN B 669 27.06 5.44 23.81
CA ASN B 669 26.18 4.40 24.32
C ASN B 669 25.49 4.85 25.60
N ALA B 670 26.15 5.69 26.40
CA ALA B 670 25.49 6.21 27.60
C ALA B 670 24.32 7.13 27.24
N ILE B 671 24.47 7.93 26.17
CA ILE B 671 23.35 8.76 25.70
C ILE B 671 22.19 7.87 25.28
N ALA B 672 22.48 6.82 24.52
CA ALA B 672 21.45 5.89 24.09
C ALA B 672 20.75 5.26 25.28
N GLU B 673 21.52 4.95 26.33
CA GLU B 673 20.94 4.37 27.53
C GLU B 673 19.94 5.31 28.17
N VAL B 674 20.35 6.56 28.43
CA VAL B 674 19.46 7.53 29.06
C VAL B 674 18.25 7.81 28.16
N ARG B 675 18.47 7.94 26.85
CA ARG B 675 17.35 8.18 25.95
C ARG B 675 16.34 7.04 25.99
N GLU B 676 16.84 5.80 25.99
CA GLU B 676 15.94 4.65 26.07
C GLU B 676 15.14 4.66 27.36
N ALA B 677 15.78 5.01 28.49
CA ALA B 677 15.04 5.13 29.75
C ALA B 677 13.93 6.17 29.63
N ILE B 678 14.25 7.34 29.06
CA ILE B 678 13.24 8.39 28.82
C ILE B 678 12.13 7.87 27.92
N ASP B 679 12.49 7.11 26.87
CA ASP B 679 11.47 6.60 25.95
C ASP B 679 10.55 5.59 26.63
N PHE B 680 11.12 4.67 27.43
CA PHE B 680 10.30 3.74 28.20
C PHE B 680 9.30 4.48 29.06
N LEU B 681 9.78 5.47 29.80
CA LEU B 681 8.91 6.24 30.69
C LEU B 681 7.75 6.88 29.93
N ARG B 682 8.06 7.57 28.83
CA ARG B 682 7.03 8.26 28.07
C ARG B 682 6.14 7.29 27.31
N TYR B 683 6.68 6.16 26.88
CA TYR B 683 5.87 5.23 26.10
C TYR B 683 4.87 4.51 27.00
N TYR B 684 5.32 3.99 28.14
CA TYR B 684 4.41 3.30 29.04
C TYR B 684 3.41 4.29 29.64
N ALA B 685 3.81 5.55 29.77
CA ALA B 685 2.86 6.58 30.18
C ALA B 685 1.74 6.76 29.14
N GLU B 686 2.12 6.87 27.86
CA GLU B 686 1.11 7.03 26.82
C GLU B 686 0.27 5.77 26.67
N GLN B 687 0.89 4.59 26.73
CA GLN B 687 0.11 3.35 26.61
C GLN B 687 -0.90 3.22 27.74
N THR B 688 -0.53 3.69 28.94
CA THR B 688 -1.47 3.74 30.06
C THR B 688 -2.63 4.69 29.77
N ARG B 689 -2.33 5.90 29.32
CA ARG B 689 -3.40 6.86 29.00
C ARG B 689 -4.33 6.31 27.92
N ARG B 690 -3.84 5.42 27.06
CA ARG B 690 -4.69 4.85 26.02
C ARG B 690 -5.53 3.66 26.51
N THR B 691 -5.17 3.04 27.63
CA THR B 691 -5.78 1.74 27.88
C THR B 691 -6.37 1.54 29.28
N LEU B 692 -5.70 2.01 30.34
CA LEU B 692 -5.98 1.45 31.66
C LEU B 692 -7.20 2.09 32.30
N GLY B 693 -8.07 1.24 32.84
CA GLY B 693 -9.29 1.65 33.49
C GLY B 693 -9.43 0.98 34.84
N PRO B 694 -10.52 1.30 35.56
CA PRO B 694 -10.72 0.70 36.89
C PRO B 694 -10.78 -0.82 36.87
N GLY B 695 -11.23 -1.42 35.76
CA GLY B 695 -11.33 -2.85 35.71
C GLY B 695 -10.04 -3.58 35.44
N HIS B 696 -8.95 -2.84 35.23
CA HIS B 696 -7.65 -3.44 34.94
C HIS B 696 -6.85 -3.42 36.24
N GLY B 697 -7.19 -4.35 37.13
CA GLY B 697 -6.66 -4.38 38.46
C GLY B 697 -5.19 -4.76 38.50
N PRO B 698 -4.45 -4.21 39.45
CA PRO B 698 -3.03 -4.53 39.55
C PRO B 698 -2.80 -5.92 40.10
N LEU B 699 -1.61 -6.46 39.80
CA LEU B 699 -1.23 -7.74 40.38
C LEU B 699 -0.92 -7.62 41.86
N GLY B 700 -0.21 -6.55 42.25
CA GLY B 700 0.34 -6.43 43.57
C GLY B 700 1.84 -6.15 43.49
N PRO B 701 2.57 -6.41 44.57
CA PRO B 701 4.01 -6.11 44.57
C PRO B 701 4.74 -6.86 43.47
N ILE B 702 5.52 -6.13 42.67
CA ILE B 702 6.26 -6.72 41.57
CA ILE B 702 6.27 -6.71 41.56
C ILE B 702 7.75 -6.61 41.87
N VAL B 703 8.45 -7.73 41.77
CA VAL B 703 9.90 -7.78 41.92
C VAL B 703 10.49 -7.55 40.54
N CYS B 704 11.35 -6.53 40.42
CA CYS B 704 11.97 -6.15 39.16
C CYS B 704 13.47 -6.38 39.30
N ILE B 705 14.00 -7.35 38.56
CA ILE B 705 15.40 -7.75 38.65
C ILE B 705 16.05 -7.38 37.32
N SER B 706 17.08 -6.54 37.36
CA SER B 706 17.59 -5.94 36.14
C SER B 706 19.07 -6.26 35.95
N PRO B 707 19.58 -6.16 34.72
CA PRO B 707 20.97 -6.56 34.46
C PRO B 707 21.96 -5.41 34.53
N TRP B 708 23.24 -5.74 34.42
CA TRP B 708 24.30 -4.75 34.51
C TRP B 708 24.65 -4.11 33.16
N ASN B 709 24.15 -4.65 32.05
CA ASN B 709 24.54 -4.18 30.72
C ASN B 709 23.66 -3.05 30.21
N PHE B 710 22.45 -2.92 30.74
CA PHE B 710 21.61 -1.74 30.52
C PHE B 710 21.13 -1.30 31.89
N PRO B 711 22.05 -0.79 32.71
CA PRO B 711 21.76 -0.60 34.13
C PRO B 711 20.81 0.55 34.43
N LEU B 712 20.51 1.42 33.47
CA LEU B 712 19.42 2.38 33.64
C LEU B 712 18.22 2.08 32.77
N ALA B 713 18.44 1.71 31.50
CA ALA B 713 17.33 1.63 30.57
C ALA B 713 16.42 0.44 30.89
N ILE B 714 17.00 -0.76 31.08
CA ILE B 714 16.13 -1.90 31.38
C ILE B 714 15.65 -1.83 32.82
N PHE B 715 16.52 -1.37 33.73
CA PHE B 715 16.10 -1.04 35.08
C PHE B 715 14.85 -0.17 35.05
N THR B 716 14.89 0.92 34.29
CA THR B 716 13.76 1.87 34.25
C THR B 716 12.55 1.28 33.55
N GLY B 717 12.76 0.62 32.42
CA GLY B 717 11.62 0.12 31.66
C GLY B 717 10.76 -0.83 32.48
N GLN B 718 11.39 -1.81 33.13
CA GLN B 718 10.62 -2.79 33.92
C GLN B 718 9.88 -2.10 35.05
N ILE B 719 10.58 -1.20 35.75
CA ILE B 719 10.00 -0.56 36.93
C ILE B 719 8.87 0.36 36.52
N ALA B 720 9.07 1.15 35.46
CA ALA B 720 8.04 2.08 35.01
C ALA B 720 6.77 1.35 34.60
N ALA B 721 6.93 0.24 33.88
CA ALA B 721 5.77 -0.52 33.44
C ALA B 721 4.99 -1.05 34.64
N ALA B 722 5.71 -1.65 35.59
CA ALA B 722 5.05 -2.22 36.77
C ALA B 722 4.35 -1.12 37.56
N LEU B 723 5.03 0.01 37.77
CA LEU B 723 4.43 1.12 38.50
C LEU B 723 3.19 1.66 37.80
N VAL B 724 3.32 2.03 36.52
CA VAL B 724 2.20 2.68 35.87
C VAL B 724 1.01 1.75 35.75
N ALA B 725 1.23 0.43 35.76
CA ALA B 725 0.14 -0.53 35.80
C ALA B 725 -0.51 -0.60 37.18
N GLY B 726 -0.02 0.18 38.13
CA GLY B 726 -0.61 0.24 39.46
C GLY B 726 0.00 -0.70 40.49
N ASN B 727 1.20 -1.24 40.23
CA ASN B 727 1.86 -2.15 41.16
C ASN B 727 3.01 -1.46 41.89
N PRO B 728 3.15 -1.67 43.20
CA PRO B 728 4.38 -1.23 43.88
C PRO B 728 5.50 -2.16 43.50
N VAL B 729 6.72 -1.63 43.50
CA VAL B 729 7.88 -2.34 42.93
C VAL B 729 8.97 -2.53 43.98
N LEU B 730 9.57 -3.72 43.95
CA LEU B 730 10.83 -3.99 44.62
C LEU B 730 11.89 -4.05 43.53
N ALA B 731 12.81 -3.09 43.52
CA ALA B 731 13.79 -2.97 42.45
C ALA B 731 15.10 -3.56 42.94
N LYS B 732 15.51 -4.68 42.32
CA LYS B 732 16.76 -5.33 42.66
C LYS B 732 17.72 -5.17 41.50
N PRO B 733 18.63 -4.20 41.55
CA PRO B 733 19.55 -4.00 40.43
C PRO B 733 20.68 -5.02 40.46
N ALA B 734 21.36 -5.11 39.33
CA ALA B 734 22.53 -5.96 39.24
C ALA B 734 23.57 -5.56 40.28
N GLU B 735 24.31 -6.57 40.76
CA GLU B 735 25.31 -6.32 41.80
C GLU B 735 26.39 -5.37 41.30
N GLU B 736 26.72 -5.44 40.00
CA GLU B 736 27.81 -4.64 39.45
C GLU B 736 27.46 -3.16 39.27
N THR B 737 26.18 -2.80 39.16
CA THR B 737 25.80 -1.45 38.75
C THR B 737 24.70 -0.88 39.64
N PRO B 738 24.90 -0.85 40.96
CA PRO B 738 23.83 -0.33 41.83
C PRO B 738 23.69 1.19 41.79
N LEU B 739 24.73 1.92 41.37
CA LEU B 739 24.71 3.37 41.58
C LEU B 739 23.73 4.07 40.63
N ILE B 740 23.75 3.70 39.34
CA ILE B 740 22.81 4.32 38.42
C ILE B 740 21.39 3.90 38.75
N ALA B 741 21.21 2.67 39.27
CA ALA B 741 19.88 2.24 39.72
C ALA B 741 19.38 3.12 40.85
N ALA B 742 20.22 3.38 41.86
CA ALA B 742 19.84 4.29 42.94
C ALA B 742 19.45 5.66 42.39
N GLU B 743 20.21 6.18 41.41
CA GLU B 743 19.86 7.45 40.81
C GLU B 743 18.53 7.37 40.09
N GLY B 744 18.29 6.26 39.38
CA GLY B 744 16.99 6.01 38.80
C GLY B 744 15.87 6.09 39.82
N VAL B 745 16.06 5.43 40.98
CA VAL B 745 15.03 5.48 42.02
C VAL B 745 14.86 6.90 42.54
N ARG B 746 15.96 7.64 42.75
CA ARG B 746 15.82 9.03 43.20
C ARG B 746 14.93 9.84 42.25
N ILE B 747 15.11 9.64 40.94
CA ILE B 747 14.39 10.47 39.98
C ILE B 747 12.92 10.10 39.95
N LEU B 748 12.62 8.79 39.96
CA LEU B 748 11.23 8.35 40.01
C LEU B 748 10.53 8.84 41.26
N ARG B 749 11.21 8.77 42.41
CA ARG B 749 10.61 9.29 43.65
C ARG B 749 10.45 10.80 43.60
N GLU B 750 11.44 11.52 43.07
CA GLU B 750 11.29 12.97 42.93
C GLU B 750 10.12 13.30 42.02
N ALA B 751 9.89 12.46 41.00
CA ALA B 751 8.80 12.65 40.06
C ALA B 751 7.44 12.37 40.66
N GLY B 752 7.36 11.78 41.85
CA GLY B 752 6.09 11.54 42.50
C GLY B 752 5.77 10.09 42.82
N ILE B 753 6.60 9.12 42.46
CA ILE B 753 6.37 7.74 42.92
C ILE B 753 6.62 7.67 44.42
N PRO B 754 5.64 7.29 45.23
CA PRO B 754 5.85 7.25 46.69
C PRO B 754 6.92 6.25 47.07
N ALA B 755 7.59 6.53 48.19
CA ALA B 755 8.63 5.62 48.69
C ALA B 755 8.11 4.20 48.85
N SER B 756 6.85 4.05 49.29
CA SER B 756 6.33 2.70 49.52
C SER B 756 6.02 1.98 48.22
N ALA B 757 5.90 2.71 47.11
CA ALA B 757 5.67 2.11 45.81
C ALA B 757 6.94 1.75 45.08
N LEU B 758 8.08 2.25 45.51
CA LEU B 758 9.34 1.96 44.80
C LEU B 758 10.46 1.86 45.83
N GLN B 759 10.88 0.63 46.12
CA GLN B 759 11.95 0.36 47.05
C GLN B 759 13.12 -0.21 46.28
N LEU B 760 14.32 0.22 46.66
CA LEU B 760 15.56 -0.25 46.05
C LEU B 760 16.23 -1.25 46.98
N LEU B 761 16.59 -2.41 46.44
CA LEU B 761 17.27 -3.45 47.24
C LEU B 761 18.54 -3.90 46.54
N PRO B 762 19.65 -3.19 46.73
CA PRO B 762 20.91 -3.65 46.13
C PRO B 762 21.39 -4.95 46.74
N GLY B 763 22.20 -5.66 45.97
CA GLY B 763 22.84 -6.88 46.45
C GLY B 763 22.97 -7.88 45.33
N ASP B 764 23.35 -9.08 45.72
CA ASP B 764 23.62 -10.13 44.74
C ASP B 764 22.37 -11.00 44.54
N GLY B 765 22.56 -12.19 43.99
CA GLY B 765 21.44 -13.07 43.70
C GLY B 765 20.73 -13.59 44.93
N ARG B 766 21.38 -13.55 46.09
CA ARG B 766 20.70 -13.95 47.32
C ARG B 766 19.58 -12.96 47.65
N VAL B 767 19.77 -11.69 47.31
CA VAL B 767 18.71 -10.70 47.51
C VAL B 767 17.56 -10.94 46.54
N GLY B 768 17.88 -11.18 45.26
CA GLY B 768 16.81 -11.46 44.31
C GLY B 768 16.02 -12.70 44.69
N ALA B 769 16.72 -13.74 45.13
CA ALA B 769 16.06 -14.97 45.55
C ALA B 769 15.11 -14.72 46.70
N ALA B 770 15.54 -13.93 47.68
CA ALA B 770 14.67 -13.63 48.81
C ALA B 770 13.45 -12.82 48.40
N LEU B 771 13.59 -11.95 47.40
CA LEU B 771 12.44 -11.17 46.96
C LEU B 771 11.46 -12.05 46.19
N VAL B 772 11.97 -12.90 45.30
CA VAL B 772 11.09 -13.75 44.50
C VAL B 772 10.33 -14.74 45.38
N ALA B 773 10.95 -15.21 46.46
CA ALA B 773 10.35 -16.21 47.35
C ALA B 773 9.40 -15.62 48.37
N ALA B 774 9.39 -14.31 48.56
CA ALA B 774 8.52 -13.69 49.54
C ALA B 774 7.05 -13.95 49.24
N ALA B 775 6.27 -14.17 50.30
CA ALA B 775 4.88 -14.61 50.16
C ALA B 775 4.00 -13.60 49.43
N GLU B 776 4.29 -12.30 49.54
CA GLU B 776 3.41 -11.30 48.95
C GLU B 776 3.81 -10.92 47.52
N THR B 777 4.88 -11.50 46.99
CA THR B 777 5.32 -11.18 45.64
C THR B 777 4.27 -11.64 44.63
N ALA B 778 3.80 -10.72 43.79
CA ALA B 778 2.68 -11.00 42.89
C ALA B 778 3.09 -11.09 41.43
N GLY B 779 4.37 -10.87 41.13
CA GLY B 779 4.85 -10.99 39.78
C GLY B 779 6.33 -10.65 39.78
N VAL B 780 7.03 -11.15 38.76
CA VAL B 780 8.46 -10.94 38.65
C VAL B 780 8.75 -10.48 37.24
N MET B 781 9.59 -9.45 37.11
CA MET B 781 10.13 -9.02 35.83
C MET B 781 11.63 -9.21 35.90
N PHE B 782 12.17 -9.99 34.98
CA PHE B 782 13.57 -10.38 35.07
C PHE B 782 14.23 -10.26 33.71
N THR B 783 15.41 -9.67 33.68
CA THR B 783 16.24 -9.66 32.47
C THR B 783 17.62 -10.14 32.89
N GLY B 784 18.08 -11.21 32.25
CA GLY B 784 19.36 -11.80 32.62
C GLY B 784 19.50 -13.18 32.00
N SER B 785 20.31 -14.02 32.66
CA SER B 785 20.64 -15.33 32.10
C SER B 785 19.42 -16.25 32.05
N THR B 786 19.43 -17.15 31.07
CA THR B 786 18.42 -18.20 31.02
C THR B 786 18.41 -19.02 32.31
N GLU B 787 19.60 -19.33 32.83
CA GLU B 787 19.70 -20.20 34.00
C GLU B 787 18.96 -19.61 35.19
N VAL B 788 19.14 -18.32 35.46
CA VAL B 788 18.49 -17.70 36.61
C VAL B 788 16.99 -17.57 36.35
N ALA B 789 16.57 -17.34 35.11
CA ALA B 789 15.14 -17.27 34.83
C ALA B 789 14.44 -18.59 35.16
N ARG B 790 15.09 -19.73 34.88
CA ARG B 790 14.49 -21.02 35.21
C ARG B 790 14.42 -21.23 36.71
N LEU B 791 15.42 -20.74 37.44
CA LEU B 791 15.37 -20.83 38.90
C LEU B 791 14.22 -20.00 39.45
N ILE B 792 14.05 -18.78 38.93
CA ILE B 792 12.93 -17.94 39.36
C ILE B 792 11.61 -18.62 39.03
N GLN B 793 11.50 -19.18 37.82
CA GLN B 793 10.26 -19.84 37.42
C GLN B 793 9.91 -20.99 38.35
N ALA B 794 10.91 -21.80 38.75
CA ALA B 794 10.64 -22.91 39.66
C ALA B 794 10.22 -22.41 41.03
N GLN B 795 10.85 -21.35 41.52
CA GLN B 795 10.46 -20.79 42.81
C GLN B 795 9.01 -20.31 42.78
N LEU B 796 8.62 -19.61 41.69
CA LEU B 796 7.26 -19.08 41.59
C LEU B 796 6.22 -20.17 41.42
N ALA B 797 6.59 -21.29 40.78
CA ALA B 797 5.62 -22.35 40.50
C ALA B 797 5.10 -23.01 41.77
N ASP B 798 5.75 -22.78 42.90
CA ASP B 798 5.26 -23.32 44.16
C ASP B 798 4.05 -22.54 44.69
N ARG B 799 3.90 -21.30 44.27
CA ARG B 799 2.88 -20.41 44.81
C ARG B 799 1.80 -20.13 43.79
N LEU B 800 0.66 -19.67 44.29
CA LEU B 800 -0.41 -19.11 43.48
C LEU B 800 -0.70 -17.70 43.97
N SER B 801 -1.30 -16.90 43.09
CA SER B 801 -1.69 -15.53 43.41
C SER B 801 -2.81 -15.54 44.43
N PRO B 802 -3.13 -14.37 45.03
CA PRO B 802 -4.34 -14.29 45.85
C PRO B 802 -5.58 -14.84 45.17
N ALA B 803 -5.69 -14.65 43.85
CA ALA B 803 -6.84 -15.13 43.09
C ALA B 803 -6.71 -16.58 42.64
N GLY B 804 -5.65 -17.28 43.07
CA GLY B 804 -5.47 -18.68 42.68
C GLY B 804 -4.90 -18.92 41.30
N ARG B 805 -4.07 -18.02 40.79
CA ARG B 805 -3.50 -18.13 39.46
C ARG B 805 -1.98 -18.17 39.51
N PRO B 806 -1.33 -18.67 38.47
CA PRO B 806 0.13 -18.57 38.40
C PRO B 806 0.61 -17.13 38.54
N ILE B 807 1.72 -16.96 39.24
CA ILE B 807 2.41 -15.67 39.37
C ILE B 807 3.07 -15.34 38.04
N PRO B 808 2.70 -14.22 37.40
CA PRO B 808 3.35 -13.88 36.13
C PRO B 808 4.86 -13.70 36.28
N LEU B 809 5.59 -14.24 35.31
CA LEU B 809 7.02 -13.97 35.16
C LEU B 809 7.25 -13.45 33.76
N ILE B 810 7.81 -12.25 33.66
CA ILE B 810 8.25 -11.68 32.39
C ILE B 810 9.77 -11.76 32.41
N ALA B 811 10.33 -12.53 31.47
CA ALA B 811 11.75 -12.78 31.44
C ALA B 811 12.26 -12.55 30.03
N GLU B 812 13.28 -11.70 29.90
CA GLU B 812 14.02 -11.53 28.65
C GLU B 812 15.41 -12.12 28.90
N THR B 813 15.79 -13.09 28.07
CA THR B 813 16.95 -13.90 28.41
C THR B 813 17.93 -14.05 27.25
N GLY B 814 18.05 -13.05 26.37
CA GLY B 814 19.21 -13.04 25.49
C GLY B 814 19.08 -13.92 24.26
N GLY B 815 20.21 -14.08 23.56
CA GLY B 815 20.13 -14.74 22.27
C GLY B 815 21.49 -15.12 21.72
N GLN B 816 21.44 -15.90 20.66
CA GLN B 816 22.63 -16.32 19.90
C GLN B 816 22.44 -15.77 18.49
N ASN B 817 22.66 -14.46 18.34
CA ASN B 817 22.09 -13.72 17.22
C ASN B 817 22.98 -13.79 15.99
N ALA B 818 22.35 -14.00 14.84
CA ALA B 818 23.04 -14.17 13.57
C ALA B 818 22.72 -13.03 12.62
N MET B 819 23.62 -12.84 11.66
CA MET B 819 23.36 -12.01 10.49
C MET B 819 23.80 -12.79 9.27
N ILE B 820 22.94 -12.84 8.26
CA ILE B 820 23.22 -13.52 7.00
C ILE B 820 23.48 -12.45 5.94
N VAL B 821 24.59 -12.59 5.24
CA VAL B 821 25.02 -11.66 4.19
C VAL B 821 25.19 -12.45 2.91
N ASP B 822 24.53 -12.00 1.83
CA ASP B 822 24.73 -12.67 0.55
C ASP B 822 25.63 -11.82 -0.35
N SER B 823 25.89 -12.33 -1.55
CA SER B 823 26.84 -11.68 -2.44
C SER B 823 26.30 -10.41 -3.08
N SER B 824 25.07 -9.99 -2.79
CA SER B 824 24.58 -8.73 -3.34
C SER B 824 24.71 -7.57 -2.35
N ALA B 825 25.07 -7.84 -1.10
CA ALA B 825 25.17 -6.78 -0.10
C ALA B 825 26.37 -5.88 -0.38
N LEU B 826 26.31 -4.65 0.12
CA LEU B 826 27.41 -3.71 -0.05
C LEU B 826 28.42 -3.93 1.07
N ALA B 827 29.61 -4.42 0.71
CA ALA B 827 30.60 -4.83 1.69
C ALA B 827 30.84 -3.75 2.76
N GLU B 828 30.98 -2.49 2.35
CA GLU B 828 31.30 -1.44 3.31
C GLU B 828 30.18 -1.23 4.31
N GLN B 829 28.95 -1.39 3.85
CA GLN B 829 27.82 -1.25 4.77
C GLN B 829 27.74 -2.45 5.70
N VAL B 830 28.00 -3.66 5.16
CA VAL B 830 28.05 -4.85 6.01
C VAL B 830 29.07 -4.66 7.12
N VAL B 831 30.27 -4.21 6.78
CA VAL B 831 31.35 -4.18 7.77
C VAL B 831 31.03 -3.19 8.88
N GLY B 832 30.55 -1.99 8.51
CA GLY B 832 30.14 -1.04 9.54
C GLY B 832 29.05 -1.59 10.44
N ASP B 833 28.08 -2.29 9.86
CA ASP B 833 26.99 -2.82 10.66
C ASP B 833 27.43 -4.02 11.49
N VAL B 834 28.46 -4.74 11.05
CA VAL B 834 28.98 -5.85 11.83
C VAL B 834 29.85 -5.35 12.97
N ILE B 835 30.74 -4.39 12.70
CA ILE B 835 31.60 -3.86 13.76
C ILE B 835 30.74 -3.32 14.89
N THR B 836 29.68 -2.60 14.54
CA THR B 836 28.78 -2.07 15.54
C THR B 836 28.01 -3.18 16.25
N SER B 837 27.38 -4.09 15.50
CA SER B 837 26.55 -5.11 16.15
C SER B 837 27.35 -6.04 17.05
N ALA B 838 28.58 -6.42 16.64
CA ALA B 838 29.33 -7.39 17.43
C ALA B 838 30.14 -6.76 18.57
N PHE B 839 30.64 -5.54 18.40
CA PHE B 839 31.64 -5.02 19.33
C PHE B 839 31.22 -3.76 20.05
N ASP B 840 30.14 -3.10 19.64
CA ASP B 840 29.60 -2.01 20.43
C ASP B 840 29.29 -2.51 21.84
N SER B 841 29.63 -1.69 22.83
CA SER B 841 29.43 -2.05 24.22
C SER B 841 30.16 -3.34 24.56
N ALA B 842 31.31 -3.54 23.92
CA ALA B 842 32.14 -4.74 24.08
C ALA B 842 31.31 -6.01 23.94
N GLY B 843 30.36 -5.98 23.01
CA GLY B 843 29.49 -7.12 22.76
C GLY B 843 28.59 -7.51 23.90
N GLN B 844 28.34 -6.60 24.84
CA GLN B 844 27.56 -6.90 26.03
C GLN B 844 26.10 -6.50 25.88
N ARG B 845 25.58 -6.55 24.66
CA ARG B 845 24.17 -6.40 24.39
C ARG B 845 23.55 -7.77 24.21
N CYS B 846 22.33 -7.93 24.71
CA CYS B 846 21.59 -9.16 24.42
C CYS B 846 21.33 -9.29 22.94
N SER B 847 21.25 -8.18 22.21
CA SER B 847 21.04 -8.15 20.76
C SER B 847 22.32 -8.32 19.95
N ALA B 848 23.47 -8.44 20.59
CA ALA B 848 24.75 -8.35 19.89
C ALA B 848 24.89 -9.46 18.87
N LEU B 849 25.57 -9.14 17.77
CA LEU B 849 25.82 -10.13 16.72
C LEU B 849 26.86 -11.14 17.21
N ARG B 850 26.47 -12.41 17.22
CA ARG B 850 27.35 -13.50 17.64
C ARG B 850 27.87 -14.34 16.48
N VAL B 851 27.06 -14.53 15.44
CA VAL B 851 27.43 -15.38 14.31
C VAL B 851 27.18 -14.63 13.01
N LEU B 852 28.26 -14.32 12.30
CA LEU B 852 28.17 -13.69 10.99
C LEU B 852 28.25 -14.78 9.93
N CYS B 853 27.23 -14.86 9.08
CA CYS B 853 27.14 -15.87 8.03
C CYS B 853 27.37 -15.22 6.67
N LEU B 854 28.50 -15.54 6.03
CA LEU B 854 28.90 -14.90 4.78
C LEU B 854 28.77 -15.89 3.63
N GLN B 855 28.12 -15.46 2.55
CA GLN B 855 28.11 -16.27 1.34
C GLN B 855 29.53 -16.50 0.88
N GLU B 856 29.81 -17.75 0.49
CA GLU B 856 31.19 -18.18 0.20
C GLU B 856 31.88 -17.28 -0.82
N ASP B 857 31.12 -16.80 -1.80
CA ASP B 857 31.69 -16.00 -2.88
C ASP B 857 32.28 -14.68 -2.40
N VAL B 858 31.75 -14.09 -1.31
CA VAL B 858 32.22 -12.79 -0.86
C VAL B 858 32.90 -12.85 0.49
N ALA B 859 32.98 -14.03 1.12
CA ALA B 859 33.45 -14.13 2.50
C ALA B 859 34.85 -13.58 2.68
N ASP B 860 35.78 -13.95 1.79
CA ASP B 860 37.16 -13.52 1.93
C ASP B 860 37.29 -12.01 1.91
N ARG B 861 36.68 -11.35 0.91
CA ARG B 861 36.82 -9.91 0.79
C ARG B 861 36.20 -9.19 1.99
N ILE B 862 35.05 -9.65 2.46
CA ILE B 862 34.40 -9.00 3.61
C ILE B 862 35.21 -9.22 4.88
N LEU B 863 35.77 -10.43 5.04
CA LEU B 863 36.62 -10.71 6.19
C LEU B 863 37.86 -9.83 6.20
N THR B 864 38.48 -9.64 5.04
CA THR B 864 39.64 -8.76 4.99
C THR B 864 39.27 -7.33 5.37
N MET B 865 38.13 -6.85 4.87
CA MET B 865 37.67 -5.50 5.20
C MET B 865 37.36 -5.40 6.68
N LEU B 866 36.67 -6.41 7.21
CA LEU B 866 36.30 -6.42 8.63
C LEU B 866 37.54 -6.40 9.52
N LYS B 867 38.55 -7.21 9.20
CA LYS B 867 39.77 -7.22 10.00
C LYS B 867 40.50 -5.88 9.92
N GLY B 868 40.51 -5.26 8.74
CA GLY B 868 41.13 -3.96 8.62
C GLY B 868 40.41 -2.91 9.42
N ALA B 869 39.07 -2.97 9.43
CA ALA B 869 38.29 -2.02 10.21
C ALA B 869 38.47 -2.27 11.70
N LEU B 870 38.60 -3.54 12.10
CA LEU B 870 38.82 -3.89 13.50
C LEU B 870 40.06 -3.21 14.05
N HIS B 871 41.14 -3.16 13.28
CA HIS B 871 42.38 -2.65 13.82
C HIS B 871 42.40 -1.13 13.93
N GLU B 872 41.35 -0.44 13.49
CA GLU B 872 41.23 0.99 13.68
C GLU B 872 40.44 1.36 14.95
N LEU B 873 39.95 0.37 15.68
CA LEU B 873 39.17 0.65 16.89
C LEU B 873 40.08 1.02 18.05
N HIS B 874 39.64 1.98 18.85
CA HIS B 874 40.36 2.38 20.06
C HIS B 874 39.68 1.75 21.28
N ILE B 875 40.40 0.91 22.03
CA ILE B 875 39.89 0.24 23.21
C ILE B 875 40.55 0.86 24.44
N GLY B 876 39.74 1.20 25.44
CA GLY B 876 40.33 1.80 26.62
C GLY B 876 39.25 2.28 27.57
N ARG B 877 39.72 2.99 28.61
CA ARG B 877 38.81 3.57 29.59
C ARG B 877 37.93 4.61 28.91
N THR B 878 36.62 4.55 29.18
CA THR B 878 35.61 5.18 28.33
C THR B 878 35.36 6.65 28.66
N ASP B 879 36.16 7.26 29.54
CA ASP B 879 36.04 8.69 29.80
C ASP B 879 36.84 9.52 28.78
N ARG B 880 37.04 8.98 27.58
CA ARG B 880 37.61 9.71 26.44
C ARG B 880 36.68 9.52 25.24
N LEU B 881 36.37 10.62 24.55
CA LEU B 881 35.50 10.54 23.37
C LEU B 881 36.09 9.62 22.30
N SER B 882 37.42 9.55 22.20
CA SER B 882 38.04 8.76 21.15
C SER B 882 37.94 7.25 21.37
N VAL B 883 37.46 6.79 22.53
CA VAL B 883 37.39 5.35 22.79
C VAL B 883 36.17 4.77 22.09
N ASP B 884 36.38 3.71 21.32
CA ASP B 884 35.29 3.04 20.61
C ASP B 884 34.70 1.91 21.45
N VAL B 885 35.55 1.13 22.10
CA VAL B 885 35.14 -0.07 22.84
C VAL B 885 35.74 0.00 24.23
N GLY B 886 34.88 -0.11 25.25
CA GLY B 886 35.35 -0.13 26.61
C GLY B 886 35.55 -1.52 27.17
N PRO B 887 35.58 -1.60 28.50
CA PRO B 887 35.89 -2.86 29.18
C PRO B 887 34.68 -3.79 29.22
N VAL B 888 34.95 -5.04 29.57
CA VAL B 888 33.86 -5.92 29.98
C VAL B 888 33.61 -5.69 31.46
N ILE B 889 32.48 -6.17 31.98
CA ILE B 889 31.98 -5.61 33.24
C ILE B 889 32.80 -6.08 34.46
N THR B 890 33.37 -7.28 34.43
CA THR B 890 34.05 -7.83 35.61
C THR B 890 35.20 -8.73 35.18
N SER B 891 36.07 -9.06 36.14
CA SER B 891 37.10 -10.07 35.92
C SER B 891 36.49 -11.41 35.52
N GLU B 892 35.40 -11.81 36.19
CA GLU B 892 34.79 -13.10 35.91
C GLU B 892 34.23 -13.16 34.50
N ALA B 893 33.60 -12.07 34.05
CA ALA B 893 33.19 -11.98 32.65
C ALA B 893 34.40 -12.13 31.74
N LYS B 894 35.47 -11.39 32.01
CA LYS B 894 36.66 -11.46 31.17
C LYS B 894 37.20 -12.90 31.10
N ASP B 895 37.36 -13.55 32.26
CA ASP B 895 37.87 -14.92 32.26
C ASP B 895 36.96 -15.86 31.51
N ASN B 896 35.64 -15.71 31.69
CA ASN B 896 34.67 -16.54 31.01
C ASN B 896 34.77 -16.38 29.49
N ILE B 897 34.91 -15.14 29.00
CA ILE B 897 35.05 -14.89 27.57
C ILE B 897 36.37 -15.46 27.05
N GLU B 898 37.47 -15.18 27.76
CA GLU B 898 38.77 -15.64 27.27
C GLU B 898 38.89 -17.16 27.33
N LYS B 899 38.23 -17.80 28.29
CA LYS B 899 38.21 -19.27 28.33
C LYS B 899 37.57 -19.84 27.06
N HIS B 900 36.50 -19.21 26.57
CA HIS B 900 35.93 -19.61 25.30
C HIS B 900 36.91 -19.39 24.15
N ILE B 901 37.59 -18.24 24.14
CA ILE B 901 38.48 -17.91 23.05
C ILE B 901 39.63 -18.91 22.99
N GLU B 902 40.17 -19.27 24.16
CA GLU B 902 41.27 -20.23 24.21
C GLU B 902 40.81 -21.61 23.77
N ARG B 903 39.60 -22.02 24.16
CA ARG B 903 39.06 -23.29 23.67
C ARG B 903 38.95 -23.28 22.14
N MET B 904 38.46 -22.18 21.56
CA MET B 904 38.41 -22.09 20.10
C MET B 904 39.80 -22.14 19.49
N ARG B 905 40.74 -21.38 20.06
CA ARG B 905 42.11 -21.40 19.54
C ARG B 905 42.74 -22.77 19.72
N GLY B 906 42.49 -23.42 20.86
CA GLY B 906 43.02 -24.75 21.07
C GLY B 906 42.40 -25.78 20.16
N LEU B 907 41.16 -25.55 19.72
CA LEU B 907 40.51 -26.43 18.76
C LEU B 907 41.01 -26.22 17.34
N GLY B 908 41.84 -25.21 17.08
CA GLY B 908 42.45 -25.00 15.78
C GLY B 908 41.86 -23.86 14.97
N ARG B 909 40.78 -23.21 15.42
CA ARG B 909 40.11 -22.20 14.61
C ARG B 909 40.94 -20.94 14.48
N LYS B 910 40.79 -20.25 13.35
CA LYS B 910 41.48 -18.97 13.16
C LYS B 910 40.85 -17.89 14.06
N VAL B 911 41.71 -17.14 14.74
CA VAL B 911 41.31 -16.16 15.77
C VAL B 911 42.09 -14.87 15.51
N GLU B 912 41.39 -13.80 15.14
CA GLU B 912 41.98 -12.47 14.96
C GLU B 912 41.62 -11.59 16.14
N GLN B 913 42.61 -10.89 16.70
CA GLN B 913 42.36 -10.01 17.85
C GLN B 913 43.11 -8.69 17.71
N ILE B 914 42.44 -7.62 18.15
CA ILE B 914 43.05 -6.32 18.37
C ILE B 914 44.11 -6.41 19.47
N GLY B 915 45.24 -5.74 19.27
CA GLY B 915 46.22 -5.59 20.33
C GLY B 915 45.81 -4.47 21.27
N LEU B 916 45.74 -4.77 22.57
CA LEU B 916 45.32 -3.79 23.56
C LEU B 916 46.50 -3.02 24.11
N ALA B 917 46.26 -1.75 24.46
CA ALA B 917 47.32 -0.92 25.03
C ALA B 917 47.63 -1.38 26.45
N SER B 918 48.84 -1.04 26.92
CA SER B 918 49.23 -1.41 28.27
C SER B 918 48.30 -0.80 29.31
N GLU B 919 47.79 0.40 29.05
CA GLU B 919 46.91 1.08 30.00
C GLU B 919 45.65 0.29 30.31
N THR B 920 45.27 -0.66 29.46
CA THR B 920 44.11 -1.48 29.74
C THR B 920 44.34 -2.43 30.91
N GLY B 921 45.60 -2.68 31.31
CA GLY B 921 45.91 -3.62 32.37
C GLY B 921 45.25 -3.32 33.71
N VAL B 922 44.86 -2.07 33.96
CA VAL B 922 44.23 -1.72 35.24
C VAL B 922 42.73 -1.97 35.25
N GLY B 923 42.14 -2.37 34.13
CA GLY B 923 40.74 -2.72 34.11
C GLY B 923 40.57 -4.11 33.53
N THR B 924 39.34 -4.49 33.22
CA THR B 924 39.02 -5.80 32.64
C THR B 924 38.59 -5.61 31.19
N PHE B 925 39.52 -5.79 30.26
CA PHE B 925 39.25 -5.63 28.84
C PHE B 925 39.43 -6.96 28.12
N VAL B 926 38.55 -7.20 27.16
CA VAL B 926 38.71 -8.27 26.19
C VAL B 926 38.84 -7.62 24.82
N PRO B 927 39.86 -7.93 24.03
CA PRO B 927 39.98 -7.31 22.72
C PRO B 927 38.90 -7.80 21.78
N PRO B 928 38.39 -6.93 20.93
CA PRO B 928 37.50 -7.38 19.87
C PRO B 928 38.13 -8.53 19.10
N THR B 929 37.35 -9.60 18.91
CA THR B 929 37.86 -10.87 18.43
C THR B 929 36.96 -11.42 17.34
N ILE B 930 37.59 -11.97 16.30
CA ILE B 930 36.88 -12.62 15.21
C ILE B 930 37.36 -14.06 15.18
N ILE B 931 36.44 -15.00 15.30
CA ILE B 931 36.76 -16.43 15.28
C ILE B 931 36.05 -17.04 14.07
N GLU B 932 36.77 -17.77 13.25
CA GLU B 932 36.18 -18.41 12.08
C GLU B 932 35.84 -19.85 12.44
N LEU B 933 34.58 -20.22 12.27
CA LEU B 933 34.07 -21.53 12.64
C LEU B 933 33.92 -22.42 11.42
N GLU B 934 33.98 -23.72 11.65
CA GLU B 934 33.65 -24.69 10.60
C GLU B 934 32.15 -24.81 10.46
N LYS B 935 31.45 -25.14 11.54
CA LYS B 935 30.00 -25.26 11.54
C LYS B 935 29.42 -24.39 12.64
N LEU B 936 28.18 -23.93 12.43
CA LEU B 936 27.50 -23.16 13.46
C LEU B 936 27.33 -23.97 14.75
N SER B 937 27.41 -25.30 14.65
CA SER B 937 27.33 -26.17 15.82
C SER B 937 28.62 -26.19 16.62
N ASP B 938 29.71 -25.58 16.13
CA ASP B 938 30.92 -25.42 16.93
C ASP B 938 30.71 -24.50 18.11
N LEU B 939 29.67 -23.66 18.07
CA LEU B 939 29.38 -22.69 19.12
C LEU B 939 28.34 -23.32 20.03
N GLN B 940 28.76 -23.73 21.23
CA GLN B 940 27.90 -24.49 22.12
C GLN B 940 27.38 -23.67 23.30
N ARG B 941 27.63 -22.35 23.34
CA ARG B 941 27.10 -21.54 24.42
C ARG B 941 27.17 -20.06 24.04
N GLU B 942 26.37 -19.26 24.74
CA GLU B 942 26.41 -17.82 24.56
C GLU B 942 27.68 -17.26 25.19
N VAL B 943 28.44 -16.51 24.41
CA VAL B 943 29.65 -15.85 24.88
C VAL B 943 29.38 -14.35 24.87
N PHE B 944 29.24 -13.78 26.06
CA PHE B 944 28.69 -12.44 26.23
C PHE B 944 29.82 -11.41 26.25
N GLY B 945 30.47 -11.28 25.10
CA GLY B 945 31.64 -10.43 24.98
C GLY B 945 31.89 -10.06 23.55
N PRO B 946 32.98 -9.35 23.31
CA PRO B 946 33.23 -8.82 21.96
C PRO B 946 33.84 -9.88 21.05
N VAL B 947 33.08 -10.97 20.81
CA VAL B 947 33.59 -12.14 20.10
C VAL B 947 32.65 -12.47 18.96
N LEU B 948 33.08 -12.19 17.74
CA LEU B 948 32.31 -12.48 16.54
C LEU B 948 32.76 -13.80 15.95
N HIS B 949 31.82 -14.69 15.72
CA HIS B 949 32.07 -15.94 15.02
C HIS B 949 31.62 -15.80 13.57
N VAL B 950 32.40 -16.34 12.64
CA VAL B 950 32.10 -16.21 11.22
C VAL B 950 32.01 -17.60 10.61
N ILE B 951 30.92 -17.86 9.89
CA ILE B 951 30.78 -19.08 9.10
C ILE B 951 30.46 -18.70 7.66
N ARG B 952 30.81 -19.58 6.73
CA ARG B 952 30.62 -19.36 5.32
C ARG B 952 29.60 -20.37 4.81
N TYR B 953 28.76 -19.94 3.86
CA TYR B 953 27.74 -20.84 3.37
C TYR B 953 27.65 -20.73 1.86
N ARG B 954 27.24 -21.83 1.22
CA ARG B 954 26.93 -21.83 -0.19
C ARG B 954 25.50 -21.36 -0.41
N ARG B 955 25.31 -20.54 -1.46
CA ARG B 955 24.00 -19.94 -1.71
C ARG B 955 22.88 -20.97 -1.74
N ASP B 956 23.16 -22.15 -2.31
CA ASP B 956 22.15 -23.21 -2.34
C ASP B 956 21.83 -23.78 -0.97
N ASP B 957 22.64 -23.48 0.04
CA ASP B 957 22.42 -23.99 1.39
C ASP B 957 21.72 -22.97 2.28
N LEU B 958 21.20 -21.88 1.69
CA LEU B 958 20.60 -20.82 2.49
C LEU B 958 19.48 -21.34 3.37
N ASP B 959 18.58 -22.15 2.80
CA ASP B 959 17.44 -22.59 3.59
C ASP B 959 17.89 -23.47 4.75
N ARG B 960 18.89 -24.33 4.51
CA ARG B 960 19.45 -25.14 5.59
C ARG B 960 20.18 -24.27 6.61
N LEU B 961 20.85 -23.21 6.16
CA LEU B 961 21.53 -22.33 7.10
C LEU B 961 20.53 -21.70 8.06
N VAL B 962 19.39 -21.25 7.54
CA VAL B 962 18.32 -20.72 8.39
C VAL B 962 17.91 -21.75 9.44
N ASP B 963 17.73 -23.02 9.04
CA ASP B 963 17.48 -24.10 9.99
C ASP B 963 18.51 -24.12 11.10
N ASP B 964 19.79 -24.02 10.72
CA ASP B 964 20.85 -24.09 11.71
C ASP B 964 20.76 -22.93 12.70
N VAL B 965 20.39 -21.74 12.20
CA VAL B 965 20.22 -20.59 13.09
C VAL B 965 19.05 -20.83 14.04
N ASN B 966 17.93 -21.31 13.51
CA ASN B 966 16.76 -21.59 14.32
C ASN B 966 17.02 -22.71 15.33
N ALA B 967 17.96 -23.61 15.05
CA ALA B 967 18.12 -24.81 15.85
C ALA B 967 18.75 -24.55 17.23
N THR B 968 19.34 -23.36 17.46
CA THR B 968 19.83 -23.06 18.80
C THR B 968 18.68 -22.93 19.82
N GLY B 969 17.44 -22.73 19.36
CA GLY B 969 16.34 -22.49 20.26
C GLY B 969 16.19 -21.06 20.73
N TYR B 970 17.19 -20.20 20.49
CA TYR B 970 17.04 -18.77 20.72
C TYR B 970 16.31 -18.13 19.55
N GLY B 971 15.80 -16.92 19.77
CA GLY B 971 15.20 -16.18 18.69
C GLY B 971 15.04 -14.72 19.05
N LEU B 972 16.17 -14.04 19.28
CA LEU B 972 16.10 -12.65 19.72
C LEU B 972 16.24 -11.70 18.52
N THR B 973 17.48 -11.36 18.13
CA THR B 973 17.69 -10.51 16.97
C THR B 973 18.29 -11.29 15.81
N PHE B 974 18.02 -10.79 14.60
CA PHE B 974 18.49 -11.43 13.39
C PHE B 974 18.67 -10.35 12.33
N GLY B 975 19.79 -10.41 11.61
CA GLY B 975 20.10 -9.45 10.57
C GLY B 975 20.25 -10.14 9.23
N LEU B 976 19.87 -9.42 8.18
CA LEU B 976 19.99 -9.92 6.82
C LEU B 976 20.42 -8.78 5.93
N HIS B 977 21.54 -8.93 5.23
CA HIS B 977 22.00 -7.93 4.28
C HIS B 977 21.90 -8.53 2.88
N THR B 978 21.09 -7.91 2.05
CA THR B 978 20.86 -8.33 0.68
C THR B 978 20.11 -7.21 -0.02
N ARG B 979 20.28 -7.13 -1.33
CA ARG B 979 19.48 -6.23 -2.14
C ARG B 979 18.37 -6.95 -2.89
N LEU B 980 18.22 -8.26 -2.67
CA LEU B 980 17.31 -9.07 -3.48
C LEU B 980 16.02 -9.35 -2.73
N ASP B 981 14.89 -8.93 -3.30
CA ASP B 981 13.59 -9.14 -2.66
C ASP B 981 13.27 -10.61 -2.44
N GLU B 982 13.63 -11.49 -3.39
CA GLU B 982 13.33 -12.90 -3.19
C GLU B 982 14.04 -13.45 -1.96
N THR B 983 15.27 -12.99 -1.71
CA THR B 983 16.03 -13.45 -0.55
C THR B 983 15.45 -12.90 0.74
N ILE B 984 15.02 -11.64 0.73
CA ILE B 984 14.36 -11.08 1.90
C ILE B 984 13.11 -11.90 2.22
N ALA B 985 12.29 -12.18 1.21
CA ALA B 985 11.04 -12.89 1.45
C ALA B 985 11.31 -14.30 1.95
N HIS B 986 12.26 -15.00 1.32
CA HIS B 986 12.60 -16.35 1.76
C HIS B 986 13.08 -16.35 3.21
N VAL B 987 14.10 -15.54 3.51
CA VAL B 987 14.73 -15.61 4.83
C VAL B 987 13.80 -15.13 5.94
N THR B 988 13.10 -14.02 5.73
CA THR B 988 12.22 -13.53 6.78
C THR B 988 10.98 -14.41 6.98
N SER B 989 10.61 -15.21 5.98
CA SER B 989 9.52 -16.17 6.16
C SER B 989 9.96 -17.43 6.91
N ARG B 990 11.26 -17.75 6.93
CA ARG B 990 11.73 -18.97 7.55
C ARG B 990 12.45 -18.78 8.87
N ILE B 991 13.03 -17.60 9.12
CA ILE B 991 13.73 -17.39 10.38
C ILE B 991 12.72 -17.23 11.50
N LYS B 992 13.08 -17.70 12.69
CA LYS B 992 12.22 -17.60 13.86
C LYS B 992 12.92 -16.68 14.86
N ALA B 993 12.67 -15.39 14.74
CA ALA B 993 13.29 -14.43 15.65
C ALA B 993 12.33 -13.27 15.87
N GLY B 994 12.41 -12.68 17.05
CA GLY B 994 11.45 -11.64 17.41
C GLY B 994 11.77 -10.27 16.85
N ASN B 995 13.04 -10.00 16.54
CA ASN B 995 13.48 -8.70 16.06
C ASN B 995 14.36 -8.91 14.83
N LEU B 996 13.83 -8.54 13.67
CA LEU B 996 14.48 -8.68 12.37
C LEU B 996 14.98 -7.33 11.87
N TYR B 997 16.16 -7.32 11.27
CA TYR B 997 16.77 -6.10 10.76
C TYR B 997 17.29 -6.37 9.36
N ILE B 998 16.93 -5.51 8.42
CA ILE B 998 17.29 -5.71 7.03
C ILE B 998 18.17 -4.55 6.58
N ASN B 999 19.42 -4.85 6.22
CA ASN B 999 20.34 -3.89 5.64
C ASN B 999 20.69 -2.77 6.63
N ARG B 1000 20.81 -3.14 7.90
CA ARG B 1000 21.26 -2.24 8.96
C ARG B 1000 21.83 -3.09 10.10
N ASN B 1001 22.29 -2.44 11.16
CA ASN B 1001 22.79 -3.20 12.29
C ASN B 1001 21.62 -3.86 13.03
N ILE B 1002 21.92 -4.69 14.02
CA ILE B 1002 20.85 -5.46 14.67
C ILE B 1002 20.69 -5.07 16.14
N ILE B 1003 21.23 -3.93 16.55
CA ILE B 1003 21.22 -3.52 17.95
C ILE B 1003 20.44 -2.22 18.11
N GLY B 1004 20.28 -1.81 19.36
CA GLY B 1004 19.70 -0.50 19.65
C GLY B 1004 18.23 -0.37 19.30
N ALA B 1005 17.44 -1.41 19.58
CA ALA B 1005 16.02 -1.36 19.31
C ALA B 1005 15.38 -0.17 20.03
N VAL B 1006 14.49 0.52 19.33
CA VAL B 1006 13.93 1.80 19.77
C VAL B 1006 12.54 1.55 20.32
N VAL B 1007 12.30 2.05 21.53
CA VAL B 1007 11.00 1.89 22.20
C VAL B 1007 9.87 2.33 21.26
N GLY B 1008 8.87 1.47 21.12
CA GLY B 1008 7.70 1.80 20.33
C GLY B 1008 7.92 1.85 18.83
N VAL B 1009 9.10 1.45 18.36
CA VAL B 1009 9.43 1.49 16.92
C VAL B 1009 9.93 0.11 16.51
N GLN B 1010 10.86 -0.44 17.29
CA GLN B 1010 11.20 -1.86 17.26
C GLN B 1010 10.95 -2.43 18.65
N PRO B 1011 9.69 -2.65 19.02
CA PRO B 1011 9.39 -3.37 20.26
C PRO B 1011 10.26 -4.61 20.37
N PHE B 1012 10.86 -4.81 21.53
CA PHE B 1012 12.02 -5.68 21.68
C PHE B 1012 11.69 -6.91 22.50
N GLY B 1013 12.05 -8.07 22.00
CA GLY B 1013 11.91 -9.31 22.74
C GLY B 1013 11.72 -10.44 21.75
N GLY B 1014 12.19 -11.61 22.13
CA GLY B 1014 12.10 -12.75 21.24
C GLY B 1014 11.25 -13.89 21.76
N ARG B 1015 11.49 -15.08 21.22
CA ARG B 1015 10.77 -16.31 21.53
C ARG B 1015 11.77 -17.39 21.91
N GLY B 1016 11.23 -18.56 22.27
CA GLY B 1016 12.10 -19.68 22.59
C GLY B 1016 12.90 -19.40 23.85
N LEU B 1017 14.20 -19.71 23.79
CA LEU B 1017 15.10 -19.50 24.92
C LEU B 1017 15.39 -18.01 25.17
N SER B 1018 14.90 -17.13 24.30
CA SER B 1018 15.15 -15.69 24.39
C SER B 1018 14.19 -14.97 25.33
N GLY B 1019 13.05 -15.56 25.64
CA GLY B 1019 12.18 -14.93 26.62
C GLY B 1019 10.76 -15.43 26.54
N THR B 1020 9.96 -14.91 27.47
CA THR B 1020 8.54 -15.18 27.54
C THR B 1020 7.71 -14.21 26.72
N GLY B 1021 8.22 -13.02 26.45
CA GLY B 1021 7.38 -11.95 25.99
C GLY B 1021 6.49 -11.52 27.13
N PRO B 1022 5.62 -10.55 26.88
CA PRO B 1022 5.50 -9.76 25.65
C PRO B 1022 6.67 -8.82 25.45
N LYS B 1023 6.76 -8.20 24.27
CA LYS B 1023 7.91 -7.38 23.97
C LYS B 1023 7.95 -6.13 24.83
N ALA B 1024 9.13 -5.81 25.35
CA ALA B 1024 9.36 -4.53 25.99
C ALA B 1024 9.20 -3.39 25.00
N GLY B 1025 8.67 -2.26 25.46
CA GLY B 1025 8.51 -1.17 24.52
C GLY B 1025 7.51 -1.45 23.44
N GLY B 1026 6.54 -2.33 23.71
CA GLY B 1026 5.50 -2.66 22.77
C GLY B 1026 4.16 -2.62 23.48
N PRO B 1027 3.09 -2.77 22.70
CA PRO B 1027 1.75 -2.46 23.21
C PRO B 1027 1.10 -3.57 24.01
N LEU B 1028 1.70 -4.78 24.06
CA LEU B 1028 1.17 -5.86 24.90
C LEU B 1028 1.79 -5.90 26.28
N TYR B 1029 2.79 -5.06 26.55
CA TYR B 1029 3.59 -5.19 27.77
C TYR B 1029 2.77 -4.95 29.03
N LEU B 1030 2.06 -3.82 29.09
CA LEU B 1030 1.34 -3.46 30.30
C LEU B 1030 0.26 -4.48 30.65
N GLY B 1031 -0.31 -5.14 29.65
CA GLY B 1031 -1.38 -6.09 29.93
C GLY B 1031 -0.95 -7.28 30.76
N ARG B 1032 0.34 -7.58 30.78
CA ARG B 1032 0.82 -8.69 31.57
C ARG B 1032 0.91 -8.33 33.05
N LEU B 1033 0.84 -7.04 33.37
CA LEU B 1033 1.04 -6.52 34.71
C LEU B 1033 -0.26 -6.15 35.41
N VAL B 1034 -1.39 -6.57 34.86
CA VAL B 1034 -2.70 -6.35 35.48
C VAL B 1034 -3.43 -7.70 35.46
N THR B 1035 -4.48 -7.81 36.27
CA THR B 1035 -5.18 -9.09 36.33
C THR B 1035 -6.14 -9.27 35.15
N THR B 1036 -6.63 -8.17 34.58
CA THR B 1036 -7.45 -8.20 33.37
C THR B 1036 -6.78 -7.31 32.33
N ALA B 1037 -6.33 -7.91 31.26
CA ALA B 1037 -5.57 -7.13 30.30
C ALA B 1037 -6.51 -6.26 29.46
N PRO B 1038 -6.11 -5.04 29.14
CA PRO B 1038 -6.91 -4.21 28.24
C PRO B 1038 -6.66 -4.57 26.78
N VAL B 1039 -7.46 -3.97 25.91
CA VAL B 1039 -7.25 -4.02 24.48
C VAL B 1039 -6.20 -2.98 24.10
N PRO B 1040 -5.05 -3.37 23.60
CA PRO B 1040 -4.01 -2.38 23.24
C PRO B 1040 -4.48 -1.48 22.12
N PRO B 1041 -3.86 -0.31 21.95
CA PRO B 1041 -4.13 0.50 20.76
C PRO B 1041 -3.84 -0.27 19.49
N GLN B 1042 -4.74 -0.14 18.53
CA GLN B 1042 -4.57 -0.71 17.19
C GLN B 1042 -4.49 -2.23 17.19
N HIS B 1043 -4.92 -2.88 18.25
CA HIS B 1043 -4.74 -4.32 18.41
C HIS B 1043 -6.01 -5.04 17.94
N SER B 1044 -6.04 -5.39 16.66
CA SER B 1044 -7.17 -6.11 16.10
C SER B 1044 -6.72 -6.70 14.76
N SER B 1045 -7.58 -7.56 14.20
CA SER B 1045 -7.29 -8.14 12.89
C SER B 1045 -8.60 -8.53 12.21
N VAL B 1046 -8.66 -8.34 10.88
CA VAL B 1046 -9.84 -8.76 10.13
C VAL B 1046 -9.76 -10.21 9.68
N HIS B 1047 -8.63 -10.87 9.91
CA HIS B 1047 -8.46 -12.28 9.55
C HIS B 1047 -9.09 -13.19 10.59
N THR B 1048 -9.75 -14.25 10.10
CA THR B 1048 -10.29 -15.29 10.95
C THR B 1048 -9.59 -16.60 10.61
N ASP B 1049 -9.03 -17.26 11.61
CA ASP B 1049 -8.30 -18.49 11.36
C ASP B 1049 -9.26 -19.53 10.78
N PRO B 1050 -8.91 -20.17 9.66
CA PRO B 1050 -9.89 -21.06 9.01
C PRO B 1050 -10.11 -22.36 9.77
N VAL B 1051 -9.11 -22.86 10.50
CA VAL B 1051 -9.31 -24.07 11.30
C VAL B 1051 -10.19 -23.77 12.50
N LEU B 1052 -10.05 -22.59 13.10
CA LEU B 1052 -11.03 -22.15 14.10
C LEU B 1052 -12.44 -22.21 13.53
N LEU B 1053 -12.64 -21.68 12.32
CA LEU B 1053 -13.96 -21.71 11.71
C LEU B 1053 -14.46 -23.14 11.52
N ASP B 1054 -13.57 -24.05 11.12
CA ASP B 1054 -13.96 -25.44 10.96
C ASP B 1054 -14.35 -26.07 12.29
N PHE B 1055 -13.62 -25.71 13.36
CA PHE B 1055 -13.93 -26.21 14.69
C PHE B 1055 -15.29 -25.72 15.16
N ALA B 1056 -15.62 -24.44 14.88
CA ALA B 1056 -16.93 -23.91 15.29
C ALA B 1056 -18.07 -24.62 14.57
N LYS B 1057 -17.89 -24.95 13.29
CA LYS B 1057 -18.96 -25.68 12.59
C LYS B 1057 -19.12 -27.08 13.16
N TRP B 1058 -17.99 -27.75 13.44
CA TRP B 1058 -18.03 -29.06 14.08
C TRP B 1058 -18.75 -28.98 15.42
N LEU B 1059 -18.46 -27.94 16.21
CA LEU B 1059 -19.15 -27.79 17.50
C LEU B 1059 -20.65 -27.60 17.31
N ASP B 1060 -21.05 -26.83 16.30
CA ASP B 1060 -22.48 -26.65 16.05
C ASP B 1060 -23.12 -27.95 15.55
N GLY B 1061 -22.39 -28.76 14.80
CA GLY B 1061 -22.90 -30.07 14.44
C GLY B 1061 -23.12 -30.96 15.64
N LYS B 1062 -22.35 -30.77 16.71
CA LYS B 1062 -22.52 -31.52 17.94
C LYS B 1062 -23.63 -30.96 18.81
N GLY B 1063 -24.09 -29.74 18.53
CA GLY B 1063 -24.98 -29.06 19.45
C GLY B 1063 -24.27 -28.44 20.63
N ALA B 1064 -22.96 -28.24 20.54
CA ALA B 1064 -22.23 -27.52 21.58
C ALA B 1064 -22.35 -26.03 21.30
N ARG B 1065 -23.58 -25.52 21.49
CA ARG B 1065 -23.92 -24.18 21.04
C ARG B 1065 -23.14 -23.12 21.81
N ALA B 1066 -23.06 -23.26 23.14
CA ALA B 1066 -22.30 -22.30 23.94
C ALA B 1066 -20.85 -22.26 23.50
N GLU B 1067 -20.28 -23.44 23.21
CA GLU B 1067 -18.87 -23.49 22.83
C GLU B 1067 -18.67 -23.03 21.39
N ALA B 1068 -19.58 -23.41 20.48
CA ALA B 1068 -19.52 -22.88 19.12
C ALA B 1068 -19.56 -21.36 19.12
N GLU B 1069 -20.44 -20.77 19.93
CA GLU B 1069 -20.49 -19.32 20.05
C GLU B 1069 -19.18 -18.76 20.64
N ALA B 1070 -18.66 -19.41 21.68
CA ALA B 1070 -17.38 -19.00 22.23
C ALA B 1070 -16.28 -19.07 21.19
N ALA B 1071 -16.28 -20.10 20.35
CA ALA B 1071 -15.24 -20.24 19.33
C ALA B 1071 -15.31 -19.11 18.32
N ARG B 1072 -16.51 -18.79 17.82
CA ARG B 1072 -16.67 -17.68 16.87
CA ARG B 1072 -16.64 -17.69 16.87
C ARG B 1072 -16.19 -16.37 17.48
N ASN B 1073 -16.53 -16.13 18.74
CA ASN B 1073 -16.08 -14.90 19.40
C ASN B 1073 -14.57 -14.87 19.57
N ALA B 1074 -13.96 -16.01 19.87
CA ALA B 1074 -12.50 -16.07 19.91
C ALA B 1074 -11.92 -15.75 18.53
N GLY B 1075 -12.51 -16.32 17.48
CA GLY B 1075 -12.02 -16.06 16.13
C GLY B 1075 -12.03 -14.60 15.75
N SER B 1076 -13.04 -13.84 16.24
CA SER B 1076 -13.13 -12.42 15.92
C SER B 1076 -12.17 -11.59 16.77
N SER B 1077 -12.07 -11.88 18.07
CA SER B 1077 -11.28 -11.00 18.91
C SER B 1077 -9.79 -11.28 18.78
N SER B 1078 -9.43 -12.44 18.25
CA SER B 1078 -8.03 -12.73 17.95
C SER B 1078 -7.42 -11.62 17.10
N ALA B 1079 -6.20 -11.23 17.43
CA ALA B 1079 -5.50 -10.26 16.60
C ALA B 1079 -4.46 -10.92 15.72
N LEU B 1080 -4.53 -12.24 15.56
CA LEU B 1080 -3.69 -12.94 14.60
C LEU B 1080 -3.81 -12.30 13.22
N GLY B 1081 -2.67 -12.02 12.59
CA GLY B 1081 -2.64 -11.38 11.29
C GLY B 1081 -2.47 -9.87 11.32
N LEU B 1082 -2.48 -9.25 12.50
CA LEU B 1082 -2.19 -7.82 12.60
CA LEU B 1082 -2.18 -7.83 12.60
C LEU B 1082 -0.91 -7.51 11.84
N ASP B 1083 -0.89 -6.39 11.13
CA ASP B 1083 0.23 -6.03 10.27
C ASP B 1083 0.28 -4.51 10.19
N LEU B 1084 1.13 -3.90 11.02
CA LEU B 1084 1.14 -2.45 11.19
C LEU B 1084 2.51 -1.89 10.84
N GLU B 1085 2.53 -0.66 10.32
CA GLU B 1085 3.76 0.09 10.23
C GLU B 1085 3.79 1.09 11.38
N LEU B 1086 4.92 1.12 12.09
CA LEU B 1086 5.08 1.99 13.25
C LEU B 1086 5.80 3.27 12.83
N PRO B 1087 5.39 4.43 13.35
CA PRO B 1087 6.08 5.68 13.00
C PRO B 1087 7.51 5.67 13.52
N GLY B 1088 8.42 6.17 12.68
CA GLY B 1088 9.82 6.25 13.01
C GLY B 1088 10.51 7.24 12.11
N PRO B 1089 11.81 7.09 11.91
CA PRO B 1089 12.56 8.03 11.07
C PRO B 1089 12.28 7.80 9.59
N VAL B 1090 12.59 8.84 8.81
CA VAL B 1090 12.62 8.67 7.36
C VAL B 1090 13.70 7.65 7.00
N GLY B 1091 13.58 7.08 5.81
CA GLY B 1091 14.57 6.12 5.35
C GLY B 1091 14.59 4.81 6.11
N GLU B 1092 13.49 4.47 6.78
CA GLU B 1092 13.39 3.22 7.51
C GLU B 1092 11.92 2.83 7.50
N ARG B 1093 11.64 1.54 7.38
CA ARG B 1093 10.27 1.03 7.55
C ARG B 1093 10.27 0.08 8.73
N ASN B 1094 9.43 0.37 9.72
CA ASN B 1094 9.40 -0.41 10.96
C ASN B 1094 8.03 -1.07 11.05
N LEU B 1095 8.03 -2.39 10.98
CA LEU B 1095 6.82 -3.20 10.90
C LEU B 1095 6.64 -4.00 12.18
N TYR B 1096 5.37 -4.24 12.53
CA TYR B 1096 4.96 -4.95 13.73
C TYR B 1096 3.82 -5.87 13.33
N THR B 1097 4.01 -7.19 13.53
CA THR B 1097 3.07 -8.20 13.07
C THR B 1097 2.79 -9.23 14.16
N LEU B 1098 1.59 -9.81 14.13
CA LEU B 1098 1.24 -10.85 15.11
C LEU B 1098 1.01 -12.15 14.38
N HIS B 1099 1.76 -13.18 14.77
CA HIS B 1099 1.72 -14.50 14.15
C HIS B 1099 1.27 -15.53 15.18
N ALA B 1100 1.06 -16.74 14.70
CA ALA B 1100 0.82 -17.85 15.63
C ALA B 1100 2.07 -18.08 16.48
N ARG B 1101 1.86 -18.56 17.71
CA ARG B 1101 2.99 -18.84 18.58
C ARG B 1101 3.65 -20.18 18.25
N GLY B 1102 2.84 -21.18 17.89
CA GLY B 1102 3.36 -22.51 17.67
C GLY B 1102 2.40 -23.56 18.20
N ARG B 1103 2.88 -24.49 19.01
CA ARG B 1103 2.04 -25.53 19.58
C ARG B 1103 1.78 -25.23 21.05
N ILE B 1104 0.51 -25.11 21.42
CA ILE B 1104 0.09 -24.74 22.77
C ILE B 1104 -0.21 -26.00 23.56
N LEU B 1105 0.37 -26.12 24.75
CA LEU B 1105 0.05 -27.22 25.65
C LEU B 1105 -1.30 -26.95 26.29
N LEU B 1106 -2.24 -27.87 26.11
CA LEU B 1106 -3.58 -27.78 26.68
C LEU B 1106 -3.68 -28.80 27.80
N VAL B 1107 -4.08 -28.35 28.98
CA VAL B 1107 -4.26 -29.23 30.13
C VAL B 1107 -5.70 -29.05 30.59
N PRO B 1108 -6.67 -29.64 29.89
CA PRO B 1108 -8.07 -29.46 30.29
C PRO B 1108 -8.44 -30.39 31.44
N ALA B 1109 -9.55 -30.06 32.07
CA ALA B 1109 -10.19 -30.93 33.05
C ALA B 1109 -11.52 -31.50 32.58
N THR B 1110 -12.27 -30.73 31.79
CA THR B 1110 -13.62 -31.08 31.36
C THR B 1110 -13.70 -30.98 29.84
N GLU B 1111 -14.73 -31.61 29.27
CA GLU B 1111 -14.94 -31.54 27.83
C GLU B 1111 -15.17 -30.10 27.37
N SER B 1112 -16.03 -29.37 28.08
CA SER B 1112 -16.27 -27.97 27.70
C SER B 1112 -15.04 -27.12 27.89
N GLY B 1113 -14.28 -27.37 28.97
CA GLY B 1113 -13.02 -26.67 29.13
C GLY B 1113 -12.08 -26.91 27.96
N LEU B 1114 -12.04 -28.15 27.46
CA LEU B 1114 -11.18 -28.48 26.34
C LEU B 1114 -11.62 -27.75 25.07
N TYR B 1115 -12.92 -27.68 24.83
CA TYR B 1115 -13.44 -26.95 23.67
C TYR B 1115 -13.09 -25.47 23.75
N HIS B 1116 -13.20 -24.86 24.93
CA HIS B 1116 -12.84 -23.46 25.07
C HIS B 1116 -11.35 -23.25 24.85
N GLN B 1117 -10.52 -24.13 25.41
CA GLN B 1117 -9.07 -24.02 25.24
C GLN B 1117 -8.68 -24.18 23.78
N LEU B 1118 -9.26 -25.20 23.13
CA LEU B 1118 -8.95 -25.43 21.73
C LEU B 1118 -9.38 -24.23 20.87
N ALA B 1119 -10.58 -23.68 21.12
CA ALA B 1119 -11.01 -22.48 20.41
C ALA B 1119 -10.01 -21.35 20.57
N ALA B 1120 -9.50 -21.15 21.79
CA ALA B 1120 -8.58 -20.06 22.03
C ALA B 1120 -7.30 -20.25 21.24
N ALA B 1121 -6.82 -21.50 21.17
CA ALA B 1121 -5.55 -21.77 20.50
C ALA B 1121 -5.69 -21.73 18.98
N LEU B 1122 -6.77 -22.32 18.46
CA LEU B 1122 -7.01 -22.31 17.03
C LEU B 1122 -7.25 -20.89 16.52
N ALA B 1123 -8.01 -20.10 17.28
CA ALA B 1123 -8.30 -18.71 16.87
C ALA B 1123 -7.03 -17.89 16.74
N THR B 1124 -5.95 -18.25 17.43
CA THR B 1124 -4.70 -17.54 17.33
C THR B 1124 -3.69 -18.25 16.44
N GLY B 1125 -4.16 -19.16 15.60
CA GLY B 1125 -3.33 -19.79 14.57
C GLY B 1125 -2.48 -20.95 15.06
N ASN B 1126 -2.67 -21.40 16.29
CA ASN B 1126 -1.78 -22.38 16.90
C ASN B 1126 -2.25 -23.81 16.66
N SER B 1127 -1.29 -24.74 16.71
CA SER B 1127 -1.60 -26.14 16.94
C SER B 1127 -1.60 -26.39 18.45
N VAL B 1128 -1.99 -27.60 18.86
CA VAL B 1128 -2.10 -27.93 20.28
C VAL B 1128 -1.55 -29.31 20.57
N ALA B 1129 -1.16 -29.51 21.83
CA ALA B 1129 -0.92 -30.83 22.39
C ALA B 1129 -1.77 -30.94 23.63
N ILE B 1130 -2.68 -31.90 23.64
CA ILE B 1130 -3.63 -32.06 24.72
C ILE B 1130 -3.10 -33.10 25.68
N ASP B 1131 -3.16 -32.78 26.97
CA ASP B 1131 -2.74 -33.70 28.02
C ASP B 1131 -3.55 -34.99 27.95
N ALA B 1132 -2.87 -36.12 27.69
CA ALA B 1132 -3.57 -37.40 27.52
C ALA B 1132 -4.16 -37.89 28.84
N ALA B 1133 -3.57 -37.52 29.97
CA ALA B 1133 -4.12 -37.91 31.27
C ALA B 1133 -5.46 -37.27 31.55
N SER B 1134 -5.86 -36.26 30.77
CA SER B 1134 -7.19 -35.69 30.92
C SER B 1134 -8.27 -36.74 30.65
N GLY B 1135 -7.97 -37.77 29.89
CA GLY B 1135 -8.96 -38.79 29.57
C GLY B 1135 -10.07 -38.33 28.65
N LEU B 1136 -9.88 -37.22 27.94
CA LEU B 1136 -10.96 -36.62 27.14
C LEU B 1136 -10.85 -36.99 25.66
N GLN B 1137 -10.15 -38.08 25.34
CA GLN B 1137 -9.88 -38.44 23.94
C GLN B 1137 -11.17 -38.61 23.15
N ALA B 1138 -12.22 -39.16 23.77
CA ALA B 1138 -13.47 -39.40 23.06
C ALA B 1138 -14.26 -38.13 22.77
N SER B 1139 -13.84 -36.98 23.32
CA SER B 1139 -14.54 -35.72 23.08
C SER B 1139 -14.23 -35.12 21.72
N LEU B 1140 -13.19 -35.59 21.06
CA LEU B 1140 -12.79 -35.08 19.75
C LEU B 1140 -13.04 -36.13 18.68
N LYS B 1141 -14.16 -36.84 18.82
CA LYS B 1141 -14.53 -37.85 17.84
C LYS B 1141 -15.00 -37.20 16.55
N ASN B 1142 -14.46 -37.66 15.42
CA ASN B 1142 -14.92 -37.24 14.09
C ASN B 1142 -14.66 -35.76 13.85
N LEU B 1143 -13.48 -35.29 14.28
CA LEU B 1143 -13.05 -33.93 13.97
C LEU B 1143 -12.85 -33.76 12.47
N PRO B 1144 -13.09 -32.57 11.94
CA PRO B 1144 -12.65 -32.27 10.57
C PRO B 1144 -11.16 -32.47 10.44
N GLN B 1145 -10.74 -33.00 9.28
CA GLN B 1145 -9.32 -33.26 9.06
C GLN B 1145 -8.47 -32.01 9.26
N THR B 1146 -9.03 -30.84 8.95
CA THR B 1146 -8.28 -29.59 9.13
C THR B 1146 -8.01 -29.33 10.59
N VAL B 1147 -8.97 -29.64 11.46
CA VAL B 1147 -8.74 -29.46 12.89
C VAL B 1147 -7.85 -30.57 13.44
N GLY B 1148 -8.11 -31.82 13.01
CA GLY B 1148 -7.28 -32.93 13.47
C GLY B 1148 -5.80 -32.74 13.23
N LEU B 1149 -5.45 -32.15 12.07
CA LEU B 1149 -4.03 -31.98 11.74
C LEU B 1149 -3.33 -31.04 12.72
N ARG B 1150 -4.09 -30.23 13.46
CA ARG B 1150 -3.52 -29.34 14.46
C ARG B 1150 -3.52 -29.92 15.85
N VAL B 1151 -4.11 -31.10 16.03
CA VAL B 1151 -4.34 -31.66 17.36
C VAL B 1151 -3.44 -32.87 17.55
N SER B 1152 -2.68 -32.86 18.64
CA SER B 1152 -1.96 -34.04 19.07
C SER B 1152 -2.25 -34.27 20.55
N TRP B 1153 -1.98 -35.48 20.99
CA TRP B 1153 -2.14 -35.87 22.39
C TRP B 1153 -0.77 -36.20 22.95
N SER B 1154 -0.51 -35.75 24.18
CA SER B 1154 0.78 -35.96 24.82
C SER B 1154 0.62 -36.60 26.20
N LYS B 1155 1.31 -37.71 26.41
CA LYS B 1155 1.52 -38.29 27.73
C LYS B 1155 2.85 -37.89 28.33
N ASP B 1156 3.66 -37.12 27.60
CA ASP B 1156 5.05 -36.85 27.96
C ASP B 1156 5.36 -35.45 27.43
N TRP B 1157 5.05 -34.44 28.25
CA TRP B 1157 5.13 -33.07 27.79
C TRP B 1157 6.56 -32.66 27.45
N ALA B 1158 7.53 -33.13 28.24
CA ALA B 1158 8.92 -32.75 28.01
C ALA B 1158 9.44 -33.32 26.70
N ALA B 1159 9.05 -34.56 26.37
CA ALA B 1159 9.50 -35.15 25.12
C ALA B 1159 8.75 -34.63 23.90
N ASP B 1160 7.57 -34.08 24.08
CA ASP B 1160 6.73 -33.67 22.96
C ASP B 1160 6.85 -32.18 22.64
N GLY B 1161 7.60 -31.43 23.41
CA GLY B 1161 7.74 -30.01 23.18
C GLY B 1161 8.77 -29.71 22.10
N PRO B 1162 9.23 -28.46 22.07
CA PRO B 1162 8.85 -27.36 22.96
C PRO B 1162 7.49 -26.80 22.61
N PHE B 1163 6.75 -26.39 23.63
CA PHE B 1163 5.49 -25.71 23.41
C PHE B 1163 5.72 -24.20 23.43
N ALA B 1164 4.70 -23.46 23.05
CA ALA B 1164 4.79 -22.01 22.96
C ALA B 1164 3.87 -21.33 23.96
N GLY B 1165 3.29 -22.09 24.88
CA GLY B 1165 2.32 -21.58 25.83
C GLY B 1165 1.52 -22.73 26.39
N ALA B 1166 0.75 -22.42 27.43
CA ALA B 1166 -0.05 -23.46 28.06
C ALA B 1166 -1.34 -22.85 28.58
N LEU B 1167 -2.43 -23.60 28.42
CA LEU B 1167 -3.75 -23.27 28.96
C LEU B 1167 -4.14 -24.39 29.91
N VAL B 1168 -4.54 -24.03 31.14
CA VAL B 1168 -4.75 -25.03 32.18
C VAL B 1168 -6.14 -24.80 32.78
N GLU B 1169 -6.86 -25.89 32.98
CA GLU B 1169 -8.16 -25.86 33.64
C GLU B 1169 -8.11 -26.71 34.91
N GLY B 1170 -8.61 -26.16 36.01
CA GLY B 1170 -8.66 -26.92 37.25
C GLY B 1170 -8.82 -26.01 38.44
N ASP B 1171 -8.89 -26.65 39.63
CA ASP B 1171 -8.93 -25.92 40.88
C ASP B 1171 -7.52 -25.47 41.28
N ALA B 1172 -7.43 -24.78 42.42
CA ALA B 1172 -6.14 -24.25 42.87
C ALA B 1172 -5.08 -25.33 42.97
N GLU B 1173 -5.42 -26.48 43.58
CA GLU B 1173 -4.43 -27.54 43.73
C GLU B 1173 -3.99 -28.07 42.37
N ARG B 1174 -4.94 -28.26 41.46
CA ARG B 1174 -4.59 -28.76 40.13
C ARG B 1174 -3.69 -27.77 39.39
N ILE B 1175 -3.98 -26.48 39.53
CA ILE B 1175 -3.23 -25.46 38.80
C ILE B 1175 -1.79 -25.41 39.31
N ARG B 1176 -1.61 -25.45 40.64
CA ARG B 1176 -0.27 -25.41 41.20
C ARG B 1176 0.55 -26.62 40.75
N ALA B 1177 -0.09 -27.80 40.73
CA ALA B 1177 0.60 -29.02 40.34
C ALA B 1177 0.99 -28.98 38.87
N VAL B 1178 0.10 -28.50 38.00
CA VAL B 1178 0.45 -28.38 36.58
C VAL B 1178 1.50 -27.31 36.37
N ASN B 1179 1.36 -26.18 37.07
CA ASN B 1179 2.35 -25.11 36.96
C ASN B 1179 3.74 -25.60 37.34
N LYS B 1180 3.84 -26.40 38.41
CA LYS B 1180 5.12 -26.94 38.82
C LYS B 1180 5.68 -27.90 37.76
N ALA B 1181 4.84 -28.75 37.19
CA ALA B 1181 5.28 -29.63 36.11
C ALA B 1181 5.77 -28.83 34.90
N ILE B 1182 5.06 -27.76 34.54
CA ILE B 1182 5.46 -26.95 33.39
C ILE B 1182 6.79 -26.26 33.66
N ALA B 1183 7.03 -25.86 34.91
CA ALA B 1183 8.29 -25.22 35.24
C ALA B 1183 9.47 -26.17 35.13
N ALA B 1184 9.24 -27.48 35.16
CA ALA B 1184 10.31 -28.46 35.00
C ALA B 1184 10.58 -28.83 33.55
N LEU B 1185 9.79 -28.31 32.61
CA LEU B 1185 9.99 -28.67 31.22
C LEU B 1185 11.27 -28.02 30.68
N PRO B 1186 12.03 -28.73 29.86
CA PRO B 1186 13.24 -28.14 29.28
C PRO B 1186 12.88 -27.12 28.20
N GLY B 1187 13.84 -26.27 27.90
CA GLY B 1187 13.67 -25.33 26.82
C GLY B 1187 12.98 -24.04 27.26
N PRO B 1188 12.03 -23.57 26.45
CA PRO B 1188 11.45 -22.25 26.71
C PRO B 1188 10.62 -22.23 27.99
N LEU B 1189 10.64 -21.07 28.64
CA LEU B 1189 9.80 -20.79 29.79
C LEU B 1189 8.39 -20.50 29.29
N LEU B 1190 7.43 -21.39 29.59
CA LEU B 1190 6.08 -21.27 29.05
C LEU B 1190 5.27 -20.23 29.82
N LEU B 1191 4.52 -19.44 29.05
CA LEU B 1191 3.55 -18.51 29.61
C LEU B 1191 2.27 -19.29 29.90
N VAL B 1192 1.93 -19.43 31.17
CA VAL B 1192 0.86 -20.31 31.63
C VAL B 1192 -0.38 -19.48 31.92
N GLN B 1193 -1.52 -19.90 31.40
CA GLN B 1193 -2.81 -19.28 31.72
C GLN B 1193 -3.70 -20.33 32.35
N ALA B 1194 -4.35 -19.98 33.45
CA ALA B 1194 -5.12 -20.95 34.20
C ALA B 1194 -6.48 -20.38 34.52
N ALA B 1195 -7.47 -21.26 34.54
CA ALA B 1195 -8.82 -20.86 34.91
C ALA B 1195 -9.52 -22.07 35.53
N SER B 1196 -10.49 -21.80 36.38
CA SER B 1196 -11.32 -22.89 36.88
C SER B 1196 -12.39 -23.25 35.87
N SER B 1197 -12.97 -24.44 36.03
CA SER B 1197 -14.11 -24.80 35.19
C SER B 1197 -15.20 -23.75 35.30
N GLY B 1198 -15.40 -23.22 36.51
CA GLY B 1198 -16.41 -22.18 36.70
C GLY B 1198 -16.06 -20.89 36.01
N GLU B 1199 -14.77 -20.51 36.00
CA GLU B 1199 -14.36 -19.29 35.32
C GLU B 1199 -14.56 -19.42 33.82
N ILE B 1200 -14.29 -20.60 33.26
CA ILE B 1200 -14.46 -20.80 31.83
C ILE B 1200 -15.92 -20.62 31.43
N ALA B 1201 -16.85 -21.06 32.28
CA ALA B 1201 -18.26 -20.97 31.98
C ALA B 1201 -18.82 -19.56 32.16
N ARG B 1202 -18.30 -18.82 33.13
CA ARG B 1202 -18.84 -17.49 33.45
C ARG B 1202 -18.17 -16.36 32.69
N ASN B 1203 -16.88 -16.47 32.41
CA ASN B 1203 -16.08 -15.35 31.92
C ASN B 1203 -15.62 -15.63 30.49
N PRO B 1204 -16.13 -14.91 29.51
CA PRO B 1204 -15.67 -15.12 28.12
C PRO B 1204 -14.19 -14.88 27.92
N ASP B 1205 -13.55 -14.11 28.79
CA ASP B 1205 -12.12 -13.85 28.71
C ASP B 1205 -11.34 -14.60 29.78
N ALA B 1206 -11.79 -15.81 30.12
CA ALA B 1206 -11.04 -16.64 31.06
C ALA B 1206 -9.62 -16.85 30.58
N TYR B 1207 -9.43 -17.04 29.28
CA TYR B 1207 -8.11 -17.14 28.64
C TYR B 1207 -7.92 -15.93 27.73
N CYS B 1208 -6.78 -15.25 27.87
CA CYS B 1208 -6.50 -14.04 27.12
C CYS B 1208 -5.77 -14.37 25.83
N LEU B 1209 -6.31 -13.89 24.71
CA LEU B 1209 -5.69 -14.19 23.42
C LEU B 1209 -4.46 -13.35 23.14
N ASN B 1210 -4.22 -12.30 23.95
CA ASN B 1210 -2.99 -11.51 23.80
C ASN B 1210 -1.75 -12.40 23.87
N TRP B 1211 -1.77 -13.44 24.71
CA TRP B 1211 -0.60 -14.24 25.02
C TRP B 1211 -0.47 -15.46 24.13
N LEU B 1212 -1.41 -15.68 23.21
CA LEU B 1212 -1.38 -16.82 22.31
C LEU B 1212 -0.93 -16.46 20.90
N VAL B 1213 -0.42 -15.25 20.71
CA VAL B 1213 0.16 -14.82 19.45
C VAL B 1213 1.61 -14.43 19.71
N GLU B 1214 2.39 -14.39 18.64
CA GLU B 1214 3.79 -13.97 18.73
C GLU B 1214 4.00 -12.65 18.02
N GLU B 1215 4.62 -11.70 18.71
CA GLU B 1215 4.97 -10.42 18.13
C GLU B 1215 6.28 -10.56 17.35
N VAL B 1216 6.32 -9.98 16.15
CA VAL B 1216 7.54 -9.90 15.37
C VAL B 1216 7.74 -8.44 14.98
N SER B 1217 8.95 -7.94 15.19
CA SER B 1217 9.34 -6.61 14.78
C SER B 1217 10.33 -6.74 13.65
N ALA B 1218 10.13 -5.95 12.60
CA ALA B 1218 11.04 -5.92 11.46
C ALA B 1218 11.38 -4.48 11.11
N SER B 1219 12.68 -4.18 11.05
CA SER B 1219 13.16 -2.84 10.74
C SER B 1219 13.98 -2.90 9.47
N ILE B 1220 13.52 -2.21 8.43
CA ILE B 1220 14.15 -2.24 7.11
C ILE B 1220 14.74 -0.87 6.82
N ASN B 1221 16.05 -0.83 6.58
CA ASN B 1221 16.74 0.36 6.11
C ASN B 1221 16.41 0.59 4.64
N THR B 1222 15.56 1.58 4.35
CA THR B 1222 15.18 1.88 2.97
C THR B 1222 16.04 2.98 2.36
N ALA B 1223 17.09 3.40 3.06
CA ALA B 1223 18.01 4.41 2.54
C ALA B 1223 19.26 3.77 1.96
PA FAD C . -17.05 24.66 -3.35
O1A FAD C . -15.93 24.10 -2.43
O2A FAD C . -16.92 25.95 -3.94
O5B FAD C . -17.36 23.90 -4.57
C5B FAD C . -17.22 22.49 -4.59
C4B FAD C . -17.81 21.92 -5.88
O4B FAD C . -16.92 22.04 -6.95
C3B FAD C . -18.20 20.48 -5.80
O3B FAD C . -19.44 20.25 -5.23
C2B FAD C . -18.19 20.06 -7.21
O2B FAD C . -19.37 20.36 -7.88
C1B FAD C . -17.11 20.91 -7.76
N9A FAD C . -15.87 20.21 -7.89
C8A FAD C . -15.03 19.71 -6.91
N7A FAD C . -13.96 19.13 -7.49
C5A FAD C . -14.07 19.26 -8.87
C6A FAD C . -13.31 18.88 -9.97
N6A FAD C . -12.06 18.18 -9.78
N1A FAD C . -13.75 19.18 -11.20
C2A FAD C . -14.91 19.84 -11.44
N3A FAD C . -15.68 20.21 -10.40
C4A FAD C . -15.29 19.94 -9.15
N1 FAD C . -26.22 19.87 -6.44
C2 FAD C . -26.89 19.04 -7.39
O2 FAD C . -26.15 18.27 -8.20
N3 FAD C . -28.27 19.01 -7.48
C4 FAD C . -29.02 19.79 -6.62
O4 FAD C . -30.38 19.75 -6.75
C4X FAD C . -28.36 20.70 -5.63
N5 FAD C . -29.07 21.55 -4.80
C5X FAD C . -28.38 22.39 -3.91
C6 FAD C . -29.10 23.25 -3.06
C7 FAD C . -28.41 24.08 -2.19
C7M FAD C . -29.16 25.00 -1.28
C8 FAD C . -27.03 24.10 -2.15
C8M FAD C . -26.31 25.01 -1.20
C9 FAD C . -26.29 23.25 -2.99
C9A FAD C . -26.97 22.40 -3.87
N10 FAD C . -26.23 21.53 -4.71
C10 FAD C . -26.92 20.70 -5.61
C1' FAD C . -24.74 21.59 -4.73
C2' FAD C . -23.93 20.46 -4.12
O2' FAD C . -24.72 19.70 -3.29
C3' FAD C . -22.77 21.11 -3.33
O3' FAD C . -23.29 21.71 -2.21
C4' FAD C . -22.05 22.21 -4.08
O4' FAD C . -21.56 21.74 -5.27
C5' FAD C . -20.97 22.87 -3.21
O5' FAD C . -20.38 23.92 -3.93
P FAD C . -19.82 25.28 -3.26
O1P FAD C . -19.91 26.61 -4.11
O2P FAD C . -20.57 25.21 -1.90
O3P FAD C . -18.38 24.84 -2.67
C1 PEG D . -51.41 12.03 -10.73
O1 PEG D . -52.08 11.08 -11.52
C2 PEG D . -51.61 11.75 -9.26
O2 PEG D . -50.65 10.83 -8.78
C3 PEG D . -50.98 10.31 -7.52
C4 PEG D . -49.83 9.47 -7.01
O4 PEG D . -49.69 8.32 -7.80
C1 PGE E . -1.99 -12.89 -1.94
O1 PGE E . -3.03 -12.00 -1.64
C2 PGE E . -2.48 -14.03 -2.81
O2 PGE E . -1.42 -14.94 -3.01
C3 PGE E . -1.70 -16.30 -2.81
C4 PGE E . -0.53 -17.16 -2.45
O4 PGE E . 1.88 -15.52 -0.21
C6 PGE E . 1.39 -16.67 0.44
C5 PGE E . 0.92 -17.60 -0.66
O3 PGE E . -0.35 -17.17 -1.06
C1 PEG F . -3.24 -46.31 -12.95
O1 PEG F . -1.88 -46.61 -13.22
C2 PEG F . -4.11 -46.87 -14.03
O2 PEG F . -3.68 -46.39 -15.29
C3 PEG F . -4.62 -45.56 -15.90
C4 PEG F . -4.75 -45.94 -17.35
O4 PEG F . -4.86 -47.33 -17.43
N1 8P4 G . -21.32 -30.02 -30.26
N1 8P4 G . -18.25 -31.39 -30.58
C4 8P4 G . -17.81 -31.51 -30.67
C4 8P4 G . -20.37 -28.21 -30.77
C5 8P4 G . -18.76 -30.51 -30.77
C5 8P4 G . -19.24 -29.00 -30.84
C6 8P4 G . -20.07 -30.75 -30.35
C6 8P4 G . -19.30 -30.37 -30.58
C7 8P4 G . -21.62 -28.72 -30.87
C7 8P4 G . -18.16 -32.80 -30.18
C1 8P4 G . -20.40 -31.99 -29.83
C1 8P4 G . -20.54 -30.92 -30.26
C2 8P4 G . -19.44 -32.99 -29.74
C2 8P4 G . -21.67 -30.14 -30.19
C3 8P4 G . -18.14 -32.75 -30.15
C3 8P4 G . -21.60 -28.78 -30.45
N2 8P4 G . -22.94 -28.17 -30.65
N2 8P4 G . -16.87 -33.44 -30.36
S1 8P4 G . -20.60 -27.87 -31.78
S1 8P4 G . -19.33 -33.71 -29.57
F1 8P4 G . -17.28 -33.80 -30.01
F1 8P4 G . -22.77 -28.09 -30.37
C FMT H . -24.74 4.17 -22.25
O1 FMT H . -23.66 3.72 -22.64
O2 FMT H . -25.63 4.76 -22.90
C1 PEG I . -23.68 -9.67 -46.31
O1 PEG I . -23.60 -10.69 -45.32
C2 PEG I . -24.12 -8.38 -45.68
O2 PEG I . -23.56 -7.29 -46.36
C3 PEG I . -22.76 -6.47 -45.56
C4 PEG I . -21.37 -7.03 -45.47
O4 PEG I . -20.78 -6.64 -44.25
C FMT J . -12.20 2.23 -0.18
O1 FMT J . -11.05 2.19 -0.63
O2 FMT J . -13.01 3.19 -0.12
C FMT K . 10.43 -18.75 -23.00
O1 FMT K . 10.52 -19.14 -21.83
O2 FMT K . 10.46 -17.56 -23.41
C FMT L . -1.46 2.64 -27.39
O1 FMT L . -2.07 3.71 -27.23
O2 FMT L . -1.57 1.81 -28.33
C FMT M . -23.21 -33.80 -44.15
O1 FMT M . -22.75 -33.64 -43.01
O2 FMT M . -23.00 -34.71 -44.97
C1 PEG N . -33.19 -1.67 -14.28
O1 PEG N . -34.55 -1.58 -13.91
C2 PEG N . -33.08 -2.37 -15.62
O2 PEG N . -32.10 -3.39 -15.61
C3 PEG N . -32.49 -4.46 -16.45
C4 PEG N . -31.45 -5.55 -16.45
O4 PEG N . -30.36 -5.14 -17.25
C FMT O . 4.72 -11.27 -5.16
O1 FMT O . 5.78 -10.81 -5.64
O2 FMT O . 3.63 -10.69 -4.97
C FMT P . -11.27 -5.01 28.70
O1 FMT P . -10.78 -3.87 28.84
O2 FMT P . -10.90 -6.08 29.24
S SO4 Q . 7.06 -6.31 -16.91
O1 SO4 Q . 7.06 -7.06 -15.63
O2 SO4 Q . 6.71 -4.89 -16.75
O3 SO4 Q . 8.43 -6.39 -17.53
O4 SO4 Q . 6.07 -6.97 -17.81
S SO4 R . -20.08 -11.67 -18.44
O1 SO4 R . -19.03 -11.24 -17.47
O2 SO4 R . -21.41 -11.43 -17.84
O3 SO4 R . -19.94 -10.85 -19.68
O4 SO4 R . -19.93 -13.14 -18.72
S SO4 S . -54.12 32.68 -14.64
O1 SO4 S . -53.74 31.59 -13.70
O2 SO4 S . -54.36 33.93 -13.81
O3 SO4 S . -53.07 32.93 -15.68
O4 SO4 S . -55.38 32.32 -15.36
S SO4 T . 15.17 -44.60 1.46
O1 SO4 T . 15.22 -44.13 2.88
O2 SO4 T . 13.92 -44.07 0.81
O3 SO4 T . 16.38 -44.12 0.74
O4 SO4 T . 15.13 -46.11 1.45
S SO4 U . -7.82 -45.56 -11.53
O1 SO4 U . -8.16 -46.99 -11.78
O2 SO4 U . -8.80 -45.00 -10.54
O3 SO4 U . -6.43 -45.50 -10.97
O4 SO4 U . -7.87 -44.78 -12.81
S SO4 V . -7.04 41.79 -0.45
O1 SO4 V . -6.27 41.22 0.71
O2 SO4 V . -8.51 41.71 -0.15
O3 SO4 V . -6.65 43.20 -0.67
O4 SO4 V . -6.73 40.99 -1.68
S SO4 W . -45.65 36.47 -23.53
O1 SO4 W . -45.07 35.80 -22.33
O2 SO4 W . -46.11 37.84 -23.10
O3 SO4 W . -44.63 36.56 -24.62
O4 SO4 W . -46.83 35.70 -24.04
S SO4 X . -20.99 -0.43 -22.02
O1 SO4 X . -20.25 -1.31 -21.08
O2 SO4 X . -21.41 0.78 -21.26
O3 SO4 X . -20.15 0.04 -23.13
O4 SO4 X . -22.24 -1.11 -22.53
S SO4 Y . -17.44 -2.82 -21.90
O1 SO4 Y . -18.00 -2.65 -20.52
O2 SO4 Y . -18.23 -1.98 -22.83
O3 SO4 Y . -16.01 -2.37 -21.92
O4 SO4 Y . -17.52 -4.26 -22.33
S SO4 Z . -7.83 7.71 -13.52
O1 SO4 Z . -7.91 8.27 -12.14
O2 SO4 Z . -8.68 8.52 -14.44
O3 SO4 Z . -6.40 7.79 -13.98
O4 SO4 Z . -8.23 6.26 -13.54
S SO4 AA . 12.53 -39.75 -24.55
O1 SO4 AA . 12.03 -40.45 -23.32
O2 SO4 AA . 11.81 -38.44 -24.75
O3 SO4 AA . 13.99 -39.49 -24.40
O4 SO4 AA . 12.26 -40.62 -25.73
S SO4 BA . -44.00 -2.25 -17.52
O1 SO4 BA . -43.00 -2.85 -16.57
O2 SO4 BA . -44.41 -0.91 -17.01
O3 SO4 BA . -43.37 -2.07 -18.87
O4 SO4 BA . -45.19 -3.15 -17.60
S SO4 CA . -33.40 3.48 -14.20
O1 SO4 CA . -33.19 2.26 -13.36
O2 SO4 CA . -33.96 4.58 -13.35
O3 SO4 CA . -32.09 3.92 -14.78
O4 SO4 CA . -34.36 3.16 -15.31
S SO4 DA . -4.06 35.84 5.27
O1 SO4 DA . -4.69 34.51 5.59
O2 SO4 DA . -4.79 36.93 6.00
O3 SO4 DA . -2.63 35.80 5.71
O4 SO4 DA . -4.12 36.09 3.79
S SO4 EA . 7.00 -35.49 -24.41
O1 SO4 EA . 7.75 -35.67 -23.13
O2 SO4 EA . 5.53 -35.70 -24.18
O3 SO4 EA . 7.25 -34.10 -24.92
O4 SO4 EA . 7.48 -36.50 -25.41
S SO4 FA . -29.77 -13.40 11.37
O1 SO4 FA . -30.86 -13.83 12.29
O2 SO4 FA . -29.97 -11.97 10.97
O3 SO4 FA . -28.44 -13.57 12.04
O4 SO4 FA . -29.79 -14.21 10.11
PA FAD GA . 18.63 21.64 -7.74
O1A FAD GA . 17.46 20.85 -8.36
O2A FAD GA . 18.62 23.10 -7.78
O5B FAD GA . 18.86 21.50 -6.28
C5B FAD GA . 18.65 20.26 -5.62
C4B FAD GA . 19.28 20.34 -4.23
O4B FAD GA . 18.43 20.99 -3.32
C3B FAD GA . 19.62 19.01 -3.63
O3B FAD GA . 20.85 18.49 -4.02
C2B FAD GA . 19.63 19.33 -2.18
O2B FAD GA . 20.82 19.87 -1.75
C1B FAD GA . 18.57 20.40 -2.06
N9A FAD GA . 17.28 19.94 -1.61
C8A FAD GA . 16.42 19.04 -2.19
N7A FAD GA . 15.31 18.92 -1.41
C5A FAD GA . 15.43 19.75 -0.30
C6A FAD GA . 14.64 20.06 0.80
N6A FAD GA . 13.35 19.46 1.02
N1A FAD GA . 15.09 20.94 1.72
C2A FAD GA . 16.29 21.55 1.60
N3A FAD GA . 17.08 21.28 0.53
C4A FAD GA . 16.68 20.41 -0.41
N1 FAD GA . 27.54 18.44 -2.77
C2 FAD GA . 28.23 18.15 -1.55
O2 FAD GA . 27.51 17.86 -0.45
N3 FAD GA . 29.61 18.16 -1.49
C4 FAD GA . 30.35 18.44 -2.61
O4 FAD GA . 31.71 18.46 -2.54
C4X FAD GA . 29.69 18.80 -3.90
N5 FAD GA . 30.44 19.16 -5.03
C5X FAD GA . 29.78 19.50 -6.20
C6 FAD GA . 30.54 19.86 -7.34
C7 FAD GA . 29.88 20.21 -8.51
C7M FAD GA . 30.66 20.60 -9.74
C8 FAD GA . 28.50 20.22 -8.56
C8M FAD GA . 27.80 20.61 -9.84
C9 FAD GA . 27.74 19.87 -7.44
C9A FAD GA . 28.38 19.51 -6.26
N10 FAD GA . 27.60 19.14 -5.12
C10 FAD GA . 28.25 18.81 -3.92
C1' FAD GA . 26.12 19.23 -5.16
C2' FAD GA . 25.30 17.95 -5.23
O2' FAD GA . 26.07 16.92 -5.70
C3' FAD GA . 24.12 18.24 -6.16
O3' FAD GA . 24.57 18.25 -7.46
C4' FAD GA . 23.44 19.57 -5.91
O4' FAD GA . 23.00 19.65 -4.60
C5' FAD GA . 22.29 19.86 -6.86
O5' FAD GA . 21.99 21.25 -6.80
P FAD GA . 21.42 22.08 -8.05
O1P FAD GA . 21.53 23.65 -8.03
O2P FAD GA . 22.18 21.32 -9.20
O3P FAD GA . 19.98 21.38 -8.35
C1 PGE HA . -3.68 -14.49 7.37
O1 PGE HA . -2.97 -14.20 6.18
C2 PGE HA . -2.88 -15.46 8.20
O2 PGE HA . -1.70 -14.83 8.63
C3 PGE HA . -1.53 -14.71 10.02
C4 PGE HA . -0.22 -14.07 10.39
O4 PGE HA . 1.17 -10.95 7.89
C6 PGE HA . 1.10 -10.84 9.29
C5 PGE HA . 1.17 -12.23 9.90
O3 PGE HA . -0.03 -12.91 9.61
C1 PEG IA . 1.81 13.88 26.97
O1 PEG IA . 0.44 14.14 27.22
C2 PEG IA . 2.00 13.65 25.49
O2 PEG IA . 3.03 14.47 24.99
C3 PEG IA . 2.57 15.44 24.08
C4 PEG IA . 3.12 15.18 22.70
O4 PEG IA . 2.79 16.28 21.88
C1 PEG JA . -0.68 -35.37 34.02
O1 PEG JA . -1.88 -34.63 33.91
C2 PEG JA . 0.34 -34.62 34.84
O2 PEG JA . -0.29 -33.81 35.79
C3 PEG JA . 0.56 -32.79 36.28
C4 PEG JA . 1.31 -33.26 37.50
O4 PEG JA . 0.40 -33.40 38.56
N1 8P4 KA . 19.32 -15.26 41.38
N1 8P4 KA . 17.68 -14.29 41.48
C4 8P4 KA . 19.37 -11.49 40.68
C4 8P4 KA . 21.02 -12.81 40.31
C5 8P4 KA . 18.83 -12.68 41.16
C5 8P4 KA . 20.12 -13.82 40.55
C6 8P4 KA . 19.53 -13.87 41.01
C6 8P4 KA . 18.87 -13.54 41.09
C7 8P4 KA . 18.00 -15.74 41.75
C7 8P4 KA . 17.78 -15.68 41.88
C1 8P4 KA . 20.77 -13.89 40.40
C1 8P4 KA . 18.52 -12.23 41.38
C2 8P4 KA . 21.31 -12.70 39.92
C2 8P4 KA . 19.44 -11.21 41.14
C3 8P4 KA . 20.60 -11.52 40.05
C3 8P4 KA . 20.69 -11.49 40.60
N2 8P4 KA . 16.84 -14.84 41.78
N2 8P4 KA . 19.07 -16.38 41.86
S1 8P4 KA . 17.84 -17.28 42.14
S1 8P4 KA . 16.45 -16.47 42.33
F1 8P4 KA . 21.23 -10.42 39.54
F1 8P4 KA . 21.50 -10.41 40.41
C FMT LA . -5.23 -7.64 9.58
O1 FMT LA . -4.14 -7.12 9.26
O2 FMT LA . -6.29 -7.05 9.88
C1 PEG MA . 32.12 -21.82 33.23
O1 PEG MA . 32.46 -21.32 31.94
C2 PEG MA . 32.94 -21.14 34.30
O2 PEG MA . 34.31 -21.32 34.06
C3 PEG MA . 35.01 -21.79 35.20
C4 PEG MA . 36.42 -22.22 34.86
O4 PEG MA . 36.43 -23.47 34.21
C FMT NA . 25.89 11.80 18.41
O1 FMT NA . 26.65 12.78 18.29
O2 FMT NA . 24.66 11.79 18.67
C1 PEG OA . 24.82 19.48 27.01
O1 PEG OA . 25.90 19.59 27.92
C2 PEG OA . 24.30 20.83 26.55
O2 PEG OA . 25.13 21.42 25.58
C3 PEG OA . 24.42 22.09 24.54
C4 PEG OA . 25.36 22.92 23.68
O4 PEG OA . 24.78 23.27 22.44
C FMT PA . -0.46 -37.43 18.66
O1 FMT PA . 0.57 -37.92 19.15
O2 FMT PA . -1.66 -37.62 19.00
C FMT QA . 14.81 1.20 58.22
O1 FMT QA . 15.70 1.65 58.97
O2 FMT QA . 14.30 1.73 57.21
C FMT RA . 21.85 -11.50 54.82
O1 FMT RA . 20.96 -11.59 55.68
O2 FMT RA . 21.75 -11.57 53.58
S SO4 SA . -6.92 2.71 17.93
O1 SO4 SA . -5.92 2.50 19.03
O2 SO4 SA . -8.25 3.10 18.52
O3 SO4 SA . -6.44 3.83 17.10
O4 SO4 SA . -7.08 1.46 17.16
S SO4 TA . 19.65 -3.64 22.12
O1 SO4 TA . 19.64 -4.93 22.89
O2 SO4 TA . 19.37 -2.51 23.06
O3 SO4 TA . 20.99 -3.43 21.54
O4 SO4 TA . 18.61 -3.65 21.04
S SO4 UA . 16.73 20.44 37.34
O1 SO4 UA . 17.77 21.35 37.91
O2 SO4 UA . 15.71 20.11 38.39
O3 SO4 UA . 16.07 21.12 36.18
O4 SO4 UA . 17.38 19.17 36.85
S SO4 VA . 8.74 12.14 8.83
O1 SO4 VA . 9.13 10.86 9.50
O2 SO4 VA . 7.37 12.51 9.30
O3 SO4 VA . 9.71 13.23 9.13
O4 SO4 VA . 8.73 11.92 7.34
S SO4 WA . 21.58 7.59 20.21
O1 SO4 WA . 20.96 6.42 20.87
O2 SO4 WA . 20.85 8.84 20.54
O3 SO4 WA . 23.03 7.73 20.61
O4 SO4 WA . 21.50 7.36 18.72
S SO4 XA . 16.95 -3.33 25.30
O1 SO4 XA . 17.65 -4.59 24.90
O2 SO4 XA . 15.74 -3.64 26.14
O3 SO4 XA . 17.90 -2.49 26.09
O4 SO4 XA . 16.49 -2.57 24.08
S SO4 YA . 1.06 -24.04 13.60
O1 SO4 YA . 1.59 -25.13 14.50
O2 SO4 YA . 1.24 -22.73 14.31
O3 SO4 YA . 1.83 -24.03 12.32
O4 SO4 YA . -0.39 -24.25 13.31
S SO4 ZA . 17.74 5.71 21.44
O1 SO4 ZA . 17.47 4.62 22.44
O2 SO4 ZA . 18.67 6.70 22.04
O3 SO4 ZA . 16.44 6.40 21.11
O4 SO4 ZA . 18.38 5.14 20.21
S SO4 AB . 1.02 11.44 42.73
O1 SO4 AB . 1.37 10.08 43.23
O2 SO4 AB . -0.06 12.03 43.59
O3 SO4 AB . 2.22 12.34 42.81
O4 SO4 AB . 0.52 11.35 41.33
S SO4 BB . -9.10 -18.75 38.37
O1 SO4 BB . -8.17 -19.92 38.56
O2 SO4 BB . -9.53 -18.24 39.70
O3 SO4 BB . -8.37 -17.70 37.59
O4 SO4 BB . -10.32 -19.18 37.60
#